data_9KZT
#
_entry.id   9KZT
#
_cell.length_a   1.00
_cell.length_b   1.00
_cell.length_c   1.00
_cell.angle_alpha   90.00
_cell.angle_beta   90.00
_cell.angle_gamma   90.00
#
_symmetry.space_group_name_H-M   'P 1'
#
loop_
_entity.id
_entity.type
_entity.pdbx_description
1 polymer 'Disintegrin and metalloproteinase domain-containing protein 22'
2 polymer 'Leucine-rich glioma-inactivated protein 1'
#
loop_
_entity_poly.entity_id
_entity_poly.type
_entity_poly.pdbx_seq_one_letter_code
_entity_poly.pdbx_strand_id
1 'polypeptide(L)'
;NVEEETKYIELMIVNDHLMFKKHRLSVVHTNTYAKSVVNMADLIYKDQLKTRIVLVAMETWATDNKFAISENPLITLREF
MKYRRDFIKEKSDAVHLFSGSQFESSRSGAAYIGGICSLLKGGGVNEFGKTDLMAVTLAQSLAHNIGIISDKRKLASGEC
KCEDTWSGCIMGDTGYYLPKKFTQCNIEEYHDFLNSGGGACLFNKPSKLLDPPECGNGFIETGEECDCGTPAECVLEGAE
CCKKCTLTQDSQCSDGLCCKKCKFQPMGTVCREAVNDCDIRETCSGNSSQCAPNIHKMDGYSCDGVQGICFGGRCKTRDR
QCKYIWGQKVTASDKYCYEKLNIEGTEKGNCGKDKDTWIQCNKRDVLCGYLLCTNIGNIPRLGELDGEITSTLVVQQGRT
LNCSGGHVKLEEDVDLGYVEDGTPCGPQMMCLEHRCLPVASFNFSTCLSSKEGTICSGNGVCSNELKCVCNRHWIGSDCN
TYFPHNDDAKTGITLSG
;
A,C,E
2 'polypeptide(L)'
;DAAQPARRARRTYEAYPAKPKCPAVCTCTKDNALCENARSIPRTVPPDVISLSFVRSGFTEISEGSFLFTPSLQLLLFTS
NSFDVISDDAFIGLPHLEYLFIENNNIKSISRHTFRGLKSLIHLSLANNNLQTLPKDIFKGLDSLTNVDLRGNSFNCDCK
LKWLVEWLGHTNATVEDIYCEGPPEYKKRKINSLSSKDFDCIITEFAKSQDLPYQSLSIDTFSYLNDEYVVIAQPFTGKC
IFLEWDHVEKTFRNYDNITGTSTVVCKPIVIETQLYVIVAQLFGGSHIYKRDSFANKFIKIQDIEILKIRKPNDIETFKI
ENNWYFVVADSSKAGFTTIYKWNGNGFYSHQSLHAWYRDTDVEYLEIVRTPQTLRTPHLILSSSSQRPVIYQWNKATQLF
TNQTDIPNMEDVYAVKHFSVKGDVYICLTRFIGDSKVMKWGGSSFQDIQAMPSRGSMVFQPLQINNYQYAILGSDYSFTQ
VYNWDAEKAKFVKFQELNVQAPRSFTHVSINKRNFLFASSFKGNTQIYKHVIVDLSAKHHHHHH
;
B,D,F
#
# COMPACT_ATOMS: atom_id res chain seq x y z
N ASN A 1 38.45 -40.02 28.89
CA ASN A 1 38.43 -41.37 29.46
C ASN A 1 37.00 -41.84 29.72
N VAL A 2 36.82 -42.53 30.84
CA VAL A 2 35.49 -43.01 31.20
C VAL A 2 34.55 -41.86 31.52
N GLU A 3 35.09 -40.78 32.10
CA GLU A 3 34.29 -39.56 32.24
C GLU A 3 33.90 -39.00 30.89
N GLU A 4 34.83 -39.02 29.93
CA GLU A 4 34.51 -38.64 28.56
C GLU A 4 33.44 -39.54 27.97
N GLU A 5 33.41 -40.80 28.40
CA GLU A 5 32.32 -41.69 27.98
C GLU A 5 30.99 -41.15 28.49
N THR A 6 29.99 -41.17 27.62
CA THR A 6 28.67 -40.65 27.92
C THR A 6 27.74 -41.83 28.21
N LYS A 7 27.59 -42.15 29.49
CA LYS A 7 26.63 -43.17 29.88
C LYS A 7 25.22 -42.73 29.51
N TYR A 8 24.32 -43.70 29.39
CA TYR A 8 22.92 -43.45 29.11
C TYR A 8 22.07 -44.21 30.11
N ILE A 9 21.47 -43.50 31.06
CA ILE A 9 20.57 -44.16 32.00
C ILE A 9 19.27 -44.51 31.27
N GLU A 10 19.02 -45.80 31.12
CA GLU A 10 17.77 -46.29 30.59
C GLU A 10 16.77 -46.34 31.73
N LEU A 11 15.84 -45.40 31.73
CA LEU A 11 14.89 -45.25 32.80
C LEU A 11 13.55 -45.85 32.40
N MET A 12 12.98 -46.64 33.30
CA MET A 12 11.63 -47.16 33.16
C MET A 12 10.71 -46.32 34.04
N ILE A 13 9.78 -45.61 33.41
CA ILE A 13 8.83 -44.77 34.11
C ILE A 13 7.68 -45.62 34.63
N VAL A 14 7.25 -45.33 35.84
CA VAL A 14 6.03 -45.88 36.40
C VAL A 14 5.19 -44.73 36.91
N ASN A 15 3.89 -44.78 36.66
CA ASN A 15 2.96 -43.78 37.15
C ASN A 15 1.93 -44.48 38.02
N ASP A 16 1.81 -44.04 39.28
CA ASP A 16 0.85 -44.64 40.18
C ASP A 16 -0.57 -44.25 39.79
N HIS A 17 -1.54 -44.92 40.41
CA HIS A 17 -2.94 -44.66 40.10
C HIS A 17 -3.33 -43.22 40.40
N LEU A 18 -2.80 -42.67 41.48
CA LEU A 18 -3.17 -41.31 41.85
C LEU A 18 -2.72 -40.29 40.82
N MET A 19 -1.58 -40.54 40.15
CA MET A 19 -1.23 -39.68 39.03
C MET A 19 -2.27 -39.75 37.92
N PHE A 20 -2.75 -40.95 37.61
CA PHE A 20 -3.77 -41.08 36.58
C PHE A 20 -5.04 -40.34 36.96
N LYS A 21 -5.39 -40.41 38.25
CA LYS A 21 -6.54 -39.63 38.73
C LYS A 21 -6.29 -38.13 38.58
N LYS A 22 -5.06 -37.69 38.88
CA LYS A 22 -4.71 -36.28 38.70
C LYS A 22 -4.79 -35.87 37.24
N HIS A 23 -4.51 -36.79 36.33
CA HIS A 23 -4.40 -36.50 34.90
C HIS A 23 -5.72 -36.66 34.16
N ARG A 24 -6.84 -36.50 34.85
CA ARG A 24 -8.20 -36.53 34.26
C ARG A 24 -8.41 -37.76 33.36
N LEU A 25 -7.75 -38.87 33.70
CA LEU A 25 -7.97 -40.15 33.04
C LEU A 25 -7.61 -40.10 31.56
N SER A 26 -6.34 -39.83 31.29
CA SER A 26 -5.81 -39.86 29.93
C SER A 26 -4.45 -40.53 29.95
N VAL A 27 -4.30 -41.61 29.17
CA VAL A 27 -3.04 -42.36 29.16
C VAL A 27 -1.98 -41.61 28.37
N VAL A 28 -2.31 -41.23 27.13
CA VAL A 28 -1.33 -40.60 26.26
C VAL A 28 -0.83 -39.30 26.86
N HIS A 29 -1.71 -38.55 27.53
CA HIS A 29 -1.28 -37.32 28.18
C HIS A 29 -0.23 -37.61 29.24
N THR A 30 -0.44 -38.65 30.04
CA THR A 30 0.55 -39.02 31.05
C THR A 30 1.87 -39.44 30.40
N ASN A 31 1.78 -40.19 29.31
CA ASN A 31 3.00 -40.66 28.64
C ASN A 31 3.79 -39.49 28.10
N THR A 32 3.11 -38.54 27.44
CA THR A 32 3.79 -37.36 26.93
C THR A 32 4.38 -36.53 28.06
N TYR A 33 3.63 -36.39 29.15
CA TYR A 33 4.14 -35.69 30.33
C TYR A 33 5.46 -36.30 30.79
N ALA A 34 5.47 -37.62 30.97
CA ALA A 34 6.66 -38.30 31.44
C ALA A 34 7.81 -38.15 30.45
N LYS A 35 7.50 -38.25 29.15
CA LYS A 35 8.54 -38.12 28.14
C LYS A 35 9.17 -36.74 28.17
N SER A 36 8.35 -35.70 28.31
CA SER A 36 8.87 -34.34 28.42
C SER A 36 9.74 -34.20 29.66
N VAL A 37 9.29 -34.76 30.78
CA VAL A 37 10.05 -34.66 32.03
C VAL A 37 11.41 -35.32 31.89
N VAL A 38 11.44 -36.54 31.34
CA VAL A 38 12.69 -37.26 31.23
C VAL A 38 13.62 -36.58 30.23
N ASN A 39 13.06 -36.02 29.15
CA ASN A 39 13.89 -35.31 28.20
C ASN A 39 14.51 -34.06 28.81
N MET A 40 13.74 -33.30 29.59
CA MET A 40 14.29 -32.10 30.22
C MET A 40 15.32 -32.47 31.28
N ALA A 41 15.08 -33.56 32.02
CA ALA A 41 16.09 -34.04 32.95
C ALA A 41 17.36 -34.45 32.23
N ASP A 42 17.20 -35.06 31.05
CA ASP A 42 18.34 -35.39 30.21
C ASP A 42 19.11 -34.13 29.84
N LEU A 43 18.39 -33.07 29.49
CA LEU A 43 19.04 -31.79 29.22
C LEU A 43 19.79 -31.31 30.45
N ILE A 44 19.22 -31.52 31.64
CA ILE A 44 19.91 -31.16 32.88
C ILE A 44 21.21 -31.93 32.98
N TYR A 45 21.17 -33.23 32.70
CA TYR A 45 22.32 -34.08 32.96
C TYR A 45 23.42 -33.93 31.92
N LYS A 46 23.08 -33.57 30.69
CA LYS A 46 24.07 -33.55 29.62
C LYS A 46 25.17 -32.54 29.89
N ASP A 47 24.80 -31.36 30.41
CA ASP A 47 25.76 -30.26 30.49
C ASP A 47 26.89 -30.57 31.46
N GLN A 48 26.55 -31.01 32.68
CA GLN A 48 27.55 -31.17 33.74
C GLN A 48 28.04 -32.60 33.87
N LEU A 49 27.15 -33.58 33.72
CA LEU A 49 27.47 -34.97 34.04
C LEU A 49 28.13 -35.71 32.87
N LYS A 50 28.15 -35.14 31.67
CA LYS A 50 28.62 -35.84 30.48
C LYS A 50 27.90 -37.19 30.35
N THR A 51 26.60 -37.17 30.63
CA THR A 51 25.78 -38.37 30.70
C THR A 51 24.40 -37.99 30.20
N ARG A 52 23.64 -38.99 29.77
CA ARG A 52 22.33 -38.74 29.18
C ARG A 52 21.27 -39.59 29.88
N ILE A 53 20.04 -39.12 29.78
CA ILE A 53 18.86 -39.81 30.29
C ILE A 53 18.02 -40.21 29.09
N VAL A 54 17.59 -41.48 29.04
CA VAL A 54 16.72 -41.94 27.98
C VAL A 54 15.61 -42.78 28.59
N LEU A 55 14.35 -42.42 28.32
CA LEU A 55 13.23 -43.25 28.72
C LEU A 55 13.15 -44.44 27.78
N VAL A 56 13.03 -45.64 28.34
CA VAL A 56 13.11 -46.84 27.51
C VAL A 56 11.87 -47.70 27.67
N ALA A 57 11.18 -47.59 28.80
CA ALA A 57 10.03 -48.45 29.05
C ALA A 57 9.02 -47.69 29.90
N MET A 58 7.79 -47.60 29.39
CA MET A 58 6.71 -46.87 30.03
C MET A 58 5.65 -47.84 30.54
N GLU A 59 5.02 -47.48 31.65
CA GLU A 59 3.91 -48.26 32.18
C GLU A 59 2.98 -47.34 32.95
N THR A 60 1.73 -47.76 33.07
CA THR A 60 0.70 -46.98 33.76
C THR A 60 -0.20 -47.92 34.53
N TRP A 61 -0.43 -47.61 35.80
CA TRP A 61 -1.28 -48.44 36.65
C TRP A 61 -2.69 -47.86 36.72
N ALA A 62 -3.36 -47.86 35.58
CA ALA A 62 -4.64 -47.18 35.44
C ALA A 62 -5.75 -47.79 36.28
N THR A 63 -5.56 -49.00 36.81
CA THR A 63 -6.59 -49.66 37.62
C THR A 63 -6.33 -49.55 39.12
N ASP A 64 -5.09 -49.73 39.56
CA ASP A 64 -4.72 -49.66 40.97
C ASP A 64 -3.22 -49.83 41.07
N ASN A 65 -2.66 -49.44 42.21
CA ASN A 65 -1.26 -49.70 42.50
C ASN A 65 -1.06 -51.19 42.76
N LYS A 66 -0.01 -51.75 42.16
CA LYS A 66 0.23 -53.18 42.30
C LYS A 66 0.56 -53.59 43.71
N PHE A 67 0.85 -52.64 44.60
CA PHE A 67 1.15 -52.93 45.99
C PHE A 67 0.68 -51.74 46.81
N ALA A 68 1.15 -51.64 48.05
CA ALA A 68 0.70 -50.61 48.98
C ALA A 68 1.68 -49.44 48.97
N ILE A 69 1.15 -48.22 48.84
CA ILE A 69 1.93 -46.99 48.89
C ILE A 69 1.63 -46.29 50.20
N SER A 70 2.66 -45.99 50.97
CA SER A 70 2.53 -45.24 52.20
C SER A 70 3.09 -43.84 52.02
N GLU A 71 2.50 -42.88 52.74
CA GLU A 71 2.91 -41.50 52.61
C GLU A 71 4.37 -41.28 52.98
N ASN A 72 4.95 -42.16 53.78
CA ASN A 72 6.36 -42.06 54.08
C ASN A 72 7.16 -42.32 52.80
N PRO A 73 8.27 -41.62 52.61
CA PRO A 73 9.07 -41.82 51.39
C PRO A 73 9.74 -43.19 51.36
N LEU A 74 10.45 -43.53 52.44
CA LEU A 74 11.26 -44.74 52.45
C LEU A 74 10.41 -46.01 52.39
N ILE A 75 9.24 -45.99 53.03
CA ILE A 75 8.34 -47.13 52.94
C ILE A 75 7.95 -47.38 51.49
N THR A 76 7.56 -46.33 50.78
CA THR A 76 7.17 -46.47 49.38
C THR A 76 8.36 -46.88 48.53
N LEU A 77 9.56 -46.38 48.85
CA LEU A 77 10.76 -46.78 48.13
C LEU A 77 11.03 -48.27 48.25
N ARG A 78 11.04 -48.79 49.49
CA ARG A 78 11.29 -50.20 49.68
C ARG A 78 10.20 -51.06 49.07
N GLU A 79 8.94 -50.64 49.20
CA GLU A 79 7.84 -51.39 48.61
C GLU A 79 7.96 -51.44 47.09
N PHE A 80 8.36 -50.33 46.46
CA PHE A 80 8.49 -50.35 45.02
C PHE A 80 9.71 -51.13 44.56
N MET A 81 10.79 -51.14 45.33
CA MET A 81 11.89 -52.04 44.99
C MET A 81 11.45 -53.50 45.10
N LYS A 82 10.64 -53.81 46.10
CA LYS A 82 10.05 -55.14 46.22
C LYS A 82 9.27 -55.51 44.97
N TYR A 83 8.40 -54.61 44.51
CA TYR A 83 7.61 -54.89 43.32
C TYR A 83 8.50 -55.02 42.09
N ARG A 84 9.53 -54.17 41.99
CA ARG A 84 10.42 -54.23 40.83
C ARG A 84 11.14 -55.57 40.77
N ARG A 85 11.63 -56.06 41.91
CA ARG A 85 12.28 -57.37 41.91
C ARG A 85 11.28 -58.49 41.63
N ASP A 86 10.11 -58.44 42.26
CA ASP A 86 9.17 -59.56 42.16
C ASP A 86 8.61 -59.71 40.76
N PHE A 87 8.10 -58.62 40.18
CA PHE A 87 7.30 -58.70 38.96
C PHE A 87 8.09 -58.36 37.70
N ILE A 88 8.72 -57.19 37.67
CA ILE A 88 9.27 -56.66 36.43
C ILE A 88 10.45 -57.51 35.97
N LYS A 89 10.39 -57.95 34.71
CA LYS A 89 11.50 -58.63 34.06
C LYS A 89 12.13 -57.80 32.95
N GLU A 90 11.56 -56.66 32.62
CA GLU A 90 12.11 -55.79 31.58
C GLU A 90 13.45 -55.21 32.04
N LYS A 91 14.27 -54.84 31.07
CA LYS A 91 15.63 -54.39 31.34
C LYS A 91 15.71 -52.88 31.12
N SER A 92 15.78 -52.14 32.21
CA SER A 92 16.16 -50.73 32.21
C SER A 92 17.18 -50.53 33.32
N ASP A 93 18.12 -49.62 33.09
CA ASP A 93 19.19 -49.44 34.05
C ASP A 93 18.76 -48.65 35.29
N ALA A 94 17.52 -48.17 35.33
CA ALA A 94 16.94 -47.65 36.57
C ALA A 94 15.45 -47.49 36.39
N VAL A 95 14.68 -47.91 37.38
CA VAL A 95 13.25 -47.70 37.39
C VAL A 95 12.96 -46.50 38.30
N HIS A 96 11.98 -45.69 37.93
CA HIS A 96 11.54 -44.63 38.81
C HIS A 96 10.03 -44.49 38.68
N LEU A 97 9.44 -43.92 39.73
CA LEU A 97 8.00 -43.77 39.82
C LEU A 97 7.68 -42.31 40.08
N PHE A 98 6.58 -41.86 39.49
CA PHE A 98 6.08 -40.51 39.68
C PHE A 98 4.79 -40.64 40.49
N SER A 99 4.90 -40.44 41.80
CA SER A 99 3.75 -40.63 42.68
C SER A 99 2.66 -39.62 42.38
N GLY A 100 1.42 -40.05 42.57
CA GLY A 100 0.29 -39.16 42.53
C GLY A 100 -0.10 -38.58 43.87
N SER A 101 0.69 -38.84 44.91
CA SER A 101 0.41 -38.33 46.24
C SER A 101 1.65 -37.64 46.79
N GLN A 102 1.44 -36.78 47.79
CA GLN A 102 2.52 -36.01 48.36
C GLN A 102 3.27 -36.82 49.41
N PHE A 103 4.60 -36.77 49.36
CA PHE A 103 5.47 -37.55 50.23
C PHE A 103 6.01 -36.64 51.33
N GLU A 104 5.45 -36.76 52.53
CA GLU A 104 5.93 -35.98 53.67
C GLU A 104 7.41 -36.29 53.92
N SER A 105 8.27 -35.31 53.67
CA SER A 105 9.71 -35.51 53.76
C SER A 105 10.41 -34.19 53.55
N SER A 106 11.62 -34.06 54.09
CA SER A 106 12.42 -32.89 53.82
C SER A 106 12.72 -32.76 52.33
N ARG A 107 12.70 -33.86 51.60
CA ARG A 107 12.70 -33.88 50.15
C ARG A 107 11.32 -34.30 49.65
N SER A 108 11.19 -34.47 48.34
CA SER A 108 9.94 -34.92 47.74
C SER A 108 10.02 -36.33 47.17
N GLY A 109 11.21 -36.90 47.07
CA GLY A 109 11.36 -38.26 46.59
C GLY A 109 12.65 -38.85 47.11
N ALA A 110 12.75 -40.18 47.01
CA ALA A 110 13.88 -40.88 47.60
C ALA A 110 14.43 -41.94 46.65
N ALA A 111 15.74 -42.15 46.73
CA ALA A 111 16.41 -43.21 46.01
C ALA A 111 17.67 -43.60 46.77
N TYR A 112 18.15 -44.82 46.54
CA TYR A 112 19.29 -45.35 47.26
C TYR A 112 20.58 -44.65 46.82
N ILE A 113 21.65 -44.93 47.56
CA ILE A 113 22.95 -44.32 47.29
C ILE A 113 23.84 -45.37 46.64
N GLY A 114 24.38 -45.04 45.46
CA GLY A 114 25.27 -45.96 44.76
C GLY A 114 24.63 -47.27 44.39
N GLY A 115 23.30 -47.32 44.31
CA GLY A 115 22.60 -48.57 44.16
C GLY A 115 22.19 -48.88 42.73
N ILE A 116 22.86 -48.25 41.77
CA ILE A 116 22.59 -48.49 40.36
C ILE A 116 23.12 -49.88 39.99
N CYS A 117 22.71 -50.39 38.82
CA CYS A 117 23.17 -51.68 38.32
C CYS A 117 22.76 -52.81 39.26
N SER A 118 21.47 -52.91 39.53
CA SER A 118 20.94 -53.98 40.36
C SER A 118 19.44 -54.09 40.19
N LEU A 119 18.93 -55.31 40.33
CA LEU A 119 17.48 -55.52 40.42
C LEU A 119 16.94 -55.12 41.79
N LEU A 120 17.69 -55.42 42.86
CA LEU A 120 17.16 -55.27 44.21
C LEU A 120 16.86 -53.82 44.55
N LYS A 121 17.83 -52.93 44.35
CA LYS A 121 17.73 -51.57 44.83
C LYS A 121 18.25 -50.59 43.79
N GLY A 122 17.88 -50.80 42.53
CA GLY A 122 18.33 -49.93 41.46
C GLY A 122 17.23 -49.04 40.94
N GLY A 123 16.40 -48.53 41.86
CA GLY A 123 15.27 -47.72 41.45
C GLY A 123 15.14 -46.41 42.20
N GLY A 124 13.94 -45.86 42.23
CA GLY A 124 13.70 -44.63 42.94
C GLY A 124 12.22 -44.27 42.88
N VAL A 125 11.83 -43.38 43.78
CA VAL A 125 10.46 -42.91 43.88
C VAL A 125 10.46 -41.39 43.91
N ASN A 126 9.52 -40.78 43.18
CA ASN A 126 9.38 -39.34 43.13
C ASN A 126 7.91 -38.98 43.11
N GLU A 127 7.62 -37.73 43.43
CA GLU A 127 6.25 -37.28 43.61
C GLU A 127 5.82 -36.37 42.47
N PHE A 128 4.51 -36.09 42.44
CA PHE A 128 3.91 -35.32 41.37
C PHE A 128 4.24 -33.84 41.49
N GLY A 129 4.48 -33.22 40.35
CA GLY A 129 4.75 -31.80 40.29
C GLY A 129 4.51 -31.28 38.89
N LYS A 130 5.11 -30.12 38.61
CA LYS A 130 5.03 -29.55 37.27
C LYS A 130 6.06 -30.20 36.37
N THR A 131 6.13 -29.74 35.12
CA THR A 131 7.02 -30.33 34.14
C THR A 131 8.49 -30.22 34.55
N ASP A 132 8.82 -29.26 35.42
CA ASP A 132 10.17 -29.13 35.94
C ASP A 132 10.26 -29.34 37.45
N LEU A 133 9.17 -29.10 38.17
CA LEU A 133 9.22 -29.15 39.63
C LEU A 133 9.53 -30.55 40.13
N MET A 134 8.99 -31.57 39.46
CA MET A 134 9.33 -32.96 39.72
C MET A 134 10.39 -33.51 38.79
N ALA A 135 10.69 -32.83 37.69
CA ALA A 135 11.85 -33.19 36.90
C ALA A 135 13.15 -33.00 37.69
N VAL A 136 13.29 -31.87 38.37
CA VAL A 136 14.46 -31.70 39.22
C VAL A 136 14.43 -32.71 40.37
N THR A 137 13.23 -33.11 40.79
CA THR A 137 13.12 -34.18 41.78
C THR A 137 13.73 -35.47 41.24
N LEU A 138 13.45 -35.78 39.98
CA LEU A 138 14.05 -36.93 39.33
C LEU A 138 15.56 -36.79 39.21
N ALA A 139 16.04 -35.57 38.95
CA ALA A 139 17.49 -35.35 38.94
C ALA A 139 18.10 -35.63 40.30
N GLN A 140 17.45 -35.20 41.37
CA GLN A 140 17.90 -35.53 42.71
C GLN A 140 17.95 -37.04 42.91
N SER A 141 16.87 -37.73 42.53
CA SER A 141 16.78 -39.16 42.73
C SER A 141 17.92 -39.88 42.02
N LEU A 142 18.09 -39.60 40.72
CA LEU A 142 19.16 -40.27 39.99
C LEU A 142 20.53 -39.86 40.49
N ALA A 143 20.66 -38.64 41.02
CA ALA A 143 21.93 -38.27 41.64
C ALA A 143 22.24 -39.20 42.79
N HIS A 144 21.23 -39.49 43.63
CA HIS A 144 21.44 -40.48 44.67
C HIS A 144 21.81 -41.84 44.07
N ASN A 145 21.10 -42.25 43.02
CA ASN A 145 21.34 -43.56 42.42
C ASN A 145 22.68 -43.66 41.69
N ILE A 146 23.37 -42.55 41.47
CA ILE A 146 24.65 -42.59 40.77
C ILE A 146 25.81 -42.19 41.68
N GLY A 147 25.58 -42.21 42.99
CA GLY A 147 26.64 -41.91 43.93
C GLY A 147 26.86 -40.43 44.14
N ILE A 148 25.77 -39.70 44.39
CA ILE A 148 25.83 -38.28 44.74
C ILE A 148 25.04 -38.08 46.02
N ILE A 149 25.67 -37.45 47.01
CA ILE A 149 25.09 -37.30 48.34
C ILE A 149 25.19 -35.85 48.77
N SER A 150 24.32 -35.47 49.71
CA SER A 150 24.39 -34.16 50.33
C SER A 150 25.45 -34.23 51.42
N ASP A 151 26.64 -33.73 51.12
CA ASP A 151 27.77 -33.79 52.05
C ASP A 151 27.51 -32.84 53.20
N LYS A 152 27.04 -33.41 54.32
CA LYS A 152 26.68 -32.58 55.47
C LYS A 152 27.90 -31.87 56.04
N ARG A 153 29.01 -32.59 56.20
CA ARG A 153 30.20 -31.99 56.80
C ARG A 153 30.77 -30.87 55.93
N LYS A 154 30.84 -31.09 54.62
CA LYS A 154 31.43 -30.10 53.74
C LYS A 154 30.57 -28.84 53.65
N LEU A 155 29.26 -29.02 53.55
CA LEU A 155 28.36 -27.86 53.46
C LEU A 155 28.29 -27.11 54.78
N ALA A 156 28.24 -27.83 55.90
CA ALA A 156 28.23 -27.17 57.20
C ALA A 156 29.55 -26.42 57.45
N SER A 157 30.67 -27.03 57.05
CA SER A 157 31.98 -26.40 57.20
C SER A 157 32.35 -25.52 56.02
N GLY A 158 31.51 -25.45 54.99
CA GLY A 158 31.80 -24.60 53.85
C GLY A 158 32.90 -25.10 52.95
N GLU A 159 33.18 -26.41 52.96
CA GLU A 159 34.20 -26.94 52.06
C GLU A 159 33.82 -26.74 50.59
N CYS A 160 32.57 -27.02 50.25
CA CYS A 160 32.04 -26.73 48.92
C CYS A 160 30.66 -26.11 49.07
N LYS A 161 30.41 -25.06 48.29
CA LYS A 161 29.15 -24.34 48.35
C LYS A 161 28.70 -23.99 46.94
N CYS A 162 27.40 -23.77 46.80
CA CYS A 162 26.82 -23.50 45.49
C CYS A 162 27.29 -22.16 44.97
N GLU A 163 27.87 -22.16 43.76
CA GLU A 163 28.26 -20.90 43.13
C GLU A 163 27.04 -20.02 42.89
N ASP A 164 25.93 -20.63 42.46
CA ASP A 164 24.68 -19.89 42.36
C ASP A 164 24.27 -19.40 43.74
N THR A 165 23.66 -18.21 43.78
CA THR A 165 23.24 -17.60 45.03
C THR A 165 21.73 -17.43 45.16
N TRP A 166 20.99 -17.36 44.06
CA TRP A 166 19.54 -17.26 44.09
C TRP A 166 18.88 -18.62 43.94
N SER A 167 19.14 -19.30 42.82
CA SER A 167 18.55 -20.60 42.59
C SER A 167 19.02 -21.60 43.65
N GLY A 168 20.31 -21.64 43.91
CA GLY A 168 20.89 -22.71 44.68
C GLY A 168 21.14 -23.94 43.83
N CYS A 169 21.88 -24.88 44.40
CA CYS A 169 22.22 -26.06 43.62
C CYS A 169 21.09 -27.08 43.68
N ILE A 170 21.21 -28.10 42.84
CA ILE A 170 20.10 -29.04 42.63
C ILE A 170 19.87 -29.88 43.88
N MET A 171 20.95 -30.39 44.48
CA MET A 171 20.78 -31.31 45.60
C MET A 171 20.30 -30.62 46.86
N GLY A 172 20.28 -29.29 46.90
CA GLY A 172 19.70 -28.58 48.02
C GLY A 172 18.19 -28.60 47.97
N ASP A 173 17.58 -27.83 48.87
CA ASP A 173 16.13 -27.80 48.95
C ASP A 173 15.52 -27.18 47.69
N THR A 174 14.35 -27.69 47.32
CA THR A 174 13.71 -27.35 46.05
C THR A 174 12.68 -26.24 46.29
N GLY A 175 13.15 -25.00 46.20
CA GLY A 175 12.27 -23.88 46.48
C GLY A 175 11.32 -23.56 45.36
N TYR A 176 11.05 -22.27 45.14
CA TYR A 176 10.41 -21.86 43.90
C TYR A 176 11.39 -21.32 42.88
N TYR A 177 12.38 -20.53 43.28
CA TYR A 177 13.43 -20.18 42.33
C TYR A 177 14.28 -21.42 42.15
N LEU A 178 13.95 -22.19 41.11
CA LEU A 178 14.35 -23.58 41.00
C LEU A 178 15.85 -23.70 40.75
N PRO A 179 16.47 -24.77 41.25
CA PRO A 179 17.91 -24.96 41.03
C PRO A 179 18.19 -25.38 39.60
N LYS A 180 19.43 -25.14 39.18
CA LYS A 180 19.80 -25.48 37.81
C LYS A 180 21.19 -26.09 37.70
N LYS A 181 21.81 -26.47 38.82
CA LYS A 181 23.17 -27.01 38.76
C LYS A 181 23.41 -27.97 39.91
N PHE A 182 24.09 -29.07 39.61
CA PHE A 182 24.68 -29.88 40.67
C PHE A 182 25.80 -29.10 41.34
N THR A 183 26.04 -29.39 42.61
CA THR A 183 27.23 -28.85 43.23
C THR A 183 28.46 -29.49 42.61
N GLN A 184 29.62 -28.87 42.83
CA GLN A 184 30.85 -29.53 42.45
C GLN A 184 31.01 -30.84 43.22
N CYS A 185 30.71 -30.81 44.52
CA CYS A 185 30.79 -32.01 45.34
C CYS A 185 30.00 -33.16 44.74
N ASN A 186 28.85 -32.85 44.13
CA ASN A 186 28.11 -33.87 43.39
C ASN A 186 28.95 -34.44 42.27
N ILE A 187 29.68 -33.59 41.55
CA ILE A 187 30.46 -34.04 40.41
C ILE A 187 31.58 -34.97 40.87
N GLU A 188 32.34 -34.56 41.90
CA GLU A 188 33.39 -35.46 42.38
C GLU A 188 32.81 -36.73 42.98
N GLU A 189 31.65 -36.66 43.65
CA GLU A 189 31.04 -37.87 44.20
C GLU A 189 30.69 -38.86 43.10
N TYR A 190 30.06 -38.37 42.04
CA TYR A 190 29.69 -39.24 40.93
C TYR A 190 30.92 -39.79 40.22
N HIS A 191 31.95 -38.96 40.06
CA HIS A 191 33.17 -39.42 39.41
C HIS A 191 33.86 -40.50 40.24
N ASP A 192 33.87 -40.34 41.57
CA ASP A 192 34.42 -41.38 42.41
C ASP A 192 33.59 -42.66 42.34
N PHE A 193 32.26 -42.52 42.30
CA PHE A 193 31.40 -43.70 42.22
C PHE A 193 31.67 -44.48 40.94
N LEU A 194 31.80 -43.79 39.82
CA LEU A 194 32.15 -44.49 38.59
C LEU A 194 33.59 -45.01 38.64
N ASN A 195 34.46 -44.33 39.39
CA ASN A 195 35.80 -44.87 39.66
C ASN A 195 35.72 -46.06 40.61
N SER A 196 34.70 -46.10 41.46
CA SER A 196 34.53 -47.22 42.40
C SER A 196 34.11 -48.51 41.70
N GLY A 197 33.76 -48.45 40.43
CA GLY A 197 33.31 -49.60 39.69
C GLY A 197 31.80 -49.72 39.56
N GLY A 198 31.05 -49.06 40.43
CA GLY A 198 29.62 -49.03 40.28
C GLY A 198 29.20 -48.23 39.06
N GLY A 199 28.08 -48.61 38.48
CA GLY A 199 27.59 -47.95 37.29
C GLY A 199 28.21 -48.43 35.99
N ALA A 200 28.91 -49.56 36.00
CA ALA A 200 29.50 -50.06 34.77
C ALA A 200 28.46 -50.49 33.74
N CYS A 201 27.20 -50.65 34.15
CA CYS A 201 26.16 -51.16 33.26
C CYS A 201 25.44 -50.03 32.53
N LEU A 202 26.12 -48.92 32.29
CA LEU A 202 25.50 -47.77 31.66
C LEU A 202 26.17 -47.32 30.37
N PHE A 203 27.10 -48.08 29.83
CA PHE A 203 27.71 -47.70 28.56
C PHE A 203 26.90 -48.17 27.37
N ASN A 204 25.80 -48.88 27.61
CA ASN A 204 24.98 -49.39 26.53
C ASN A 204 24.28 -48.25 25.78
N LYS A 205 24.10 -48.44 24.48
CA LYS A 205 23.31 -47.51 23.68
C LYS A 205 21.97 -48.15 23.36
N PRO A 206 20.86 -47.43 23.47
CA PRO A 206 19.55 -48.05 23.25
C PRO A 206 19.41 -48.62 21.85
N SER A 207 18.68 -49.73 21.75
CA SER A 207 18.33 -50.32 20.47
C SER A 207 17.06 -49.71 19.89
N LYS A 208 15.98 -49.74 20.66
CA LYS A 208 14.70 -49.15 20.26
C LYS A 208 14.23 -48.18 21.32
N LEU A 209 13.81 -47.00 20.89
CA LEU A 209 13.29 -45.98 21.79
C LEU A 209 11.77 -46.11 21.91
N LEU A 210 11.20 -45.33 22.84
CA LEU A 210 9.76 -45.26 23.00
C LEU A 210 9.12 -44.21 22.11
N ASP A 211 9.82 -43.79 21.07
CA ASP A 211 9.35 -42.82 20.09
C ASP A 211 9.72 -43.33 18.71
N PRO A 212 9.10 -42.83 17.66
CA PRO A 212 9.50 -43.21 16.30
C PRO A 212 10.97 -42.91 16.06
N PRO A 213 11.68 -43.79 15.37
CA PRO A 213 13.12 -43.58 15.16
C PRO A 213 13.39 -42.25 14.47
N GLU A 214 14.41 -41.54 14.97
CA GLU A 214 14.71 -40.19 14.52
C GLU A 214 16.14 -40.14 13.99
N CYS A 215 16.32 -39.51 12.84
CA CYS A 215 17.64 -39.21 12.30
C CYS A 215 18.05 -37.83 12.81
N GLY A 216 19.01 -37.81 13.74
CA GLY A 216 19.44 -36.56 14.33
C GLY A 216 19.40 -36.58 15.84
N ASN A 217 19.04 -37.71 16.42
CA ASN A 217 19.02 -37.87 17.87
C ASN A 217 20.36 -38.33 18.43
N GLY A 218 21.34 -38.60 17.58
CA GLY A 218 22.66 -39.00 18.03
C GLY A 218 22.81 -40.46 18.39
N PHE A 219 21.74 -41.25 18.30
CA PHE A 219 21.77 -42.65 18.65
C PHE A 219 21.45 -43.47 17.40
N ILE A 220 22.28 -44.48 17.14
CA ILE A 220 22.08 -45.34 15.98
C ILE A 220 20.91 -46.27 16.28
N GLU A 221 19.73 -45.93 15.77
CA GLU A 221 18.56 -46.78 15.95
C GLU A 221 18.60 -47.92 14.94
N THR A 222 17.68 -48.87 15.12
CA THR A 222 17.61 -50.00 14.21
C THR A 222 17.17 -49.54 12.82
N GLY A 223 17.68 -50.23 11.80
CA GLY A 223 17.43 -49.85 10.42
C GLY A 223 18.44 -48.86 9.90
N GLU A 224 18.54 -47.70 10.55
CA GLU A 224 19.54 -46.72 10.16
C GLU A 224 20.94 -47.23 10.46
N GLU A 225 21.88 -46.88 9.60
CA GLU A 225 23.26 -47.34 9.72
C GLU A 225 24.17 -46.37 10.47
N CYS A 226 23.79 -45.09 10.57
CA CYS A 226 24.57 -44.13 11.30
C CYS A 226 23.68 -43.00 11.78
N ASP A 227 23.96 -42.49 12.98
CA ASP A 227 23.20 -41.36 13.52
C ASP A 227 24.12 -40.61 14.48
N CYS A 228 24.74 -39.54 13.97
CA CYS A 228 25.60 -38.68 14.77
C CYS A 228 24.86 -37.48 15.35
N GLY A 229 23.55 -37.40 15.14
CA GLY A 229 22.79 -36.30 15.72
C GLY A 229 22.89 -35.03 14.89
N THR A 230 22.75 -33.90 15.58
CA THR A 230 22.84 -32.61 14.93
C THR A 230 24.23 -32.43 14.34
N PRO A 231 24.35 -31.85 13.14
CA PRO A 231 25.68 -31.64 12.54
C PRO A 231 26.59 -30.78 13.39
N ALA A 232 26.04 -29.96 14.30
CA ALA A 232 26.88 -29.14 15.15
C ALA A 232 27.84 -29.98 15.98
N GLU A 233 27.31 -30.98 16.69
CA GLU A 233 28.17 -31.93 17.39
C GLU A 233 28.79 -32.95 16.45
N CYS A 234 28.16 -33.20 15.30
CA CYS A 234 28.73 -34.11 14.32
C CYS A 234 29.96 -33.53 13.62
N VAL A 235 30.24 -32.23 13.81
CA VAL A 235 31.47 -31.65 13.28
C VAL A 235 32.68 -32.29 13.95
N LEU A 236 32.64 -32.44 15.28
CA LEU A 236 33.76 -33.03 15.99
C LEU A 236 33.81 -34.54 15.80
N GLU A 237 32.67 -35.21 15.88
CA GLU A 237 32.60 -36.66 15.80
C GLU A 237 31.92 -37.10 14.51
N GLY A 238 32.61 -37.94 13.74
CA GLY A 238 32.05 -38.47 12.51
C GLY A 238 31.69 -37.43 11.47
N ALA A 239 32.55 -36.40 11.33
CA ALA A 239 32.27 -35.35 10.35
C ALA A 239 32.28 -35.90 8.93
N GLU A 240 33.25 -36.76 8.61
CA GLU A 240 33.35 -37.36 7.29
C GLU A 240 32.67 -38.72 7.22
N CYS A 241 32.02 -39.15 8.29
CA CYS A 241 31.50 -40.52 8.36
C CYS A 241 30.05 -40.60 7.88
N CYS A 242 29.13 -39.90 8.55
CA CYS A 242 27.71 -40.06 8.30
C CYS A 242 27.13 -38.80 7.66
N LYS A 243 26.08 -39.01 6.87
CA LYS A 243 25.38 -37.90 6.22
C LYS A 243 23.94 -38.34 5.96
N LYS A 244 23.00 -37.74 6.69
CA LYS A 244 21.57 -38.09 6.59
C LYS A 244 21.37 -39.59 6.80
N CYS A 245 21.87 -40.09 7.92
CA CYS A 245 21.76 -41.50 8.29
C CYS A 245 22.31 -42.40 7.20
N THR A 246 23.36 -41.96 6.51
CA THR A 246 23.96 -42.71 5.43
C THR A 246 25.47 -42.53 5.45
N LEU A 247 26.20 -43.62 5.20
CA LEU A 247 27.65 -43.55 5.10
C LEU A 247 28.06 -43.12 3.70
N THR A 248 29.23 -42.49 3.61
CA THR A 248 29.78 -42.09 2.31
C THR A 248 30.66 -43.21 1.77
N GLN A 249 31.40 -42.93 0.70
CA GLN A 249 32.20 -43.98 0.06
C GLN A 249 33.27 -44.52 0.99
N ASP A 250 33.96 -43.64 1.72
CA ASP A 250 35.00 -44.04 2.66
C ASP A 250 34.53 -43.65 4.06
N SER A 251 33.74 -44.53 4.69
CA SER A 251 33.20 -44.28 6.01
C SER A 251 32.53 -45.55 6.51
N GLN A 252 32.48 -45.69 7.83
CA GLN A 252 31.93 -46.90 8.43
C GLN A 252 30.96 -46.68 9.59
N CYS A 253 30.95 -45.53 10.24
CA CYS A 253 30.16 -45.34 11.45
C CYS A 253 29.60 -43.92 11.48
N SER A 254 29.12 -43.52 12.65
CA SER A 254 28.85 -42.12 12.96
C SER A 254 29.60 -41.63 14.18
N ASP A 255 30.01 -42.53 15.06
CA ASP A 255 30.76 -42.23 16.28
C ASP A 255 31.33 -43.55 16.78
N GLY A 256 31.89 -43.54 17.99
CA GLY A 256 32.28 -44.79 18.63
C GLY A 256 33.72 -44.88 19.07
N LEU A 257 33.94 -45.53 20.21
CA LEU A 257 35.30 -45.78 20.68
C LEU A 257 36.07 -46.67 19.72
N CYS A 258 35.41 -47.72 19.21
CA CYS A 258 36.03 -48.65 18.29
C CYS A 258 35.88 -48.24 16.84
N CYS A 259 35.68 -46.95 16.57
CA CYS A 259 35.60 -46.44 15.21
C CYS A 259 36.33 -45.11 15.15
N LYS A 260 37.49 -45.08 14.50
CA LYS A 260 38.29 -43.88 14.34
C LYS A 260 38.50 -43.61 12.86
N LYS A 261 38.38 -42.34 12.48
CA LYS A 261 38.50 -41.91 11.08
C LYS A 261 37.55 -42.71 10.19
N CYS A 262 36.33 -42.94 10.69
CA CYS A 262 35.31 -43.70 9.98
C CYS A 262 35.79 -45.10 9.61
N LYS A 263 36.60 -45.71 10.47
CA LYS A 263 37.15 -47.04 10.24
C LYS A 263 37.00 -47.88 11.49
N PHE A 264 36.63 -49.15 11.31
CA PHE A 264 36.48 -50.06 12.43
C PHE A 264 37.83 -50.28 13.12
N GLN A 265 37.85 -50.19 14.44
CA GLN A 265 39.04 -50.54 15.19
C GLN A 265 39.21 -52.05 15.21
N PRO A 266 40.44 -52.55 15.17
CA PRO A 266 40.65 -53.99 15.22
C PRO A 266 40.16 -54.60 16.53
N MET A 267 39.96 -55.92 16.50
CA MET A 267 39.47 -56.63 17.67
C MET A 267 40.47 -56.55 18.81
N GLY A 268 39.96 -56.37 20.02
CA GLY A 268 40.78 -56.40 21.22
C GLY A 268 41.50 -55.11 21.56
N THR A 269 41.14 -53.98 20.96
CA THR A 269 41.81 -52.72 21.24
C THR A 269 41.28 -52.13 22.55
N VAL A 270 41.72 -50.91 22.86
CA VAL A 270 41.37 -50.24 24.10
C VAL A 270 40.01 -49.56 23.94
N CYS A 271 39.05 -49.95 24.78
CA CYS A 271 37.75 -49.31 24.77
C CYS A 271 37.33 -48.88 26.18
N ARG A 272 37.75 -49.64 27.19
CA ARG A 272 37.37 -49.33 28.57
C ARG A 272 38.37 -49.98 29.51
N GLU A 273 39.16 -49.18 30.21
CA GLU A 273 40.16 -49.67 31.14
C GLU A 273 39.51 -50.10 32.45
N ALA A 274 40.23 -50.91 33.21
CA ALA A 274 39.79 -51.36 34.52
C ALA A 274 40.26 -50.36 35.58
N VAL A 275 39.31 -49.76 36.28
CA VAL A 275 39.65 -48.72 37.26
C VAL A 275 40.38 -49.32 38.45
N ASN A 276 39.94 -50.48 38.92
CA ASN A 276 40.51 -51.11 40.11
C ASN A 276 40.51 -52.62 39.90
N ASP A 277 40.78 -53.35 40.99
CA ASP A 277 40.83 -54.80 40.94
C ASP A 277 39.45 -55.44 40.77
N CYS A 278 38.38 -54.65 40.87
CA CYS A 278 37.01 -55.16 40.75
C CYS A 278 36.49 -55.07 39.32
N ASP A 279 37.27 -54.58 38.38
CA ASP A 279 36.84 -54.41 37.00
C ASP A 279 37.65 -55.29 36.08
N ILE A 280 36.97 -55.95 35.14
CA ILE A 280 37.62 -56.77 34.12
C ILE A 280 37.78 -55.93 32.86
N ARG A 281 38.92 -56.09 32.20
CA ARG A 281 39.23 -55.28 31.03
C ARG A 281 38.21 -55.55 29.92
N GLU A 282 37.87 -54.48 29.18
CA GLU A 282 36.94 -54.54 28.08
C GLU A 282 37.68 -54.36 26.76
N THR A 283 37.29 -55.15 25.76
CA THR A 283 37.92 -55.11 24.44
C THR A 283 36.87 -54.89 23.37
N CYS A 284 37.28 -54.24 22.28
CA CYS A 284 36.37 -53.97 21.17
C CYS A 284 36.02 -55.26 20.45
N SER A 285 34.88 -55.23 19.75
CA SER A 285 34.42 -56.38 18.98
C SER A 285 34.96 -56.41 17.57
N GLY A 286 35.66 -55.35 17.13
CA GLY A 286 36.23 -55.31 15.80
C GLY A 286 35.26 -54.81 14.75
N ASN A 287 34.03 -55.33 14.76
CA ASN A 287 33.02 -54.96 13.78
C ASN A 287 31.97 -54.02 14.36
N SER A 288 32.20 -53.47 15.54
CA SER A 288 31.25 -52.58 16.18
C SER A 288 31.89 -51.20 16.40
N SER A 289 31.11 -50.15 16.17
CA SER A 289 31.61 -48.80 16.38
C SER A 289 31.91 -48.54 17.84
N GLN A 290 31.06 -49.01 18.74
CA GLN A 290 31.22 -48.83 20.17
C GLN A 290 31.81 -50.08 20.81
N CYS A 291 32.30 -49.92 22.03
CA CYS A 291 32.89 -51.02 22.77
C CYS A 291 31.80 -51.91 23.36
N ALA A 292 32.21 -53.09 23.81
CA ALA A 292 31.29 -54.03 24.44
C ALA A 292 30.85 -53.49 25.80
N PRO A 293 29.70 -53.94 26.30
CA PRO A 293 29.26 -53.52 27.64
C PRO A 293 30.30 -53.88 28.69
N ASN A 294 30.48 -52.99 29.66
CA ASN A 294 31.51 -53.16 30.67
C ASN A 294 31.27 -54.43 31.48
N ILE A 295 32.36 -55.11 31.81
CA ILE A 295 32.32 -56.33 32.61
C ILE A 295 33.27 -56.15 33.79
N HIS A 296 32.76 -56.35 35.00
CA HIS A 296 33.55 -56.21 36.21
C HIS A 296 33.64 -57.54 36.92
N LYS A 297 34.30 -57.54 38.07
CA LYS A 297 34.53 -58.78 38.81
C LYS A 297 33.21 -59.34 39.34
N MET A 298 33.06 -60.65 39.22
CA MET A 298 31.88 -61.32 39.76
C MET A 298 31.88 -61.23 41.29
N ASP A 299 30.68 -61.24 41.86
CA ASP A 299 30.50 -61.13 43.30
C ASP A 299 31.25 -62.25 44.01
N GLY A 300 32.31 -61.89 44.74
CA GLY A 300 33.11 -62.87 45.44
C GLY A 300 34.60 -62.68 45.24
N TYR A 301 34.98 -62.04 44.13
CA TYR A 301 36.38 -61.79 43.85
C TYR A 301 36.98 -60.84 44.88
N SER A 302 38.21 -61.13 45.29
CA SER A 302 38.87 -60.32 46.31
C SER A 302 39.53 -59.10 45.68
N CYS A 303 39.23 -57.93 46.23
CA CYS A 303 39.83 -56.68 45.78
C CYS A 303 40.75 -56.13 46.88
N ASP A 304 41.81 -55.45 46.45
CA ASP A 304 42.83 -54.94 47.36
C ASP A 304 43.41 -56.08 48.20
N GLY A 305 43.17 -56.05 49.50
CA GLY A 305 43.60 -57.09 50.40
C GLY A 305 42.54 -58.16 50.59
N VAL A 306 42.81 -59.05 51.54
CA VAL A 306 41.84 -60.09 51.88
C VAL A 306 40.63 -59.50 52.57
N GLN A 307 40.74 -58.27 53.09
CA GLN A 307 39.62 -57.59 53.73
C GLN A 307 38.72 -56.87 52.75
N GLY A 308 38.88 -57.11 51.44
CA GLY A 308 38.03 -56.52 50.44
C GLY A 308 37.59 -57.51 49.39
N ILE A 309 36.30 -57.52 49.06
CA ILE A 309 35.76 -58.45 48.09
C ILE A 309 34.88 -57.70 47.10
N CYS A 310 34.95 -58.11 45.83
CA CYS A 310 34.15 -57.48 44.79
C CYS A 310 32.71 -57.96 44.84
N PHE A 311 31.78 -57.02 44.65
CA PHE A 311 30.36 -57.30 44.58
C PHE A 311 29.76 -56.37 43.53
N GLY A 312 29.39 -56.92 42.38
CA GLY A 312 28.83 -56.11 41.31
C GLY A 312 29.75 -55.00 40.85
N GLY A 313 31.05 -55.26 40.82
CA GLY A 313 32.02 -54.26 40.48
C GLY A 313 32.37 -53.29 41.58
N ARG A 314 31.85 -53.49 42.79
CA ARG A 314 32.10 -52.60 43.91
C ARG A 314 33.00 -53.32 44.91
N CYS A 315 34.16 -52.72 45.22
CA CYS A 315 35.03 -53.27 46.23
C CYS A 315 34.41 -53.07 47.62
N LYS A 316 34.54 -54.08 48.47
CA LYS A 316 33.94 -54.05 49.80
C LYS A 316 35.04 -54.22 50.85
N THR A 317 35.27 -53.15 51.60
CA THR A 317 36.04 -53.15 52.83
C THR A 317 35.29 -52.28 53.84
N ARG A 318 35.73 -52.32 55.09
CA ARG A 318 35.22 -51.35 56.06
C ARG A 318 35.85 -49.98 55.87
N ASP A 319 37.09 -49.94 55.36
CA ASP A 319 37.82 -48.67 55.27
C ASP A 319 37.13 -47.70 54.33
N ARG A 320 36.84 -48.14 53.09
CA ARG A 320 36.20 -47.21 52.18
C ARG A 320 34.75 -46.97 52.58
N GLN A 321 34.15 -47.93 53.29
CA GLN A 321 32.80 -47.72 53.82
C GLN A 321 32.76 -46.52 54.75
N CYS A 322 33.63 -46.50 55.76
CA CYS A 322 33.62 -45.37 56.67
C CYS A 322 34.36 -44.15 56.13
N LYS A 323 35.06 -44.29 55.00
CA LYS A 323 35.53 -43.11 54.28
C LYS A 323 34.38 -42.42 53.57
N TYR A 324 33.51 -43.20 52.91
CA TYR A 324 32.32 -42.63 52.29
C TYR A 324 31.38 -42.07 53.33
N ILE A 325 31.20 -42.78 54.45
CA ILE A 325 30.25 -42.32 55.47
C ILE A 325 30.75 -41.04 56.11
N TRP A 326 32.01 -41.02 56.54
CA TRP A 326 32.52 -39.93 57.37
C TRP A 326 33.45 -39.00 56.60
N GLY A 327 34.52 -39.51 56.00
CA GLY A 327 35.44 -38.64 55.31
C GLY A 327 36.74 -39.33 54.98
N GLN A 328 37.58 -38.61 54.24
CA GLN A 328 38.85 -39.17 53.78
C GLN A 328 39.80 -39.43 54.94
N LYS A 329 39.83 -38.54 55.93
CA LYS A 329 40.72 -38.67 57.07
C LYS A 329 40.41 -39.89 57.94
N VAL A 330 39.25 -40.51 57.75
CA VAL A 330 38.79 -41.57 58.61
C VAL A 330 39.46 -42.88 58.22
N THR A 331 40.07 -43.55 59.19
CA THR A 331 40.72 -44.84 58.97
C THR A 331 40.06 -45.89 59.85
N ALA A 332 40.03 -47.13 59.34
CA ALA A 332 39.39 -48.22 60.07
C ALA A 332 40.19 -48.57 61.31
N SER A 333 39.47 -48.89 62.38
CA SER A 333 40.12 -49.30 63.62
C SER A 333 40.73 -50.69 63.47
N ASP A 334 41.67 -51.00 64.35
CA ASP A 334 42.34 -52.29 64.32
C ASP A 334 41.40 -53.40 64.78
N LYS A 335 41.81 -54.64 64.49
CA LYS A 335 41.05 -55.82 64.89
C LYS A 335 40.99 -55.99 66.41
N TYR A 336 41.85 -55.30 67.15
CA TYR A 336 41.84 -55.39 68.61
C TYR A 336 40.51 -54.93 69.19
N CYS A 337 39.94 -53.83 68.65
CA CYS A 337 38.65 -53.36 69.12
C CYS A 337 37.56 -54.40 68.86
N TYR A 338 37.58 -55.02 67.68
CA TYR A 338 36.60 -56.06 67.36
C TYR A 338 36.72 -57.24 68.32
N GLU A 339 37.96 -57.66 68.61
CA GLU A 339 38.14 -58.79 69.51
C GLU A 339 37.71 -58.47 70.94
N LYS A 340 38.07 -57.29 71.43
CA LYS A 340 37.88 -56.96 72.84
C LYS A 340 36.56 -56.25 73.13
N LEU A 341 35.73 -56.00 72.12
CA LEU A 341 34.46 -55.33 72.35
C LEU A 341 33.25 -56.16 71.96
N ASN A 342 33.32 -56.90 70.85
CA ASN A 342 32.16 -57.66 70.39
C ASN A 342 31.78 -58.76 71.38
N ILE A 343 32.78 -59.48 71.91
CA ILE A 343 32.49 -60.58 72.82
C ILE A 343 31.95 -60.04 74.15
N GLU A 344 32.51 -58.93 74.63
CA GLU A 344 32.10 -58.32 75.89
C GLU A 344 32.06 -56.81 75.68
N GLY A 345 30.86 -56.27 75.45
CA GLY A 345 30.72 -54.84 75.24
C GLY A 345 29.29 -54.35 75.29
N THR A 346 29.07 -53.26 76.02
CA THR A 346 27.77 -52.59 76.08
C THR A 346 27.94 -51.20 75.49
N GLU A 347 27.16 -50.92 74.44
CA GLU A 347 27.19 -49.64 73.73
C GLU A 347 28.55 -49.39 73.07
N LYS A 348 29.45 -50.37 73.13
CA LYS A 348 30.78 -50.26 72.56
C LYS A 348 31.10 -51.37 71.57
N GLY A 349 30.69 -52.60 71.85
CA GLY A 349 30.89 -53.70 70.94
C GLY A 349 29.83 -54.77 71.07
N ASN A 350 29.19 -55.12 69.97
CA ASN A 350 28.10 -56.09 69.97
C ASN A 350 27.79 -56.46 68.52
N CYS A 351 26.82 -57.35 68.35
CA CYS A 351 26.36 -57.80 67.04
C CYS A 351 24.86 -57.58 66.90
N GLY A 352 24.36 -56.49 67.46
CA GLY A 352 22.94 -56.20 67.38
C GLY A 352 22.62 -54.92 68.11
N LYS A 353 21.32 -54.67 68.28
CA LYS A 353 20.82 -53.45 68.90
C LYS A 353 19.75 -53.78 69.93
N ASP A 354 19.93 -54.85 70.69
CA ASP A 354 18.98 -55.21 71.73
C ASP A 354 19.04 -54.20 72.87
N LYS A 355 17.87 -53.73 73.30
CA LYS A 355 17.83 -52.72 74.36
C LYS A 355 18.24 -53.30 75.71
N ASP A 356 17.77 -54.51 76.02
CA ASP A 356 17.99 -55.08 77.34
C ASP A 356 19.47 -55.42 77.57
N THR A 357 20.07 -56.15 76.64
CA THR A 357 21.43 -56.65 76.84
C THR A 357 22.31 -56.56 75.59
N TRP A 358 21.86 -55.92 74.51
CA TRP A 358 22.59 -55.88 73.25
C TRP A 358 22.83 -57.34 72.80
N ILE A 359 23.94 -57.62 72.15
CA ILE A 359 24.25 -58.96 71.65
C ILE A 359 25.62 -59.37 72.14
N GLN A 360 25.71 -60.55 72.76
CA GLN A 360 26.97 -61.15 73.16
C GLN A 360 27.46 -62.02 72.02
N CYS A 361 28.41 -61.52 71.24
CA CYS A 361 28.87 -62.21 70.05
C CYS A 361 29.71 -63.43 70.45
N ASN A 362 30.23 -64.12 69.43
CA ASN A 362 31.03 -65.32 69.63
C ASN A 362 32.52 -64.98 69.60
N LYS A 363 33.28 -65.62 70.49
CA LYS A 363 34.72 -65.41 70.52
C LYS A 363 35.39 -65.93 69.25
N ARG A 364 34.83 -66.98 68.64
CA ARG A 364 35.43 -67.57 67.45
C ARG A 364 35.50 -66.56 66.30
N ASP A 365 34.41 -65.81 66.09
CA ASP A 365 34.35 -64.81 65.02
C ASP A 365 33.86 -63.50 65.59
N VAL A 366 34.68 -62.46 65.50
CA VAL A 366 34.38 -61.14 66.04
C VAL A 366 34.47 -60.04 65.00
N LEU A 367 34.86 -60.37 63.76
CA LEU A 367 35.06 -59.32 62.76
C LEU A 367 33.74 -58.69 62.33
N CYS A 368 32.64 -59.45 62.38
CA CYS A 368 31.34 -58.94 61.96
C CYS A 368 30.58 -58.25 63.11
N GLY A 369 31.29 -57.80 64.13
CA GLY A 369 30.64 -57.19 65.28
C GLY A 369 30.41 -55.70 65.13
N TYR A 370 30.87 -54.92 66.10
CA TYR A 370 30.68 -53.48 66.07
C TYR A 370 31.58 -52.87 65.01
N LEU A 371 31.04 -51.93 64.22
CA LEU A 371 31.82 -51.25 63.20
C LEU A 371 32.53 -50.06 63.83
N LEU A 372 33.85 -50.02 63.68
CA LEU A 372 34.69 -49.02 64.34
C LEU A 372 35.74 -48.50 63.38
N CYS A 373 35.79 -47.17 63.24
CA CYS A 373 36.82 -46.50 62.47
C CYS A 373 37.34 -45.30 63.25
N THR A 374 38.63 -45.03 63.11
CA THR A 374 39.27 -43.96 63.85
C THR A 374 39.01 -42.61 63.19
N ASN A 375 38.93 -41.56 64.01
CA ASN A 375 38.72 -40.19 63.56
C ASN A 375 37.37 -40.03 62.86
N ILE A 376 36.32 -40.52 63.52
CA ILE A 376 34.97 -40.36 63.01
C ILE A 376 34.52 -38.92 63.19
N GLY A 377 34.03 -38.32 62.10
CA GLY A 377 33.54 -36.95 62.19
C GLY A 377 32.23 -36.86 62.93
N ASN A 378 31.97 -35.67 63.48
CA ASN A 378 30.76 -35.46 64.27
C ASN A 378 29.51 -35.58 63.39
N ILE A 379 29.54 -34.99 62.20
CA ILE A 379 28.46 -35.11 61.22
C ILE A 379 29.01 -35.87 60.02
N PRO A 380 28.41 -36.99 59.62
CA PRO A 380 28.95 -37.76 58.51
C PRO A 380 28.70 -37.08 57.17
N ARG A 381 29.36 -37.62 56.14
CA ARG A 381 29.09 -37.16 54.78
C ARG A 381 27.65 -37.45 54.40
N LEU A 382 27.13 -38.59 54.83
CA LEU A 382 25.75 -38.98 54.54
C LEU A 382 25.21 -39.74 55.73
N GLY A 383 23.88 -39.74 55.87
CA GLY A 383 23.21 -40.53 56.87
C GLY A 383 23.03 -39.80 58.20
N GLU A 384 22.22 -40.41 59.06
CA GLU A 384 21.86 -39.86 60.36
C GLU A 384 22.26 -40.83 61.45
N LEU A 385 22.90 -40.31 62.50
CA LEU A 385 23.38 -41.14 63.60
C LEU A 385 22.22 -41.64 64.44
N ASP A 386 22.07 -42.96 64.52
CA ASP A 386 21.04 -43.57 65.37
C ASP A 386 21.64 -43.99 66.72
N GLY A 387 22.10 -43.00 67.45
CA GLY A 387 22.73 -43.22 68.73
C GLY A 387 23.72 -42.10 69.02
N GLU A 388 24.84 -42.49 69.65
CA GLU A 388 25.87 -41.54 70.02
C GLU A 388 27.23 -42.11 69.66
N ILE A 389 28.19 -41.22 69.44
CA ILE A 389 29.54 -41.63 69.04
C ILE A 389 30.21 -42.33 70.22
N THR A 390 30.42 -43.64 70.09
CA THR A 390 31.06 -44.42 71.14
C THR A 390 32.57 -44.26 71.08
N SER A 391 33.19 -43.96 72.22
CA SER A 391 34.63 -43.79 72.32
C SER A 391 35.19 -44.86 73.24
N THR A 392 36.22 -45.57 72.77
CA THR A 392 36.90 -46.60 73.54
C THR A 392 38.40 -46.37 73.44
N LEU A 393 39.08 -46.41 74.58
CA LEU A 393 40.52 -46.19 74.62
C LEU A 393 41.25 -47.51 74.81
N GLY A 398 49.98 -52.03 75.11
CA GLY A 398 51.09 -51.15 74.79
C GLY A 398 50.73 -50.12 73.74
N ARG A 399 49.46 -50.05 73.39
CA ARG A 399 48.99 -49.09 72.40
C ARG A 399 47.51 -48.81 72.64
N THR A 400 47.16 -47.52 72.73
CA THR A 400 45.79 -47.08 72.91
C THR A 400 45.30 -46.43 71.63
N LEU A 401 44.19 -46.93 71.10
CA LEU A 401 43.60 -46.42 69.87
C LEU A 401 42.35 -45.63 70.21
N ASN A 402 42.20 -44.45 69.61
CA ASN A 402 41.01 -43.64 69.78
C ASN A 402 39.90 -44.31 68.98
N CYS A 403 39.31 -45.35 69.57
CA CYS A 403 38.42 -46.26 68.86
C CYS A 403 37.02 -45.65 68.86
N SER A 404 36.58 -45.17 67.70
CA SER A 404 35.33 -44.43 67.58
C SER A 404 34.31 -45.24 66.80
N GLY A 405 33.05 -45.12 67.20
CA GLY A 405 31.97 -45.82 66.53
C GLY A 405 30.74 -44.95 66.39
N GLY A 406 29.96 -45.22 65.35
CA GLY A 406 28.76 -44.47 65.07
C GLY A 406 27.61 -45.38 64.67
N HIS A 407 26.46 -44.77 64.46
CA HIS A 407 25.23 -45.49 64.12
C HIS A 407 24.49 -44.79 62.98
N VAL A 408 25.22 -44.47 61.90
CA VAL A 408 24.63 -43.77 60.78
C VAL A 408 23.49 -44.59 60.16
N LYS A 409 22.38 -43.91 59.86
CA LYS A 409 21.22 -44.53 59.24
C LYS A 409 21.22 -44.24 57.74
N LEU A 410 20.18 -44.73 57.06
CA LEU A 410 20.06 -44.56 55.62
C LEU A 410 18.58 -44.67 55.25
N GLU A 411 18.31 -44.84 53.94
CA GLU A 411 16.93 -44.89 53.47
C GLU A 411 16.19 -46.12 54.00
N GLU A 412 16.89 -47.23 54.19
CA GLU A 412 16.26 -48.44 54.70
C GLU A 412 16.33 -48.48 56.22
N ASP A 413 15.98 -49.61 56.82
CA ASP A 413 16.04 -49.78 58.26
C ASP A 413 17.36 -50.37 58.73
N VAL A 414 18.29 -50.65 57.82
CA VAL A 414 19.59 -51.18 58.21
C VAL A 414 20.48 -50.02 58.64
N ASP A 415 21.31 -50.27 59.65
CA ASP A 415 22.18 -49.24 60.20
C ASP A 415 23.56 -49.31 59.56
N LEU A 416 24.02 -48.18 59.03
CA LEU A 416 25.35 -48.13 58.43
C LEU A 416 26.46 -48.21 59.48
N GLY A 417 26.14 -47.98 60.74
CA GLY A 417 27.09 -48.12 61.83
C GLY A 417 27.33 -49.54 62.28
N TYR A 418 26.65 -50.49 61.66
CA TYR A 418 26.85 -51.92 61.92
C TYR A 418 27.57 -52.55 60.73
N VAL A 419 28.07 -53.77 60.97
CA VAL A 419 28.75 -54.51 59.90
C VAL A 419 27.72 -54.94 58.87
N GLU A 420 27.98 -54.58 57.61
CA GLU A 420 27.10 -54.92 56.50
C GLU A 420 27.63 -56.14 55.76
N ASP A 421 26.72 -57.00 55.31
CA ASP A 421 27.11 -58.20 54.60
C ASP A 421 27.75 -57.85 53.26
N GLY A 422 28.65 -58.71 52.81
CA GLY A 422 29.46 -58.46 51.64
C GLY A 422 30.86 -57.97 51.92
N THR A 423 31.13 -57.53 53.15
CA THR A 423 32.46 -57.11 53.57
C THR A 423 33.18 -58.28 54.22
N PRO A 424 34.38 -58.62 53.75
CA PRO A 424 35.01 -59.87 54.17
C PRO A 424 35.33 -59.92 55.66
N CYS A 425 35.29 -61.13 56.22
CA CYS A 425 35.78 -61.43 57.56
C CYS A 425 36.73 -62.62 57.54
N GLY A 426 37.36 -62.89 56.40
CA GLY A 426 38.26 -64.01 56.27
C GLY A 426 38.26 -64.57 54.86
N PRO A 427 39.31 -65.32 54.50
CA PRO A 427 39.36 -65.93 53.16
C PRO A 427 38.30 -67.02 53.03
N GLN A 428 37.48 -66.90 51.98
CA GLN A 428 36.35 -67.80 51.76
C GLN A 428 35.45 -67.85 53.00
N MET A 429 35.25 -66.68 53.62
CA MET A 429 34.66 -66.64 54.96
C MET A 429 34.03 -65.26 55.10
N MET A 430 32.71 -65.18 54.90
CA MET A 430 32.02 -63.92 54.66
C MET A 430 31.11 -63.58 55.85
N CYS A 431 31.03 -62.29 56.16
CA CYS A 431 30.09 -61.83 57.17
C CYS A 431 28.66 -62.14 56.76
N LEU A 432 27.89 -62.71 57.69
CA LEU A 432 26.49 -63.07 57.44
C LEU A 432 25.68 -62.51 58.60
N GLU A 433 25.21 -61.27 58.46
CA GLU A 433 24.37 -60.59 59.46
C GLU A 433 24.97 -60.68 60.86
N HIS A 434 26.14 -60.03 61.00
CA HIS A 434 26.88 -60.00 62.26
C HIS A 434 27.28 -61.40 62.71
N ARG A 435 27.55 -62.29 61.76
CA ARG A 435 28.00 -63.65 62.08
C ARG A 435 28.83 -64.14 60.89
N CYS A 436 30.15 -64.14 61.06
CA CYS A 436 31.06 -64.66 60.04
C CYS A 436 30.74 -66.12 59.77
N LEU A 437 30.31 -66.43 58.56
CA LEU A 437 29.89 -67.76 58.14
C LEU A 437 30.54 -68.09 56.82
N PRO A 438 30.60 -69.37 56.44
CA PRO A 438 31.21 -69.74 55.16
C PRO A 438 30.50 -69.07 53.99
N VAL A 439 31.29 -68.76 52.95
CA VAL A 439 30.74 -68.10 51.76
C VAL A 439 29.70 -68.99 51.08
N ALA A 440 29.81 -70.31 51.25
CA ALA A 440 28.84 -71.23 50.67
C ALA A 440 27.42 -70.99 51.21
N SER A 441 27.30 -70.39 52.39
CA SER A 441 25.98 -70.05 52.92
C SER A 441 25.32 -68.94 52.13
N PHE A 442 26.08 -68.19 51.35
CA PHE A 442 25.52 -67.14 50.50
C PHE A 442 25.07 -67.65 49.14
N ASN A 443 25.25 -68.94 48.87
CA ASN A 443 24.81 -69.57 47.61
C ASN A 443 25.44 -68.87 46.40
N PHE A 444 26.77 -68.78 46.41
CA PHE A 444 27.48 -68.13 45.32
C PHE A 444 27.31 -68.91 44.02
N SER A 445 27.06 -68.18 42.94
CA SER A 445 26.95 -68.76 41.62
C SER A 445 28.31 -68.75 40.92
N THR A 446 28.60 -69.82 40.19
CA THR A 446 29.89 -69.99 39.53
C THR A 446 29.71 -69.98 38.02
N CYS A 447 30.70 -69.43 37.32
CA CYS A 447 30.73 -69.49 35.87
C CYS A 447 30.96 -70.92 35.40
N LEU A 448 30.66 -71.17 34.13
CA LEU A 448 30.84 -72.50 33.55
C LEU A 448 32.34 -72.79 33.44
N SER A 449 32.82 -73.75 34.23
CA SER A 449 34.21 -74.14 34.25
C SER A 449 34.34 -75.60 33.87
N SER A 450 35.18 -75.88 32.88
CA SER A 450 35.38 -77.26 32.46
C SER A 450 36.13 -78.06 33.52
N LYS A 451 37.15 -77.45 34.14
CA LYS A 451 37.93 -78.14 35.15
C LYS A 451 37.22 -78.12 36.50
N GLU A 452 37.77 -78.87 37.45
CA GLU A 452 37.23 -78.99 38.79
C GLU A 452 38.19 -78.36 39.79
N GLY A 453 37.65 -77.57 40.71
CA GLY A 453 38.46 -76.89 41.69
C GLY A 453 39.09 -75.60 41.23
N THR A 454 38.79 -75.15 40.00
CA THR A 454 39.31 -73.91 39.46
C THR A 454 38.15 -73.13 38.83
N ILE A 455 38.49 -71.99 38.23
CA ILE A 455 37.51 -71.12 37.57
C ILE A 455 37.86 -71.01 36.10
N CYS A 456 36.88 -71.29 35.23
CA CYS A 456 37.03 -71.20 33.79
C CYS A 456 38.24 -72.00 33.31
N SER A 457 38.29 -73.27 33.74
CA SER A 457 39.41 -74.15 33.44
C SER A 457 40.73 -73.56 33.94
N GLY A 458 40.66 -72.90 35.09
CA GLY A 458 41.84 -72.31 35.68
C GLY A 458 42.16 -70.94 35.12
N ASN A 459 42.71 -70.90 33.90
CA ASN A 459 43.07 -69.63 33.28
C ASN A 459 41.82 -68.85 32.90
N GLY A 460 41.85 -67.54 33.14
CA GLY A 460 40.72 -66.68 32.85
C GLY A 460 40.01 -66.24 34.11
N VAL A 461 38.96 -65.45 33.90
CA VAL A 461 38.20 -64.84 34.99
C VAL A 461 36.71 -64.91 34.66
N CYS A 462 35.91 -65.24 35.68
CA CYS A 462 34.46 -65.19 35.55
C CYS A 462 33.98 -63.76 35.47
N SER A 463 33.17 -63.45 34.45
CA SER A 463 32.65 -62.11 34.25
C SER A 463 31.49 -61.86 35.22
N ASN A 464 30.80 -60.74 35.04
CA ASN A 464 29.68 -60.37 35.89
C ASN A 464 28.34 -60.85 35.36
N GLU A 465 28.32 -61.61 34.26
CA GLU A 465 27.09 -62.07 33.63
C GLU A 465 27.18 -63.55 33.29
N LEU A 466 27.67 -64.35 34.23
CA LEU A 466 27.76 -65.80 34.08
C LEU A 466 28.54 -66.19 32.83
N LYS A 467 29.64 -65.48 32.57
CA LYS A 467 30.48 -65.75 31.41
C LYS A 467 31.94 -65.75 31.83
N CYS A 468 32.75 -66.50 31.09
CA CYS A 468 34.17 -66.63 31.37
C CYS A 468 34.96 -65.79 30.39
N VAL A 469 35.91 -65.01 30.91
CA VAL A 469 36.74 -64.13 30.11
C VAL A 469 38.10 -64.79 29.93
N CYS A 470 38.51 -64.99 28.68
CA CYS A 470 39.80 -65.57 28.40
C CYS A 470 40.91 -64.54 28.64
N ASN A 471 42.11 -65.05 28.94
CA ASN A 471 43.19 -64.18 29.38
C ASN A 471 44.12 -63.77 28.23
N ARG A 472 44.76 -64.73 27.57
CA ARG A 472 45.82 -64.43 26.60
C ARG A 472 45.68 -65.37 25.40
N HIS A 473 45.01 -64.88 24.35
CA HIS A 473 44.89 -65.59 23.07
C HIS A 473 44.19 -66.93 23.23
N TRP A 474 43.15 -66.96 24.06
CA TRP A 474 42.32 -68.15 24.23
C TRP A 474 40.96 -67.91 23.57
N ILE A 475 40.56 -68.83 22.71
CA ILE A 475 39.28 -68.73 22.00
C ILE A 475 38.32 -69.85 22.37
N GLY A 476 38.76 -70.85 23.13
CA GLY A 476 37.88 -71.94 23.51
C GLY A 476 36.72 -71.49 24.37
N SER A 477 35.74 -72.38 24.49
CA SER A 477 34.52 -72.04 25.23
C SER A 477 34.82 -71.76 26.69
N ASP A 478 35.69 -72.56 27.31
CA ASP A 478 36.09 -72.36 28.70
C ASP A 478 37.54 -71.90 28.82
N CYS A 479 38.10 -71.34 27.75
CA CYS A 479 39.50 -70.92 27.71
C CYS A 479 40.43 -72.08 28.03
N ASN A 480 40.06 -73.28 27.58
CA ASN A 480 40.85 -74.48 27.81
C ASN A 480 41.56 -74.99 26.56
N THR A 481 41.08 -74.64 25.37
CA THR A 481 41.72 -75.01 24.12
C THR A 481 42.34 -73.75 23.52
N TYR A 482 43.63 -73.82 23.23
CA TYR A 482 44.38 -72.66 22.75
C TYR A 482 44.29 -72.59 21.22
N PHE A 483 44.00 -71.40 20.72
CA PHE A 483 43.94 -71.13 19.28
C PHE A 483 45.03 -70.11 18.95
N PRO A 484 46.19 -70.54 18.46
CA PRO A 484 47.28 -69.59 18.21
C PRO A 484 46.89 -68.53 17.19
N HIS A 485 47.31 -67.29 17.47
CA HIS A 485 47.02 -66.15 16.62
C HIS A 485 47.84 -64.97 17.13
N ASN A 486 47.82 -63.88 16.37
CA ASN A 486 48.51 -62.66 16.76
C ASN A 486 47.51 -61.56 17.09
N LYS B 21 9.75 47.75 -8.61
CA LYS B 21 8.42 48.35 -8.64
C LYS B 21 7.34 47.31 -8.92
N CYS B 22 6.84 47.31 -10.15
CA CYS B 22 5.81 46.37 -10.57
C CYS B 22 6.53 45.20 -11.22
N PRO B 23 6.60 44.03 -10.57
CA PRO B 23 7.43 42.94 -11.09
C PRO B 23 6.98 42.48 -12.47
N ALA B 24 7.95 42.15 -13.32
CA ALA B 24 7.63 41.70 -14.68
C ALA B 24 7.03 40.31 -14.68
N VAL B 25 7.54 39.41 -13.82
CA VAL B 25 7.00 38.06 -13.75
C VAL B 25 5.55 38.08 -13.27
N CYS B 26 5.24 39.00 -12.35
CA CYS B 26 3.87 39.20 -11.92
C CYS B 26 3.09 39.95 -12.99
N THR B 27 1.76 39.78 -12.95
CA THR B 27 0.84 40.54 -13.80
C THR B 27 0.27 41.74 -13.05
N CYS B 28 1.10 42.34 -12.19
CA CYS B 28 0.70 43.52 -11.44
C CYS B 28 0.28 44.66 -12.36
N THR B 29 -0.76 45.38 -11.96
CA THR B 29 -1.35 46.46 -12.71
C THR B 29 -1.16 47.78 -11.96
N LYS B 30 -1.80 48.84 -12.46
CA LYS B 30 -1.69 50.14 -11.84
C LYS B 30 -2.21 50.15 -10.41
N ASP B 31 -3.36 49.52 -10.18
CA ASP B 31 -4.04 49.58 -8.89
C ASP B 31 -3.93 48.30 -8.07
N ASN B 32 -3.09 47.35 -8.48
CA ASN B 32 -3.00 46.09 -7.74
C ASN B 32 -1.69 45.40 -8.08
N ALA B 33 -1.29 44.50 -7.18
CA ALA B 33 -0.18 43.59 -7.43
C ALA B 33 -0.77 42.24 -7.81
N LEU B 34 -1.19 42.15 -9.07
CA LEU B 34 -1.86 40.94 -9.58
C LEU B 34 -0.81 39.93 -10.03
N CYS B 35 -0.21 39.26 -9.06
CA CYS B 35 0.84 38.29 -9.32
C CYS B 35 0.22 36.99 -9.81
N GLU B 36 0.46 36.66 -11.08
CA GLU B 36 -0.03 35.40 -11.62
C GLU B 36 0.73 34.21 -11.04
N ASN B 37 2.07 34.29 -11.03
CA ASN B 37 2.90 33.20 -10.53
C ASN B 37 4.22 33.79 -10.05
N ALA B 38 4.50 33.64 -8.76
CA ALA B 38 5.74 34.11 -8.16
C ALA B 38 6.53 32.92 -7.64
N ARG B 39 7.84 32.91 -7.92
CA ARG B 39 8.69 31.82 -7.47
C ARG B 39 8.77 31.77 -5.95
N SER B 40 8.69 32.93 -5.29
CA SER B 40 8.76 33.01 -3.83
C SER B 40 8.12 34.33 -3.42
N ILE B 41 8.35 34.73 -2.16
CA ILE B 41 7.77 35.96 -1.63
C ILE B 41 8.34 37.17 -2.36
N PRO B 42 7.50 37.99 -2.97
CA PRO B 42 7.98 39.25 -3.57
C PRO B 42 8.11 40.34 -2.52
N ARG B 43 9.35 40.69 -2.20
CA ARG B 43 9.62 41.80 -1.29
C ARG B 43 9.75 43.13 -2.02
N THR B 44 9.63 43.13 -3.35
CA THR B 44 9.73 44.32 -4.16
C THR B 44 8.42 45.07 -4.34
N VAL B 45 7.47 44.87 -3.43
CA VAL B 45 6.16 45.51 -3.53
C VAL B 45 6.26 46.97 -3.11
N PRO B 46 5.87 47.91 -3.97
CA PRO B 46 5.84 49.32 -3.57
C PRO B 46 4.62 49.60 -2.72
N PRO B 47 4.60 50.72 -1.99
CA PRO B 47 3.37 51.11 -1.28
C PRO B 47 2.26 51.59 -2.20
N ASP B 48 2.48 51.64 -3.51
CA ASP B 48 1.46 52.10 -4.43
C ASP B 48 0.27 51.15 -4.48
N VAL B 49 0.54 49.84 -4.40
CA VAL B 49 -0.53 48.86 -4.51
C VAL B 49 -1.39 48.89 -3.25
N ILE B 50 -2.66 48.51 -3.42
CA ILE B 50 -3.62 48.46 -2.31
C ILE B 50 -4.12 47.07 -2.03
N SER B 51 -3.68 46.07 -2.80
CA SER B 51 -4.14 44.69 -2.60
C SER B 51 -3.09 43.76 -3.18
N LEU B 52 -3.21 42.49 -2.84
CA LEU B 52 -2.30 41.46 -3.31
C LEU B 52 -3.09 40.31 -3.93
N SER B 53 -2.41 39.54 -4.77
CA SER B 53 -3.04 38.45 -5.50
C SER B 53 -1.99 37.40 -5.82
N PHE B 54 -2.04 36.26 -5.13
CA PHE B 54 -1.11 35.15 -5.36
C PHE B 54 -1.91 33.92 -5.76
N VAL B 55 -1.55 33.33 -6.89
CA VAL B 55 -2.21 32.12 -7.40
C VAL B 55 -1.14 31.13 -7.83
N ARG B 56 -1.37 29.86 -7.55
CA ARG B 56 -0.48 28.77 -7.95
C ARG B 56 0.96 29.02 -7.50
N SER B 57 1.11 29.33 -6.21
CA SER B 57 2.44 29.61 -5.67
C SER B 57 3.32 28.38 -5.77
N GLY B 58 4.57 28.59 -6.17
CA GLY B 58 5.52 27.51 -6.33
C GLY B 58 6.26 27.17 -5.05
N PHE B 59 6.71 28.20 -4.35
CA PHE B 59 7.38 27.99 -3.06
C PHE B 59 6.40 27.40 -2.05
N THR B 60 6.90 26.53 -1.18
CA THR B 60 6.08 25.79 -0.25
C THR B 60 6.15 26.32 1.18
N GLU B 61 6.94 27.35 1.43
CA GLU B 61 7.14 27.88 2.78
C GLU B 61 6.52 29.27 2.86
N ILE B 62 5.41 29.39 3.57
CA ILE B 62 4.86 30.71 3.85
C ILE B 62 5.87 31.47 4.71
N SER B 63 6.39 32.56 4.17
CA SER B 63 7.43 33.30 4.85
C SER B 63 6.84 34.14 5.98
N GLU B 64 7.71 34.86 6.69
CA GLU B 64 7.34 35.62 7.87
C GLU B 64 7.57 37.10 7.63
N GLY B 65 6.50 37.88 7.77
CA GLY B 65 6.62 39.33 7.69
C GLY B 65 7.19 39.85 6.39
N SER B 66 6.81 39.25 5.26
CA SER B 66 7.36 39.68 3.99
C SER B 66 6.67 40.92 3.42
N PHE B 67 5.66 41.45 4.12
CA PHE B 67 5.07 42.73 3.73
C PHE B 67 5.20 43.75 4.85
N LEU B 68 6.39 43.86 5.44
CA LEU B 68 6.67 44.94 6.36
C LEU B 68 6.97 46.22 5.58
N PHE B 69 6.08 46.57 4.66
CA PHE B 69 6.28 47.71 3.78
C PHE B 69 5.10 48.67 3.78
N THR B 70 3.87 48.17 3.86
CA THR B 70 2.68 49.01 3.76
C THR B 70 1.58 48.41 4.62
N PRO B 71 1.44 48.87 5.87
CA PRO B 71 0.32 48.40 6.70
C PRO B 71 -1.04 48.78 6.13
N SER B 72 -1.11 49.77 5.26
CA SER B 72 -2.38 50.18 4.66
C SER B 72 -2.92 49.15 3.69
N LEU B 73 -2.14 48.13 3.34
CA LEU B 73 -2.64 47.07 2.47
C LEU B 73 -3.79 46.34 3.13
N GLN B 74 -4.70 45.81 2.31
CA GLN B 74 -5.95 45.26 2.81
C GLN B 74 -6.30 43.87 2.28
N LEU B 75 -5.79 43.46 1.13
CA LEU B 75 -6.32 42.29 0.44
C LEU B 75 -5.19 41.42 -0.10
N LEU B 76 -5.42 40.10 -0.07
CA LEU B 76 -4.51 39.13 -0.65
C LEU B 76 -5.24 37.79 -0.81
N LEU B 77 -4.87 37.05 -1.84
CA LEU B 77 -5.45 35.74 -2.13
C LEU B 77 -4.35 34.69 -2.25
N PHE B 78 -4.62 33.51 -1.70
CA PHE B 78 -3.77 32.33 -1.83
C PHE B 78 -4.61 31.22 -2.45
N THR B 79 -4.26 30.80 -3.66
CA THR B 79 -5.07 29.85 -4.40
C THR B 79 -4.23 28.69 -4.91
N SER B 80 -4.64 27.47 -4.56
CA SER B 80 -4.09 26.23 -5.11
C SER B 80 -2.57 26.17 -4.95
N ASN B 81 -2.15 26.12 -3.69
CA ASN B 81 -0.73 26.04 -3.34
C ASN B 81 -0.50 24.82 -2.45
N SER B 82 0.77 24.57 -2.13
CA SER B 82 1.17 23.51 -1.20
C SER B 82 2.09 24.13 -0.17
N PHE B 83 1.49 24.72 0.87
CA PHE B 83 2.25 25.34 1.95
C PHE B 83 2.32 24.40 3.14
N ASP B 84 3.00 23.28 2.92
CA ASP B 84 3.12 22.27 3.98
C ASP B 84 3.80 22.82 5.22
N VAL B 85 4.70 23.80 5.04
CA VAL B 85 5.33 24.50 6.13
C VAL B 85 4.92 25.97 6.06
N ILE B 86 4.41 26.48 7.18
CA ILE B 86 3.88 27.84 7.26
C ILE B 86 4.45 28.51 8.49
N SER B 87 4.93 29.74 8.33
CA SER B 87 5.57 30.45 9.42
C SER B 87 4.55 30.78 10.51
N ASP B 88 4.98 30.62 11.77
CA ASP B 88 4.21 31.16 12.88
C ASP B 88 4.16 32.67 12.79
N ASP B 89 3.02 33.25 13.16
CA ASP B 89 2.79 34.68 13.06
C ASP B 89 2.91 35.14 11.62
N ALA B 90 2.38 34.33 10.69
CA ALA B 90 2.73 34.44 9.29
C ALA B 90 2.43 35.83 8.73
N PHE B 91 3.40 36.37 8.00
CA PHE B 91 3.26 37.61 7.25
C PHE B 91 2.92 38.77 8.18
N ILE B 92 3.72 38.90 9.24
CA ILE B 92 3.45 39.90 10.27
C ILE B 92 3.69 41.31 9.72
N GLY B 93 3.07 42.29 10.37
CA GLY B 93 3.22 43.67 10.00
C GLY B 93 2.03 44.31 9.31
N LEU B 94 0.85 43.68 9.36
CA LEU B 94 -0.35 44.18 8.69
C LEU B 94 -1.49 44.25 9.70
N PRO B 95 -1.46 45.24 10.60
CA PRO B 95 -2.57 45.39 11.55
C PRO B 95 -3.85 45.86 10.90
N HIS B 96 -3.77 46.53 9.76
CA HIS B 96 -4.95 47.01 9.05
C HIS B 96 -5.44 46.03 7.98
N LEU B 97 -4.79 44.88 7.83
CA LEU B 97 -5.24 43.90 6.87
C LEU B 97 -6.57 43.30 7.32
N GLU B 98 -7.51 43.19 6.37
CA GLU B 98 -8.83 42.65 6.69
C GLU B 98 -9.35 41.63 5.68
N TYR B 99 -8.69 41.42 4.55
CA TYR B 99 -9.13 40.44 3.57
C TYR B 99 -8.10 39.31 3.54
N LEU B 100 -8.30 38.33 4.42
CA LEU B 100 -7.41 37.20 4.55
C LEU B 100 -8.08 35.97 3.94
N PHE B 101 -7.53 35.49 2.83
CA PHE B 101 -8.19 34.46 2.05
C PHE B 101 -7.17 33.41 1.62
N ILE B 102 -7.45 32.15 1.92
CA ILE B 102 -6.67 31.03 1.43
C ILE B 102 -7.63 29.97 0.90
N GLU B 103 -7.44 29.56 -0.36
CA GLU B 103 -8.30 28.58 -0.99
C GLU B 103 -7.47 27.56 -1.76
N ASN B 104 -7.93 26.31 -1.74
CA ASN B 104 -7.37 25.21 -2.51
C ASN B 104 -5.91 24.94 -2.19
N ASN B 105 -5.37 25.57 -1.15
CA ASN B 105 -3.95 25.41 -0.81
C ASN B 105 -3.82 24.14 0.03
N ASN B 106 -3.55 23.03 -0.65
CA ASN B 106 -3.42 21.75 0.03
C ASN B 106 -2.21 21.77 0.97
N ILE B 107 -2.48 21.79 2.27
CA ILE B 107 -1.46 22.03 3.28
C ILE B 107 -1.50 20.89 4.29
N LYS B 108 -0.33 20.32 4.58
CA LYS B 108 -0.26 19.21 5.54
C LYS B 108 -0.64 19.67 6.94
N SER B 109 -0.09 20.80 7.38
CA SER B 109 -0.35 21.27 8.73
C SER B 109 -0.08 22.76 8.81
N ILE B 110 -0.68 23.39 9.83
CA ILE B 110 -0.58 24.82 10.06
C ILE B 110 0.12 25.06 11.40
N SER B 111 1.02 26.04 11.40
CA SER B 111 1.66 26.45 12.65
C SER B 111 0.63 27.04 13.60
N ARG B 112 0.78 26.73 14.89
CA ARG B 112 -0.22 27.14 15.87
C ARG B 112 -0.32 28.65 15.97
N HIS B 113 0.80 29.32 16.19
CA HIS B 113 0.82 30.78 16.38
C HIS B 113 0.90 31.50 15.04
N THR B 114 -0.04 31.22 14.14
CA THR B 114 -0.03 31.81 12.81
C THR B 114 -0.92 33.03 12.71
N PHE B 115 -2.06 33.05 13.40
CA PHE B 115 -3.03 34.15 13.29
C PHE B 115 -2.83 35.11 14.46
N ARG B 116 -1.79 35.95 14.33
CA ARG B 116 -1.52 36.99 15.31
C ARG B 116 -1.17 38.29 14.58
N GLY B 117 -1.39 39.40 15.26
CA GLY B 117 -1.11 40.71 14.71
C GLY B 117 -2.20 41.27 13.82
N LEU B 118 -3.30 40.53 13.63
CA LEU B 118 -4.40 40.95 12.76
C LEU B 118 -5.57 41.35 13.65
N LYS B 119 -5.56 42.61 14.08
CA LYS B 119 -6.56 43.12 15.02
C LYS B 119 -7.74 43.81 14.33
N SER B 120 -7.71 43.93 13.01
CA SER B 120 -8.78 44.57 12.24
C SER B 120 -9.14 43.71 11.05
N LEU B 121 -9.34 42.42 11.30
CA LEU B 121 -9.59 41.41 10.26
C LEU B 121 -11.06 41.03 10.29
N ILE B 122 -11.70 41.04 9.12
CA ILE B 122 -13.13 40.84 9.02
C ILE B 122 -13.48 39.55 8.29
N HIS B 123 -12.85 39.27 7.16
CA HIS B 123 -13.23 38.16 6.29
C HIS B 123 -12.13 37.11 6.23
N LEU B 124 -12.52 35.86 6.39
CA LEU B 124 -11.61 34.72 6.31
C LEU B 124 -12.14 33.71 5.31
N SER B 125 -11.23 32.88 4.82
CA SER B 125 -11.60 31.78 3.93
C SER B 125 -10.50 30.74 3.96
N LEU B 126 -10.87 29.49 4.22
CA LEU B 126 -9.94 28.35 4.18
C LEU B 126 -10.66 27.28 3.37
N ALA B 127 -10.50 27.33 2.05
CA ALA B 127 -11.30 26.53 1.14
C ALA B 127 -10.45 25.51 0.42
N ASN B 128 -10.96 24.27 0.33
CA ASN B 128 -10.35 23.20 -0.46
C ASN B 128 -8.89 22.98 -0.09
N ASN B 129 -8.51 23.33 1.13
CA ASN B 129 -7.13 23.20 1.57
C ASN B 129 -6.81 21.83 2.15
N ASN B 130 -7.82 20.98 2.32
CA ASN B 130 -7.62 19.56 2.66
C ASN B 130 -6.88 19.39 3.98
N LEU B 131 -7.31 20.13 5.01
CA LEU B 131 -6.74 19.96 6.34
C LEU B 131 -7.48 18.88 7.12
N GLN B 132 -6.71 18.11 7.89
CA GLN B 132 -7.26 17.09 8.78
C GLN B 132 -7.09 17.44 10.24
N THR B 133 -6.32 18.49 10.55
CA THR B 133 -6.01 18.87 11.92
C THR B 133 -5.98 20.39 12.04
N LEU B 134 -6.18 20.87 13.27
CA LEU B 134 -6.11 22.28 13.58
C LEU B 134 -5.64 22.38 15.03
N PRO B 135 -4.64 23.21 15.33
CA PRO B 135 -4.12 23.27 16.69
C PRO B 135 -5.06 24.00 17.65
N LYS B 136 -4.65 24.10 18.91
CA LYS B 136 -5.54 24.59 19.96
C LYS B 136 -5.73 26.10 19.84
N ASP B 137 -6.98 26.52 19.59
CA ASP B 137 -7.36 27.93 19.61
C ASP B 137 -6.53 28.77 18.64
N ILE B 138 -6.41 28.28 17.41
CA ILE B 138 -5.54 28.95 16.45
C ILE B 138 -6.10 30.32 16.02
N PHE B 139 -7.42 30.52 16.09
CA PHE B 139 -7.99 31.80 15.73
C PHE B 139 -7.85 32.84 16.84
N LYS B 140 -7.25 32.49 17.96
CA LYS B 140 -6.95 33.48 18.98
C LYS B 140 -5.96 34.50 18.45
N GLY B 141 -6.05 35.72 18.96
CA GLY B 141 -5.27 36.81 18.42
C GLY B 141 -5.89 37.49 17.23
N LEU B 142 -7.19 37.33 17.03
CA LEU B 142 -7.92 37.98 15.94
C LEU B 142 -9.14 38.67 16.52
N ASP B 143 -9.63 39.68 15.80
CA ASP B 143 -10.72 40.50 16.29
C ASP B 143 -11.53 41.03 15.12
N SER B 144 -12.77 41.45 15.42
CA SER B 144 -13.68 42.07 14.44
C SER B 144 -13.97 41.12 13.28
N LEU B 145 -14.13 39.83 13.58
CA LEU B 145 -14.37 38.83 12.56
C LEU B 145 -15.81 38.87 12.08
N THR B 146 -15.99 38.71 10.77
CA THR B 146 -17.31 38.64 10.15
C THR B 146 -17.64 37.28 9.57
N ASN B 147 -16.72 36.64 8.85
CA ASN B 147 -17.01 35.34 8.25
C ASN B 147 -15.73 34.58 7.97
N VAL B 148 -15.86 33.24 7.94
CA VAL B 148 -14.77 32.33 7.64
C VAL B 148 -15.30 31.24 6.73
N ASP B 149 -14.42 30.67 5.91
CA ASP B 149 -14.74 29.54 5.05
C ASP B 149 -13.84 28.38 5.48
N LEU B 150 -14.41 27.17 5.49
CA LEU B 150 -13.69 25.97 5.88
C LEU B 150 -14.09 24.79 4.99
N ARG B 151 -14.17 25.02 3.69
CA ARG B 151 -14.71 24.03 2.75
C ARG B 151 -13.60 23.22 2.08
N GLY B 152 -14.01 22.08 1.53
CA GLY B 152 -13.11 21.24 0.76
C GLY B 152 -11.97 20.63 1.54
N ASN B 153 -12.20 20.32 2.82
CA ASN B 153 -11.16 19.77 3.66
C ASN B 153 -11.75 18.67 4.52
N SER B 154 -10.98 17.59 4.70
CA SER B 154 -11.46 16.44 5.46
C SER B 154 -10.92 16.50 6.90
N PHE B 155 -11.41 17.48 7.65
CA PHE B 155 -11.01 17.58 9.05
C PHE B 155 -11.45 16.34 9.82
N ASN B 156 -10.52 15.75 10.55
CA ASN B 156 -10.83 14.62 11.45
C ASN B 156 -11.16 15.22 12.81
N CYS B 157 -12.45 15.27 13.14
CA CYS B 157 -12.89 15.90 14.38
C CYS B 157 -12.40 15.08 15.56
N ASP B 158 -11.41 15.60 16.27
CA ASP B 158 -10.80 14.93 17.41
C ASP B 158 -10.38 16.01 18.40
N CYS B 159 -9.59 15.61 19.41
CA CYS B 159 -9.25 16.52 20.50
C CYS B 159 -8.63 17.81 19.98
N LYS B 160 -7.79 17.70 18.96
CA LYS B 160 -7.20 18.89 18.33
C LYS B 160 -8.27 19.85 17.84
N LEU B 161 -9.42 19.33 17.40
CA LEU B 161 -10.52 20.16 16.94
C LEU B 161 -11.54 20.49 18.03
N LYS B 162 -11.35 19.97 19.25
CA LYS B 162 -12.33 20.19 20.31
C LYS B 162 -12.65 21.66 20.49
N TRP B 163 -11.61 22.49 20.58
CA TRP B 163 -11.80 23.91 20.80
C TRP B 163 -12.64 24.55 19.71
N LEU B 164 -12.51 24.07 18.46
CA LEU B 164 -13.38 24.53 17.40
C LEU B 164 -14.84 24.44 17.80
N VAL B 165 -15.24 23.29 18.34
CA VAL B 165 -16.57 23.14 18.90
C VAL B 165 -16.86 24.31 19.84
N GLU B 166 -16.02 24.46 20.86
CA GLU B 166 -16.16 25.57 21.78
C GLU B 166 -16.14 26.90 21.01
N TRP B 167 -15.20 27.04 20.07
CA TRP B 167 -15.15 28.25 19.28
C TRP B 167 -16.45 28.45 18.51
N LEU B 168 -16.96 27.37 17.90
CA LEU B 168 -18.21 27.49 17.17
C LEU B 168 -19.37 27.78 18.10
N GLY B 169 -19.25 27.39 19.37
CA GLY B 169 -20.24 27.77 20.35
C GLY B 169 -20.09 29.15 20.92
N HIS B 170 -18.94 29.79 20.68
CA HIS B 170 -18.65 31.11 21.26
C HIS B 170 -18.66 32.21 20.22
N THR B 171 -18.02 32.02 19.07
CA THR B 171 -18.01 33.04 18.04
C THR B 171 -19.42 33.23 17.48
N ASN B 172 -19.74 34.47 17.12
CA ASN B 172 -21.06 34.81 16.59
C ASN B 172 -20.90 35.61 15.30
N ALA B 173 -19.97 35.18 14.45
CA ALA B 173 -19.75 35.80 13.16
C ALA B 173 -20.75 35.21 12.16
N THR B 174 -20.59 35.51 10.87
CA THR B 174 -21.46 35.00 9.82
C THR B 174 -20.86 33.77 9.14
N VAL B 175 -20.13 32.96 9.88
CA VAL B 175 -19.49 31.78 9.33
C VAL B 175 -20.56 30.75 8.99
N GLU B 176 -20.49 30.20 7.78
CA GLU B 176 -21.47 29.24 7.32
C GLU B 176 -21.30 27.90 8.06
N ASP B 177 -22.14 26.94 7.70
CA ASP B 177 -22.10 25.64 8.34
C ASP B 177 -20.79 24.93 8.07
N ILE B 178 -20.27 24.24 9.07
CA ILE B 178 -19.00 23.52 8.97
C ILE B 178 -19.28 22.06 9.33
N TYR B 179 -18.66 21.15 8.60
CA TYR B 179 -18.94 19.72 8.72
C TYR B 179 -17.70 18.96 9.19
N CYS B 180 -17.92 17.92 9.98
CA CYS B 180 -16.86 16.98 10.36
C CYS B 180 -16.69 15.97 9.23
N GLU B 181 -15.76 16.26 8.33
CA GLU B 181 -15.39 15.28 7.32
C GLU B 181 -14.36 14.33 7.92
N GLY B 182 -14.72 13.70 9.05
CA GLY B 182 -13.76 13.03 9.88
C GLY B 182 -14.19 11.65 10.32
N PRO B 183 -14.26 11.46 11.65
CA PRO B 183 -14.46 10.12 12.18
C PRO B 183 -15.76 9.52 11.69
N PRO B 184 -15.82 8.19 11.54
CA PRO B 184 -17.04 7.57 10.99
C PRO B 184 -18.28 7.83 11.83
N GLU B 185 -18.13 8.09 13.13
CA GLU B 185 -19.28 8.47 13.93
C GLU B 185 -19.80 9.86 13.58
N TYR B 186 -19.02 10.66 12.86
CA TYR B 186 -19.42 11.99 12.40
C TYR B 186 -19.12 12.07 10.91
N LYS B 187 -20.05 11.61 10.08
CA LYS B 187 -19.90 11.65 8.63
C LYS B 187 -20.44 12.98 8.13
N LYS B 188 -19.54 13.90 7.77
CA LYS B 188 -19.92 15.21 7.25
C LYS B 188 -20.83 15.94 8.23
N ARG B 189 -20.65 15.68 9.52
CA ARG B 189 -21.58 16.15 10.53
C ARG B 189 -21.19 17.54 11.01
N LYS B 190 -22.20 18.38 11.21
CA LYS B 190 -21.97 19.75 11.62
C LYS B 190 -21.35 19.81 13.01
N ILE B 191 -20.44 20.77 13.20
CA ILE B 191 -19.82 20.98 14.50
C ILE B 191 -20.70 21.82 15.43
N ASN B 192 -21.64 22.59 14.87
CA ASN B 192 -22.52 23.42 15.70
C ASN B 192 -23.26 22.57 16.73
N SER B 193 -23.94 21.51 16.27
CA SER B 193 -24.62 20.61 17.20
C SER B 193 -23.63 19.70 17.92
N LEU B 194 -22.50 19.40 17.28
CA LEU B 194 -21.54 18.46 17.84
C LEU B 194 -20.84 19.08 19.05
N SER B 195 -20.58 18.27 20.06
CA SER B 195 -19.98 18.71 21.30
C SER B 195 -18.49 18.35 21.36
N SER B 196 -17.79 18.98 22.30
CA SER B 196 -16.35 18.78 22.45
C SER B 196 -16.01 17.75 23.52
N LYS B 197 -16.62 17.86 24.70
CA LYS B 197 -16.31 16.97 25.82
C LYS B 197 -16.74 15.53 25.58
N ASP B 198 -17.55 15.27 24.54
CA ASP B 198 -17.96 13.90 24.23
C ASP B 198 -16.76 13.02 23.90
N PHE B 199 -15.80 13.56 23.14
CA PHE B 199 -14.52 12.91 22.88
C PHE B 199 -13.34 13.67 23.50
N ASP B 200 -13.53 14.19 24.71
CA ASP B 200 -12.46 14.86 25.43
C ASP B 200 -11.33 13.87 25.74
N CYS B 201 -10.10 14.38 25.70
CA CYS B 201 -8.93 13.59 26.06
C CYS B 201 -8.77 13.59 27.58
N ILE B 202 -9.06 12.45 28.21
CA ILE B 202 -8.84 12.29 29.64
C ILE B 202 -7.35 12.25 29.92
N ILE B 203 -6.91 12.97 30.93
CA ILE B 203 -5.49 13.01 31.31
C ILE B 203 -5.27 11.90 32.32
N THR B 204 -5.07 10.68 31.79
CA THR B 204 -4.56 9.54 32.57
C THR B 204 -3.80 8.63 31.60
N GLU B 205 -2.49 8.85 31.51
CA GLU B 205 -1.62 8.04 30.66
C GLU B 205 -0.31 7.85 31.39
N PHE B 206 0.08 6.60 31.58
CA PHE B 206 1.23 6.29 32.43
C PHE B 206 2.51 6.73 31.75
N ALA B 207 3.02 7.89 32.14
CA ALA B 207 4.22 8.45 31.54
C ALA B 207 5.46 7.90 32.22
N LYS B 208 6.47 7.60 31.42
CA LYS B 208 7.77 7.15 31.91
C LYS B 208 8.47 8.31 32.59
N SER B 209 8.48 8.31 33.92
CA SER B 209 8.98 9.44 34.67
C SER B 209 10.41 9.25 35.19
N GLN B 210 10.90 8.02 35.29
CA GLN B 210 12.26 7.80 35.74
C GLN B 210 12.68 6.37 35.43
N ASP B 211 13.99 6.17 35.28
CA ASP B 211 14.57 4.88 34.94
C ASP B 211 15.81 4.65 35.79
N LEU B 212 15.63 3.96 36.92
CA LEU B 212 16.78 3.54 37.70
C LEU B 212 17.46 2.36 37.01
N PRO B 213 18.74 2.12 37.29
CA PRO B 213 19.51 1.10 36.57
C PRO B 213 19.61 -0.28 37.22
N TYR B 214 19.04 -0.50 38.39
CA TYR B 214 19.32 -1.71 39.15
C TYR B 214 18.08 -2.60 39.31
N GLN B 215 18.34 -3.90 39.42
CA GLN B 215 17.29 -4.92 39.43
C GLN B 215 16.38 -4.75 40.63
N SER B 216 15.09 -5.06 40.44
CA SER B 216 14.08 -4.72 41.43
C SER B 216 13.03 -5.81 41.51
N LEU B 217 13.01 -6.54 42.62
CA LEU B 217 12.13 -7.69 42.81
C LEU B 217 10.93 -7.41 43.71
N SER B 218 11.00 -6.42 44.59
CA SER B 218 9.92 -6.19 45.55
C SER B 218 9.95 -4.74 46.01
N ILE B 219 8.82 -4.05 45.87
CA ILE B 219 8.73 -2.63 46.16
C ILE B 219 7.73 -2.42 47.28
N ASP B 220 7.95 -1.40 48.10
CA ASP B 220 7.08 -1.12 49.22
C ASP B 220 7.11 0.36 49.55
N THR B 221 6.11 0.79 50.33
CA THR B 221 6.00 2.16 50.80
C THR B 221 5.68 2.16 52.28
N PHE B 222 6.15 3.18 52.99
CA PHE B 222 5.86 3.30 54.40
C PHE B 222 6.04 4.74 54.85
N SER B 223 5.09 5.22 55.66
CA SER B 223 5.07 6.61 56.11
C SER B 223 5.86 6.74 57.40
N TYR B 224 7.15 7.03 57.27
CA TYR B 224 8.03 7.25 58.40
C TYR B 224 8.37 8.73 58.48
N LEU B 225 8.16 9.33 59.65
CA LEU B 225 8.30 10.77 59.83
C LEU B 225 7.46 11.52 58.79
N ASN B 226 6.25 11.02 58.56
CA ASN B 226 5.30 11.57 57.60
C ASN B 226 5.89 11.65 56.19
N ASP B 227 6.93 10.88 55.93
CA ASP B 227 7.57 10.80 54.63
C ASP B 227 7.38 9.39 54.09
N GLU B 228 6.80 9.29 52.89
CA GLU B 228 6.48 7.99 52.28
C GLU B 228 7.74 7.44 51.64
N TYR B 229 8.55 6.78 52.45
CA TYR B 229 9.77 6.18 51.94
C TYR B 229 9.46 4.88 51.19
N VAL B 230 10.35 4.54 50.25
CA VAL B 230 10.18 3.40 49.35
C VAL B 230 11.40 2.50 49.47
N VAL B 231 11.17 1.19 49.59
CA VAL B 231 12.24 0.21 49.70
C VAL B 231 12.24 -0.68 48.47
N ILE B 232 13.00 -0.31 47.44
CA ILE B 232 13.14 -1.16 46.27
C ILE B 232 14.26 -2.15 46.55
N ALA B 233 13.87 -3.39 46.87
CA ALA B 233 14.84 -4.43 47.12
C ALA B 233 15.58 -4.80 45.85
N GLN B 234 16.60 -5.61 46.01
CA GLN B 234 17.32 -6.06 44.84
C GLN B 234 17.63 -7.53 45.01
N PRO B 235 17.23 -8.37 44.07
CA PRO B 235 17.46 -9.80 44.23
C PRO B 235 18.88 -10.21 43.87
N PHE B 236 19.45 -9.56 42.87
CA PHE B 236 20.73 -10.01 42.35
C PHE B 236 21.91 -9.38 43.11
N THR B 237 21.89 -8.06 43.29
CA THR B 237 22.96 -7.40 44.01
C THR B 237 23.00 -7.86 45.47
N GLY B 238 21.92 -8.43 45.97
CA GLY B 238 21.89 -8.83 47.36
C GLY B 238 21.94 -7.65 48.31
N LYS B 239 21.23 -6.58 47.98
CA LYS B 239 21.24 -5.37 48.78
C LYS B 239 19.83 -4.84 48.89
N CYS B 240 19.47 -4.33 50.06
CA CYS B 240 18.15 -3.77 50.32
C CYS B 240 18.26 -2.26 50.21
N ILE B 241 17.93 -1.74 49.02
CA ILE B 241 18.03 -0.33 48.71
C ILE B 241 16.83 0.42 49.27
N PHE B 242 17.08 1.63 49.76
CA PHE B 242 16.04 2.53 50.24
C PHE B 242 15.92 3.72 49.30
N LEU B 243 14.71 4.27 49.20
CA LEU B 243 14.50 5.49 48.46
C LEU B 243 13.54 6.40 49.22
N GLU B 244 13.69 7.71 48.95
CA GLU B 244 12.92 8.74 49.61
C GLU B 244 12.50 9.78 48.58
N TRP B 245 11.39 10.45 48.86
CA TRP B 245 10.87 11.48 47.96
C TRP B 245 11.69 12.74 48.15
N ASP B 246 12.59 13.02 47.20
CA ASP B 246 13.41 14.22 47.27
C ASP B 246 12.55 15.43 46.92
N HIS B 247 12.50 16.40 47.83
CA HIS B 247 11.61 17.55 47.69
C HIS B 247 12.21 18.70 46.90
N VAL B 248 13.48 18.63 46.54
CA VAL B 248 14.17 19.75 45.90
C VAL B 248 14.29 19.56 44.38
N GLU B 249 14.74 18.39 43.92
CA GLU B 249 14.74 18.13 42.49
C GLU B 249 13.52 17.36 42.02
N LYS B 250 12.57 17.08 42.92
CA LYS B 250 11.41 16.25 42.61
C LYS B 250 11.83 14.87 42.10
N THR B 251 12.77 14.25 42.82
CA THR B 251 13.33 12.97 42.39
C THR B 251 13.40 11.99 43.55
N PHE B 252 14.12 10.87 43.35
CA PHE B 252 14.29 9.83 44.36
C PHE B 252 15.76 9.46 44.41
N ARG B 253 16.41 9.73 45.53
CA ARG B 253 17.83 9.46 45.72
C ARG B 253 18.04 8.41 46.80
N ASN B 254 19.26 7.91 46.88
CA ASN B 254 19.60 6.88 47.85
C ASN B 254 19.34 7.38 49.26
N TYR B 255 18.90 6.49 50.11
CA TYR B 255 18.51 6.79 51.49
C TYR B 255 19.21 5.88 52.51
N ASP B 256 19.37 4.59 52.20
CA ASP B 256 20.13 3.65 53.00
C ASP B 256 20.23 2.33 52.26
N ASN B 257 21.40 1.70 52.35
CA ASN B 257 21.67 0.43 51.67
C ASN B 257 21.86 -0.65 52.72
N ILE B 258 20.76 -1.29 53.11
CA ILE B 258 20.81 -2.39 54.06
C ILE B 258 21.54 -3.57 53.45
N THR B 259 22.46 -4.16 54.22
CA THR B 259 23.29 -5.25 53.73
C THR B 259 22.48 -6.55 53.69
N GLY B 260 23.16 -7.64 53.36
CA GLY B 260 22.55 -8.94 53.22
C GLY B 260 23.14 -9.66 52.03
N THR B 261 22.56 -10.81 51.70
CA THR B 261 23.01 -11.63 50.59
C THR B 261 21.80 -12.27 49.92
N SER B 262 21.62 -11.97 48.63
CA SER B 262 20.55 -12.55 47.82
C SER B 262 19.19 -12.42 48.50
N THR B 263 18.78 -11.18 48.69
CA THR B 263 17.49 -10.92 49.32
C THR B 263 16.34 -11.19 48.35
N VAL B 264 15.14 -11.29 48.91
CA VAL B 264 13.94 -11.49 48.13
C VAL B 264 12.96 -10.37 48.40
N VAL B 265 12.62 -10.17 49.66
CA VAL B 265 11.64 -9.17 50.03
C VAL B 265 12.13 -8.43 51.26
N CYS B 266 11.95 -7.11 51.26
CA CYS B 266 12.25 -6.24 52.38
C CYS B 266 10.95 -5.58 52.78
N LYS B 267 10.20 -6.21 53.68
CA LYS B 267 8.94 -5.60 54.09
C LYS B 267 9.21 -4.66 55.24
N PRO B 268 8.99 -3.37 55.10
CA PRO B 268 9.17 -2.47 56.25
C PRO B 268 7.87 -2.29 57.01
N ILE B 269 7.94 -2.37 58.33
CA ILE B 269 6.81 -2.16 59.20
C ILE B 269 7.17 -1.05 60.17
N VAL B 270 6.17 -0.31 60.63
CA VAL B 270 6.36 0.82 61.52
C VAL B 270 5.54 0.54 62.78
N ILE B 271 6.23 0.08 63.83
CA ILE B 271 5.59 -0.25 65.10
C ILE B 271 5.87 0.90 66.05
N GLU B 272 4.83 1.68 66.37
CA GLU B 272 4.95 2.82 67.27
C GLU B 272 6.06 3.76 66.80
N THR B 273 5.97 4.14 65.52
CA THR B 273 6.94 5.02 64.86
C THR B 273 8.36 4.48 64.93
N GLN B 274 8.51 3.19 65.19
CA GLN B 274 9.81 2.52 65.17
C GLN B 274 9.89 1.69 63.90
N LEU B 275 10.94 1.91 63.11
CA LEU B 275 11.04 1.34 61.77
C LEU B 275 11.74 -0.01 61.83
N TYR B 276 10.96 -1.09 61.78
CA TYR B 276 11.50 -2.44 61.71
C TYR B 276 11.40 -2.90 60.26
N VAL B 277 12.54 -3.03 59.61
CA VAL B 277 12.58 -3.62 58.28
C VAL B 277 12.78 -5.11 58.49
N ILE B 278 11.74 -5.90 58.19
CA ILE B 278 11.84 -7.34 58.25
C ILE B 278 12.31 -7.80 56.87
N VAL B 279 13.51 -8.37 56.83
CA VAL B 279 14.10 -8.85 55.59
C VAL B 279 14.00 -10.36 55.60
N ALA B 280 13.47 -10.91 54.53
CA ALA B 280 13.42 -12.35 54.34
C ALA B 280 14.30 -12.69 53.15
N GLN B 281 15.15 -13.69 53.32
CA GLN B 281 16.12 -14.02 52.29
C GLN B 281 16.18 -15.53 52.15
N LEU B 282 16.42 -15.96 50.91
CA LEU B 282 16.57 -17.40 50.66
C LEU B 282 17.78 -17.95 51.39
N PHE B 283 18.93 -17.32 51.20
CA PHE B 283 20.23 -17.90 51.55
C PHE B 283 20.83 -17.16 52.73
N GLY B 284 21.12 -17.89 53.80
CA GLY B 284 21.80 -17.31 54.95
C GLY B 284 20.92 -17.23 56.19
N GLY B 285 19.67 -16.84 56.01
CA GLY B 285 18.77 -16.67 57.12
C GLY B 285 18.15 -15.29 57.16
N SER B 286 16.86 -15.22 57.48
CA SER B 286 16.17 -13.94 57.49
C SER B 286 16.68 -13.09 58.65
N HIS B 287 16.24 -11.82 58.68
CA HIS B 287 16.60 -10.92 59.76
C HIS B 287 15.48 -9.91 59.97
N ILE B 288 15.58 -9.19 61.08
CA ILE B 288 14.73 -8.06 61.38
C ILE B 288 15.64 -6.94 61.87
N TYR B 289 15.79 -5.90 61.06
CA TYR B 289 16.58 -4.72 61.41
C TYR B 289 15.68 -3.62 61.94
N LYS B 290 16.31 -2.69 62.65
CA LYS B 290 15.62 -1.56 63.26
C LYS B 290 16.38 -0.29 62.94
N ARG B 291 15.62 0.78 62.69
CA ARG B 291 16.21 2.09 62.47
C ARG B 291 16.63 2.66 63.82
N ASP B 292 17.94 2.83 64.01
CA ASP B 292 18.48 3.36 65.26
C ASP B 292 18.40 4.87 65.20
N SER B 293 17.24 5.41 65.61
CA SER B 293 16.99 6.84 65.50
C SER B 293 18.04 7.65 66.24
N PHE B 294 18.67 7.08 67.26
CA PHE B 294 19.73 7.77 67.97
C PHE B 294 20.92 8.04 67.05
N ALA B 295 21.24 7.08 66.18
CA ALA B 295 22.27 7.27 65.17
C ALA B 295 21.70 7.37 63.76
N ASN B 296 20.38 7.31 63.61
CA ASN B 296 19.68 7.34 62.33
C ASN B 296 20.07 6.19 61.40
N LYS B 297 20.80 5.20 61.91
CA LYS B 297 21.27 4.09 61.10
C LYS B 297 20.37 2.88 61.34
N PHE B 298 20.76 1.74 60.77
CA PHE B 298 20.00 0.51 60.85
C PHE B 298 20.78 -0.53 61.64
N ILE B 299 20.13 -1.10 62.65
CA ILE B 299 20.73 -2.09 63.54
C ILE B 299 19.94 -3.39 63.41
N LYS B 300 20.66 -4.51 63.30
CA LYS B 300 20.05 -5.83 63.22
C LYS B 300 19.62 -6.26 64.61
N ILE B 301 18.32 -6.41 64.83
CA ILE B 301 17.80 -6.61 66.18
C ILE B 301 17.14 -7.96 66.39
N GLN B 302 16.90 -8.74 65.34
CA GLN B 302 16.26 -10.04 65.60
C GLN B 302 16.60 -11.02 64.48
N ASP B 303 17.37 -12.05 64.80
CA ASP B 303 17.50 -13.15 63.86
C ASP B 303 16.20 -13.94 63.81
N ILE B 304 16.02 -14.70 62.75
CA ILE B 304 14.82 -15.53 62.56
C ILE B 304 15.26 -16.95 62.27
N GLU B 305 14.61 -17.91 62.94
CA GLU B 305 14.97 -19.32 62.87
C GLU B 305 15.08 -19.79 61.44
N ILE B 306 16.28 -20.21 61.04
CA ILE B 306 16.48 -20.77 59.71
C ILE B 306 15.70 -22.07 59.53
N LEU B 307 15.29 -22.71 60.63
CA LEU B 307 14.61 -24.00 60.53
C LEU B 307 13.18 -23.83 60.02
N LYS B 308 12.35 -23.08 60.73
CA LYS B 308 10.95 -22.95 60.36
C LYS B 308 10.74 -22.04 59.15
N ILE B 309 11.74 -21.24 58.78
CA ILE B 309 11.66 -20.36 57.62
C ILE B 309 12.84 -20.67 56.72
N ARG B 310 12.58 -21.20 55.53
CA ARG B 310 13.64 -21.74 54.68
C ARG B 310 13.78 -21.00 53.35
N LYS B 311 12.70 -20.83 52.59
CA LYS B 311 12.75 -20.18 51.29
C LYS B 311 11.55 -19.26 51.12
N PRO B 312 11.50 -18.15 51.85
CA PRO B 312 10.33 -17.28 51.80
C PRO B 312 10.11 -16.65 50.44
N ASN B 313 8.84 -16.42 50.10
CA ASN B 313 8.50 -15.80 48.83
C ASN B 313 7.49 -14.67 48.90
N ASP B 314 6.74 -14.53 49.99
CA ASP B 314 5.93 -13.32 50.11
C ASP B 314 5.56 -13.11 51.57
N ILE B 315 6.11 -12.08 52.17
CA ILE B 315 5.69 -11.67 53.49
C ILE B 315 4.36 -10.92 53.38
N GLU B 316 3.62 -10.87 54.47
CA GLU B 316 2.41 -10.04 54.48
C GLU B 316 2.13 -9.61 55.92
N THR B 317 2.54 -8.39 56.26
CA THR B 317 2.24 -7.85 57.57
C THR B 317 0.78 -7.45 57.67
N PHE B 318 0.18 -7.67 58.83
CA PHE B 318 -1.19 -7.26 59.04
C PHE B 318 -1.40 -6.97 60.52
N LYS B 319 -2.42 -6.15 60.80
CA LYS B 319 -2.75 -5.74 62.15
C LYS B 319 -4.12 -6.28 62.50
N ILE B 320 -4.16 -7.20 63.47
CA ILE B 320 -5.40 -7.74 63.99
C ILE B 320 -5.35 -7.67 65.51
N GLU B 321 -6.43 -7.17 66.12
CA GLU B 321 -6.53 -7.01 67.57
C GLU B 321 -5.30 -6.28 68.13
N ASN B 322 -4.94 -5.17 67.51
CA ASN B 322 -3.83 -4.33 67.92
C ASN B 322 -2.50 -5.07 67.96
N ASN B 323 -2.39 -6.19 67.24
CA ASN B 323 -1.16 -6.94 67.15
C ASN B 323 -0.74 -7.08 65.70
N TRP B 324 0.56 -6.90 65.45
CA TRP B 324 1.11 -6.91 64.10
C TRP B 324 1.74 -8.26 63.84
N TYR B 325 1.03 -9.10 63.10
CA TYR B 325 1.54 -10.41 62.70
C TYR B 325 2.03 -10.34 61.27
N PHE B 326 3.21 -10.90 61.01
CA PHE B 326 3.73 -10.96 59.66
C PHE B 326 3.97 -12.42 59.28
N VAL B 327 3.32 -12.86 58.21
CA VAL B 327 3.42 -14.22 57.71
C VAL B 327 4.69 -14.33 56.88
N VAL B 328 5.18 -15.56 56.70
CA VAL B 328 6.37 -15.81 55.89
C VAL B 328 6.05 -16.99 55.00
N ALA B 329 5.61 -16.73 53.78
CA ALA B 329 5.23 -17.84 52.91
C ALA B 329 6.44 -18.59 52.41
N ASP B 330 6.61 -19.83 52.88
CA ASP B 330 7.71 -20.68 52.43
C ASP B 330 7.47 -21.16 51.02
N SER B 331 8.51 -21.76 50.46
CA SER B 331 8.45 -22.50 49.20
C SER B 331 9.19 -23.82 49.34
N SER B 332 8.94 -24.54 50.42
CA SER B 332 9.56 -25.84 50.62
C SER B 332 8.67 -26.69 51.51
N LYS B 333 8.88 -28.00 51.46
CA LYS B 333 8.09 -28.92 52.25
C LYS B 333 8.43 -28.81 53.73
N ALA B 334 9.72 -28.66 54.03
CA ALA B 334 10.14 -28.66 55.43
C ALA B 334 9.61 -27.44 56.16
N GLY B 335 9.81 -26.26 55.60
CA GLY B 335 9.36 -25.05 56.26
C GLY B 335 7.85 -24.89 56.23
N PHE B 336 7.38 -23.93 57.01
CA PHE B 336 5.95 -23.66 57.11
C PHE B 336 5.72 -22.15 57.10
N THR B 337 4.51 -21.76 56.69
CA THR B 337 4.16 -20.34 56.59
C THR B 337 3.81 -19.86 57.99
N THR B 338 4.81 -19.86 58.86
CA THR B 338 4.60 -19.63 60.28
C THR B 338 4.34 -18.15 60.54
N ILE B 339 3.10 -17.83 60.89
CA ILE B 339 2.77 -16.48 61.31
C ILE B 339 3.62 -16.11 62.51
N TYR B 340 4.47 -15.12 62.36
CA TYR B 340 5.16 -14.56 63.51
C TYR B 340 4.28 -13.50 64.15
N LYS B 341 4.65 -13.06 65.36
CA LYS B 341 3.77 -12.23 66.15
C LYS B 341 4.55 -11.14 66.88
N TRP B 342 3.95 -9.97 66.97
CA TRP B 342 4.46 -8.88 67.80
C TRP B 342 3.89 -8.99 69.20
N ASN B 343 4.75 -9.29 70.18
CA ASN B 343 4.31 -9.43 71.57
C ASN B 343 5.03 -8.46 72.50
N GLY B 344 5.09 -7.19 72.10
CA GLY B 344 5.61 -6.12 72.93
C GLY B 344 7.06 -5.77 72.68
N ASN B 345 7.93 -6.77 72.63
CA ASN B 345 9.34 -6.54 72.35
C ASN B 345 9.70 -6.87 70.91
N GLY B 346 9.21 -7.98 70.39
CA GLY B 346 9.55 -8.40 69.05
C GLY B 346 8.57 -9.36 68.45
N PHE B 347 9.06 -10.17 67.51
CA PHE B 347 8.26 -11.13 66.77
C PHE B 347 8.69 -12.54 67.19
N TYR B 348 7.73 -13.35 67.60
CA TYR B 348 7.93 -14.75 67.89
C TYR B 348 6.83 -15.59 67.24
N SER B 349 7.21 -16.80 66.85
CA SER B 349 6.36 -17.60 65.98
C SER B 349 5.05 -17.98 66.65
N HIS B 350 3.98 -18.09 65.86
CA HIS B 350 2.67 -18.44 66.38
C HIS B 350 2.13 -19.74 65.78
N GLN B 351 2.01 -19.85 64.47
CA GLN B 351 1.35 -21.00 63.87
C GLN B 351 2.20 -21.64 62.79
N SER B 352 1.65 -22.59 62.04
CA SER B 352 2.37 -23.12 60.88
C SER B 352 1.55 -23.33 59.61
N LEU B 353 0.22 -23.36 59.67
CA LEU B 353 -0.60 -23.46 58.44
C LEU B 353 -0.20 -24.74 57.70
N HIS B 354 -0.04 -24.68 56.37
CA HIS B 354 0.29 -25.88 55.60
C HIS B 354 1.49 -26.61 56.16
N ALA B 355 1.44 -27.94 56.05
CA ALA B 355 2.55 -28.80 56.37
C ALA B 355 2.97 -29.55 55.11
N TRP B 356 4.27 -29.53 54.82
CA TRP B 356 4.86 -30.26 53.70
C TRP B 356 4.18 -29.90 52.37
N TYR B 357 3.97 -28.62 52.12
CA TYR B 357 3.53 -28.13 50.82
C TYR B 357 4.53 -27.11 50.29
N ARG B 358 4.53 -26.95 48.97
CA ARG B 358 5.41 -25.99 48.31
C ARG B 358 4.66 -24.70 48.01
N ASP B 359 4.33 -23.98 49.07
CA ASP B 359 3.63 -22.70 48.91
C ASP B 359 4.47 -21.74 48.08
N THR B 360 3.78 -20.80 47.44
CA THR B 360 4.46 -19.75 46.70
C THR B 360 3.92 -18.37 47.00
N ASP B 361 2.76 -18.24 47.62
CA ASP B 361 2.37 -16.89 48.00
C ASP B 361 1.39 -16.96 49.16
N VAL B 362 1.38 -15.91 49.97
CA VAL B 362 0.39 -15.72 51.02
C VAL B 362 -0.18 -14.32 50.89
N GLU B 363 -1.49 -14.20 51.06
CA GLU B 363 -2.14 -12.90 50.94
C GLU B 363 -3.10 -12.70 52.09
N TYR B 364 -2.88 -11.64 52.88
CA TYR B 364 -3.82 -11.35 53.93
C TYR B 364 -5.16 -10.96 53.33
N LEU B 365 -6.20 -11.10 54.13
CA LEU B 365 -7.54 -10.77 53.68
C LEU B 365 -8.37 -10.44 54.91
N GLU B 366 -9.40 -9.64 54.71
CA GLU B 366 -10.38 -9.40 55.78
C GLU B 366 -11.76 -9.38 55.13
N ILE B 367 -12.52 -10.45 55.34
CA ILE B 367 -13.76 -10.64 54.62
C ILE B 367 -14.88 -11.00 55.61
N VAL B 368 -16.05 -11.25 55.06
CA VAL B 368 -17.27 -11.47 55.84
C VAL B 368 -17.85 -12.83 55.50
N ARG B 369 -18.58 -13.39 56.46
CA ARG B 369 -19.34 -14.61 56.25
C ARG B 369 -20.81 -14.25 56.11
N THR B 370 -21.56 -15.13 55.45
CA THR B 370 -22.98 -14.85 55.24
C THR B 370 -23.76 -14.73 56.55
N PRO B 371 -23.64 -15.67 57.52
CA PRO B 371 -24.27 -15.43 58.83
C PRO B 371 -23.48 -14.43 59.66
N GLN B 372 -22.16 -14.58 59.64
CA GLN B 372 -21.26 -13.70 60.40
C GLN B 372 -20.82 -12.57 59.50
N THR B 373 -21.63 -11.52 59.44
CA THR B 373 -21.39 -10.40 58.52
C THR B 373 -20.22 -9.52 58.93
N LEU B 374 -19.65 -9.73 60.11
CA LEU B 374 -18.53 -8.92 60.54
C LEU B 374 -17.25 -9.32 59.81
N ARG B 375 -16.31 -8.39 59.76
CA ARG B 375 -15.02 -8.63 59.11
C ARG B 375 -14.15 -9.50 60.01
N THR B 376 -13.53 -10.52 59.40
CA THR B 376 -12.59 -11.41 60.06
C THR B 376 -11.43 -11.66 59.11
N PRO B 377 -10.23 -11.92 59.64
CA PRO B 377 -9.07 -12.12 58.78
C PRO B 377 -9.10 -13.47 58.09
N HIS B 378 -8.25 -13.60 57.07
CA HIS B 378 -8.16 -14.83 56.29
C HIS B 378 -6.85 -14.80 55.52
N LEU B 379 -6.05 -15.86 55.64
CA LEU B 379 -4.83 -15.99 54.86
C LEU B 379 -5.11 -16.84 53.64
N ILE B 380 -4.87 -16.30 52.46
CA ILE B 380 -5.03 -17.06 51.23
C ILE B 380 -3.66 -17.57 50.82
N LEU B 381 -3.47 -18.88 50.91
CA LEU B 381 -2.21 -19.53 50.52
C LEU B 381 -2.31 -20.02 49.09
N SER B 382 -1.58 -19.38 48.19
CA SER B 382 -1.43 -19.85 46.82
C SER B 382 -0.30 -20.85 46.82
N SER B 383 -0.63 -22.13 46.90
CA SER B 383 0.36 -23.20 46.89
C SER B 383 0.66 -23.58 45.44
N SER B 384 1.42 -24.66 45.26
CA SER B 384 1.86 -25.09 43.94
C SER B 384 1.32 -26.47 43.64
N SER B 385 0.69 -26.60 42.47
CA SER B 385 0.14 -27.86 41.97
C SER B 385 -1.13 -28.27 42.73
N GLN B 386 -1.48 -27.53 43.77
CA GLN B 386 -2.70 -27.76 44.53
C GLN B 386 -3.55 -26.50 44.52
N ARG B 387 -4.53 -26.51 45.25
CA ARG B 387 -5.45 -25.38 45.19
C ARG B 387 -5.11 -24.37 46.28
N PRO B 388 -5.36 -23.09 46.01
CA PRO B 388 -5.24 -22.09 47.07
C PRO B 388 -6.16 -22.42 48.23
N VAL B 389 -5.70 -22.10 49.44
CA VAL B 389 -6.41 -22.48 50.66
C VAL B 389 -6.69 -21.24 51.49
N ILE B 390 -7.93 -21.09 51.93
CA ILE B 390 -8.38 -19.90 52.66
C ILE B 390 -8.41 -20.25 54.14
N TYR B 391 -7.29 -20.06 54.83
CA TYR B 391 -7.24 -20.33 56.25
C TYR B 391 -7.91 -19.19 57.02
N GLN B 392 -8.76 -19.55 57.98
CA GLN B 392 -9.54 -18.57 58.73
C GLN B 392 -9.03 -18.50 60.16
N TRP B 393 -9.11 -17.30 60.73
CA TRP B 393 -8.59 -17.00 62.05
C TRP B 393 -9.71 -16.98 63.07
N ASN B 394 -9.57 -17.78 64.12
CA ASN B 394 -10.49 -17.75 65.26
C ASN B 394 -9.83 -16.97 66.38
N LYS B 395 -10.51 -15.94 66.87
CA LYS B 395 -9.91 -15.05 67.85
C LYS B 395 -9.59 -15.78 69.15
N ALA B 396 -10.49 -16.65 69.59
CA ALA B 396 -10.30 -17.36 70.85
C ALA B 396 -9.10 -18.31 70.76
N THR B 397 -9.06 -19.15 69.72
CA THR B 397 -7.95 -20.08 69.59
C THR B 397 -6.63 -19.37 69.32
N GLN B 398 -6.67 -18.26 68.58
CA GLN B 398 -5.52 -17.51 68.10
C GLN B 398 -4.71 -18.27 67.05
N LEU B 399 -5.21 -19.40 66.57
CA LEU B 399 -4.62 -20.14 65.46
C LEU B 399 -5.53 -20.00 64.24
N PHE B 400 -5.09 -20.57 63.13
CA PHE B 400 -5.83 -20.53 61.87
C PHE B 400 -6.35 -21.93 61.54
N THR B 401 -7.64 -22.00 61.21
CA THR B 401 -8.31 -23.25 60.90
C THR B 401 -9.29 -23.06 59.74
N ASN B 402 -10.18 -24.03 59.55
CA ASN B 402 -11.20 -23.99 58.50
C ASN B 402 -10.58 -23.93 57.11
N GLN B 403 -9.73 -24.92 56.84
CA GLN B 403 -9.11 -25.09 55.53
C GLN B 403 -10.18 -25.45 54.51
N THR B 404 -10.55 -24.50 53.66
CA THR B 404 -11.49 -24.74 52.57
C THR B 404 -10.83 -24.39 51.25
N ASP B 405 -10.71 -25.38 50.38
CA ASP B 405 -9.95 -25.19 49.16
C ASP B 405 -10.72 -24.30 48.18
N ILE B 406 -10.17 -24.16 46.97
CA ILE B 406 -10.85 -23.48 45.89
C ILE B 406 -10.93 -24.43 44.71
N PRO B 407 -12.06 -25.13 44.53
CA PRO B 407 -12.10 -26.23 43.55
C PRO B 407 -11.82 -25.82 42.12
N ASN B 408 -12.23 -24.61 41.73
CA ASN B 408 -12.17 -24.22 40.33
C ASN B 408 -10.73 -24.17 39.81
N MET B 409 -9.82 -23.60 40.60
CA MET B 409 -8.45 -23.38 40.18
C MET B 409 -7.57 -24.57 40.53
N GLU B 410 -6.46 -24.69 39.83
CA GLU B 410 -5.57 -25.82 40.03
C GLU B 410 -4.14 -25.42 40.36
N ASP B 411 -3.64 -24.33 39.77
CA ASP B 411 -2.30 -23.85 40.09
C ASP B 411 -2.29 -22.34 39.93
N VAL B 412 -2.04 -21.61 41.01
CA VAL B 412 -2.02 -20.15 40.96
C VAL B 412 -0.83 -19.65 41.75
N TYR B 413 0.00 -18.83 41.11
CA TYR B 413 1.20 -18.35 41.78
C TYR B 413 0.88 -17.45 42.95
N ALA B 414 -0.19 -16.67 42.88
CA ALA B 414 -0.47 -15.70 43.94
C ALA B 414 -1.91 -15.24 43.86
N VAL B 415 -2.50 -14.99 45.01
CA VAL B 415 -3.83 -14.42 45.06
C VAL B 415 -3.78 -13.01 45.60
N LYS B 416 -3.62 -12.04 44.71
CA LYS B 416 -3.69 -10.65 45.13
C LYS B 416 -5.13 -10.25 45.32
N HIS B 417 -5.40 -9.47 46.36
CA HIS B 417 -6.76 -9.10 46.69
C HIS B 417 -6.98 -7.61 46.50
N PHE B 418 -8.25 -7.23 46.44
CA PHE B 418 -8.67 -5.85 46.28
C PHE B 418 -10.18 -5.82 46.41
N SER B 419 -10.71 -4.68 46.83
CA SER B 419 -12.16 -4.53 46.98
C SER B 419 -12.53 -3.10 46.66
N VAL B 420 -12.91 -2.85 45.41
CA VAL B 420 -13.45 -1.54 45.05
C VAL B 420 -14.94 -1.48 45.28
N LYS B 421 -15.64 -2.60 45.13
CA LYS B 421 -17.07 -2.67 45.39
C LYS B 421 -17.30 -3.07 46.84
N GLY B 422 -18.54 -3.43 47.17
CA GLY B 422 -18.85 -3.78 48.55
C GLY B 422 -18.08 -4.99 49.04
N ASP B 423 -17.98 -6.02 48.23
CA ASP B 423 -17.31 -7.26 48.61
C ASP B 423 -15.85 -7.24 48.16
N VAL B 424 -15.14 -8.31 48.48
CA VAL B 424 -13.70 -8.39 48.28
C VAL B 424 -13.43 -9.36 47.13
N TYR B 425 -12.97 -8.81 46.01
CA TYR B 425 -12.57 -9.63 44.87
C TYR B 425 -11.16 -10.18 45.10
N ILE B 426 -10.80 -11.19 44.31
CA ILE B 426 -9.46 -11.76 44.35
C ILE B 426 -8.98 -11.99 42.93
N CYS B 427 -7.76 -11.55 42.65
CA CYS B 427 -7.19 -11.48 41.31
C CYS B 427 -6.07 -12.50 41.18
N LEU B 428 -6.44 -13.73 40.82
CA LEU B 428 -5.48 -14.82 40.83
C LEU B 428 -4.48 -14.66 39.69
N THR B 429 -3.55 -15.61 39.59
CA THR B 429 -2.45 -15.50 38.64
C THR B 429 -2.18 -16.87 38.03
N ARG B 430 -1.36 -16.90 36.99
CA ARG B 430 -0.97 -18.12 36.31
C ARG B 430 0.21 -17.85 35.40
N PHE B 431 1.27 -18.66 35.47
CA PHE B 431 2.45 -18.28 34.71
C PHE B 431 2.28 -18.50 33.21
N ILE B 432 1.54 -19.54 32.79
CA ILE B 432 1.09 -19.67 31.42
C ILE B 432 -0.33 -20.21 31.43
N GLY B 433 -1.28 -19.42 30.98
CA GLY B 433 -2.66 -19.83 31.01
C GLY B 433 -3.56 -18.61 31.16
N ASP B 434 -4.59 -18.76 31.99
CA ASP B 434 -5.60 -17.74 32.18
C ASP B 434 -5.80 -17.46 33.67
N SER B 435 -5.83 -16.19 34.01
CA SER B 435 -5.97 -15.73 35.39
C SER B 435 -7.37 -15.20 35.60
N LYS B 436 -8.02 -15.63 36.67
CA LYS B 436 -9.46 -15.43 36.84
C LYS B 436 -9.75 -14.44 37.96
N VAL B 437 -10.10 -13.21 37.61
CA VAL B 437 -10.74 -12.34 38.59
C VAL B 437 -11.99 -13.02 39.10
N MET B 438 -12.04 -13.28 40.39
CA MET B 438 -13.17 -13.94 41.04
C MET B 438 -13.69 -13.06 42.16
N LYS B 439 -14.95 -13.28 42.52
CA LYS B 439 -15.61 -12.41 43.49
C LYS B 439 -16.20 -13.24 44.62
N TRP B 440 -15.92 -12.83 45.85
CA TRP B 440 -16.56 -13.44 47.01
C TRP B 440 -18.02 -13.02 47.07
N GLY B 441 -18.85 -13.91 47.60
CA GLY B 441 -20.26 -13.62 47.71
C GLY B 441 -20.87 -14.16 48.99
N GLY B 442 -20.03 -14.70 49.87
CA GLY B 442 -20.47 -15.30 51.12
C GLY B 442 -20.21 -16.79 51.20
N SER B 443 -19.97 -17.45 50.08
CA SER B 443 -19.69 -18.88 50.07
C SER B 443 -18.39 -19.24 49.36
N SER B 444 -18.09 -18.59 48.25
CA SER B 444 -16.90 -18.92 47.46
C SER B 444 -16.67 -17.78 46.48
N PHE B 445 -15.76 -17.99 45.54
CA PHE B 445 -15.37 -17.00 44.54
C PHE B 445 -15.86 -17.50 43.17
N GLN B 446 -17.05 -17.07 42.79
CA GLN B 446 -17.56 -17.39 41.46
C GLN B 446 -16.66 -16.78 40.40
N ASP B 447 -16.42 -17.55 39.33
CA ASP B 447 -15.63 -17.04 38.22
C ASP B 447 -16.27 -15.77 37.67
N ILE B 448 -15.45 -14.75 37.42
CA ILE B 448 -16.01 -13.50 36.94
C ILE B 448 -15.37 -13.10 35.61
N GLN B 449 -14.05 -13.17 35.51
CA GLN B 449 -13.44 -12.75 34.25
C GLN B 449 -12.07 -13.39 34.08
N ALA B 450 -11.87 -14.10 32.97
CA ALA B 450 -10.63 -14.80 32.70
C ALA B 450 -9.79 -14.02 31.69
N MET B 451 -8.55 -13.63 32.10
CA MET B 451 -7.59 -12.89 31.29
C MET B 451 -6.46 -13.79 30.82
N PRO B 452 -5.85 -13.48 29.68
CA PRO B 452 -4.79 -14.36 29.15
C PRO B 452 -3.42 -14.08 29.74
N SER B 453 -2.85 -15.08 30.39
CA SER B 453 -1.52 -15.00 30.98
C SER B 453 -0.53 -15.64 30.01
N ARG B 454 0.02 -14.83 29.11
CA ARG B 454 1.04 -15.29 28.17
C ARG B 454 2.43 -14.98 28.72
N GLY B 455 2.69 -15.51 29.89
CA GLY B 455 3.89 -15.23 30.63
C GLY B 455 3.69 -14.39 31.87
N SER B 456 2.46 -14.31 32.38
CA SER B 456 2.19 -13.50 33.54
C SER B 456 2.92 -14.02 34.76
N MET B 457 3.36 -13.11 35.60
CA MET B 457 3.88 -13.51 36.91
C MET B 457 3.36 -12.65 38.06
N VAL B 458 2.91 -11.43 37.81
CA VAL B 458 2.39 -10.54 38.85
C VAL B 458 1.10 -9.92 38.35
N PHE B 459 0.09 -9.90 39.21
CA PHE B 459 -1.23 -9.41 38.80
C PHE B 459 -1.69 -8.32 39.74
N GLN B 460 -0.86 -7.32 39.94
CA GLN B 460 -1.07 -6.34 41.01
C GLN B 460 -2.32 -5.52 40.77
N PRO B 461 -3.35 -5.64 41.59
CA PRO B 461 -4.55 -4.81 41.46
C PRO B 461 -4.46 -3.56 42.32
N LEU B 462 -3.65 -2.61 41.87
CA LEU B 462 -3.46 -1.37 42.62
C LEU B 462 -4.66 -0.45 42.43
N GLN B 463 -4.69 0.60 43.25
CA GLN B 463 -5.84 1.52 43.30
C GLN B 463 -5.32 2.95 43.29
N ILE B 464 -5.56 3.67 42.20
CA ILE B 464 -5.18 5.07 42.08
C ILE B 464 -6.42 5.89 41.79
N ASN B 465 -6.67 6.91 42.62
CA ASN B 465 -7.75 7.87 42.42
C ASN B 465 -9.09 7.15 42.25
N ASN B 466 -9.34 6.16 43.10
CA ASN B 466 -10.58 5.39 43.12
C ASN B 466 -10.78 4.58 41.84
N TYR B 467 -9.72 4.38 41.07
CA TYR B 467 -9.74 3.52 39.89
C TYR B 467 -8.80 2.35 40.10
N GLN B 468 -9.32 1.15 39.94
CA GLN B 468 -8.49 -0.06 40.05
C GLN B 468 -7.73 -0.28 38.75
N TYR B 469 -6.43 -0.48 38.85
CA TYR B 469 -5.59 -0.86 37.73
C TYR B 469 -5.01 -2.23 38.05
N ALA B 470 -5.35 -3.23 37.26
CA ALA B 470 -4.84 -4.58 37.48
C ALA B 470 -3.67 -4.83 36.53
N ILE B 471 -2.51 -4.36 36.95
CA ILE B 471 -1.31 -4.55 36.16
C ILE B 471 -0.96 -6.02 36.11
N LEU B 472 -1.14 -6.64 34.94
CA LEU B 472 -0.74 -8.02 34.73
C LEU B 472 0.59 -8.05 33.99
N GLY B 473 1.63 -8.48 34.67
CA GLY B 473 2.93 -8.55 34.03
C GLY B 473 2.95 -9.61 32.94
N SER B 474 4.03 -9.59 32.16
CA SER B 474 4.21 -10.60 31.12
C SER B 474 5.68 -10.61 30.74
N ASP B 475 6.38 -11.71 31.04
CA ASP B 475 7.77 -11.83 30.66
C ASP B 475 7.94 -11.90 29.15
N TYR B 476 6.90 -12.34 28.45
CA TYR B 476 6.97 -12.55 27.00
C TYR B 476 6.29 -11.45 26.21
N SER B 477 5.25 -10.86 26.74
CA SER B 477 4.50 -9.80 26.08
C SER B 477 4.77 -8.47 26.78
N PHE B 478 4.04 -7.44 26.37
CA PHE B 478 4.10 -6.17 27.05
C PHE B 478 3.09 -6.14 28.20
N THR B 479 3.42 -5.37 29.24
CA THR B 479 2.66 -5.44 30.48
C THR B 479 1.30 -4.79 30.29
N GLN B 480 0.26 -5.61 30.25
CA GLN B 480 -1.06 -5.21 29.80
C GLN B 480 -1.84 -4.60 30.95
N VAL B 481 -1.62 -3.30 31.19
CA VAL B 481 -2.27 -2.59 32.28
C VAL B 481 -3.75 -2.40 31.95
N TYR B 482 -4.62 -2.89 32.82
CA TYR B 482 -6.06 -2.82 32.64
C TYR B 482 -6.63 -1.63 33.38
N ASN B 483 -7.96 -1.58 33.45
CA ASN B 483 -8.69 -0.52 34.12
C ASN B 483 -10.03 -1.09 34.56
N TRP B 484 -10.54 -0.60 35.67
CA TRP B 484 -11.75 -1.15 36.28
C TRP B 484 -12.95 -0.48 35.65
N ASP B 485 -13.64 -1.20 34.76
CA ASP B 485 -14.88 -0.71 34.18
C ASP B 485 -16.00 -1.00 35.17
N ALA B 486 -16.41 0.03 35.91
CA ALA B 486 -17.30 -0.17 37.06
C ALA B 486 -18.64 -0.77 36.64
N GLU B 487 -19.22 -0.27 35.54
CA GLU B 487 -20.53 -0.74 35.13
C GLU B 487 -20.51 -2.21 34.73
N LYS B 488 -19.47 -2.63 34.01
CA LYS B 488 -19.34 -4.01 33.58
C LYS B 488 -18.56 -4.88 34.56
N ALA B 489 -17.97 -4.29 35.59
CA ALA B 489 -17.18 -5.02 36.58
C ALA B 489 -16.08 -5.83 35.90
N LYS B 490 -15.41 -5.20 34.94
CA LYS B 490 -14.44 -5.90 34.10
C LYS B 490 -13.17 -5.06 33.97
N PHE B 491 -12.04 -5.76 33.85
CA PHE B 491 -10.73 -5.12 33.68
C PHE B 491 -10.41 -5.06 32.20
N VAL B 492 -10.94 -4.05 31.52
CA VAL B 492 -10.70 -3.88 30.09
C VAL B 492 -9.32 -3.27 29.88
N LYS B 493 -8.78 -3.45 28.69
CA LYS B 493 -7.41 -3.01 28.41
C LYS B 493 -7.31 -1.50 28.53
N PHE B 494 -6.17 -1.05 29.03
CA PHE B 494 -5.91 0.39 29.18
C PHE B 494 -4.56 0.85 28.65
N GLN B 495 -3.52 0.02 28.69
CA GLN B 495 -2.20 0.43 28.23
C GLN B 495 -1.32 -0.81 28.15
N GLU B 496 -0.18 -0.68 27.47
CA GLU B 496 0.85 -1.72 27.42
C GLU B 496 2.18 -1.11 27.82
N LEU B 497 2.46 -1.12 29.12
CA LEU B 497 3.71 -0.58 29.59
C LEU B 497 4.87 -1.47 29.17
N ASN B 498 6.02 -0.85 28.95
CA ASN B 498 7.26 -1.53 28.58
C ASN B 498 8.04 -1.83 29.85
N VAL B 499 7.94 -3.07 30.34
CA VAL B 499 8.73 -3.54 31.47
C VAL B 499 9.39 -4.84 31.07
N GLN B 500 10.69 -4.97 31.32
CA GLN B 500 11.45 -6.09 30.79
C GLN B 500 10.94 -7.42 31.33
N ALA B 501 10.73 -7.50 32.64
CA ALA B 501 10.27 -8.74 33.26
C ALA B 501 9.61 -8.41 34.59
N PRO B 502 8.29 -8.21 34.61
CA PRO B 502 7.63 -7.69 35.81
C PRO B 502 7.73 -8.65 36.98
N ARG B 503 7.85 -8.08 38.18
CA ARG B 503 7.71 -8.87 39.40
C ARG B 503 6.88 -8.21 40.48
N SER B 504 6.72 -6.89 40.49
CA SER B 504 5.93 -6.23 41.51
C SER B 504 5.66 -4.78 41.14
N PHE B 505 4.42 -4.33 41.31
CA PHE B 505 4.02 -2.97 40.99
C PHE B 505 3.43 -2.32 42.24
N THR B 506 3.80 -1.07 42.48
CA THR B 506 3.41 -0.41 43.72
C THR B 506 2.98 1.02 43.47
N HIS B 507 1.88 1.42 44.12
CA HIS B 507 1.33 2.76 44.06
C HIS B 507 1.74 3.60 45.26
N VAL B 508 1.99 4.89 45.02
CA VAL B 508 2.33 5.81 46.10
C VAL B 508 1.72 7.18 45.80
N SER B 509 1.11 7.79 46.82
CA SER B 509 0.52 9.12 46.70
C SER B 509 1.43 10.14 47.37
N ILE B 510 2.26 10.80 46.58
CA ILE B 510 3.21 11.81 47.08
C ILE B 510 2.77 13.18 46.60
N ASN B 511 2.48 14.07 47.56
CA ASN B 511 2.18 15.47 47.28
C ASN B 511 1.08 15.61 46.23
N LYS B 512 0.09 14.72 46.30
CA LYS B 512 -0.97 14.62 45.30
C LYS B 512 -0.37 14.49 43.90
N ARG B 513 0.69 13.70 43.79
CA ARG B 513 1.29 13.31 42.52
C ARG B 513 1.50 11.80 42.59
N ASN B 514 0.59 11.05 42.00
CA ASN B 514 0.58 9.60 42.15
C ASN B 514 1.66 8.95 41.30
N PHE B 515 2.42 8.05 41.93
CA PHE B 515 3.53 7.34 41.30
C PHE B 515 3.24 5.85 41.28
N LEU B 516 3.87 5.17 40.33
CA LEU B 516 3.78 3.73 40.14
C LEU B 516 5.20 3.19 40.00
N PHE B 517 5.69 2.51 41.02
CA PHE B 517 7.10 2.11 41.06
C PHE B 517 7.31 0.76 40.39
N ALA B 518 7.08 0.70 39.08
CA ALA B 518 7.15 -0.59 38.40
C ALA B 518 8.54 -1.15 38.52
N SER B 519 8.63 -2.42 38.85
CA SER B 519 9.92 -3.09 38.96
C SER B 519 10.05 -4.12 37.84
N SER B 520 11.20 -4.77 37.79
CA SER B 520 11.44 -5.78 36.77
C SER B 520 12.50 -6.73 37.27
N PHE B 521 12.52 -7.92 36.72
CA PHE B 521 13.39 -8.97 37.22
C PHE B 521 14.70 -9.05 36.46
N LYS B 522 14.66 -9.11 35.14
CA LYS B 522 15.88 -9.28 34.34
C LYS B 522 16.47 -7.97 33.83
N GLY B 523 15.63 -7.00 33.50
CA GLY B 523 16.08 -5.73 32.96
C GLY B 523 16.12 -4.65 34.02
N ASN B 524 15.66 -3.46 33.64
CA ASN B 524 15.70 -2.28 34.49
C ASN B 524 14.35 -2.02 35.13
N THR B 525 14.37 -1.46 36.34
CA THR B 525 13.16 -0.95 36.93
C THR B 525 12.75 0.36 36.27
N GLN B 526 11.48 0.73 36.45
CA GLN B 526 10.96 1.94 35.83
C GLN B 526 9.92 2.56 36.75
N ILE B 527 10.05 3.86 37.01
CA ILE B 527 9.13 4.56 37.89
C ILE B 527 8.27 5.47 37.04
N TYR B 528 6.96 5.21 37.03
CA TYR B 528 6.03 5.95 36.20
C TYR B 528 5.24 6.94 37.05
N LYS B 529 4.71 7.97 36.39
CA LYS B 529 3.89 8.98 37.03
C LYS B 529 2.51 8.98 36.41
N HIS B 530 1.48 8.82 37.23
CA HIS B 530 0.11 8.84 36.74
C HIS B 530 -0.36 10.28 36.63
N VAL B 531 -0.89 10.65 35.46
CA VAL B 531 -1.35 12.01 35.22
C VAL B 531 -2.87 12.07 35.25
N ASN C 1 2.87 78.47 6.80
CA ASN C 1 1.97 79.37 7.52
C ASN C 1 0.87 78.58 8.24
N VAL C 2 -0.20 79.29 8.60
CA VAL C 2 -1.31 78.64 9.29
C VAL C 2 -1.99 77.62 8.37
N GLU C 3 -2.11 77.94 7.08
CA GLU C 3 -2.70 77.00 6.13
C GLU C 3 -1.83 75.75 5.98
N GLU C 4 -0.50 75.93 5.91
CA GLU C 4 0.40 74.81 5.73
C GLU C 4 0.49 73.94 6.98
N GLU C 5 0.11 74.46 8.14
CA GLU C 5 0.14 73.67 9.37
C GLU C 5 -0.86 72.52 9.28
N THR C 6 -0.54 71.44 9.98
CA THR C 6 -1.38 70.24 9.97
C THR C 6 -2.57 70.45 10.88
N LYS C 7 -3.75 70.61 10.30
CA LYS C 7 -4.98 70.73 11.07
C LYS C 7 -5.37 69.39 11.66
N TYR C 8 -5.97 69.43 12.84
CA TYR C 8 -6.44 68.22 13.53
C TYR C 8 -7.89 68.46 13.95
N ILE C 9 -8.82 67.91 13.17
CA ILE C 9 -10.25 68.07 13.42
C ILE C 9 -10.70 66.95 14.36
N GLU C 10 -11.08 67.31 15.58
CA GLU C 10 -11.55 66.34 16.56
C GLU C 10 -13.00 66.01 16.27
N LEU C 11 -13.23 64.85 15.65
CA LEU C 11 -14.56 64.43 15.25
C LEU C 11 -15.06 63.34 16.19
N MET C 12 -16.35 63.44 16.54
CA MET C 12 -17.03 62.40 17.30
C MET C 12 -18.28 61.99 16.52
N ILE C 13 -18.52 60.69 16.45
CA ILE C 13 -19.58 60.11 15.64
C ILE C 13 -20.71 59.66 16.55
N VAL C 14 -21.92 60.06 16.21
CA VAL C 14 -23.14 59.61 16.87
C VAL C 14 -23.86 58.65 15.94
N ASN C 15 -24.18 57.46 16.45
CA ASN C 15 -24.75 56.39 15.63
C ASN C 15 -26.10 55.99 16.19
N ASP C 16 -27.09 55.86 15.31
CA ASP C 16 -28.42 55.46 15.74
C ASP C 16 -28.53 53.94 15.68
N HIS C 17 -29.71 53.42 16.04
CA HIS C 17 -29.92 51.99 16.18
C HIS C 17 -30.27 51.29 14.88
N LEU C 18 -30.65 52.02 13.83
CA LEU C 18 -31.04 51.37 12.58
C LEU C 18 -29.87 50.62 11.97
N MET C 19 -28.74 51.29 11.79
CA MET C 19 -27.57 50.59 11.27
C MET C 19 -26.95 49.67 12.31
N PHE C 20 -27.21 49.88 13.60
CA PHE C 20 -26.77 48.91 14.60
C PHE C 20 -27.47 47.58 14.40
N LYS C 21 -28.79 47.61 14.17
CA LYS C 21 -29.51 46.39 13.85
C LYS C 21 -29.09 45.83 12.50
N LYS C 22 -28.85 46.71 11.52
CA LYS C 22 -28.41 46.26 10.21
C LYS C 22 -27.03 45.60 10.28
N HIS C 23 -26.22 45.98 11.28
CA HIS C 23 -24.90 45.39 11.48
C HIS C 23 -24.93 44.22 12.46
N ARG C 24 -26.07 43.53 12.57
CA ARG C 24 -26.22 42.35 13.41
C ARG C 24 -25.94 42.65 14.88
N LEU C 25 -26.34 43.84 15.33
CA LEU C 25 -26.35 44.21 16.74
C LEU C 25 -24.97 44.16 17.37
N SER C 26 -23.91 44.28 16.57
CA SER C 26 -22.54 44.09 17.05
C SER C 26 -21.92 45.44 17.37
N VAL C 27 -21.51 45.63 18.62
CA VAL C 27 -20.86 46.87 19.02
C VAL C 27 -19.48 46.98 18.39
N VAL C 28 -18.68 45.93 18.50
CA VAL C 28 -17.29 45.99 18.05
C VAL C 28 -17.22 46.18 16.54
N HIS C 29 -18.14 45.54 15.80
CA HIS C 29 -18.18 45.74 14.36
C HIS C 29 -18.46 47.20 14.02
N THR C 30 -19.41 47.81 14.71
CA THR C 30 -19.71 49.22 14.47
C THR C 30 -18.51 50.10 14.84
N ASN C 31 -17.81 49.78 15.92
CA ASN C 31 -16.66 50.56 16.33
C ASN C 31 -15.57 50.52 15.28
N THR C 32 -15.18 49.32 14.85
CA THR C 32 -14.16 49.19 13.83
C THR C 32 -14.63 49.77 12.50
N TYR C 33 -15.93 49.70 12.21
CA TYR C 33 -16.48 50.27 10.99
C TYR C 33 -16.33 51.78 10.98
N ALA C 34 -16.65 52.41 12.11
CA ALA C 34 -16.45 53.85 12.25
C ALA C 34 -14.97 54.21 12.16
N LYS C 35 -14.11 53.40 12.76
CA LYS C 35 -12.68 53.65 12.66
C LYS C 35 -12.20 53.61 11.21
N SER C 36 -12.68 52.61 10.46
CA SER C 36 -12.30 52.49 9.05
C SER C 36 -12.83 53.67 8.25
N VAL C 37 -14.06 54.09 8.50
CA VAL C 37 -14.62 55.24 7.77
C VAL C 37 -13.82 56.50 8.09
N VAL C 38 -13.46 56.69 9.36
CA VAL C 38 -12.67 57.86 9.75
C VAL C 38 -11.30 57.83 9.07
N ASN C 39 -10.67 56.65 9.03
CA ASN C 39 -9.39 56.52 8.36
C ASN C 39 -9.51 56.82 6.87
N MET C 40 -10.58 56.35 6.24
CA MET C 40 -10.76 56.58 4.81
C MET C 40 -10.96 58.07 4.53
N ALA C 41 -11.77 58.75 5.35
CA ALA C 41 -11.97 60.18 5.19
C ALA C 41 -10.68 60.95 5.44
N ASP C 42 -9.89 60.52 6.42
CA ASP C 42 -8.59 61.16 6.67
C ASP C 42 -7.66 60.97 5.49
N LEU C 43 -7.68 59.79 4.87
CA LEU C 43 -6.89 59.57 3.67
C LEU C 43 -7.35 60.48 2.54
N ILE C 44 -8.66 60.72 2.45
CA ILE C 44 -9.18 61.68 1.48
C ILE C 44 -8.62 63.07 1.75
N TYR C 45 -8.68 63.50 3.00
CA TYR C 45 -8.35 64.88 3.35
C TYR C 45 -6.85 65.14 3.40
N LYS C 46 -6.03 64.10 3.53
CA LYS C 46 -4.59 64.29 3.68
C LYS C 46 -3.93 64.73 2.38
N ASP C 47 -4.49 64.33 1.23
CA ASP C 47 -3.84 64.61 -0.04
C ASP C 47 -3.74 66.11 -0.30
N GLN C 48 -4.81 66.85 -0.05
CA GLN C 48 -4.84 68.28 -0.34
C GLN C 48 -5.05 69.14 0.90
N LEU C 49 -6.07 68.85 1.70
CA LEU C 49 -6.42 69.73 2.81
C LEU C 49 -5.39 69.71 3.93
N LYS C 50 -4.53 68.69 3.98
CA LYS C 50 -3.51 68.54 5.03
C LYS C 50 -4.17 68.56 6.42
N THR C 51 -5.32 67.91 6.52
CA THR C 51 -6.10 67.89 7.76
C THR C 51 -6.35 66.44 8.18
N ARG C 52 -6.02 66.13 9.43
CA ARG C 52 -6.23 64.81 10.00
C ARG C 52 -7.50 64.84 10.85
N ILE C 53 -8.41 63.93 10.55
CA ILE C 53 -9.67 63.83 11.27
C ILE C 53 -9.48 62.80 12.38
N VAL C 54 -9.30 63.28 13.60
CA VAL C 54 -9.06 62.42 14.76
C VAL C 54 -10.38 62.00 15.36
N LEU C 55 -10.66 60.70 15.34
CA LEU C 55 -11.88 60.15 15.92
C LEU C 55 -11.71 60.13 17.43
N VAL C 56 -12.12 61.23 18.08
CA VAL C 56 -11.89 61.36 19.52
C VAL C 56 -12.80 60.40 20.29
N ALA C 57 -14.04 60.25 19.85
CA ALA C 57 -14.99 59.38 20.52
C ALA C 57 -16.10 59.02 19.54
N MET C 58 -16.98 58.13 19.96
CA MET C 58 -18.09 57.70 19.11
C MET C 58 -19.13 57.06 20.01
N GLU C 59 -20.41 57.31 19.72
CA GLU C 59 -21.50 56.75 20.49
C GLU C 59 -22.50 56.09 19.55
N THR C 60 -22.87 54.84 19.87
CA THR C 60 -23.81 54.06 19.07
C THR C 60 -24.90 53.55 19.99
N TRP C 61 -26.16 53.70 19.59
CA TRP C 61 -27.28 53.41 20.47
C TRP C 61 -27.73 51.97 20.22
N ALA C 62 -27.26 51.07 21.08
CA ALA C 62 -27.66 49.67 21.00
C ALA C 62 -29.11 49.47 21.40
N THR C 63 -29.69 50.41 22.16
CA THR C 63 -31.06 50.24 22.63
C THR C 63 -32.07 50.67 21.57
N ASP C 64 -32.10 51.97 21.26
CA ASP C 64 -33.07 52.53 20.31
C ASP C 64 -32.77 54.01 20.15
N ASN C 65 -33.53 54.64 19.25
CA ASN C 65 -33.38 56.08 18.99
C ASN C 65 -34.00 56.88 20.13
N LYS C 66 -33.26 57.88 20.62
CA LYS C 66 -33.76 58.70 21.70
C LYS C 66 -34.85 59.67 21.24
N PHE C 67 -34.61 60.37 20.14
CA PHE C 67 -35.54 61.39 19.69
C PHE C 67 -36.28 60.91 18.43
N ALA C 68 -37.16 61.78 17.93
CA ALA C 68 -37.94 61.44 16.74
C ALA C 68 -37.03 61.35 15.53
N ILE C 69 -37.23 60.32 14.71
CA ILE C 69 -36.44 60.09 13.51
C ILE C 69 -37.39 60.22 12.32
N SER C 70 -37.05 61.15 11.41
CA SER C 70 -37.88 61.41 10.23
C SER C 70 -37.00 61.37 8.99
N GLU C 71 -37.65 61.08 7.86
CA GLU C 71 -36.95 61.02 6.59
C GLU C 71 -36.48 62.39 6.11
N ASN C 72 -36.97 63.48 6.71
CA ASN C 72 -36.52 64.80 6.33
C ASN C 72 -35.10 65.03 6.83
N PRO C 73 -34.13 65.29 5.95
CA PRO C 73 -32.77 65.55 6.43
C PRO C 73 -32.67 66.77 7.32
N LEU C 74 -33.45 67.81 7.06
CA LEU C 74 -33.35 69.04 7.85
C LEU C 74 -33.88 68.82 9.27
N ILE C 75 -35.05 68.21 9.39
CA ILE C 75 -35.64 67.98 10.70
C ILE C 75 -34.77 67.01 11.51
N THR C 76 -34.29 65.94 10.87
CA THR C 76 -33.43 65.00 11.57
C THR C 76 -32.11 65.66 11.99
N LEU C 77 -31.56 66.51 11.12
CA LEU C 77 -30.34 67.23 11.47
C LEU C 77 -30.57 68.16 12.66
N ARG C 78 -31.70 68.86 12.68
CA ARG C 78 -32.02 69.72 13.81
C ARG C 78 -32.16 68.92 15.09
N GLU C 79 -32.83 67.76 15.01
CA GLU C 79 -32.99 66.92 16.19
C GLU C 79 -31.65 66.40 16.70
N PHE C 80 -30.78 65.96 15.79
CA PHE C 80 -29.46 65.49 16.19
C PHE C 80 -28.65 66.60 16.83
N MET C 81 -28.69 67.81 16.24
CA MET C 81 -27.89 68.90 16.76
C MET C 81 -28.39 69.35 18.13
N LYS C 82 -29.72 69.40 18.31
CA LYS C 82 -30.25 69.76 19.62
C LYS C 82 -29.98 68.67 20.66
N TYR C 83 -29.97 67.40 20.25
CA TYR C 83 -29.58 66.35 21.18
C TYR C 83 -28.11 66.48 21.57
N ARG C 84 -27.25 66.84 20.61
CA ARG C 84 -25.85 67.09 20.93
C ARG C 84 -25.70 68.25 21.90
N ARG C 85 -26.46 69.33 21.68
CA ARG C 85 -26.41 70.47 22.58
C ARG C 85 -26.89 70.10 23.98
N ASP C 86 -27.95 69.29 24.06
CA ASP C 86 -28.55 68.97 25.37
C ASP C 86 -27.66 68.02 26.15
N PHE C 87 -27.14 66.97 25.51
CA PHE C 87 -26.46 65.88 26.20
C PHE C 87 -24.96 65.85 25.97
N ILE C 88 -24.52 65.93 24.70
CA ILE C 88 -23.11 65.81 24.40
C ILE C 88 -22.36 67.04 24.93
N LYS C 89 -21.29 66.79 25.69
CA LYS C 89 -20.51 67.86 26.30
C LYS C 89 -19.02 67.79 26.01
N GLU C 90 -18.48 66.62 25.66
CA GLU C 90 -17.04 66.48 25.46
C GLU C 90 -16.58 67.36 24.30
N LYS C 91 -15.35 67.87 24.44
CA LYS C 91 -14.79 68.77 23.44
C LYS C 91 -14.53 68.02 22.14
N SER C 92 -15.11 68.50 21.05
CA SER C 92 -14.92 67.90 19.73
C SER C 92 -15.17 68.96 18.67
N ASP C 93 -14.25 69.03 17.70
CA ASP C 93 -14.38 70.03 16.63
C ASP C 93 -15.62 69.78 15.79
N ALA C 94 -15.92 68.52 15.47
CA ALA C 94 -17.09 68.17 14.69
C ALA C 94 -17.84 67.04 15.37
N VAL C 95 -19.17 67.10 15.32
CA VAL C 95 -20.04 66.06 15.83
C VAL C 95 -20.92 65.61 14.68
N HIS C 96 -20.62 64.42 14.13
CA HIS C 96 -21.29 63.97 12.92
C HIS C 96 -22.16 62.75 13.22
N LEU C 97 -23.36 62.75 12.67
CA LEU C 97 -24.33 61.69 12.89
C LEU C 97 -24.34 60.76 11.68
N PHE C 98 -24.06 59.48 11.92
CA PHE C 98 -24.34 58.45 10.92
C PHE C 98 -25.82 58.12 11.03
N SER C 99 -26.61 58.58 10.08
CA SER C 99 -28.06 58.40 10.11
C SER C 99 -28.41 57.03 9.54
N GLY C 100 -28.86 56.12 10.41
CA GLY C 100 -29.40 54.87 9.93
C GLY C 100 -30.63 55.06 9.07
N SER C 101 -31.44 56.06 9.39
CA SER C 101 -32.60 56.42 8.58
C SER C 101 -32.10 57.04 7.28
N GLN C 102 -32.10 56.26 6.20
CA GLN C 102 -31.66 56.75 4.91
C GLN C 102 -32.57 57.89 4.47
N PHE C 103 -31.99 59.08 4.30
CA PHE C 103 -32.79 60.25 3.97
C PHE C 103 -33.47 60.06 2.62
N GLU C 104 -34.72 60.53 2.53
CA GLU C 104 -35.51 60.44 1.29
C GLU C 104 -35.30 61.64 0.39
N SER C 105 -34.15 62.29 0.49
CA SER C 105 -33.82 63.45 -0.32
C SER C 105 -32.89 63.02 -1.45
N SER C 106 -32.43 64.01 -2.23
CA SER C 106 -31.46 63.76 -3.29
C SER C 106 -30.03 63.98 -2.86
N ARG C 107 -29.81 64.76 -1.79
CA ARG C 107 -28.48 65.02 -1.29
C ARG C 107 -28.06 63.93 -0.30
N SER C 108 -26.78 63.56 -0.36
CA SER C 108 -26.30 62.43 0.44
C SER C 108 -26.37 62.72 1.93
N GLY C 109 -25.65 63.75 2.38
CA GLY C 109 -25.67 64.12 3.78
C GLY C 109 -25.89 65.62 3.92
N ALA C 110 -26.48 65.99 5.06
CA ALA C 110 -26.86 67.37 5.33
C ALA C 110 -25.92 67.94 6.39
N ALA C 111 -25.10 68.91 6.00
CA ALA C 111 -24.19 69.56 6.92
C ALA C 111 -24.23 71.06 6.70
N TYR C 112 -24.13 71.81 7.79
CA TYR C 112 -24.12 73.26 7.71
C TYR C 112 -22.88 73.75 6.99
N ILE C 113 -23.01 74.89 6.32
CA ILE C 113 -21.92 75.48 5.55
C ILE C 113 -21.14 76.41 6.47
N GLY C 114 -19.87 76.08 6.70
CA GLY C 114 -19.03 76.89 7.57
C GLY C 114 -19.36 76.80 9.04
N GLY C 115 -20.03 75.74 9.46
CA GLY C 115 -20.47 75.60 10.83
C GLY C 115 -19.53 74.93 11.80
N ILE C 116 -18.34 74.54 11.36
CA ILE C 116 -17.42 73.85 12.27
C ILE C 116 -16.97 74.80 13.39
N CYS C 117 -16.43 74.19 14.46
CA CYS C 117 -16.00 74.92 15.66
C CYS C 117 -17.16 75.72 16.25
N SER C 118 -18.35 75.11 16.26
CA SER C 118 -19.53 75.73 16.85
C SER C 118 -20.28 74.69 17.68
N LEU C 119 -20.90 75.15 18.77
CA LEU C 119 -21.63 74.23 19.64
C LEU C 119 -22.92 73.77 18.99
N LEU C 120 -23.67 74.67 18.35
CA LEU C 120 -24.93 74.35 17.72
C LEU C 120 -24.81 74.16 16.22
N LYS C 121 -23.61 74.20 15.68
CA LYS C 121 -23.40 74.07 14.24
C LYS C 121 -22.25 73.16 13.85
N GLY C 122 -21.43 72.71 14.79
CA GLY C 122 -20.22 71.97 14.46
C GLY C 122 -20.45 70.52 14.13
N GLY C 123 -21.00 70.25 12.96
CA GLY C 123 -21.18 68.89 12.50
C GLY C 123 -22.31 68.80 11.48
N GLY C 124 -22.72 67.58 11.23
CA GLY C 124 -23.80 67.32 10.30
C GLY C 124 -24.32 65.92 10.45
N VAL C 125 -25.17 65.52 9.50
CA VAL C 125 -25.79 64.20 9.48
C VAL C 125 -25.44 63.51 8.17
N ASN C 126 -25.00 62.26 8.27
CA ASN C 126 -24.70 61.43 7.11
C ASN C 126 -25.59 60.19 7.17
N GLU C 127 -26.28 59.90 6.07
CA GLU C 127 -27.25 58.82 6.06
C GLU C 127 -26.56 57.46 5.93
N PHE C 128 -27.36 56.41 6.06
CA PHE C 128 -26.87 55.05 5.90
C PHE C 128 -26.40 54.81 4.46
N GLY C 129 -25.37 54.00 4.33
CA GLY C 129 -24.86 53.68 3.00
C GLY C 129 -23.70 52.71 3.10
N LYS C 130 -23.10 52.44 1.94
CA LYS C 130 -21.94 51.58 1.87
C LYS C 130 -20.74 52.25 2.56
N THR C 131 -19.75 51.43 2.92
CA THR C 131 -18.58 51.94 3.63
C THR C 131 -17.96 53.11 2.88
N ASP C 132 -17.63 52.89 1.61
CA ASP C 132 -17.13 53.98 0.78
C ASP C 132 -18.17 55.07 0.59
N LEU C 133 -19.44 54.68 0.47
CA LEU C 133 -20.48 55.67 0.24
C LEU C 133 -20.61 56.64 1.41
N MET C 134 -20.70 56.12 2.64
CA MET C 134 -20.80 57.05 3.76
C MET C 134 -19.45 57.68 4.10
N ALA C 135 -18.34 57.06 3.70
CA ALA C 135 -17.06 57.77 3.81
C ALA C 135 -17.06 59.02 2.95
N VAL C 136 -17.53 58.90 1.71
CA VAL C 136 -17.64 60.04 0.82
C VAL C 136 -18.64 61.06 1.37
N THR C 137 -19.75 60.56 1.92
CA THR C 137 -20.75 61.46 2.51
C THR C 137 -20.17 62.23 3.68
N LEU C 138 -19.38 61.57 4.53
CA LEU C 138 -18.73 62.24 5.64
C LEU C 138 -17.73 63.27 5.15
N ALA C 139 -16.96 62.93 4.11
CA ALA C 139 -16.01 63.89 3.56
C ALA C 139 -16.73 65.13 3.04
N GLN C 140 -17.84 64.93 2.32
CA GLN C 140 -18.61 66.06 1.81
C GLN C 140 -19.19 66.88 2.95
N SER C 141 -19.72 66.23 3.98
CA SER C 141 -20.33 66.94 5.09
C SER C 141 -19.29 67.73 5.89
N LEU C 142 -18.10 67.16 6.08
CA LEU C 142 -17.04 67.89 6.78
C LEU C 142 -16.50 69.03 5.94
N ALA C 143 -16.46 68.87 4.62
CA ALA C 143 -16.15 70.00 3.75
C ALA C 143 -17.19 71.10 3.89
N HIS C 144 -18.47 70.71 3.97
CA HIS C 144 -19.53 71.68 4.23
C HIS C 144 -19.28 72.42 5.53
N ASN C 145 -18.96 71.68 6.59
CA ASN C 145 -18.79 72.31 7.91
C ASN C 145 -17.60 73.26 7.95
N ILE C 146 -16.59 73.04 7.10
CA ILE C 146 -15.44 73.92 7.04
C ILE C 146 -15.59 74.98 5.94
N GLY C 147 -16.80 75.19 5.45
CA GLY C 147 -17.06 76.20 4.45
C GLY C 147 -16.75 75.82 3.02
N ILE C 148 -16.29 74.59 2.79
CA ILE C 148 -15.96 74.12 1.44
C ILE C 148 -17.23 73.61 0.79
N ILE C 149 -17.74 74.33 -0.20
CA ILE C 149 -18.94 73.95 -0.94
C ILE C 149 -18.69 74.18 -2.42
N SER C 150 -19.50 73.50 -3.24
CA SER C 150 -19.43 73.71 -4.68
C SER C 150 -19.94 75.11 -5.02
N ASP C 151 -19.17 75.85 -5.81
CA ASP C 151 -19.49 77.24 -6.12
C ASP C 151 -20.46 77.29 -7.29
N LYS C 152 -21.71 77.65 -7.01
CA LYS C 152 -22.73 77.66 -8.05
C LYS C 152 -22.44 78.71 -9.12
N ARG C 153 -22.00 79.91 -8.70
CA ARG C 153 -21.71 80.95 -9.68
C ARG C 153 -20.55 80.55 -10.58
N LYS C 154 -19.51 79.92 -10.02
CA LYS C 154 -18.40 79.47 -10.84
C LYS C 154 -18.77 78.25 -11.67
N LEU C 155 -19.70 77.42 -11.18
CA LEU C 155 -20.21 76.32 -11.99
C LEU C 155 -20.93 76.85 -13.22
N ALA C 156 -21.79 77.86 -13.03
CA ALA C 156 -22.50 78.45 -14.17
C ALA C 156 -21.54 79.16 -15.11
N SER C 157 -20.57 79.90 -14.57
CA SER C 157 -19.61 80.63 -15.37
C SER C 157 -18.46 79.77 -15.86
N GLY C 158 -18.29 78.56 -15.32
CA GLY C 158 -17.17 77.73 -15.71
C GLY C 158 -15.83 78.22 -15.21
N GLU C 159 -15.81 79.00 -14.12
CA GLU C 159 -14.56 79.55 -13.62
C GLU C 159 -13.66 78.46 -13.07
N CYS C 160 -14.21 77.56 -12.25
CA CYS C 160 -13.49 76.37 -11.84
C CYS C 160 -14.42 75.17 -11.91
N LYS C 161 -13.88 74.04 -12.34
CA LYS C 161 -14.65 72.82 -12.55
C LYS C 161 -13.87 71.64 -11.96
N CYS C 162 -14.51 70.48 -11.99
CA CYS C 162 -13.90 69.27 -11.47
C CYS C 162 -12.81 68.79 -12.43
N GLU C 163 -11.60 68.60 -11.90
CA GLU C 163 -10.51 68.04 -12.71
C GLU C 163 -10.66 66.54 -12.92
N ASP C 164 -11.47 65.88 -12.10
CA ASP C 164 -11.82 64.47 -12.31
C ASP C 164 -13.10 64.41 -13.15
N THR C 165 -12.95 64.83 -14.42
CA THR C 165 -14.08 64.86 -15.33
C THR C 165 -14.61 63.48 -15.65
N TRP C 166 -13.87 62.43 -15.30
CA TRP C 166 -14.32 61.07 -15.54
C TRP C 166 -15.65 60.80 -14.85
N SER C 167 -15.67 60.87 -13.51
CA SER C 167 -16.86 60.57 -12.74
C SER C 167 -17.31 61.74 -11.88
N GLY C 168 -16.97 62.97 -12.27
CA GLY C 168 -17.31 64.11 -11.45
C GLY C 168 -16.43 64.16 -10.21
N CYS C 169 -16.82 65.05 -9.29
CA CYS C 169 -16.11 65.24 -8.04
C CYS C 169 -16.98 64.87 -6.85
N ILE C 170 -16.37 64.90 -5.67
CA ILE C 170 -17.04 64.48 -4.44
C ILE C 170 -18.15 65.45 -4.06
N MET C 171 -17.95 66.75 -4.29
CA MET C 171 -18.90 67.75 -3.80
C MET C 171 -20.28 67.60 -4.43
N GLY C 172 -20.34 67.13 -5.68
CA GLY C 172 -21.61 66.95 -6.34
C GLY C 172 -22.36 65.74 -5.80
N ASP C 173 -23.46 65.43 -6.47
CA ASP C 173 -24.25 64.25 -6.11
C ASP C 173 -23.40 63.00 -6.20
N THR C 174 -23.46 62.17 -5.16
CA THR C 174 -22.52 61.07 -5.00
C THR C 174 -22.80 59.98 -6.03
N GLY C 175 -22.03 59.99 -7.12
CA GLY C 175 -22.11 58.90 -8.06
C GLY C 175 -21.53 57.62 -7.49
N TYR C 176 -21.86 56.50 -8.14
CA TYR C 176 -21.38 55.21 -7.65
C TYR C 176 -19.86 55.14 -7.73
N TYR C 177 -19.27 55.66 -8.80
CA TYR C 177 -17.82 55.62 -8.99
C TYR C 177 -17.23 56.86 -8.33
N LEU C 178 -16.54 56.66 -7.22
CA LEU C 178 -15.99 57.77 -6.45
C LEU C 178 -14.78 58.37 -7.15
N PRO C 179 -14.61 59.69 -7.09
CA PRO C 179 -13.37 60.31 -7.57
C PRO C 179 -12.30 60.34 -6.49
N LYS C 180 -11.15 60.92 -6.80
CA LYS C 180 -10.03 60.94 -5.87
C LYS C 180 -9.50 62.35 -5.63
N LYS C 181 -9.95 63.34 -6.38
CA LYS C 181 -9.38 64.68 -6.37
C LYS C 181 -10.45 65.72 -6.08
N PHE C 182 -10.11 66.69 -5.23
CA PHE C 182 -10.96 67.85 -4.98
C PHE C 182 -10.58 68.98 -5.93
N THR C 183 -11.53 69.90 -6.13
CA THR C 183 -11.27 71.06 -6.97
C THR C 183 -10.40 72.07 -6.23
N GLN C 184 -9.82 72.99 -6.99
CA GLN C 184 -9.00 74.03 -6.39
C GLN C 184 -9.83 75.05 -5.63
N CYS C 185 -11.09 75.27 -6.05
CA CYS C 185 -11.96 76.16 -5.28
C CYS C 185 -12.27 75.61 -3.89
N ASN C 186 -12.24 74.29 -3.71
CA ASN C 186 -12.33 73.75 -2.36
C ASN C 186 -11.20 74.27 -1.49
N ILE C 187 -9.97 74.17 -1.97
CA ILE C 187 -8.84 74.63 -1.19
C ILE C 187 -8.89 76.14 -1.01
N GLU C 188 -9.30 76.86 -2.05
CA GLU C 188 -9.41 78.31 -1.96
C GLU C 188 -10.42 78.73 -0.90
N GLU C 189 -11.56 78.05 -0.87
CA GLU C 189 -12.52 78.28 0.21
C GLU C 189 -11.93 77.94 1.56
N TYR C 190 -11.06 76.92 1.61
CA TYR C 190 -10.42 76.57 2.87
C TYR C 190 -9.51 77.69 3.37
N HIS C 191 -8.68 78.25 2.47
CA HIS C 191 -7.85 79.38 2.88
C HIS C 191 -8.70 80.58 3.26
N ASP C 192 -9.78 80.84 2.51
CA ASP C 192 -10.64 81.97 2.85
C ASP C 192 -11.29 81.78 4.22
N PHE C 193 -11.70 80.56 4.54
CA PHE C 193 -12.32 80.30 5.84
C PHE C 193 -11.32 80.41 6.98
N LEU C 194 -10.13 79.83 6.80
CA LEU C 194 -9.12 79.88 7.86
C LEU C 194 -8.60 81.30 8.05
N ASN C 195 -8.41 82.04 6.95
CA ASN C 195 -7.99 83.44 7.06
C ASN C 195 -9.07 84.30 7.67
N SER C 196 -10.34 83.96 7.45
CA SER C 196 -11.44 84.68 8.10
C SER C 196 -11.48 84.43 9.59
N GLY C 197 -10.80 83.40 10.08
CA GLY C 197 -10.79 83.04 11.48
C GLY C 197 -11.65 81.84 11.83
N GLY C 198 -12.51 81.39 10.92
CA GLY C 198 -13.31 80.22 11.18
C GLY C 198 -12.48 78.95 11.23
N GLY C 199 -13.01 77.96 11.94
CA GLY C 199 -12.30 76.71 12.12
C GLY C 199 -11.03 76.84 12.94
N ALA C 200 -11.07 77.66 14.00
CA ALA C 200 -9.90 77.87 14.84
C ALA C 200 -9.69 76.77 15.87
N CYS C 201 -10.65 75.88 16.06
CA CYS C 201 -10.55 74.80 17.03
C CYS C 201 -9.95 73.53 16.44
N LEU C 202 -9.52 73.57 15.18
CA LEU C 202 -8.95 72.41 14.50
C LEU C 202 -7.44 72.30 14.66
N PHE C 203 -6.84 73.14 15.50
CA PHE C 203 -5.39 73.19 15.66
C PHE C 203 -4.94 72.65 17.00
N ASN C 204 -5.59 71.59 17.48
CA ASN C 204 -5.19 70.92 18.72
C ASN C 204 -5.00 69.44 18.47
N LYS C 205 -3.94 68.88 19.06
CA LYS C 205 -3.63 67.47 18.89
C LYS C 205 -4.16 66.69 20.08
N PRO C 206 -5.18 65.85 19.91
CA PRO C 206 -5.69 65.07 21.04
C PRO C 206 -4.65 64.09 21.56
N SER C 207 -4.67 63.89 22.87
CA SER C 207 -3.77 62.94 23.52
C SER C 207 -4.38 61.55 23.67
N LYS C 208 -5.69 61.42 23.50
CA LYS C 208 -6.37 60.14 23.62
C LYS C 208 -7.21 59.90 22.36
N LEU C 209 -7.08 58.71 21.78
CA LEU C 209 -7.80 58.33 20.58
C LEU C 209 -8.52 57.01 20.83
N LEU C 210 -9.39 56.65 19.89
CA LEU C 210 -10.04 55.34 19.93
C LEU C 210 -9.10 54.23 19.46
N ASP C 211 -7.95 54.57 18.89
CA ASP C 211 -6.96 53.63 18.40
C ASP C 211 -5.97 53.28 19.50
N PRO C 212 -5.64 52.01 19.68
CA PRO C 212 -4.64 51.62 20.69
C PRO C 212 -3.29 52.24 20.37
N PRO C 213 -2.35 52.27 21.34
CA PRO C 213 -1.04 52.86 21.06
C PRO C 213 -0.36 52.24 19.86
N GLU C 214 -0.19 53.02 18.80
CA GLU C 214 0.39 52.57 17.54
C GLU C 214 1.57 53.47 17.21
N CYS C 215 2.74 52.86 17.02
CA CYS C 215 3.94 53.63 16.73
C CYS C 215 3.89 54.19 15.32
N GLY C 216 4.14 55.48 15.18
CA GLY C 216 4.20 56.11 13.88
C GLY C 216 2.86 56.47 13.26
N ASN C 217 1.84 56.69 14.07
CA ASN C 217 0.52 57.06 13.56
C ASN C 217 0.34 58.56 13.39
N GLY C 218 1.38 59.35 13.65
CA GLY C 218 1.34 60.78 13.48
C GLY C 218 0.86 61.57 14.68
N PHE C 219 0.42 60.90 15.74
CA PHE C 219 -0.05 61.55 16.95
C PHE C 219 0.73 61.01 18.15
N ILE C 220 1.20 61.91 19.00
CA ILE C 220 1.84 61.52 20.26
C ILE C 220 0.72 61.17 21.23
N GLU C 221 0.43 59.88 21.35
CA GLU C 221 -0.67 59.38 22.17
C GLU C 221 -0.13 58.85 23.49
N THR C 222 -1.01 58.23 24.28
CA THR C 222 -0.61 57.66 25.55
C THR C 222 0.35 56.49 25.33
N GLY C 223 1.41 56.45 26.14
CA GLY C 223 2.43 55.43 26.01
C GLY C 223 3.53 55.74 25.03
N GLU C 224 3.43 56.83 24.29
CA GLU C 224 4.43 57.23 23.30
C GLU C 224 5.06 58.53 23.76
N GLU C 225 6.34 58.46 24.14
CA GLU C 225 7.04 59.67 24.59
C GLU C 225 7.25 60.65 23.44
N CYS C 226 7.51 60.15 22.24
CA CYS C 226 7.60 60.98 21.05
C CYS C 226 7.10 60.18 19.86
N ASP C 227 6.71 60.90 18.81
CA ASP C 227 6.17 60.26 17.61
C ASP C 227 6.44 61.16 16.41
N CYS C 228 7.40 60.77 15.58
CA CYS C 228 7.68 61.45 14.33
C CYS C 228 7.00 60.80 13.14
N GLY C 229 6.17 59.78 13.37
CA GLY C 229 5.56 59.04 12.29
C GLY C 229 6.43 57.90 11.80
N THR C 230 5.99 57.32 10.68
CA THR C 230 6.76 56.27 10.05
C THR C 230 8.10 56.82 9.59
N PRO C 231 9.20 56.09 9.77
CA PRO C 231 10.53 56.60 9.37
C PRO C 231 10.64 56.93 7.89
N ALA C 232 9.70 56.48 7.06
CA ALA C 232 9.74 56.84 5.64
C ALA C 232 9.58 58.34 5.45
N GLU C 233 8.60 58.95 6.11
CA GLU C 233 8.39 60.38 6.04
C GLU C 233 9.04 61.14 7.20
N CYS C 234 9.65 60.42 8.14
CA CYS C 234 10.32 61.08 9.27
C CYS C 234 11.61 61.76 8.86
N VAL C 235 12.16 61.42 7.70
CA VAL C 235 13.41 62.03 7.25
C VAL C 235 13.21 63.52 7.00
N LEU C 236 12.12 63.88 6.34
CA LEU C 236 11.88 65.29 6.00
C LEU C 236 11.65 66.14 7.23
N GLU C 237 10.84 65.65 8.17
CA GLU C 237 10.47 66.40 9.36
C GLU C 237 10.78 65.58 10.60
N GLY C 238 11.53 66.19 11.52
CA GLY C 238 11.87 65.51 12.77
C GLY C 238 12.79 64.32 12.60
N ALA C 239 13.80 64.42 11.74
CA ALA C 239 14.70 63.30 11.50
C ALA C 239 15.51 62.98 12.75
N GLU C 240 16.15 63.99 13.34
CA GLU C 240 16.96 63.79 14.53
C GLU C 240 16.16 63.93 15.82
N CYS C 241 14.90 64.34 15.75
CA CYS C 241 14.11 64.58 16.96
C CYS C 241 13.68 63.26 17.60
N CYS C 242 12.90 62.47 16.88
CA CYS C 242 12.39 61.19 17.38
C CYS C 242 12.61 60.11 16.34
N LYS C 243 13.01 58.93 16.81
CA LYS C 243 13.27 57.79 15.94
C LYS C 243 12.61 56.54 16.52
N LYS C 244 11.81 55.86 15.70
CA LYS C 244 11.11 54.65 16.11
C LYS C 244 10.30 54.88 17.38
N CYS C 245 9.63 56.03 17.45
CA CYS C 245 8.85 56.45 18.62
C CYS C 245 9.72 56.53 19.87
N THR C 246 11.01 56.81 19.70
CA THR C 246 11.95 56.95 20.80
C THR C 246 12.88 58.12 20.52
N LEU C 247 13.39 58.72 21.59
CA LEU C 247 14.28 59.86 21.45
C LEU C 247 15.66 59.42 20.96
N THR C 248 16.37 60.37 20.35
CA THR C 248 17.71 60.15 19.81
C THR C 248 18.70 60.85 20.75
N GLN C 249 19.18 60.11 21.75
CA GLN C 249 20.14 60.61 22.74
C GLN C 249 19.52 61.81 23.44
N ASP C 250 20.11 63.00 23.35
CA ASP C 250 19.55 64.19 24.00
C ASP C 250 18.59 64.86 23.03
N SER C 251 17.31 64.86 23.37
CA SER C 251 16.28 65.48 22.54
C SER C 251 15.18 66.00 23.43
N GLN C 252 14.39 66.93 22.88
CA GLN C 252 13.29 67.53 23.60
C GLN C 252 11.99 67.57 22.81
N CYS C 253 12.01 67.20 21.54
CA CYS C 253 10.83 67.32 20.69
C CYS C 253 10.78 66.15 19.72
N SER C 254 9.63 66.02 19.05
CA SER C 254 9.47 65.11 17.92
C SER C 254 9.14 65.87 16.64
N ASP C 255 8.14 66.75 16.68
CA ASP C 255 7.78 67.62 15.57
C ASP C 255 7.30 68.94 16.17
N GLY C 256 6.68 69.76 15.33
CA GLY C 256 6.12 71.01 15.81
C GLY C 256 6.91 72.21 15.35
N LEU C 257 6.20 73.33 15.18
CA LEU C 257 6.82 74.56 14.70
C LEU C 257 7.64 75.26 15.79
N CYS C 258 7.20 75.15 17.05
CA CYS C 258 7.91 75.80 18.15
C CYS C 258 9.24 75.14 18.49
N CYS C 259 9.71 74.17 17.71
CA CYS C 259 10.94 73.45 18.01
C CYS C 259 11.68 73.23 16.70
N LYS C 260 12.58 74.15 16.37
CA LYS C 260 13.34 74.08 15.13
C LYS C 260 14.63 73.28 15.35
N LYS C 261 14.96 72.44 14.36
CA LYS C 261 16.16 71.61 14.39
C LYS C 261 16.22 70.78 15.67
N CYS C 262 15.07 70.25 16.08
CA CYS C 262 14.89 69.37 17.23
C CYS C 262 15.26 70.04 18.55
N LYS C 263 15.43 71.35 18.57
CA LYS C 263 15.81 72.08 19.77
C LYS C 263 14.83 73.23 20.01
N PHE C 264 14.73 73.64 21.27
CA PHE C 264 13.82 74.73 21.63
C PHE C 264 14.24 76.03 20.97
N GLN C 265 13.25 76.73 20.41
CA GLN C 265 13.44 78.02 19.77
C GLN C 265 13.39 79.14 20.80
N PRO C 266 13.94 80.31 20.48
CA PRO C 266 13.94 81.41 21.46
C PRO C 266 12.54 81.86 21.84
N MET C 267 12.43 82.36 23.07
CA MET C 267 11.15 82.82 23.60
C MET C 267 10.64 84.03 22.83
N GLY C 268 9.32 84.12 22.71
CA GLY C 268 8.67 85.22 22.02
C GLY C 268 8.40 84.99 20.55
N THR C 269 8.84 83.86 20.00
CA THR C 269 8.60 83.56 18.60
C THR C 269 7.11 83.34 18.34
N VAL C 270 6.64 83.84 17.20
CA VAL C 270 5.23 83.71 16.82
C VAL C 270 5.07 82.45 15.99
N CYS C 271 4.50 81.41 16.60
CA CYS C 271 4.23 80.16 15.88
C CYS C 271 2.97 80.24 15.02
N ARG C 272 2.19 81.31 15.14
CA ARG C 272 1.01 81.48 14.28
C ARG C 272 0.70 82.98 14.21
N GLU C 273 0.99 83.59 13.06
CA GLU C 273 0.63 84.98 12.85
C GLU C 273 -0.89 85.13 12.74
N ALA C 274 -1.40 86.24 13.26
CA ALA C 274 -2.83 86.51 13.22
C ALA C 274 -3.31 86.60 11.77
N VAL C 275 -4.40 85.90 11.47
CA VAL C 275 -4.95 85.94 10.12
C VAL C 275 -5.54 87.32 9.82
N ASN C 276 -6.18 87.93 10.81
CA ASN C 276 -6.76 89.26 10.64
C ASN C 276 -6.72 89.96 12.00
N ASP C 277 -7.47 91.06 12.14
CA ASP C 277 -7.54 91.75 13.41
C ASP C 277 -8.33 90.96 14.45
N CYS C 278 -9.20 90.04 14.01
CA CYS C 278 -9.95 89.21 14.96
C CYS C 278 -9.08 88.14 15.59
N ASP C 279 -7.90 87.87 15.05
CA ASP C 279 -7.00 86.86 15.56
C ASP C 279 -5.90 87.50 16.40
N ILE C 280 -5.41 86.74 17.37
CA ILE C 280 -4.32 87.18 18.25
C ILE C 280 -3.13 86.27 17.99
N ARG C 281 -1.96 86.88 17.79
CA ARG C 281 -0.76 86.11 17.51
C ARG C 281 -0.44 85.19 18.68
N GLU C 282 0.05 83.99 18.36
CA GLU C 282 0.35 82.97 19.35
C GLU C 282 1.85 82.82 19.51
N THR C 283 2.32 82.88 20.76
CA THR C 283 3.73 82.74 21.09
C THR C 283 3.95 81.44 21.86
N CYS C 284 5.03 80.75 21.53
CA CYS C 284 5.35 79.49 22.21
C CYS C 284 5.63 79.73 23.69
N SER C 285 5.22 78.77 24.51
CA SER C 285 5.37 78.90 25.96
C SER C 285 6.82 78.80 26.41
N GLY C 286 7.74 78.40 25.52
CA GLY C 286 9.13 78.25 25.88
C GLY C 286 9.54 76.85 26.28
N ASN C 287 8.57 75.98 26.59
CA ASN C 287 8.87 74.60 26.93
C ASN C 287 7.89 73.62 26.31
N SER C 288 7.03 74.07 25.40
CA SER C 288 6.06 73.21 24.72
C SER C 288 6.41 73.15 23.24
N SER C 289 6.54 71.93 22.72
CA SER C 289 6.91 71.76 21.32
C SER C 289 5.81 72.24 20.38
N GLN C 290 4.55 71.99 20.74
CA GLN C 290 3.43 72.39 19.89
C GLN C 290 3.12 73.87 20.09
N CYS C 291 2.56 74.48 19.05
CA CYS C 291 2.24 75.90 19.07
C CYS C 291 1.20 76.21 20.14
N ALA C 292 1.09 77.50 20.47
CA ALA C 292 0.17 77.94 21.49
C ALA C 292 -1.27 77.70 21.05
N PRO C 293 -2.19 77.48 21.99
CA PRO C 293 -3.59 77.26 21.62
C PRO C 293 -4.16 78.46 20.88
N ASN C 294 -5.04 78.17 19.91
CA ASN C 294 -5.61 79.21 19.07
C ASN C 294 -6.48 80.14 19.93
N ILE C 295 -6.20 81.44 19.85
CA ILE C 295 -6.94 82.45 20.61
C ILE C 295 -7.33 83.57 19.65
N HIS C 296 -8.60 83.97 19.72
CA HIS C 296 -9.14 85.01 18.86
C HIS C 296 -9.79 86.10 19.72
N LYS C 297 -10.17 87.19 19.06
CA LYS C 297 -10.86 88.27 19.76
C LYS C 297 -12.22 87.80 20.23
N MET C 298 -12.55 88.17 21.47
CA MET C 298 -13.78 87.71 22.09
C MET C 298 -14.99 88.26 21.34
N ASP C 299 -16.09 87.48 21.36
CA ASP C 299 -17.26 87.78 20.54
C ASP C 299 -17.87 89.14 20.89
N GLY C 300 -17.73 90.11 19.99
CA GLY C 300 -18.20 91.46 20.25
C GLY C 300 -17.15 92.48 19.94
N TYR C 301 -15.90 92.04 19.82
CA TYR C 301 -14.80 92.95 19.49
C TYR C 301 -14.91 93.37 18.03
N SER C 302 -14.72 94.67 17.80
CA SER C 302 -14.92 95.24 16.47
C SER C 302 -13.69 95.02 15.59
N CYS C 303 -13.93 94.72 14.31
CA CYS C 303 -12.83 94.60 13.36
C CYS C 303 -12.14 95.94 13.11
N ASP C 304 -12.87 97.04 13.28
CA ASP C 304 -12.35 98.38 13.05
C ASP C 304 -12.81 99.26 14.20
N GLY C 305 -12.67 100.57 14.02
CA GLY C 305 -13.07 101.49 15.09
C GLY C 305 -14.53 101.34 15.48
N VAL C 306 -15.42 101.29 14.49
CA VAL C 306 -16.84 101.14 14.75
C VAL C 306 -17.40 99.96 13.95
N GLN C 307 -17.21 99.99 12.63
CA GLN C 307 -17.82 99.00 11.76
C GLN C 307 -17.19 97.63 11.95
N GLY C 308 -18.01 96.59 11.76
CA GLY C 308 -17.55 95.22 11.86
C GLY C 308 -17.41 94.71 13.28
N ILE C 309 -17.69 93.43 13.49
CA ILE C 309 -17.55 92.79 14.80
C ILE C 309 -17.02 91.38 14.58
N CYS C 310 -16.13 90.93 15.47
CA CYS C 310 -15.57 89.59 15.39
C CYS C 310 -16.43 88.64 16.21
N PHE C 311 -17.08 87.69 15.53
CA PHE C 311 -17.86 86.64 16.17
C PHE C 311 -17.17 85.31 15.90
N GLY C 312 -16.80 84.60 16.96
CA GLY C 312 -16.13 83.33 16.81
C GLY C 312 -14.84 83.40 16.04
N GLY C 313 -14.16 84.55 16.06
CA GLY C 313 -12.96 84.75 15.29
C GLY C 313 -13.19 85.18 13.86
N ARG C 314 -14.44 85.29 13.41
CA ARG C 314 -14.77 85.68 12.05
C ARG C 314 -15.28 87.11 12.03
N CYS C 315 -14.72 87.92 11.13
CA CYS C 315 -15.17 89.30 11.00
C CYS C 315 -16.55 89.35 10.33
N LYS C 316 -17.37 90.30 10.76
CA LYS C 316 -18.70 90.50 10.20
C LYS C 316 -18.90 91.99 9.95
N THR C 317 -19.08 92.36 8.68
CA THR C 317 -19.52 93.69 8.29
C THR C 317 -20.70 93.52 7.34
N ARG C 318 -21.35 94.64 7.01
CA ARG C 318 -22.34 94.62 5.94
C ARG C 318 -21.69 94.25 4.62
N ASP C 319 -20.50 94.79 4.36
CA ASP C 319 -19.76 94.43 3.16
C ASP C 319 -19.36 92.95 3.18
N ARG C 320 -18.91 92.46 4.35
CA ARG C 320 -18.57 91.04 4.46
C ARG C 320 -19.81 90.17 4.30
N GLN C 321 -20.95 90.62 4.83
CA GLN C 321 -22.19 89.89 4.62
C GLN C 321 -22.56 89.80 3.15
N CYS C 322 -22.43 90.92 2.42
CA CYS C 322 -22.71 90.90 1.00
C CYS C 322 -21.73 90.00 0.25
N LYS C 323 -20.45 90.02 0.66
CA LYS C 323 -19.45 89.18 -0.01
C LYS C 323 -19.73 87.70 0.20
N TYR C 324 -20.04 87.29 1.43
CA TYR C 324 -20.35 85.89 1.69
C TYR C 324 -21.65 85.48 1.01
N ILE C 325 -22.66 86.35 1.05
CA ILE C 325 -23.98 85.98 0.54
C ILE C 325 -24.03 86.06 -0.98
N TRP C 326 -23.54 87.16 -1.55
CA TRP C 326 -23.65 87.41 -2.98
C TRP C 326 -22.36 87.14 -3.74
N GLY C 327 -21.27 87.78 -3.34
CA GLY C 327 -20.00 87.56 -4.01
C GLY C 327 -19.01 88.64 -3.68
N GLN C 328 -17.76 88.37 -4.07
CA GLN C 328 -16.66 89.29 -3.75
C GLN C 328 -16.87 90.65 -4.41
N LYS C 329 -17.30 90.66 -5.67
CA LYS C 329 -17.56 91.91 -6.37
C LYS C 329 -18.74 92.69 -5.80
N VAL C 330 -19.56 92.06 -4.96
CA VAL C 330 -20.73 92.71 -4.38
C VAL C 330 -20.33 93.33 -3.05
N THR C 331 -20.64 94.62 -2.90
CA THR C 331 -20.34 95.36 -1.69
C THR C 331 -21.62 95.97 -1.13
N ALA C 332 -21.60 96.27 0.17
CA ALA C 332 -22.77 96.80 0.84
C ALA C 332 -23.09 98.20 0.33
N SER C 333 -24.39 98.50 0.18
CA SER C 333 -24.82 99.80 -0.27
C SER C 333 -24.68 100.83 0.84
N ASP C 334 -24.84 102.10 0.48
CA ASP C 334 -24.71 103.20 1.42
C ASP C 334 -25.97 103.31 2.28
N LYS C 335 -25.91 104.23 3.25
CA LYS C 335 -27.04 104.46 4.15
C LYS C 335 -28.27 104.99 3.41
N TYR C 336 -28.08 105.52 2.20
CA TYR C 336 -29.19 106.04 1.41
C TYR C 336 -30.26 104.97 1.19
N CYS C 337 -29.85 103.80 0.71
CA CYS C 337 -30.81 102.72 0.49
C CYS C 337 -31.40 102.23 1.81
N TYR C 338 -30.59 102.18 2.86
CA TYR C 338 -31.08 101.69 4.15
C TYR C 338 -32.19 102.58 4.70
N GLU C 339 -32.06 103.90 4.56
CA GLU C 339 -33.10 104.80 5.02
C GLU C 339 -34.20 105.05 4.00
N LYS C 340 -34.01 104.67 2.74
CA LYS C 340 -35.03 104.90 1.73
C LYS C 340 -35.82 103.65 1.35
N LEU C 341 -35.41 102.48 1.83
CA LEU C 341 -36.13 101.24 1.52
C LEU C 341 -36.64 100.53 2.75
N ASN C 342 -35.86 100.47 3.84
CA ASN C 342 -36.29 99.77 5.04
C ASN C 342 -37.39 100.52 5.78
N ILE C 343 -37.53 101.83 5.57
CA ILE C 343 -38.56 102.59 6.26
C ILE C 343 -39.95 102.12 5.85
N GLU C 344 -40.18 101.97 4.54
CA GLU C 344 -41.45 101.51 4.01
C GLU C 344 -41.22 100.82 2.68
N GLY C 345 -41.81 99.64 2.51
CA GLY C 345 -41.70 98.92 1.26
C GLY C 345 -41.93 97.43 1.37
N THR C 346 -42.43 96.82 0.31
CA THR C 346 -42.63 95.38 0.25
C THR C 346 -41.57 94.75 -0.65
N GLU C 347 -40.94 93.70 -0.16
CA GLU C 347 -39.88 92.94 -0.83
C GLU C 347 -38.60 93.76 -1.01
N LYS C 348 -38.60 95.04 -0.64
CA LYS C 348 -37.45 95.91 -0.79
C LYS C 348 -36.77 96.22 0.52
N GLY C 349 -37.53 96.68 1.53
CA GLY C 349 -36.99 96.88 2.85
C GLY C 349 -37.88 96.29 3.92
N ASN C 350 -37.38 95.29 4.64
CA ASN C 350 -38.16 94.58 5.63
C ASN C 350 -37.26 94.20 6.80
N CYS C 351 -37.76 94.40 8.02
CA CYS C 351 -37.01 93.96 9.20
C CYS C 351 -37.20 92.46 9.42
N GLY C 352 -38.44 92.04 9.67
CA GLY C 352 -38.75 90.64 9.86
C GLY C 352 -39.32 90.01 8.61
N LYS C 353 -39.21 88.68 8.53
CA LYS C 353 -39.68 87.93 7.37
C LYS C 353 -41.16 87.60 7.57
N ASP C 354 -42.02 88.42 6.98
CA ASP C 354 -43.46 88.21 7.02
C ASP C 354 -44.03 88.56 5.66
N LYS C 355 -44.39 87.54 4.87
CA LYS C 355 -44.86 87.77 3.51
C LYS C 355 -46.16 88.58 3.50
N ASP C 356 -47.08 88.28 4.42
CA ASP C 356 -48.37 88.95 4.43
C ASP C 356 -48.22 90.42 4.81
N THR C 357 -47.71 90.68 6.03
CA THR C 357 -47.55 92.04 6.54
C THR C 357 -46.09 92.23 6.94
N TRP C 358 -45.33 92.89 6.08
CA TRP C 358 -43.90 93.09 6.33
C TRP C 358 -43.69 93.95 7.56
N ILE C 359 -42.64 93.62 8.32
CA ILE C 359 -42.32 94.34 9.54
C ILE C 359 -41.70 95.69 9.20
N GLN C 360 -42.24 96.74 9.78
CA GLN C 360 -41.72 98.08 9.56
C GLN C 360 -40.43 98.31 10.35
N CYS C 361 -39.53 99.11 9.77
CA CYS C 361 -38.27 99.46 10.41
C CYS C 361 -38.26 100.95 10.73
N ASN C 362 -37.92 101.29 11.97
CA ASN C 362 -37.92 102.67 12.41
C ASN C 362 -36.73 103.43 11.85
N LYS C 363 -36.81 104.77 11.91
CA LYS C 363 -35.76 105.63 11.41
C LYS C 363 -34.59 105.76 12.37
N ARG C 364 -34.74 105.31 13.63
CA ARG C 364 -33.63 105.35 14.57
C ARG C 364 -32.46 104.51 14.08
N ASP C 365 -32.75 103.32 13.56
CA ASP C 365 -31.73 102.44 13.03
C ASP C 365 -32.33 101.61 11.89
N VAL C 366 -31.61 101.51 10.78
CA VAL C 366 -32.11 100.82 9.60
C VAL C 366 -31.06 99.83 9.09
N LEU C 367 -30.02 99.59 9.89
CA LEU C 367 -28.91 98.75 9.45
C LEU C 367 -29.12 97.26 9.75
N CYS C 368 -30.22 96.90 10.40
CA CYS C 368 -30.53 95.50 10.66
C CYS C 368 -31.72 95.01 9.85
N GLY C 369 -32.28 95.84 8.99
CA GLY C 369 -33.44 95.44 8.19
C GLY C 369 -33.04 94.62 6.98
N TYR C 370 -33.61 94.96 5.83
CA TYR C 370 -33.25 94.28 4.59
C TYR C 370 -31.80 94.56 4.25
N LEU C 371 -31.04 93.49 3.98
CA LEU C 371 -29.63 93.65 3.61
C LEU C 371 -29.53 94.16 2.19
N LEU C 372 -28.96 95.35 2.02
CA LEU C 372 -28.88 96.02 0.74
C LEU C 372 -27.41 96.14 0.32
N CYS C 373 -27.11 95.64 -0.88
CA CYS C 373 -25.76 95.65 -1.41
C CYS C 373 -25.74 96.39 -2.74
N THR C 374 -24.58 96.35 -3.41
CA THR C 374 -24.39 97.04 -4.69
C THR C 374 -23.93 96.04 -5.73
N ASN C 375 -24.59 96.06 -6.90
CA ASN C 375 -24.23 95.21 -8.04
C ASN C 375 -24.29 93.73 -7.67
N ILE C 376 -25.50 93.29 -7.33
CA ILE C 376 -25.75 91.88 -7.02
C ILE C 376 -25.85 91.09 -8.32
N GLY C 377 -25.14 89.97 -8.37
CA GLY C 377 -25.09 89.16 -9.58
C GLY C 377 -26.38 88.39 -9.81
N ASN C 378 -26.37 87.62 -10.90
CA ASN C 378 -27.55 86.85 -11.28
C ASN C 378 -27.90 85.81 -10.22
N ILE C 379 -26.90 85.09 -9.72
CA ILE C 379 -27.12 84.07 -8.70
C ILE C 379 -26.12 84.26 -7.57
N PRO C 380 -26.50 84.00 -6.32
CA PRO C 380 -25.54 84.07 -5.22
C PRO C 380 -24.65 82.83 -5.20
N ARG C 381 -23.57 82.94 -4.41
CA ARG C 381 -22.65 81.81 -4.28
C ARG C 381 -23.34 80.60 -3.64
N LEU C 382 -24.16 80.85 -2.62
CA LEU C 382 -24.88 79.79 -1.93
C LEU C 382 -26.29 80.27 -1.62
N GLY C 383 -27.20 79.31 -1.45
CA GLY C 383 -28.56 79.62 -1.07
C GLY C 383 -29.52 79.61 -2.24
N GLU C 384 -30.75 80.02 -1.95
CA GLU C 384 -31.84 80.05 -2.92
C GLU C 384 -32.58 81.38 -2.82
N LEU C 385 -33.25 81.74 -3.90
CA LEU C 385 -33.97 83.01 -4.00
C LEU C 385 -35.45 82.77 -3.74
N ASP C 386 -36.00 83.48 -2.75
CA ASP C 386 -37.43 83.41 -2.44
C ASP C 386 -38.17 84.33 -3.39
N GLY C 387 -38.36 83.86 -4.62
CA GLY C 387 -38.99 84.65 -5.65
C GLY C 387 -37.99 85.22 -6.64
N GLU C 388 -37.74 86.51 -6.55
CA GLU C 388 -36.78 87.18 -7.42
C GLU C 388 -35.94 88.15 -6.61
N ILE C 389 -34.73 88.43 -7.11
CA ILE C 389 -33.84 89.35 -6.42
C ILE C 389 -34.39 90.76 -6.53
N THR C 390 -34.48 91.45 -5.39
CA THR C 390 -35.03 92.79 -5.37
C THR C 390 -34.02 93.79 -5.93
N SER C 391 -34.47 94.62 -6.87
CA SER C 391 -33.63 95.64 -7.49
C SER C 391 -34.34 96.99 -7.36
N THR C 392 -33.59 97.99 -6.90
CA THR C 392 -34.12 99.34 -6.71
C THR C 392 -33.05 100.35 -7.09
N LEU C 393 -33.43 101.38 -7.82
CA LEU C 393 -32.51 102.43 -8.23
C LEU C 393 -32.74 103.69 -7.40
N GLY C 398 -26.99 115.16 -5.84
CA GLY C 398 -27.70 113.99 -6.34
C GLY C 398 -26.77 112.89 -6.81
N ARG C 399 -26.92 111.71 -6.21
CA ARG C 399 -26.10 110.55 -6.56
C ARG C 399 -27.00 109.36 -6.85
N THR C 400 -26.65 108.59 -7.87
CA THR C 400 -27.41 107.43 -8.29
C THR C 400 -26.64 106.17 -7.91
N LEU C 401 -27.33 105.24 -7.24
CA LEU C 401 -26.72 104.00 -6.77
C LEU C 401 -27.51 102.80 -7.29
N ASN C 402 -26.78 101.77 -7.71
CA ASN C 402 -27.40 100.51 -8.12
C ASN C 402 -27.72 99.71 -6.86
N CYS C 403 -28.99 99.70 -6.48
CA CYS C 403 -29.39 99.20 -5.17
C CYS C 403 -30.03 97.82 -5.34
N SER C 404 -29.67 96.88 -4.48
CA SER C 404 -30.15 95.52 -4.65
C SER C 404 -30.21 94.80 -3.31
N GLY C 405 -30.99 93.72 -3.28
CA GLY C 405 -31.13 92.88 -2.11
C GLY C 405 -31.78 91.57 -2.50
N GLY C 406 -31.91 90.68 -1.52
CA GLY C 406 -32.47 89.38 -1.79
C GLY C 406 -32.88 88.66 -0.52
N HIS C 407 -33.29 87.40 -0.70
CA HIS C 407 -33.77 86.51 0.36
C HIS C 407 -33.03 85.19 0.32
N VAL C 408 -31.70 85.25 0.28
CA VAL C 408 -30.89 84.04 0.23
C VAL C 408 -31.19 83.16 1.44
N LYS C 409 -31.49 81.89 1.18
CA LYS C 409 -31.84 80.93 2.21
C LYS C 409 -30.65 80.01 2.49
N LEU C 410 -30.89 78.98 3.30
CA LEU C 410 -29.89 77.97 3.60
C LEU C 410 -30.63 76.71 4.04
N GLU C 411 -29.86 75.66 4.37
CA GLU C 411 -30.46 74.43 4.87
C GLU C 411 -31.09 74.62 6.24
N GLU C 412 -30.77 75.70 6.94
CA GLU C 412 -31.37 76.04 8.22
C GLU C 412 -32.55 76.98 8.02
N ASP C 413 -33.33 77.16 9.09
CA ASP C 413 -34.46 78.07 9.04
C ASP C 413 -34.03 79.53 9.00
N VAL C 414 -32.78 79.83 9.36
CA VAL C 414 -32.30 81.20 9.36
C VAL C 414 -32.21 81.70 7.93
N ASP C 415 -32.58 82.96 7.72
CA ASP C 415 -32.60 83.58 6.40
C ASP C 415 -31.35 84.45 6.25
N LEU C 416 -30.50 84.10 5.28
CA LEU C 416 -29.33 84.91 4.98
C LEU C 416 -29.67 86.17 4.20
N GLY C 417 -30.90 86.28 3.68
CA GLY C 417 -31.28 87.47 2.95
C GLY C 417 -31.26 88.73 3.80
N TYR C 418 -31.63 88.62 5.07
CA TYR C 418 -31.58 89.74 5.99
C TYR C 418 -30.17 89.91 6.54
N VAL C 419 -30.01 90.93 7.39
CA VAL C 419 -28.72 91.19 8.02
C VAL C 419 -28.53 90.23 9.19
N GLU C 420 -27.39 89.55 9.21
CA GLU C 420 -27.12 88.58 10.27
C GLU C 420 -27.00 89.28 11.61
N ASP C 421 -27.33 88.55 12.67
CA ASP C 421 -27.31 89.12 14.02
C ASP C 421 -25.90 89.51 14.41
N GLY C 422 -25.77 90.68 15.03
CA GLY C 422 -24.50 91.19 15.49
C GLY C 422 -23.83 92.20 14.59
N THR C 423 -24.39 92.47 13.41
CA THR C 423 -23.80 93.47 12.53
C THR C 423 -23.95 94.86 13.14
N PRO C 424 -22.87 95.63 13.26
CA PRO C 424 -22.94 96.91 13.98
C PRO C 424 -23.89 97.89 13.33
N CYS C 425 -24.59 98.65 14.16
CA CYS C 425 -25.39 99.79 13.74
C CYS C 425 -24.82 101.11 14.25
N GLY C 426 -23.79 101.06 15.08
CA GLY C 426 -23.23 102.24 15.70
C GLY C 426 -22.40 101.85 16.92
N PRO C 427 -22.32 102.75 17.90
CA PRO C 427 -21.54 102.44 19.10
C PRO C 427 -22.22 101.38 19.96
N GLN C 428 -21.63 100.19 20.00
CA GLN C 428 -22.17 99.06 20.76
C GLN C 428 -23.62 98.77 20.37
N MET C 429 -23.90 98.89 19.08
CA MET C 429 -25.27 98.80 18.55
C MET C 429 -25.20 97.76 17.43
N MET C 430 -25.75 96.58 17.65
CA MET C 430 -25.57 95.46 16.72
C MET C 430 -26.85 94.66 16.57
N CYS C 431 -26.94 93.92 15.47
CA CYS C 431 -28.17 93.21 15.14
C CYS C 431 -28.48 92.11 16.15
N LEU C 432 -29.75 92.06 16.55
CA LEU C 432 -30.30 90.94 17.32
C LEU C 432 -31.76 90.80 16.95
N GLU C 433 -32.13 89.65 16.40
CA GLU C 433 -33.50 89.38 15.94
C GLU C 433 -33.95 90.45 14.95
N HIS C 434 -33.10 90.72 13.96
CA HIS C 434 -33.39 91.67 12.88
C HIS C 434 -33.66 93.07 13.43
N ARG C 435 -32.91 93.46 14.45
CA ARG C 435 -33.06 94.78 15.05
C ARG C 435 -31.74 95.18 15.71
N CYS C 436 -31.45 96.48 15.69
CA CYS C 436 -30.27 96.99 16.36
C CYS C 436 -30.53 97.08 17.85
N LEU C 437 -29.72 96.39 18.63
CA LEU C 437 -29.83 96.31 20.08
C LEU C 437 -28.46 96.53 20.70
N PRO C 438 -28.42 96.94 21.98
CA PRO C 438 -27.12 97.14 22.65
C PRO C 438 -26.46 95.84 23.07
N VAL C 439 -25.33 95.95 23.77
CA VAL C 439 -24.64 94.77 24.27
C VAL C 439 -25.47 94.03 25.32
N ALA C 440 -26.28 94.76 26.08
CA ALA C 440 -27.05 94.15 27.15
C ALA C 440 -28.01 93.09 26.62
N SER C 441 -28.45 93.21 25.37
CA SER C 441 -29.28 92.17 24.77
C SER C 441 -28.51 90.86 24.63
N PHE C 442 -27.25 90.94 24.22
CA PHE C 442 -26.42 89.74 24.07
C PHE C 442 -25.81 89.27 25.39
N ASN C 443 -25.72 90.15 26.40
CA ASN C 443 -25.14 89.80 27.70
C ASN C 443 -23.72 89.26 27.57
N PHE C 444 -22.89 89.94 26.78
CA PHE C 444 -21.48 89.60 26.71
C PHE C 444 -20.81 89.76 28.06
N SER C 445 -19.97 88.77 28.41
CA SER C 445 -19.26 88.78 29.68
C SER C 445 -18.15 89.83 29.65
N THR C 446 -17.72 90.22 30.85
CA THR C 446 -16.62 91.15 31.04
C THR C 446 -15.36 90.37 31.41
N CYS C 447 -14.27 90.62 30.68
CA CYS C 447 -13.03 89.91 30.92
C CYS C 447 -12.39 90.41 32.22
N LEU C 448 -11.21 89.88 32.52
CA LEU C 448 -10.51 90.22 33.76
C LEU C 448 -10.00 91.64 33.67
N SER C 449 -10.73 92.58 34.27
CA SER C 449 -10.37 93.99 34.25
C SER C 449 -10.29 94.52 35.67
N SER C 450 -9.37 95.46 35.86
CA SER C 450 -9.17 96.11 37.16
C SER C 450 -9.70 97.53 37.22
N LYS C 451 -9.64 98.27 36.12
CA LYS C 451 -10.15 99.63 36.08
C LYS C 451 -11.66 99.62 35.85
N GLU C 452 -12.24 100.79 35.58
CA GLU C 452 -13.66 100.93 35.34
C GLU C 452 -13.92 101.13 33.86
N GLY C 453 -14.77 100.28 33.29
CA GLY C 453 -15.12 100.38 31.88
C GLY C 453 -13.97 100.14 30.92
N THR C 454 -13.06 99.24 31.27
CA THR C 454 -11.94 98.88 30.42
C THR C 454 -11.87 97.37 30.29
N ILE C 455 -11.00 96.91 29.39
CA ILE C 455 -10.78 95.48 29.16
C ILE C 455 -9.32 95.17 29.47
N CYS C 456 -9.10 94.21 30.36
CA CYS C 456 -7.77 93.77 30.77
C CYS C 456 -6.91 94.96 31.21
N SER C 457 -7.47 95.77 32.12
CA SER C 457 -6.81 96.96 32.65
C SER C 457 -6.41 97.92 31.54
N GLY C 458 -7.27 98.06 30.54
CA GLY C 458 -7.03 98.98 29.44
C GLY C 458 -6.11 98.41 28.37
N ASN C 459 -4.82 98.33 28.67
CA ASN C 459 -3.84 97.81 27.72
C ASN C 459 -3.87 96.29 27.71
N GLY C 460 -4.24 95.72 26.56
CA GLY C 460 -4.35 94.28 26.43
C GLY C 460 -5.70 93.91 25.85
N VAL C 461 -5.75 92.75 25.20
CA VAL C 461 -6.96 92.25 24.56
C VAL C 461 -7.29 90.88 25.13
N CYS C 462 -8.57 90.67 25.45
CA CYS C 462 -9.02 89.38 25.96
C CYS C 462 -9.22 88.40 24.81
N SER C 463 -8.81 87.16 25.03
CA SER C 463 -8.92 86.13 24.01
C SER C 463 -10.34 85.56 23.99
N ASN C 464 -10.56 84.50 23.19
CA ASN C 464 -11.89 83.92 23.09
C ASN C 464 -12.25 83.11 24.32
N GLU C 465 -11.28 82.64 25.09
CA GLU C 465 -11.52 81.85 26.30
C GLU C 465 -11.80 82.73 27.52
N LEU C 466 -12.15 84.00 27.30
CA LEU C 466 -12.45 84.94 28.38
C LEU C 466 -11.27 85.08 29.33
N LYS C 467 -10.06 85.01 28.79
CA LYS C 467 -8.83 85.19 29.55
C LYS C 467 -7.98 86.25 28.88
N CYS C 468 -7.39 87.13 29.69
CA CYS C 468 -6.57 88.21 29.16
C CYS C 468 -5.26 87.67 28.58
N VAL C 469 -4.90 88.19 27.42
CA VAL C 469 -3.58 87.97 26.85
C VAL C 469 -2.85 89.30 26.83
N CYS C 470 -2.08 89.58 27.88
CA CYS C 470 -1.45 90.88 28.03
C CYS C 470 -0.41 91.10 26.92
N ASN C 471 0.00 92.36 26.77
CA ASN C 471 0.90 92.76 25.71
C ASN C 471 2.33 92.35 26.06
N ARG C 472 3.29 92.84 25.27
CA ARG C 472 4.68 92.49 25.48
C ARG C 472 5.17 92.99 26.83
N HIS C 473 5.91 92.13 27.53
CA HIS C 473 6.47 92.45 28.85
C HIS C 473 5.38 92.80 29.85
N TRP C 474 4.34 91.97 29.90
CA TRP C 474 3.26 92.09 30.88
C TRP C 474 2.88 90.67 31.30
N ILE C 475 3.47 90.21 32.40
CA ILE C 475 3.25 88.84 32.86
C ILE C 475 2.04 88.71 33.77
N GLY C 476 1.53 89.82 34.30
CA GLY C 476 0.38 89.74 35.18
C GLY C 476 -0.85 89.20 34.47
N SER C 477 -1.68 88.48 35.23
CA SER C 477 -2.90 87.90 34.65
C SER C 477 -3.87 88.98 34.19
N ASP C 478 -4.02 90.05 34.97
CA ASP C 478 -4.96 91.12 34.67
C ASP C 478 -4.27 92.36 34.11
N CYS C 479 -3.05 92.21 33.59
CA CYS C 479 -2.31 93.31 32.97
C CYS C 479 -2.13 94.48 33.96
N ASN C 480 -1.57 94.17 35.13
CA ASN C 480 -1.38 95.17 36.17
C ASN C 480 0.07 95.38 36.59
N THR C 481 0.95 94.41 36.37
CA THR C 481 2.34 94.50 36.79
C THR C 481 3.26 94.36 35.57
N TYR C 482 4.37 95.08 35.60
CA TYR C 482 5.36 95.05 34.53
C TYR C 482 6.57 94.27 35.01
N PHE C 483 6.92 93.22 34.28
CA PHE C 483 8.09 92.39 34.60
C PHE C 483 9.04 92.38 33.41
N PRO C 484 10.07 93.23 33.41
CA PRO C 484 11.05 93.18 32.32
C PRO C 484 11.78 91.86 32.27
N HIS C 485 12.09 91.41 31.06
CA HIS C 485 12.80 90.14 30.87
C HIS C 485 13.51 90.18 29.53
N ASN C 486 14.50 89.31 29.39
CA ASN C 486 15.30 89.24 28.18
C ASN C 486 15.27 87.85 27.57
N LYS D 21 15.42 -21.14 -10.47
CA LYS D 21 14.53 -22.29 -10.66
C LYS D 21 13.11 -21.94 -10.26
N CYS D 22 12.15 -22.66 -10.82
CA CYS D 22 10.74 -22.40 -10.54
C CYS D 22 10.44 -22.69 -9.09
N PRO D 23 9.67 -21.83 -8.41
CA PRO D 23 9.28 -22.12 -7.03
C PRO D 23 8.40 -23.35 -6.94
N ALA D 24 8.51 -24.06 -5.81
CA ALA D 24 7.68 -25.24 -5.61
C ALA D 24 6.20 -24.88 -5.55
N VAL D 25 5.88 -23.67 -5.06
CA VAL D 25 4.50 -23.22 -5.04
C VAL D 25 3.95 -23.04 -6.44
N CYS D 26 4.82 -22.80 -7.41
CA CYS D 26 4.41 -22.66 -8.81
C CYS D 26 4.56 -23.99 -9.53
N THR D 27 3.50 -24.41 -10.21
CA THR D 27 3.52 -25.65 -10.98
C THR D 27 4.14 -25.37 -12.34
N CYS D 28 5.34 -25.91 -12.57
CA CYS D 28 6.10 -25.64 -13.78
C CYS D 28 6.39 -26.96 -14.49
N THR D 29 5.94 -27.08 -15.73
CA THR D 29 6.21 -28.24 -16.56
C THR D 29 7.45 -27.98 -17.40
N LYS D 30 7.67 -28.83 -18.42
CA LYS D 30 8.88 -28.71 -19.24
C LYS D 30 8.92 -27.37 -19.98
N ASP D 31 7.78 -26.94 -20.54
CA ASP D 31 7.73 -25.71 -21.32
C ASP D 31 6.49 -24.89 -20.95
N ASN D 32 5.99 -25.05 -19.73
CA ASN D 32 4.82 -24.32 -19.29
C ASN D 32 4.87 -24.17 -17.77
N ALA D 33 4.64 -22.95 -17.29
CA ALA D 33 4.73 -22.64 -15.88
C ALA D 33 3.40 -22.05 -15.39
N LEU D 34 2.94 -22.54 -14.25
CA LEU D 34 1.76 -22.00 -13.59
C LEU D 34 2.08 -21.75 -12.12
N CYS D 35 1.65 -20.60 -11.62
CA CYS D 35 1.90 -20.23 -10.22
C CYS D 35 0.59 -20.31 -9.44
N GLU D 36 0.59 -21.14 -8.41
CA GLU D 36 -0.57 -21.28 -7.54
C GLU D 36 -0.51 -20.22 -6.46
N ASN D 37 -1.55 -19.40 -6.35
CA ASN D 37 -1.62 -18.31 -5.39
C ASN D 37 -0.39 -17.41 -5.50
N ALA D 38 -0.26 -16.78 -6.67
CA ALA D 38 0.91 -15.97 -6.98
C ALA D 38 1.00 -14.77 -6.05
N ARG D 39 1.94 -14.82 -5.10
CA ARG D 39 2.10 -13.72 -4.14
C ARG D 39 2.63 -12.47 -4.84
N SER D 40 3.50 -12.64 -5.81
CA SER D 40 4.05 -11.52 -6.57
C SER D 40 4.37 -12.04 -7.97
N ILE D 41 5.18 -11.28 -8.71
CA ILE D 41 5.52 -11.64 -10.08
C ILE D 41 6.95 -12.15 -10.08
N PRO D 42 7.17 -13.45 -9.91
CA PRO D 42 8.54 -13.95 -9.71
C PRO D 42 9.36 -13.92 -10.99
N ARG D 43 10.67 -13.79 -10.82
CA ARG D 43 11.63 -13.87 -11.91
C ARG D 43 12.43 -15.16 -11.89
N THR D 44 12.35 -15.94 -10.82
CA THR D 44 13.17 -17.13 -10.66
C THR D 44 12.72 -18.29 -11.55
N VAL D 45 11.54 -18.20 -12.16
CA VAL D 45 11.09 -19.32 -13.00
C VAL D 45 12.02 -19.45 -14.19
N PRO D 46 12.39 -20.67 -14.60
CA PRO D 46 13.33 -20.81 -15.70
C PRO D 46 12.74 -20.30 -17.00
N PRO D 47 13.57 -19.78 -17.91
CA PRO D 47 13.08 -19.29 -19.20
C PRO D 47 12.75 -20.38 -20.21
N ASP D 48 12.70 -21.64 -19.80
CA ASP D 48 12.41 -22.74 -20.72
C ASP D 48 10.93 -22.90 -21.01
N VAL D 49 10.07 -22.14 -20.34
CA VAL D 49 8.62 -22.26 -20.49
C VAL D 49 8.18 -21.43 -21.70
N ILE D 50 7.12 -21.91 -22.36
CA ILE D 50 6.59 -21.24 -23.54
C ILE D 50 5.28 -20.55 -23.16
N SER D 51 4.59 -21.08 -22.15
CA SER D 51 3.34 -20.52 -21.68
C SER D 51 3.41 -20.33 -20.18
N LEU D 52 2.78 -19.25 -19.71
CA LEU D 52 2.81 -18.87 -18.30
C LEU D 52 1.40 -18.54 -17.83
N SER D 53 1.10 -18.92 -16.59
CA SER D 53 -0.22 -18.66 -16.03
C SER D 53 -0.12 -18.53 -14.51
N PHE D 54 -1.11 -17.87 -13.93
CA PHE D 54 -1.21 -17.69 -12.49
C PHE D 54 -2.66 -17.91 -12.07
N VAL D 55 -2.86 -18.59 -10.95
CA VAL D 55 -4.18 -18.78 -10.38
C VAL D 55 -4.25 -18.07 -9.03
N ARG D 56 -5.27 -17.24 -8.86
CA ARG D 56 -5.49 -16.47 -7.64
C ARG D 56 -4.24 -15.68 -7.26
N SER D 57 -3.88 -14.74 -8.12
CA SER D 57 -2.70 -13.90 -7.88
C SER D 57 -2.90 -13.06 -6.63
N GLY D 58 -2.03 -13.29 -5.64
CA GLY D 58 -2.13 -12.53 -4.39
C GLY D 58 -1.86 -11.05 -4.57
N PHE D 59 -0.88 -10.71 -5.40
CA PHE D 59 -0.57 -9.31 -5.65
C PHE D 59 -1.72 -8.62 -6.37
N THR D 60 -2.10 -7.45 -5.86
CA THR D 60 -3.25 -6.71 -6.38
C THR D 60 -2.88 -5.86 -7.59
N GLU D 61 -1.60 -5.67 -7.88
CA GLU D 61 -1.19 -4.84 -9.00
C GLU D 61 0.05 -5.40 -9.66
N ILE D 62 0.07 -5.38 -10.98
CA ILE D 62 1.23 -5.78 -11.76
C ILE D 62 2.28 -4.68 -11.71
N SER D 63 3.53 -5.07 -11.48
CA SER D 63 4.62 -4.09 -11.41
C SER D 63 4.95 -3.55 -12.80
N GLU D 64 5.47 -2.33 -12.82
CA GLU D 64 5.90 -1.71 -14.07
C GLU D 64 7.05 -2.51 -14.69
N GLY D 65 6.92 -2.83 -15.97
CA GLY D 65 7.92 -3.67 -16.62
C GLY D 65 8.12 -4.99 -15.91
N SER D 66 7.01 -5.64 -15.51
CA SER D 66 7.11 -6.78 -14.61
C SER D 66 7.91 -7.91 -15.23
N PHE D 67 7.71 -8.20 -16.51
CA PHE D 67 8.40 -9.30 -17.17
C PHE D 67 9.55 -8.74 -18.01
N LEU D 68 10.76 -9.25 -17.75
CA LEU D 68 11.96 -8.76 -18.42
C LEU D 68 12.91 -9.86 -18.87
N PHE D 69 12.77 -11.10 -18.39
CA PHE D 69 13.87 -12.06 -18.44
C PHE D 69 13.66 -13.21 -19.42
N THR D 70 12.43 -13.53 -19.81
CA THR D 70 12.16 -14.64 -20.72
C THR D 70 11.44 -14.13 -21.95
N PRO D 71 12.19 -13.81 -23.02
CA PRO D 71 11.55 -13.40 -24.27
C PRO D 71 10.95 -14.55 -25.07
N SER D 72 11.10 -15.79 -24.60
CA SER D 72 10.67 -16.96 -25.35
C SER D 72 9.27 -17.45 -24.99
N LEU D 73 8.57 -16.79 -24.06
CA LEU D 73 7.19 -17.15 -23.81
C LEU D 73 6.33 -16.81 -25.03
N GLN D 74 5.28 -17.60 -25.21
CA GLN D 74 4.31 -17.37 -26.27
C GLN D 74 2.90 -17.11 -25.73
N LEU D 75 2.62 -17.47 -24.49
CA LEU D 75 1.29 -17.32 -23.91
C LEU D 75 1.41 -16.73 -22.52
N LEU D 76 0.35 -16.05 -22.09
CA LEU D 76 0.27 -15.55 -20.72
C LEU D 76 -1.21 -15.45 -20.34
N LEU D 77 -1.51 -15.83 -19.10
CA LEU D 77 -2.88 -15.89 -18.60
C LEU D 77 -3.11 -14.85 -17.52
N PHE D 78 -4.31 -14.27 -17.52
CA PHE D 78 -4.76 -13.38 -16.45
C PHE D 78 -6.21 -13.74 -16.13
N THR D 79 -6.38 -14.66 -15.18
CA THR D 79 -7.70 -15.11 -14.76
C THR D 79 -7.71 -15.25 -13.25
N SER D 80 -8.81 -14.83 -12.63
CA SER D 80 -8.98 -14.88 -11.18
C SER D 80 -7.89 -14.08 -10.47
N ASN D 81 -7.39 -13.03 -11.12
CA ASN D 81 -6.39 -12.14 -10.57
C ASN D 81 -6.98 -10.75 -10.45
N SER D 82 -7.06 -10.24 -9.22
CA SER D 82 -7.73 -8.98 -8.94
C SER D 82 -6.75 -7.83 -9.13
N PHE D 83 -7.13 -6.88 -10.00
CA PHE D 83 -6.35 -5.67 -10.23
C PHE D 83 -7.31 -4.48 -10.28
N ASP D 84 -6.79 -3.30 -9.94
CA ASP D 84 -7.57 -2.08 -9.98
C ASP D 84 -7.17 -1.17 -11.13
N VAL D 85 -5.89 -0.80 -11.23
CA VAL D 85 -5.37 0.03 -12.31
C VAL D 85 -4.05 -0.59 -12.74
N ILE D 86 -4.06 -1.29 -13.87
CA ILE D 86 -2.85 -1.98 -14.35
C ILE D 86 -1.75 -0.95 -14.57
N SER D 87 -0.56 -1.27 -14.07
CA SER D 87 0.57 -0.36 -14.21
C SER D 87 1.00 -0.24 -15.66
N ASP D 88 1.52 0.93 -16.01
CA ASP D 88 1.91 1.21 -17.39
C ASP D 88 3.09 0.34 -17.79
N ASP D 89 3.06 -0.10 -19.05
CA ASP D 89 4.15 -0.84 -19.67
C ASP D 89 4.64 -1.99 -18.78
N ALA D 90 3.67 -2.74 -18.25
CA ALA D 90 3.96 -3.77 -17.27
C ALA D 90 4.72 -4.95 -17.85
N PHE D 91 4.84 -5.06 -19.17
CA PHE D 91 5.52 -6.18 -19.80
C PHE D 91 6.30 -5.72 -21.02
N ILE D 92 7.59 -6.02 -21.04
CA ILE D 92 8.43 -5.78 -22.21
C ILE D 92 9.30 -7.01 -22.44
N GLY D 93 10.15 -6.94 -23.45
CA GLY D 93 11.06 -8.05 -23.75
C GLY D 93 10.35 -9.33 -24.10
N LEU D 94 9.25 -9.23 -24.86
CA LEU D 94 8.49 -10.41 -25.29
C LEU D 94 8.20 -10.30 -26.78
N PRO D 95 9.20 -10.59 -27.62
CA PRO D 95 8.97 -10.60 -29.06
C PRO D 95 8.46 -11.93 -29.61
N HIS D 96 8.41 -12.98 -28.78
CA HIS D 96 7.98 -14.29 -29.22
C HIS D 96 6.63 -14.69 -28.60
N LEU D 97 5.86 -13.72 -28.12
CA LEU D 97 4.56 -13.98 -27.51
C LEU D 97 3.46 -13.56 -28.46
N GLU D 98 2.48 -14.44 -28.63
CA GLU D 98 1.38 -14.21 -29.57
C GLU D 98 0.01 -14.18 -28.91
N TYR D 99 -0.14 -14.67 -27.69
CA TYR D 99 -1.45 -14.82 -27.06
C TYR D 99 -1.43 -14.18 -25.68
N LEU D 100 -2.44 -13.36 -25.40
CA LEU D 100 -2.62 -12.78 -24.08
C LEU D 100 -4.11 -12.81 -23.73
N PHE D 101 -4.42 -13.29 -22.54
CA PHE D 101 -5.80 -13.46 -22.10
C PHE D 101 -6.04 -12.63 -20.85
N ILE D 102 -7.13 -11.88 -20.84
CA ILE D 102 -7.56 -11.09 -19.68
C ILE D 102 -9.04 -11.38 -19.48
N GLU D 103 -9.35 -12.32 -18.60
CA GLU D 103 -10.72 -12.79 -18.39
C GLU D 103 -10.91 -13.12 -16.92
N ASN D 104 -12.14 -12.97 -16.44
CA ASN D 104 -12.48 -13.23 -15.04
C ASN D 104 -11.60 -12.42 -14.11
N ASN D 105 -11.34 -11.17 -14.49
CA ASN D 105 -10.51 -10.25 -13.72
C ASN D 105 -11.30 -9.00 -13.44
N ASN D 106 -11.57 -8.72 -12.17
CA ASN D 106 -12.12 -7.43 -11.78
C ASN D 106 -11.12 -6.34 -12.13
N ILE D 107 -11.62 -5.25 -12.70
CA ILE D 107 -10.76 -4.15 -13.11
C ILE D 107 -11.62 -2.91 -13.28
N LYS D 108 -11.05 -1.75 -12.92
CA LYS D 108 -11.73 -0.48 -13.07
C LYS D 108 -10.99 0.52 -13.95
N SER D 109 -9.68 0.35 -14.14
CA SER D 109 -8.90 1.27 -14.95
C SER D 109 -7.63 0.57 -15.42
N ILE D 110 -6.98 1.18 -16.39
CA ILE D 110 -5.72 0.65 -16.94
C ILE D 110 -4.97 1.81 -17.57
N SER D 111 -3.65 1.73 -17.55
CA SER D 111 -2.82 2.78 -18.14
C SER D 111 -2.82 2.68 -19.66
N ARG D 112 -2.70 3.84 -20.31
CA ARG D 112 -2.78 3.91 -21.76
C ARG D 112 -1.63 3.16 -22.42
N HIS D 113 -0.41 3.32 -21.90
CA HIS D 113 0.78 2.75 -22.53
C HIS D 113 1.20 1.44 -21.87
N THR D 114 0.22 0.62 -21.46
CA THR D 114 0.54 -0.67 -20.86
C THR D 114 1.16 -1.63 -21.86
N PHE D 115 0.72 -1.57 -23.12
CA PHE D 115 1.11 -2.56 -24.12
C PHE D 115 2.24 -2.00 -24.99
N ARG D 116 3.45 -2.04 -24.45
CA ARG D 116 4.66 -1.66 -25.17
C ARG D 116 5.68 -2.77 -25.06
N GLY D 117 6.37 -3.05 -26.16
CA GLY D 117 7.30 -4.16 -26.20
C GLY D 117 6.65 -5.52 -26.39
N LEU D 118 5.40 -5.56 -26.84
CA LEU D 118 4.62 -6.79 -26.98
C LEU D 118 4.06 -6.89 -28.38
N LYS D 119 4.87 -6.50 -29.38
CA LYS D 119 4.36 -6.13 -30.69
C LYS D 119 3.98 -7.32 -31.57
N SER D 120 4.24 -8.55 -31.13
CA SER D 120 3.96 -9.74 -31.95
C SER D 120 2.75 -10.52 -31.45
N LEU D 121 1.80 -9.84 -30.81
CA LEU D 121 0.61 -10.51 -30.31
C LEU D 121 -0.35 -10.86 -31.45
N ILE D 122 -1.04 -11.98 -31.30
CA ILE D 122 -2.11 -12.34 -32.22
C ILE D 122 -3.44 -12.63 -31.52
N HIS D 123 -3.45 -12.99 -30.24
CA HIS D 123 -4.69 -13.31 -29.53
C HIS D 123 -4.77 -12.45 -28.28
N LEU D 124 -5.87 -11.71 -28.14
CA LEU D 124 -6.11 -10.86 -26.99
C LEU D 124 -7.51 -11.12 -26.46
N SER D 125 -7.66 -11.00 -25.14
CA SER D 125 -8.94 -11.22 -24.49
C SER D 125 -9.28 -10.05 -23.60
N LEU D 126 -10.50 -9.55 -23.73
CA LEU D 126 -11.05 -8.57 -22.80
C LEU D 126 -12.39 -9.04 -22.24
N ALA D 127 -12.85 -10.22 -22.64
CA ALA D 127 -14.11 -10.76 -22.14
C ALA D 127 -14.05 -11.00 -20.63
N ASN D 128 -15.20 -10.85 -19.99
CA ASN D 128 -15.36 -11.13 -18.56
C ASN D 128 -14.34 -10.34 -17.73
N ASN D 129 -14.44 -9.02 -17.81
CA ASN D 129 -13.56 -8.14 -17.06
C ASN D 129 -14.31 -7.02 -16.36
N ASN D 130 -15.65 -7.02 -16.42
CA ASN D 130 -16.52 -6.08 -15.70
C ASN D 130 -15.98 -4.65 -15.71
N LEU D 131 -15.61 -4.20 -16.90
CA LEU D 131 -15.08 -2.85 -17.07
C LEU D 131 -16.24 -1.85 -17.07
N GLN D 132 -15.89 -0.57 -17.26
CA GLN D 132 -16.89 0.48 -17.41
C GLN D 132 -16.61 1.29 -18.67
N THR D 133 -15.34 1.47 -19.01
CA THR D 133 -14.94 2.23 -20.19
C THR D 133 -13.45 2.00 -20.41
N LEU D 134 -12.95 2.51 -21.53
CA LEU D 134 -11.57 2.26 -21.93
C LEU D 134 -10.81 3.58 -22.06
N PRO D 135 -9.52 3.58 -21.73
CA PRO D 135 -8.70 4.77 -21.96
C PRO D 135 -8.64 5.13 -23.45
N LYS D 136 -8.52 6.42 -23.72
CA LYS D 136 -8.59 6.92 -25.09
C LYS D 136 -7.48 6.32 -25.96
N ASP D 137 -7.89 5.56 -26.97
CA ASP D 137 -6.99 5.04 -28.00
C ASP D 137 -5.87 4.18 -27.41
N ILE D 138 -6.17 3.44 -26.34
CA ILE D 138 -5.18 2.54 -25.77
C ILE D 138 -4.91 1.37 -26.70
N PHE D 139 -5.88 1.01 -27.55
CA PHE D 139 -5.77 -0.17 -28.40
C PHE D 139 -4.60 -0.06 -29.36
N LYS D 140 -4.40 1.12 -29.96
CA LYS D 140 -3.44 1.24 -31.05
C LYS D 140 -1.99 1.16 -30.58
N GLY D 141 -1.73 1.15 -29.27
CA GLY D 141 -0.37 1.00 -28.80
C GLY D 141 0.29 -0.26 -29.32
N LEU D 142 -0.43 -1.37 -29.33
CA LEU D 142 0.05 -2.60 -29.95
C LEU D 142 -0.11 -2.52 -31.46
N ASP D 143 0.90 -3.01 -32.17
CA ASP D 143 0.91 -2.93 -33.64
C ASP D 143 0.19 -4.13 -34.27
N SER D 144 0.66 -5.35 -33.99
CA SER D 144 0.12 -6.54 -34.61
C SER D 144 -0.85 -7.24 -33.67
N LEU D 145 -1.98 -7.69 -34.21
CA LEU D 145 -3.01 -8.36 -33.43
C LEU D 145 -4.00 -9.00 -34.40
N THR D 146 -4.53 -10.16 -34.00
CA THR D 146 -5.53 -10.87 -34.80
C THR D 146 -6.82 -11.18 -34.06
N ASN D 147 -6.82 -11.25 -32.73
CA ASN D 147 -8.02 -11.63 -32.00
C ASN D 147 -8.17 -10.79 -30.75
N VAL D 148 -9.36 -10.22 -30.56
CA VAL D 148 -9.77 -9.57 -29.32
C VAL D 148 -11.16 -10.07 -28.96
N ASP D 149 -11.34 -10.48 -27.70
CA ASP D 149 -12.58 -11.10 -27.26
C ASP D 149 -13.30 -10.20 -26.28
N LEU D 150 -14.58 -9.93 -26.57
CA LEU D 150 -15.47 -9.18 -25.67
C LEU D 150 -16.71 -10.02 -25.41
N ARG D 151 -16.82 -10.54 -24.19
CA ARG D 151 -17.96 -11.36 -23.79
C ARG D 151 -18.20 -11.17 -22.31
N GLY D 152 -19.43 -10.86 -21.93
CA GLY D 152 -19.79 -10.68 -20.54
C GLY D 152 -19.06 -9.56 -19.84
N ASN D 153 -18.59 -8.56 -20.58
CA ASN D 153 -17.82 -7.46 -20.02
C ASN D 153 -18.67 -6.20 -20.08
N SER D 154 -18.91 -5.58 -18.92
CA SER D 154 -19.72 -4.39 -18.85
C SER D 154 -18.94 -3.18 -19.37
N PHE D 155 -19.69 -2.16 -19.79
CA PHE D 155 -19.11 -0.92 -20.29
C PHE D 155 -20.11 0.20 -20.11
N ASN D 156 -19.61 1.43 -20.21
CA ASN D 156 -20.43 2.65 -20.18
C ASN D 156 -20.14 3.40 -21.47
N CYS D 157 -21.01 3.21 -22.46
CA CYS D 157 -20.79 3.77 -23.79
C CYS D 157 -21.04 5.28 -23.80
N ASP D 158 -20.00 6.05 -23.56
CA ASP D 158 -20.09 7.51 -23.51
C ASP D 158 -19.22 8.11 -24.60
N CYS D 159 -19.11 9.44 -24.58
CA CYS D 159 -18.33 10.13 -25.61
C CYS D 159 -16.85 9.79 -25.53
N LYS D 160 -16.31 9.68 -24.31
CA LYS D 160 -14.89 9.36 -24.17
C LYS D 160 -14.60 7.96 -24.69
N LEU D 161 -15.49 7.01 -24.41
CA LEU D 161 -15.37 5.67 -24.98
C LEU D 161 -15.73 5.66 -26.47
N LYS D 162 -16.26 6.77 -26.99
CA LYS D 162 -16.69 6.84 -28.39
C LYS D 162 -15.56 6.47 -29.34
N TRP D 163 -14.31 6.76 -28.97
CA TRP D 163 -13.18 6.42 -29.82
C TRP D 163 -13.20 4.95 -30.22
N LEU D 164 -13.59 4.08 -29.28
CA LEU D 164 -13.68 2.65 -29.59
C LEU D 164 -14.58 2.42 -30.79
N VAL D 165 -15.77 3.02 -30.78
CA VAL D 165 -16.67 2.93 -31.93
C VAL D 165 -15.94 3.42 -33.19
N GLU D 166 -15.26 4.57 -33.08
CA GLU D 166 -14.46 5.04 -34.19
C GLU D 166 -13.39 4.03 -34.56
N TRP D 167 -12.71 3.46 -33.55
CA TRP D 167 -11.78 2.39 -33.83
C TRP D 167 -12.49 1.17 -34.40
N LEU D 168 -13.73 0.93 -33.98
CA LEU D 168 -14.51 -0.15 -34.57
C LEU D 168 -14.88 0.12 -36.02
N GLY D 169 -14.73 1.36 -36.48
CA GLY D 169 -14.83 1.63 -37.90
C GLY D 169 -13.58 1.32 -38.68
N HIS D 170 -12.48 1.04 -37.99
CA HIS D 170 -11.21 0.68 -38.63
C HIS D 170 -10.77 -0.73 -38.31
N THR D 171 -11.38 -1.39 -37.33
CA THR D 171 -10.91 -2.69 -36.87
C THR D 171 -11.08 -3.75 -37.96
N ASN D 172 -10.18 -4.74 -37.95
CA ASN D 172 -10.20 -5.81 -38.93
C ASN D 172 -10.08 -7.17 -38.27
N ALA D 173 -9.48 -7.20 -37.08
CA ALA D 173 -9.19 -8.47 -36.42
C ALA D 173 -10.47 -9.15 -35.93
N THR D 174 -10.33 -10.44 -35.62
CA THR D 174 -11.48 -11.23 -35.16
C THR D 174 -11.93 -10.73 -33.81
N VAL D 175 -13.13 -10.15 -33.75
CA VAL D 175 -13.66 -9.57 -32.54
C VAL D 175 -15.14 -9.92 -32.41
N GLU D 176 -15.56 -10.26 -31.20
CA GLU D 176 -16.96 -10.52 -30.89
C GLU D 176 -17.48 -9.42 -29.98
N ASP D 177 -18.56 -8.77 -30.41
CA ASP D 177 -19.12 -7.64 -29.67
C ASP D 177 -20.09 -8.12 -28.59
N ILE D 178 -20.03 -7.48 -27.44
CA ILE D 178 -20.87 -7.84 -26.30
C ILE D 178 -21.76 -6.64 -25.98
N TYR D 179 -22.66 -6.78 -25.01
CA TYR D 179 -23.55 -5.70 -24.62
C TYR D 179 -22.80 -4.63 -23.84
N CYS D 180 -23.35 -3.42 -23.88
CA CYS D 180 -22.82 -2.26 -23.17
C CYS D 180 -23.94 -1.61 -22.38
N GLU D 181 -23.71 -1.37 -21.10
CA GLU D 181 -24.73 -0.83 -20.20
C GLU D 181 -24.19 0.43 -19.55
N GLY D 182 -24.35 1.55 -20.24
CA GLY D 182 -23.94 2.84 -19.73
C GLY D 182 -25.11 3.79 -19.61
N PRO D 183 -25.10 4.85 -20.40
CA PRO D 183 -26.25 5.74 -20.44
C PRO D 183 -27.46 5.02 -20.99
N PRO D 184 -28.67 5.40 -20.54
CA PRO D 184 -29.87 4.71 -21.02
C PRO D 184 -30.20 5.01 -22.48
N GLU D 185 -29.54 5.99 -23.10
CA GLU D 185 -29.72 6.21 -24.53
C GLU D 185 -29.26 5.00 -25.33
N TYR D 186 -28.33 4.22 -24.78
CA TYR D 186 -27.81 3.03 -25.45
C TYR D 186 -28.52 1.80 -24.89
N LYS D 187 -29.17 1.05 -25.76
CA LYS D 187 -29.92 -0.13 -25.37
C LYS D 187 -29.02 -1.36 -25.49
N LYS D 188 -29.62 -2.56 -25.39
CA LYS D 188 -28.88 -3.81 -25.47
C LYS D 188 -28.60 -4.14 -26.93
N ARG D 189 -27.51 -3.59 -27.46
CA ARG D 189 -27.08 -3.87 -28.81
C ARG D 189 -25.55 -3.96 -28.82
N LYS D 190 -24.97 -3.93 -30.01
CA LYS D 190 -23.53 -4.12 -30.19
C LYS D 190 -22.84 -2.79 -30.43
N ILE D 191 -21.67 -2.63 -29.81
CA ILE D 191 -20.95 -1.36 -29.90
C ILE D 191 -20.46 -1.10 -31.32
N ASN D 192 -20.07 -2.16 -32.03
CA ASN D 192 -19.60 -1.96 -33.40
C ASN D 192 -20.68 -1.38 -34.29
N SER D 193 -21.95 -1.64 -33.97
CA SER D 193 -23.07 -1.07 -34.70
C SER D 193 -23.33 0.38 -34.34
N LEU D 194 -22.64 0.92 -33.34
CA LEU D 194 -22.84 2.30 -32.93
C LEU D 194 -22.32 3.26 -33.99
N SER D 195 -22.82 4.49 -33.94
CA SER D 195 -22.35 5.58 -34.77
C SER D 195 -21.86 6.71 -33.87
N SER D 196 -20.86 7.45 -34.37
CA SER D 196 -20.27 8.51 -33.58
C SER D 196 -21.24 9.65 -33.28
N LYS D 197 -22.37 9.70 -33.99
CA LYS D 197 -23.35 10.75 -33.78
C LYS D 197 -24.30 10.45 -32.62
N ASP D 198 -24.31 9.22 -32.11
CA ASP D 198 -25.11 8.93 -30.92
C ASP D 198 -24.54 9.64 -29.70
N PHE D 199 -23.22 9.80 -29.63
CA PHE D 199 -22.59 10.60 -28.60
C PHE D 199 -22.49 12.03 -29.10
N ASP D 200 -23.21 12.94 -28.46
CA ASP D 200 -23.36 14.32 -28.90
C ASP D 200 -22.51 15.29 -28.09
N CYS D 201 -21.31 14.86 -27.71
CA CYS D 201 -20.40 15.73 -26.94
C CYS D 201 -19.70 16.66 -27.92
N ILE D 202 -20.15 17.90 -27.99
CA ILE D 202 -19.55 18.93 -28.84
C ILE D 202 -18.57 19.72 -27.98
N ILE D 203 -17.28 19.56 -28.27
CA ILE D 203 -16.25 20.25 -27.50
C ILE D 203 -16.22 21.71 -27.93
N THR D 204 -16.36 22.61 -26.97
CA THR D 204 -16.40 24.05 -27.23
C THR D 204 -15.36 24.74 -26.37
N GLU D 205 -14.45 25.48 -27.01
CA GLU D 205 -13.46 26.27 -26.30
C GLU D 205 -13.39 27.67 -26.91
N PHE D 206 -12.42 28.48 -26.47
CA PHE D 206 -12.32 29.85 -26.91
C PHE D 206 -10.89 30.16 -27.34
N ALA D 207 -10.76 30.75 -28.53
CA ALA D 207 -9.48 31.14 -29.09
C ALA D 207 -9.30 32.64 -28.95
N LYS D 208 -8.13 33.05 -28.43
CA LYS D 208 -7.87 34.45 -28.14
C LYS D 208 -7.59 35.22 -29.42
N SER D 209 -8.23 36.38 -29.55
CA SER D 209 -8.02 37.28 -30.69
C SER D 209 -7.97 38.72 -30.21
N GLN D 210 -7.23 38.97 -29.14
CA GLN D 210 -7.13 40.29 -28.53
C GLN D 210 -6.52 41.31 -29.49
N ASP D 211 -7.33 42.27 -29.93
CA ASP D 211 -6.82 43.29 -30.85
C ASP D 211 -7.21 44.70 -30.41
N LEU D 212 -8.33 44.83 -29.69
CA LEU D 212 -8.79 46.15 -29.28
C LEU D 212 -8.05 46.63 -28.05
N PRO D 213 -7.30 47.73 -28.13
CA PRO D 213 -6.55 48.21 -26.96
C PRO D 213 -7.36 49.11 -26.04
N TYR D 214 -8.38 49.75 -26.60
CA TYR D 214 -9.13 50.75 -25.86
C TYR D 214 -9.90 50.12 -24.71
N GLN D 215 -10.02 50.86 -23.61
CA GLN D 215 -10.82 50.41 -22.48
C GLN D 215 -12.29 50.40 -22.86
N SER D 216 -13.11 49.77 -22.01
CA SER D 216 -14.53 49.64 -22.33
C SER D 216 -15.33 49.51 -21.04
N LEU D 217 -16.56 50.02 -21.08
CA LEU D 217 -17.56 49.78 -20.06
C LEU D 217 -18.73 48.96 -20.59
N SER D 218 -19.38 49.44 -21.64
CA SER D 218 -20.55 48.78 -22.21
C SER D 218 -20.20 48.26 -23.59
N ILE D 219 -20.42 46.96 -23.81
CA ILE D 219 -20.28 46.32 -25.10
C ILE D 219 -21.63 45.71 -25.44
N ASP D 220 -22.27 46.24 -26.49
CA ASP D 220 -23.59 45.75 -26.87
C ASP D 220 -23.66 45.60 -28.37
N THR D 221 -24.26 44.50 -28.82
CA THR D 221 -24.31 44.19 -30.24
C THR D 221 -25.76 44.15 -30.71
N PHE D 222 -25.95 44.51 -31.98
CA PHE D 222 -27.30 44.60 -32.53
C PHE D 222 -27.23 44.39 -34.04
N SER D 223 -28.13 43.56 -34.57
CA SER D 223 -28.17 43.31 -36.00
C SER D 223 -28.78 44.49 -36.72
N TYR D 224 -28.12 44.95 -37.79
CA TYR D 224 -28.60 46.09 -38.54
C TYR D 224 -27.98 46.06 -39.93
N LEU D 225 -28.81 46.26 -40.95
CA LEU D 225 -28.37 46.26 -42.35
C LEU D 225 -27.63 44.97 -42.70
N ASN D 226 -28.14 43.85 -42.20
CA ASN D 226 -27.54 42.53 -42.42
C ASN D 226 -26.08 42.51 -41.97
N ASP D 227 -25.79 43.22 -40.88
CA ASP D 227 -24.44 43.25 -40.33
C ASP D 227 -24.57 43.62 -38.85
N GLU D 228 -24.47 42.61 -37.98
CA GLU D 228 -24.60 42.84 -36.55
C GLU D 228 -23.43 43.67 -36.06
N TYR D 229 -23.70 44.93 -35.76
CA TYR D 229 -22.67 45.86 -35.31
C TYR D 229 -22.47 45.75 -33.81
N VAL D 230 -21.20 45.86 -33.40
CA VAL D 230 -20.79 45.83 -32.00
C VAL D 230 -20.45 47.25 -31.59
N VAL D 231 -21.06 47.73 -30.51
CA VAL D 231 -20.91 49.11 -30.07
C VAL D 231 -20.27 49.09 -28.70
N ILE D 232 -19.20 49.87 -28.55
CA ILE D 232 -18.37 49.86 -27.35
C ILE D 232 -18.24 51.28 -26.82
N ALA D 233 -18.44 51.43 -25.50
CA ALA D 233 -18.28 52.72 -24.83
C ALA D 233 -16.93 52.73 -24.12
N GLN D 234 -16.09 53.75 -24.43
CA GLN D 234 -14.75 53.79 -23.85
C GLN D 234 -14.70 54.74 -22.68
N PRO D 235 -14.21 54.30 -21.52
CA PRO D 235 -14.16 55.17 -20.34
C PRO D 235 -13.08 56.23 -20.49
N PHE D 236 -13.25 57.32 -19.73
CA PHE D 236 -12.28 58.39 -19.61
C PHE D 236 -12.07 59.14 -20.93
N THR D 237 -12.80 58.75 -21.97
CA THR D 237 -12.63 59.32 -23.29
C THR D 237 -13.90 59.94 -23.85
N GLY D 238 -15.07 59.44 -23.48
CA GLY D 238 -16.28 59.89 -24.15
C GLY D 238 -16.32 59.48 -25.61
N LYS D 239 -15.86 58.26 -25.91
CA LYS D 239 -15.83 57.76 -27.27
C LYS D 239 -16.70 56.52 -27.38
N CYS D 240 -17.68 56.56 -28.29
CA CYS D 240 -18.51 55.42 -28.61
C CYS D 240 -18.11 54.92 -29.98
N ILE D 241 -17.75 53.63 -30.07
CA ILE D 241 -17.07 53.07 -31.23
C ILE D 241 -17.94 51.97 -31.82
N PHE D 242 -17.98 51.90 -33.14
CA PHE D 242 -18.78 50.90 -33.86
C PHE D 242 -17.88 49.98 -34.66
N LEU D 243 -18.11 48.67 -34.53
CA LEU D 243 -17.33 47.64 -35.20
C LEU D 243 -18.27 46.78 -36.04
N GLU D 244 -17.83 46.43 -37.24
CA GLU D 244 -18.60 45.57 -38.13
C GLU D 244 -17.73 44.40 -38.58
N TRP D 245 -18.29 43.20 -38.51
CA TRP D 245 -17.56 42.01 -38.91
C TRP D 245 -17.33 42.00 -40.42
N ASP D 246 -16.12 41.63 -40.81
CA ASP D 246 -15.77 41.47 -42.22
C ASP D 246 -14.99 40.18 -42.40
N HIS D 247 -15.18 39.56 -43.57
CA HIS D 247 -14.55 38.29 -43.90
C HIS D 247 -13.20 38.47 -44.59
N VAL D 248 -12.72 39.70 -44.72
CA VAL D 248 -11.42 39.92 -45.35
C VAL D 248 -10.31 39.25 -44.56
N GLU D 249 -10.35 39.40 -43.22
CA GLU D 249 -9.38 38.71 -42.36
C GLU D 249 -10.04 38.12 -41.12
N LYS D 250 -11.35 37.90 -41.15
CA LYS D 250 -12.10 37.28 -40.06
C LYS D 250 -11.95 38.07 -38.76
N THR D 251 -12.45 39.30 -38.79
CA THR D 251 -12.42 40.17 -37.62
C THR D 251 -13.59 41.15 -37.72
N PHE D 252 -13.57 42.16 -36.86
CA PHE D 252 -14.56 43.23 -36.87
C PHE D 252 -13.88 44.54 -37.21
N ARG D 253 -14.52 45.33 -38.07
CA ARG D 253 -13.93 46.54 -38.62
C ARG D 253 -14.58 47.77 -38.01
N ASN D 254 -13.75 48.66 -37.45
CA ASN D 254 -14.25 49.92 -36.94
C ASN D 254 -14.63 50.84 -38.09
N TYR D 255 -15.81 51.47 -37.97
CA TYR D 255 -16.27 52.35 -39.02
C TYR D 255 -16.87 53.67 -38.54
N ASP D 256 -17.21 53.82 -37.26
CA ASP D 256 -17.88 55.03 -36.83
C ASP D 256 -17.61 55.30 -35.35
N ASN D 257 -17.75 56.56 -34.97
CA ASN D 257 -17.47 57.02 -33.61
C ASN D 257 -18.45 58.14 -33.24
N ILE D 258 -18.59 58.35 -31.93
CA ILE D 258 -19.50 59.34 -31.39
C ILE D 258 -18.71 60.28 -30.48
N THR D 259 -19.25 61.48 -30.29
CA THR D 259 -18.65 62.51 -29.45
C THR D 259 -19.28 62.49 -28.06
N GLY D 260 -18.43 62.58 -27.04
CA GLY D 260 -18.91 62.59 -25.67
C GLY D 260 -17.79 62.94 -24.71
N THR D 261 -18.15 63.05 -23.43
CA THR D 261 -17.20 63.39 -22.38
C THR D 261 -16.61 62.15 -21.72
N SER D 262 -17.45 61.28 -21.16
CA SER D 262 -16.99 60.03 -20.56
C SER D 262 -18.12 59.01 -20.71
N THR D 263 -18.04 58.20 -21.77
CA THR D 263 -19.11 57.25 -22.06
C THR D 263 -19.23 56.20 -20.96
N VAL D 264 -20.49 55.83 -20.66
CA VAL D 264 -20.78 54.72 -19.78
C VAL D 264 -21.55 53.62 -20.49
N VAL D 265 -22.48 53.98 -21.37
CA VAL D 265 -23.31 53.01 -22.06
C VAL D 265 -23.62 53.54 -23.46
N CYS D 266 -23.83 52.62 -24.40
CA CYS D 266 -24.11 52.95 -25.78
C CYS D 266 -25.22 52.04 -26.32
N LYS D 267 -26.30 51.90 -25.55
CA LYS D 267 -27.39 50.98 -25.85
C LYS D 267 -27.95 51.19 -27.25
N PRO D 268 -27.72 50.23 -28.17
CA PRO D 268 -28.25 50.37 -29.52
C PRO D 268 -29.61 49.70 -29.69
N ILE D 269 -30.57 50.42 -30.29
CA ILE D 269 -31.86 49.84 -30.63
C ILE D 269 -32.23 50.30 -32.04
N VAL D 270 -32.63 49.35 -32.88
CA VAL D 270 -33.03 49.62 -34.26
C VAL D 270 -34.54 49.47 -34.34
N ILE D 271 -35.22 50.55 -34.71
CA ILE D 271 -36.67 50.54 -34.88
C ILE D 271 -36.98 51.24 -36.21
N GLU D 272 -37.81 50.60 -37.03
CA GLU D 272 -38.08 51.05 -38.40
C GLU D 272 -36.79 51.23 -39.19
N THR D 273 -35.85 50.30 -39.00
CA THR D 273 -34.53 50.36 -39.62
C THR D 273 -33.83 51.68 -39.30
N GLN D 274 -34.12 52.24 -38.12
CA GLN D 274 -33.53 53.49 -37.68
C GLN D 274 -32.96 53.28 -36.28
N LEU D 275 -31.65 53.14 -36.20
CA LEU D 275 -31.00 52.91 -34.92
C LEU D 275 -31.05 54.17 -34.07
N TYR D 276 -31.46 54.01 -32.81
CA TYR D 276 -31.46 55.10 -31.82
C TYR D 276 -30.52 54.69 -30.70
N VAL D 277 -29.24 54.99 -30.85
CA VAL D 277 -28.25 54.60 -29.87
C VAL D 277 -28.24 55.61 -28.73
N ILE D 278 -28.17 55.10 -27.50
CA ILE D 278 -28.23 55.93 -26.30
C ILE D 278 -26.80 56.17 -25.84
N VAL D 279 -26.26 57.34 -26.16
CA VAL D 279 -24.88 57.69 -25.83
C VAL D 279 -24.93 58.48 -24.53
N ALA D 280 -24.55 57.84 -23.44
CA ALA D 280 -24.66 58.43 -22.10
C ALA D 280 -23.27 58.70 -21.53
N GLN D 281 -23.10 59.88 -20.96
CA GLN D 281 -21.83 60.32 -20.40
C GLN D 281 -22.03 60.80 -18.97
N LEU D 282 -21.05 60.51 -18.11
CA LEU D 282 -21.10 60.95 -16.72
C LEU D 282 -21.03 62.46 -16.59
N PHE D 283 -20.65 63.18 -17.64
CA PHE D 283 -20.58 64.63 -17.62
C PHE D 283 -21.31 65.18 -18.84
N GLY D 284 -22.12 66.21 -18.63
CA GLY D 284 -22.85 66.83 -19.72
C GLY D 284 -24.13 66.14 -20.12
N GLY D 285 -24.57 65.13 -19.38
CA GLY D 285 -25.80 64.46 -19.71
C GLY D 285 -25.63 63.41 -20.80
N SER D 286 -26.76 63.03 -21.38
CA SER D 286 -26.80 61.95 -22.37
C SER D 286 -27.55 62.43 -23.62
N HIS D 287 -27.41 61.65 -24.68
CA HIS D 287 -28.06 61.94 -25.96
C HIS D 287 -28.56 60.65 -26.58
N ILE D 288 -29.44 60.79 -27.57
CA ILE D 288 -29.89 59.69 -28.39
C ILE D 288 -29.58 60.05 -29.83
N TYR D 289 -28.68 59.29 -30.45
CA TYR D 289 -28.27 59.50 -31.82
C TYR D 289 -29.05 58.58 -32.76
N LYS D 290 -29.37 59.09 -33.94
CA LYS D 290 -30.09 58.33 -34.97
C LYS D 290 -29.14 57.98 -36.10
N ARG D 291 -29.07 56.70 -36.43
CA ARG D 291 -28.24 56.21 -37.52
C ARG D 291 -29.12 56.01 -38.74
N ASP D 292 -28.89 56.83 -39.77
CA ASP D 292 -29.62 56.67 -41.01
C ASP D 292 -29.20 55.38 -41.71
N SER D 293 -30.17 54.67 -42.27
CA SER D 293 -29.89 53.43 -42.98
C SER D 293 -29.17 53.68 -44.31
N PHE D 294 -29.09 54.92 -44.77
CA PHE D 294 -28.45 55.25 -46.04
C PHE D 294 -27.10 55.91 -45.84
N ALA D 295 -27.04 57.00 -45.08
CA ALA D 295 -25.80 57.74 -44.88
C ALA D 295 -24.90 57.12 -43.81
N ASN D 296 -25.45 56.21 -42.98
CA ASN D 296 -24.69 55.57 -41.90
C ASN D 296 -24.08 56.60 -40.95
N LYS D 297 -24.77 57.72 -40.75
CA LYS D 297 -24.32 58.78 -39.87
C LYS D 297 -25.21 58.85 -38.65
N PHE D 298 -24.62 59.17 -37.50
CA PHE D 298 -25.32 59.20 -36.22
C PHE D 298 -25.66 60.64 -35.88
N ILE D 299 -26.89 61.04 -36.17
CA ILE D 299 -27.40 62.37 -35.84
C ILE D 299 -28.21 62.28 -34.55
N LYS D 300 -28.06 63.28 -33.69
CA LYS D 300 -28.72 63.27 -32.39
C LYS D 300 -30.21 63.42 -32.62
N ILE D 301 -30.94 62.30 -32.59
CA ILE D 301 -32.38 62.35 -32.77
C ILE D 301 -33.05 63.01 -31.58
N GLN D 302 -32.53 62.79 -30.37
CA GLN D 302 -33.17 63.36 -29.18
C GLN D 302 -32.13 63.67 -28.12
N ASP D 303 -31.93 64.95 -27.85
CA ASP D 303 -31.14 65.36 -26.69
C ASP D 303 -31.97 65.07 -25.44
N ILE D 304 -31.68 63.95 -24.78
CA ILE D 304 -32.46 63.57 -23.61
C ILE D 304 -32.22 64.57 -22.48
N GLU D 305 -33.19 64.63 -21.57
CA GLU D 305 -33.12 65.57 -20.47
C GLU D 305 -31.87 65.33 -19.62
N ILE D 306 -31.21 66.43 -19.24
CA ILE D 306 -30.03 66.37 -18.39
C ILE D 306 -30.29 66.91 -17.00
N LEU D 307 -31.51 67.34 -16.71
CA LEU D 307 -31.83 67.86 -15.39
C LEU D 307 -31.75 66.75 -14.33
N LYS D 308 -32.19 65.54 -14.69
CA LYS D 308 -32.09 64.39 -13.79
C LYS D 308 -31.01 63.41 -14.19
N ILE D 309 -30.65 63.37 -15.46
CA ILE D 309 -29.66 62.43 -15.98
C ILE D 309 -28.32 63.16 -16.01
N ARG D 310 -27.48 62.91 -15.01
CA ARG D 310 -26.16 63.54 -14.91
C ARG D 310 -25.03 62.53 -14.99
N LYS D 311 -25.09 61.46 -14.21
CA LYS D 311 -24.03 60.45 -14.15
C LYS D 311 -24.63 59.07 -14.38
N PRO D 312 -24.99 58.76 -15.62
CA PRO D 312 -25.66 57.48 -15.90
C PRO D 312 -24.79 56.29 -15.53
N ASN D 313 -25.43 55.24 -15.02
CA ASN D 313 -24.75 54.01 -14.63
C ASN D 313 -25.08 52.84 -15.55
N ASP D 314 -26.36 52.64 -15.86
CA ASP D 314 -26.77 51.54 -16.72
C ASP D 314 -28.10 51.86 -17.36
N ILE D 315 -28.25 51.48 -18.63
CA ILE D 315 -29.48 51.66 -19.38
C ILE D 315 -29.93 50.30 -19.88
N GLU D 316 -31.21 49.99 -19.67
CA GLU D 316 -31.81 48.74 -20.14
C GLU D 316 -32.95 49.06 -21.08
N THR D 317 -32.92 48.48 -22.28
CA THR D 317 -33.89 48.75 -23.33
C THR D 317 -34.70 47.50 -23.63
N PHE D 318 -35.97 47.69 -23.96
CA PHE D 318 -36.86 46.58 -24.23
C PHE D 318 -38.08 47.07 -25.01
N LYS D 319 -38.76 46.13 -25.65
CA LYS D 319 -39.98 46.40 -26.40
C LYS D 319 -41.09 45.48 -25.89
N ILE D 320 -42.25 46.07 -25.59
CA ILE D 320 -43.40 45.31 -25.13
C ILE D 320 -44.66 46.04 -25.57
N GLU D 321 -45.68 45.27 -25.98
CA GLU D 321 -46.95 45.82 -26.46
C GLU D 321 -46.71 46.84 -27.58
N ASN D 322 -45.72 46.56 -28.43
CA ASN D 322 -45.29 47.45 -29.50
C ASN D 322 -44.87 48.82 -28.98
N ASN D 323 -44.54 48.91 -27.69
CA ASN D 323 -44.06 50.14 -27.08
C ASN D 323 -42.61 49.95 -26.67
N TRP D 324 -41.73 50.80 -27.18
CA TRP D 324 -40.30 50.70 -26.91
C TRP D 324 -39.98 51.56 -25.69
N TYR D 325 -39.55 50.92 -24.61
CA TYR D 325 -39.23 51.60 -23.36
C TYR D 325 -37.83 51.23 -22.91
N PHE D 326 -37.10 52.21 -22.39
CA PHE D 326 -35.75 51.98 -21.89
C PHE D 326 -35.62 52.60 -20.50
N VAL D 327 -34.87 51.92 -19.64
CA VAL D 327 -34.74 52.28 -18.23
C VAL D 327 -33.41 53.00 -18.03
N VAL D 328 -33.46 54.13 -17.31
CA VAL D 328 -32.30 54.95 -17.03
C VAL D 328 -32.08 54.99 -15.53
N ALA D 329 -30.84 54.74 -15.11
CA ALA D 329 -30.41 54.81 -13.72
C ALA D 329 -29.16 55.68 -13.63
N ASP D 330 -29.11 56.52 -12.60
CA ASP D 330 -27.99 57.44 -12.39
C ASP D 330 -27.10 56.88 -11.29
N SER D 331 -25.78 56.93 -11.52
CA SER D 331 -24.84 56.50 -10.49
C SER D 331 -24.94 57.37 -9.25
N SER D 332 -25.41 58.60 -9.41
CA SER D 332 -25.72 59.45 -8.26
C SER D 332 -27.13 59.16 -7.77
N LYS D 333 -27.34 59.33 -6.47
CA LYS D 333 -28.65 59.05 -5.87
C LYS D 333 -29.69 60.09 -6.25
N ALA D 334 -29.27 61.28 -6.70
CA ALA D 334 -30.23 62.30 -7.09
C ALA D 334 -31.00 61.88 -8.34
N GLY D 335 -30.31 61.35 -9.34
CA GLY D 335 -30.98 60.87 -10.53
C GLY D 335 -31.70 59.56 -10.25
N PHE D 336 -33.01 59.57 -10.36
CA PHE D 336 -33.82 58.39 -10.05
C PHE D 336 -34.05 57.55 -11.28
N THR D 337 -34.16 56.24 -11.06
CA THR D 337 -34.44 55.31 -12.15
C THR D 337 -35.80 55.62 -12.77
N THR D 338 -35.85 55.70 -14.08
CA THR D 338 -37.10 56.02 -14.77
C THR D 338 -37.13 55.31 -16.11
N ILE D 339 -38.33 55.04 -16.60
CA ILE D 339 -38.54 54.37 -17.87
C ILE D 339 -39.05 55.39 -18.87
N TYR D 340 -38.45 55.42 -20.06
CA TYR D 340 -38.73 56.43 -21.06
C TYR D 340 -39.10 55.76 -22.38
N LYS D 341 -39.96 56.44 -23.14
CA LYS D 341 -40.33 55.98 -24.46
C LYS D 341 -39.17 56.13 -25.44
N TRP D 342 -39.27 55.42 -26.57
CA TRP D 342 -38.22 55.46 -27.57
C TRP D 342 -37.97 56.87 -28.09
N ASN D 343 -39.05 57.62 -28.35
CA ASN D 343 -38.88 58.99 -28.84
C ASN D 343 -38.23 59.87 -27.79
N GLY D 344 -38.55 59.65 -26.51
CA GLY D 344 -37.95 60.41 -25.44
C GLY D 344 -38.93 61.31 -24.71
N ASN D 345 -39.06 61.13 -23.40
CA ASN D 345 -39.97 61.94 -22.60
C ASN D 345 -39.27 62.51 -21.38
N GLY D 346 -40.03 63.10 -20.46
CA GLY D 346 -39.47 63.86 -19.36
C GLY D 346 -39.17 63.10 -18.09
N PHE D 347 -39.42 63.74 -16.95
CA PHE D 347 -39.03 63.24 -15.64
C PHE D 347 -39.65 61.89 -15.30
N TYR D 348 -40.98 61.86 -15.17
CA TYR D 348 -41.73 60.69 -14.72
C TYR D 348 -42.93 60.46 -15.63
N SER D 349 -42.67 60.42 -16.94
CA SER D 349 -43.75 60.51 -17.94
C SER D 349 -44.87 59.51 -17.68
N HIS D 350 -44.53 58.25 -17.49
CA HIS D 350 -45.54 57.23 -17.25
C HIS D 350 -45.41 56.51 -15.92
N GLN D 351 -44.20 56.41 -15.36
CA GLN D 351 -44.03 55.83 -14.03
C GLN D 351 -42.75 56.37 -13.42
N SER D 352 -42.68 56.26 -12.09
CA SER D 352 -41.55 56.75 -11.31
C SER D 352 -40.66 55.65 -10.76
N LEU D 353 -41.26 54.57 -10.26
CA LEU D 353 -40.54 53.39 -9.77
C LEU D 353 -39.66 53.81 -8.60
N HIS D 354 -38.34 53.63 -8.69
CA HIS D 354 -37.46 53.71 -7.54
C HIS D 354 -36.83 55.10 -7.48
N ALA D 355 -36.97 55.76 -6.33
CA ALA D 355 -36.53 57.13 -6.20
C ALA D 355 -36.13 57.41 -4.75
N TRP D 356 -35.33 58.46 -4.57
CA TRP D 356 -34.82 58.89 -3.26
C TRP D 356 -33.98 57.81 -2.60
N TYR D 357 -33.62 56.80 -3.38
CA TYR D 357 -32.80 55.67 -2.93
C TYR D 357 -31.63 55.50 -3.90
N ARG D 358 -30.92 54.39 -3.75
CA ARG D 358 -29.80 54.08 -4.62
C ARG D 358 -30.28 53.46 -5.93
N ASP D 359 -29.70 53.91 -7.04
CA ASP D 359 -29.96 53.34 -8.37
C ASP D 359 -28.62 52.92 -8.96
N THR D 360 -28.39 51.61 -9.08
CA THR D 360 -27.13 51.11 -9.60
C THR D 360 -27.27 50.35 -10.90
N ASP D 361 -28.11 49.33 -10.94
CA ASP D 361 -28.21 48.48 -12.12
C ASP D 361 -29.64 48.01 -12.31
N VAL D 362 -30.02 47.79 -13.56
CA VAL D 362 -31.36 47.33 -13.91
C VAL D 362 -31.24 46.28 -15.00
N GLU D 363 -32.08 45.24 -14.90
CA GLU D 363 -32.08 44.16 -15.88
C GLU D 363 -33.50 43.76 -16.23
N TYR D 364 -33.78 43.63 -17.52
CA TYR D 364 -35.11 43.28 -18.01
C TYR D 364 -35.19 41.79 -18.31
N LEU D 365 -36.31 41.17 -17.96
CA LEU D 365 -36.46 39.73 -18.08
C LEU D 365 -37.94 39.38 -18.24
N GLU D 366 -38.21 38.09 -18.44
CA GLU D 366 -39.57 37.60 -18.59
C GLU D 366 -39.72 36.33 -17.76
N ILE D 367 -40.59 36.36 -16.75
CA ILE D 367 -40.84 35.22 -15.88
C ILE D 367 -42.33 35.04 -15.69
N VAL D 368 -42.74 33.80 -15.42
CA VAL D 368 -44.15 33.48 -15.24
C VAL D 368 -44.48 33.57 -13.75
N ARG D 369 -45.33 34.54 -13.40
CA ARG D 369 -45.74 34.70 -12.02
C ARG D 369 -46.86 33.71 -11.69
N THR D 370 -47.13 33.54 -10.40
CA THR D 370 -48.23 32.67 -9.97
C THR D 370 -49.58 33.16 -10.45
N PRO D 371 -49.98 34.44 -10.27
CA PRO D 371 -51.33 34.84 -10.68
C PRO D 371 -51.53 34.78 -12.20
N GLN D 372 -50.64 35.42 -12.94
CA GLN D 372 -50.78 35.47 -14.39
C GLN D 372 -50.34 34.14 -15.00
N THR D 373 -51.17 33.62 -15.90
CA THR D 373 -50.87 32.33 -16.53
C THR D 373 -49.73 32.45 -17.53
N LEU D 374 -49.75 33.48 -18.37
CA LEU D 374 -48.79 33.62 -19.45
C LEU D 374 -47.48 34.22 -18.93
N ARG D 375 -46.52 34.40 -19.85
CA ARG D 375 -45.24 34.98 -19.49
C ARG D 375 -45.39 36.45 -19.15
N THR D 376 -44.75 36.86 -18.05
CA THR D 376 -44.91 38.20 -17.50
C THR D 376 -43.59 38.95 -17.47
N PRO D 377 -43.49 40.11 -18.12
CA PRO D 377 -42.24 40.87 -18.07
C PRO D 377 -41.95 41.45 -16.68
N HIS D 378 -40.66 41.56 -16.37
CA HIS D 378 -40.19 42.14 -15.13
C HIS D 378 -38.88 42.88 -15.34
N LEU D 379 -38.60 43.75 -14.37
CA LEU D 379 -37.31 44.39 -14.20
C LEU D 379 -36.78 44.04 -12.82
N ILE D 380 -35.46 43.93 -12.72
CA ILE D 380 -34.78 43.76 -11.44
C ILE D 380 -33.86 44.97 -11.26
N LEU D 381 -34.04 45.67 -10.15
CA LEU D 381 -33.27 46.87 -9.83
C LEU D 381 -32.36 46.56 -8.66
N SER D 382 -31.07 46.43 -8.93
CA SER D 382 -30.06 46.20 -7.91
C SER D 382 -29.41 47.52 -7.53
N SER D 383 -29.21 47.72 -6.23
CA SER D 383 -28.69 48.99 -5.74
C SER D 383 -27.69 48.74 -4.63
N SER D 384 -26.73 49.66 -4.49
CA SER D 384 -25.71 49.55 -3.48
C SER D 384 -26.32 49.70 -2.09
N SER D 385 -26.05 48.72 -1.23
CA SER D 385 -26.55 48.66 0.15
C SER D 385 -28.07 48.67 0.24
N GLN D 386 -28.77 48.51 -0.89
CA GLN D 386 -30.22 48.51 -0.92
C GLN D 386 -30.72 47.20 -1.50
N ARG D 387 -31.85 46.74 -0.97
CA ARG D 387 -32.41 45.48 -1.41
C ARG D 387 -32.80 45.56 -2.89
N PRO D 388 -32.53 44.52 -3.68
CA PRO D 388 -33.00 44.54 -5.07
C PRO D 388 -34.51 44.52 -5.14
N VAL D 389 -35.04 45.17 -6.18
CA VAL D 389 -36.47 45.39 -6.32
C VAL D 389 -36.96 44.66 -7.56
N ILE D 390 -38.00 43.85 -7.39
CA ILE D 390 -38.71 43.25 -8.52
C ILE D 390 -39.76 44.23 -9.01
N TYR D 391 -39.94 44.30 -10.33
CA TYR D 391 -40.93 45.17 -10.94
C TYR D 391 -41.70 44.38 -11.98
N GLN D 392 -42.98 44.14 -11.71
CA GLN D 392 -43.85 43.47 -12.67
C GLN D 392 -44.38 44.48 -13.68
N TRP D 393 -44.35 44.10 -14.97
CA TRP D 393 -44.96 44.91 -16.01
C TRP D 393 -46.45 44.62 -15.99
N ASN D 394 -47.11 45.17 -14.98
CA ASN D 394 -48.54 44.94 -14.80
C ASN D 394 -49.31 45.58 -15.96
N LYS D 395 -50.12 44.78 -16.64
CA LYS D 395 -50.94 45.29 -17.73
C LYS D 395 -52.12 46.10 -17.19
N ALA D 396 -52.62 45.75 -16.01
CA ALA D 396 -53.69 46.51 -15.40
C ALA D 396 -53.26 47.95 -15.13
N THR D 397 -52.07 48.13 -14.57
CA THR D 397 -51.47 49.45 -14.45
C THR D 397 -50.62 49.81 -15.66
N GLN D 398 -50.28 48.83 -16.50
CA GLN D 398 -49.45 49.04 -17.68
C GLN D 398 -48.13 49.69 -17.26
N LEU D 399 -47.62 49.30 -16.10
CA LEU D 399 -46.44 49.92 -15.53
C LEU D 399 -45.61 48.87 -14.81
N PHE D 400 -44.33 49.18 -14.61
CA PHE D 400 -43.44 48.30 -13.85
C PHE D 400 -43.61 48.61 -12.37
N THR D 401 -44.69 48.05 -11.83
CA THR D 401 -45.13 48.28 -10.47
C THR D 401 -44.74 47.08 -9.59
N ASN D 402 -45.30 47.03 -8.38
CA ASN D 402 -45.08 45.95 -7.42
C ASN D 402 -43.62 45.93 -6.97
N GLN D 403 -43.18 47.04 -6.38
CA GLN D 403 -41.83 47.14 -5.81
C GLN D 403 -41.72 46.18 -4.62
N THR D 404 -40.96 45.10 -4.80
CA THR D 404 -40.81 44.10 -3.74
C THR D 404 -39.33 43.82 -3.50
N ASP D 405 -39.04 42.78 -2.71
CA ASP D 405 -37.66 42.44 -2.37
C ASP D 405 -37.48 40.93 -2.43
N ILE D 406 -36.28 40.52 -2.83
CA ILE D 406 -35.92 39.10 -2.84
C ILE D 406 -35.56 38.69 -1.42
N PRO D 407 -35.76 37.41 -1.05
CA PRO D 407 -35.52 37.02 0.34
C PRO D 407 -34.10 36.54 0.61
N ASN D 408 -33.15 36.85 -0.26
CA ASN D 408 -31.84 36.22 -0.21
C ASN D 408 -30.86 36.96 0.68
N MET D 409 -30.49 38.19 0.31
CA MET D 409 -29.58 38.99 1.12
C MET D 409 -29.66 40.44 0.64
N GLU D 410 -28.80 41.28 1.20
CA GLU D 410 -28.76 42.71 0.91
C GLU D 410 -27.58 43.03 0.01
N ASP D 411 -27.67 44.19 -0.66
CA ASP D 411 -26.55 44.79 -1.39
C ASP D 411 -26.04 43.86 -2.49
N VAL D 412 -26.91 43.64 -3.48
CA VAL D 412 -26.56 42.87 -4.67
C VAL D 412 -26.22 43.85 -5.79
N TYR D 413 -25.12 43.58 -6.51
CA TYR D 413 -24.67 44.52 -7.52
C TYR D 413 -25.41 44.35 -8.84
N ALA D 414 -25.31 43.18 -9.46
CA ALA D 414 -25.80 43.02 -10.82
C ALA D 414 -26.74 41.83 -10.94
N VAL D 415 -27.52 41.84 -12.01
CA VAL D 415 -28.58 40.86 -12.24
C VAL D 415 -28.67 40.58 -13.73
N LYS D 416 -28.90 39.32 -14.07
CA LYS D 416 -29.22 38.92 -15.44
C LYS D 416 -29.88 37.54 -15.42
N HIS D 417 -30.83 37.34 -16.32
CA HIS D 417 -31.65 36.13 -16.34
C HIS D 417 -31.33 35.27 -17.56
N PHE D 418 -31.87 34.06 -17.53
CA PHE D 418 -31.86 33.14 -18.67
C PHE D 418 -32.88 32.05 -18.38
N SER D 419 -33.16 31.23 -19.40
CA SER D 419 -34.18 30.19 -19.30
C SER D 419 -33.55 28.83 -19.61
N VAL D 420 -33.62 27.93 -18.64
CA VAL D 420 -33.18 26.54 -18.79
C VAL D 420 -34.43 25.67 -18.73
N LYS D 421 -34.77 25.04 -19.86
CA LYS D 421 -35.90 24.14 -19.95
C LYS D 421 -37.19 24.79 -19.45
N GLY D 422 -37.38 26.06 -19.81
CA GLY D 422 -38.56 26.79 -19.37
C GLY D 422 -38.39 27.42 -18.01
N ASP D 423 -37.67 26.75 -17.12
CA ASP D 423 -37.44 27.28 -15.78
C ASP D 423 -36.46 28.44 -15.85
N VAL D 424 -36.83 29.56 -15.24
CA VAL D 424 -35.99 30.76 -15.30
C VAL D 424 -34.94 30.68 -14.21
N TYR D 425 -33.69 30.92 -14.57
CA TYR D 425 -32.58 31.00 -13.61
C TYR D 425 -31.92 32.36 -13.77
N ILE D 426 -31.66 33.03 -12.65
CA ILE D 426 -31.22 34.41 -12.66
C ILE D 426 -30.03 34.54 -11.72
N CYS D 427 -29.19 35.55 -11.99
CA CYS D 427 -27.99 35.80 -11.22
C CYS D 427 -28.18 37.02 -10.33
N LEU D 428 -27.84 36.86 -9.05
CA LEU D 428 -27.80 37.95 -8.08
C LEU D 428 -26.34 38.05 -7.66
N THR D 429 -25.65 39.08 -8.13
CA THR D 429 -24.19 39.09 -8.10
C THR D 429 -23.69 40.24 -7.25
N ARG D 430 -22.77 39.91 -6.34
CA ARG D 430 -22.07 40.87 -5.50
C ARG D 430 -20.57 40.80 -5.79
N PHE D 431 -19.89 41.92 -5.60
CA PHE D 431 -18.48 42.02 -5.98
C PHE D 431 -17.61 41.07 -5.18
N ILE D 432 -17.77 41.06 -3.85
CA ILE D 432 -17.05 40.16 -2.97
C ILE D 432 -17.97 39.12 -2.35
N GLY D 433 -19.18 39.52 -1.96
CA GLY D 433 -20.10 38.55 -1.40
C GLY D 433 -20.46 37.47 -2.38
N ASP D 434 -20.57 36.24 -1.87
CA ASP D 434 -20.87 35.09 -2.70
C ASP D 434 -22.13 35.31 -3.52
N SER D 435 -21.99 35.25 -4.84
CA SER D 435 -23.13 35.49 -5.71
C SER D 435 -24.01 34.25 -5.77
N LYS D 436 -25.20 34.42 -6.34
CA LYS D 436 -26.21 33.37 -6.36
C LYS D 436 -26.77 33.20 -7.77
N VAL D 437 -27.05 31.95 -8.14
CA VAL D 437 -27.89 31.64 -9.28
C VAL D 437 -29.14 30.94 -8.74
N MET D 438 -30.30 31.51 -9.04
CA MET D 438 -31.50 31.17 -8.29
C MET D 438 -32.67 31.05 -9.26
N LYS D 439 -33.58 30.13 -8.95
CA LYS D 439 -34.65 29.74 -9.88
C LYS D 439 -35.96 30.42 -9.53
N TRP D 440 -36.70 30.82 -10.56
CA TRP D 440 -38.01 31.44 -10.40
C TRP D 440 -39.07 30.40 -10.11
N GLY D 441 -40.09 30.80 -9.34
CA GLY D 441 -41.13 29.87 -8.95
C GLY D 441 -42.54 30.40 -8.87
N GLY D 442 -42.77 31.64 -9.30
CA GLY D 442 -44.12 32.15 -9.35
C GLY D 442 -44.41 33.37 -8.50
N SER D 443 -43.93 33.39 -7.27
CA SER D 443 -44.07 34.56 -6.41
C SER D 443 -42.70 35.18 -6.10
N SER D 444 -41.77 34.40 -5.58
CA SER D 444 -40.38 34.81 -5.46
C SER D 444 -39.53 33.72 -6.12
N PHE D 445 -38.22 33.80 -5.95
CA PHE D 445 -37.35 32.81 -6.55
C PHE D 445 -37.07 31.71 -5.54
N GLN D 446 -36.47 30.61 -6.03
CA GLN D 446 -36.02 29.51 -5.18
C GLN D 446 -34.54 29.26 -5.42
N ASP D 447 -33.78 29.15 -4.33
CA ASP D 447 -32.33 29.08 -4.43
C ASP D 447 -31.88 27.83 -5.18
N ILE D 448 -30.83 27.97 -5.97
CA ILE D 448 -30.26 26.85 -6.71
C ILE D 448 -28.81 26.64 -6.32
N GLN D 449 -27.97 27.67 -6.51
CA GLN D 449 -26.55 27.51 -6.24
C GLN D 449 -25.94 28.85 -5.87
N ALA D 450 -24.79 28.78 -5.22
CA ALA D 450 -24.03 29.96 -4.81
C ALA D 450 -22.57 29.75 -5.19
N MET D 451 -21.94 30.80 -5.70
CA MET D 451 -20.55 30.70 -6.08
C MET D 451 -19.74 31.89 -5.59
N PRO D 452 -18.48 31.68 -5.22
CA PRO D 452 -17.70 32.75 -4.60
C PRO D 452 -17.44 33.92 -5.53
N SER D 453 -17.32 35.10 -4.94
CA SER D 453 -17.00 36.32 -5.67
C SER D 453 -15.59 36.75 -5.31
N ARG D 454 -14.72 36.86 -6.31
CA ARG D 454 -13.32 37.20 -6.12
C ARG D 454 -12.96 38.40 -7.01
N GLY D 455 -13.80 39.42 -6.97
CA GLY D 455 -13.61 40.57 -7.83
C GLY D 455 -14.52 40.52 -9.03
N SER D 456 -15.72 39.98 -8.85
CA SER D 456 -16.70 39.85 -9.93
C SER D 456 -17.71 41.00 -9.79
N MET D 457 -17.36 42.16 -10.32
CA MET D 457 -18.33 43.23 -10.41
C MET D 457 -19.42 42.91 -11.41
N VAL D 458 -19.22 41.89 -12.24
CA VAL D 458 -20.23 41.43 -13.19
C VAL D 458 -20.20 39.90 -13.23
N PHE D 459 -21.34 39.33 -13.55
CA PHE D 459 -21.45 37.88 -13.76
C PHE D 459 -22.58 37.66 -14.75
N GLN D 460 -22.22 37.45 -16.01
CA GLN D 460 -23.17 37.48 -17.11
C GLN D 460 -23.42 36.08 -17.65
N PRO D 461 -24.65 35.61 -17.67
CA PRO D 461 -24.96 34.36 -18.37
C PRO D 461 -24.97 34.56 -19.88
N LEU D 462 -24.76 33.45 -20.59
CA LEU D 462 -24.72 33.46 -22.05
C LEU D 462 -25.24 32.13 -22.55
N GLN D 463 -25.71 32.12 -23.80
CA GLN D 463 -26.10 30.89 -24.48
C GLN D 463 -25.46 30.88 -25.86
N ILE D 464 -24.43 30.06 -26.02
CA ILE D 464 -23.68 29.98 -27.27
C ILE D 464 -23.64 28.53 -27.73
N ASN D 465 -23.96 28.29 -29.00
CA ASN D 465 -24.09 26.94 -29.55
C ASN D 465 -25.08 26.11 -28.73
N ASN D 466 -26.20 26.73 -28.37
CA ASN D 466 -27.24 26.15 -27.53
C ASN D 466 -26.71 25.72 -26.16
N TYR D 467 -25.49 26.10 -25.82
CA TYR D 467 -24.88 25.75 -24.54
C TYR D 467 -25.03 26.91 -23.58
N GLN D 468 -25.55 26.62 -22.39
CA GLN D 468 -25.76 27.62 -21.35
C GLN D 468 -24.48 27.77 -20.55
N TYR D 469 -23.77 28.86 -20.76
CA TYR D 469 -22.59 29.20 -19.98
C TYR D 469 -22.87 30.43 -19.14
N ALA D 470 -21.91 30.75 -18.29
CA ALA D 470 -21.99 31.94 -17.46
C ALA D 470 -20.58 32.36 -17.11
N ILE D 471 -20.32 33.66 -17.12
CA ILE D 471 -18.98 34.18 -16.91
C ILE D 471 -19.01 35.05 -15.66
N LEU D 472 -18.20 34.70 -14.66
CA LEU D 472 -18.01 35.57 -13.52
C LEU D 472 -16.63 36.21 -13.61
N GLY D 473 -16.59 37.53 -13.52
CA GLY D 473 -15.35 38.23 -13.58
C GLY D 473 -14.52 38.01 -12.33
N SER D 474 -13.30 38.53 -12.37
CA SER D 474 -12.43 38.41 -11.20
C SER D 474 -11.46 39.59 -11.24
N ASP D 475 -11.79 40.66 -10.51
CA ASP D 475 -10.81 41.71 -10.28
C ASP D 475 -9.66 41.23 -9.41
N TYR D 476 -9.81 40.08 -8.74
CA TYR D 476 -8.80 39.62 -7.80
C TYR D 476 -8.57 38.11 -7.92
N SER D 477 -8.78 37.56 -9.10
CA SER D 477 -8.58 36.13 -9.36
C SER D 477 -8.58 35.94 -10.87
N PHE D 478 -8.64 34.68 -11.31
CA PHE D 478 -8.83 34.38 -12.72
C PHE D 478 -10.32 34.23 -12.99
N THR D 479 -10.80 34.90 -14.04
CA THR D 479 -12.22 34.90 -14.35
C THR D 479 -12.69 33.48 -14.65
N GLN D 480 -13.89 33.17 -14.18
CA GLN D 480 -14.37 31.78 -14.15
C GLN D 480 -15.53 31.59 -15.12
N VAL D 481 -15.53 30.44 -15.79
CA VAL D 481 -16.52 30.08 -16.79
C VAL D 481 -17.25 28.86 -16.29
N TYR D 482 -18.56 28.99 -16.11
CA TYR D 482 -19.43 27.90 -15.73
C TYR D 482 -20.24 27.40 -16.93
N ASN D 483 -20.48 26.10 -16.96
CA ASN D 483 -21.38 25.47 -17.90
C ASN D 483 -22.51 24.81 -17.11
N TRP D 484 -23.76 25.05 -17.52
CA TRP D 484 -24.88 24.43 -16.84
C TRP D 484 -24.78 22.91 -16.98
N ASP D 485 -24.56 22.23 -15.86
CA ASP D 485 -24.52 20.77 -15.88
C ASP D 485 -25.90 20.22 -16.23
N ALA D 486 -25.96 19.44 -17.30
CA ALA D 486 -27.23 18.86 -17.74
C ALA D 486 -27.75 17.81 -16.77
N GLU D 487 -26.93 17.37 -15.82
CA GLU D 487 -27.31 16.33 -14.86
C GLU D 487 -27.47 16.86 -13.45
N LYS D 488 -26.48 17.61 -12.95
CA LYS D 488 -26.55 18.14 -11.59
C LYS D 488 -27.39 19.40 -11.48
N ALA D 489 -27.79 20.00 -12.60
CA ALA D 489 -28.55 21.25 -12.64
C ALA D 489 -27.83 22.38 -11.91
N LYS D 490 -26.50 22.31 -11.83
CA LYS D 490 -25.70 23.31 -11.15
C LYS D 490 -24.54 23.72 -12.06
N PHE D 491 -24.11 24.97 -11.91
CA PHE D 491 -23.04 25.53 -12.73
C PHE D 491 -21.70 25.05 -12.20
N VAL D 492 -21.11 24.09 -12.88
CA VAL D 492 -19.81 23.55 -12.51
C VAL D 492 -18.73 24.38 -13.17
N LYS D 493 -17.54 24.38 -12.56
CA LYS D 493 -16.41 25.12 -13.11
C LYS D 493 -16.04 24.54 -14.47
N PHE D 494 -16.29 25.30 -15.54
CA PHE D 494 -16.02 24.82 -16.88
C PHE D 494 -14.64 25.23 -17.38
N GLN D 495 -14.24 26.47 -17.14
CA GLN D 495 -12.99 26.96 -17.69
C GLN D 495 -12.53 28.17 -16.87
N GLU D 496 -11.27 28.55 -17.06
CA GLU D 496 -10.69 29.68 -16.35
C GLU D 496 -9.95 30.56 -17.35
N LEU D 497 -10.44 31.77 -17.58
CA LEU D 497 -9.78 32.74 -18.44
C LEU D 497 -9.15 33.85 -17.62
N ASN D 498 -8.35 34.66 -18.29
CA ASN D 498 -7.66 35.79 -17.66
C ASN D 498 -7.91 37.02 -18.51
N VAL D 499 -8.66 37.98 -17.96
CA VAL D 499 -8.99 39.22 -18.66
C VAL D 499 -8.79 40.38 -17.70
N GLN D 500 -8.27 41.48 -18.23
CA GLN D 500 -7.97 42.65 -17.42
C GLN D 500 -9.25 43.35 -17.02
N ALA D 501 -9.57 43.32 -15.73
CA ALA D 501 -10.69 44.06 -15.16
C ALA D 501 -12.00 43.88 -15.93
N PRO D 502 -12.53 42.66 -16.00
CA PRO D 502 -13.78 42.45 -16.75
C PRO D 502 -14.92 43.24 -16.16
N ARG D 503 -15.76 43.78 -17.05
CA ARG D 503 -16.94 44.54 -16.64
C ARG D 503 -18.22 44.11 -17.34
N SER D 504 -18.15 43.46 -18.49
CA SER D 504 -19.32 42.96 -19.19
C SER D 504 -18.87 41.97 -20.24
N PHE D 505 -19.79 41.10 -20.65
CA PHE D 505 -19.53 40.11 -21.68
C PHE D 505 -20.67 40.16 -22.69
N THR D 506 -20.31 40.16 -23.98
CA THR D 506 -21.31 40.27 -25.03
C THR D 506 -20.94 39.36 -26.20
N HIS D 507 -21.89 38.55 -26.65
CA HIS D 507 -21.63 37.52 -27.64
C HIS D 507 -22.32 37.82 -28.95
N VAL D 508 -21.67 37.45 -30.06
CA VAL D 508 -22.22 37.52 -31.40
C VAL D 508 -22.07 36.17 -32.06
N SER D 509 -22.93 35.92 -33.04
CA SER D 509 -22.86 34.69 -33.85
C SER D 509 -23.08 35.09 -35.30
N ILE D 510 -22.02 35.08 -36.09
CA ILE D 510 -22.06 35.43 -37.50
C ILE D 510 -21.72 34.20 -38.33
N ASN D 511 -22.60 33.87 -39.28
CA ASN D 511 -22.42 32.74 -40.18
C ASN D 511 -22.29 31.47 -39.33
N LYS D 512 -21.18 30.73 -39.41
CA LYS D 512 -20.97 29.54 -38.61
C LYS D 512 -19.95 29.76 -37.50
N ARG D 513 -19.68 31.02 -37.15
CA ARG D 513 -18.69 31.36 -36.15
C ARG D 513 -19.35 32.16 -35.02
N ASN D 514 -18.80 32.03 -33.82
CA ASN D 514 -19.28 32.75 -32.64
C ASN D 514 -18.12 33.48 -31.99
N PHE D 515 -18.38 34.70 -31.52
CA PHE D 515 -17.35 35.50 -30.89
C PHE D 515 -17.90 36.13 -29.62
N LEU D 516 -17.01 36.45 -28.69
CA LEU D 516 -17.40 37.04 -27.42
C LEU D 516 -16.42 38.14 -27.04
N PHE D 517 -16.97 39.29 -26.62
CA PHE D 517 -16.19 40.44 -26.17
C PHE D 517 -16.28 40.52 -24.66
N ALA D 518 -15.12 40.65 -24.01
CA ALA D 518 -15.00 40.84 -22.58
C ALA D 518 -14.44 42.24 -22.34
N SER D 519 -15.28 43.13 -21.83
CA SER D 519 -14.90 44.52 -21.63
C SER D 519 -13.70 44.63 -20.66
N SER D 520 -13.11 45.81 -20.63
CA SER D 520 -11.96 46.07 -19.78
C SER D 520 -11.99 47.52 -19.32
N PHE D 521 -12.17 47.73 -18.02
CA PHE D 521 -12.21 49.09 -17.49
C PHE D 521 -10.82 49.69 -17.34
N LYS D 522 -9.81 48.86 -17.03
CA LYS D 522 -8.45 49.33 -16.77
C LYS D 522 -7.45 48.81 -17.79
N GLY D 523 -7.92 48.43 -18.98
CA GLY D 523 -7.01 47.88 -19.96
C GLY D 523 -7.71 47.55 -21.27
N ASN D 524 -7.08 46.67 -22.03
CA ASN D 524 -7.57 46.32 -23.36
C ASN D 524 -8.67 45.28 -23.29
N THR D 525 -9.73 45.52 -24.06
CA THR D 525 -10.85 44.59 -24.11
C THR D 525 -10.45 43.28 -24.78
N GLN D 526 -10.80 42.16 -24.16
CA GLN D 526 -10.42 40.84 -24.65
C GLN D 526 -11.48 40.31 -25.61
N ILE D 527 -11.03 39.50 -26.57
CA ILE D 527 -11.90 38.90 -27.58
C ILE D 527 -11.60 37.42 -27.67
N TYR D 528 -12.64 36.59 -27.63
CA TYR D 528 -12.47 35.14 -27.70
C TYR D 528 -13.49 34.56 -28.66
N LYS D 529 -13.00 33.84 -29.67
CA LYS D 529 -13.88 33.13 -30.59
C LYS D 529 -14.28 31.79 -29.99
N HIS D 530 -15.58 31.58 -29.84
CA HIS D 530 -16.11 30.34 -29.27
C HIS D 530 -15.93 29.21 -30.27
N VAL D 531 -14.98 28.32 -29.99
CA VAL D 531 -14.71 27.19 -30.88
C VAL D 531 -14.83 25.88 -30.12
N ASN E 1 34.18 -24.85 -38.58
CA ASN E 1 34.40 -24.87 -40.03
C ASN E 1 33.21 -24.29 -40.77
N VAL E 2 32.97 -24.81 -41.98
CA VAL E 2 31.83 -24.36 -42.77
C VAL E 2 30.52 -24.74 -42.09
N GLU E 3 30.47 -25.94 -41.48
CA GLU E 3 29.25 -26.39 -40.82
C GLU E 3 28.98 -25.60 -39.54
N GLU E 4 30.04 -25.25 -38.81
CA GLU E 4 29.85 -24.47 -37.58
C GLU E 4 29.34 -23.07 -37.86
N GLU E 5 29.49 -22.58 -39.09
CA GLU E 5 28.97 -21.27 -39.45
C GLU E 5 27.45 -21.31 -39.51
N THR E 6 26.85 -20.12 -39.52
CA THR E 6 25.39 -19.96 -39.59
C THR E 6 25.07 -19.29 -40.92
N LYS E 7 24.79 -20.09 -41.94
CA LYS E 7 24.40 -19.56 -43.23
C LYS E 7 22.98 -19.00 -43.16
N TYR E 8 22.69 -18.07 -44.07
CA TYR E 8 21.41 -17.37 -44.12
C TYR E 8 20.81 -17.58 -45.51
N ILE E 9 19.63 -18.18 -45.55
CA ILE E 9 18.95 -18.51 -46.81
C ILE E 9 17.85 -17.50 -47.05
N GLU E 10 17.85 -16.89 -48.23
CA GLU E 10 16.86 -15.88 -48.58
C GLU E 10 15.63 -16.58 -49.14
N LEU E 11 14.49 -16.42 -48.45
CA LEU E 11 13.25 -17.07 -48.80
C LEU E 11 12.22 -16.01 -49.18
N MET E 12 11.56 -16.21 -50.32
CA MET E 12 10.48 -15.33 -50.73
C MET E 12 9.20 -16.15 -50.82
N ILE E 13 8.16 -15.67 -50.15
CA ILE E 13 6.91 -16.41 -49.97
C ILE E 13 5.86 -15.88 -50.92
N VAL E 14 5.32 -16.76 -51.75
CA VAL E 14 4.23 -16.44 -52.67
C VAL E 14 2.98 -17.13 -52.16
N ASN E 15 1.88 -16.38 -52.11
CA ASN E 15 0.60 -16.88 -51.62
C ASN E 15 -0.44 -16.71 -52.71
N ASP E 16 -1.20 -17.76 -52.98
CA ASP E 16 -2.29 -17.66 -53.94
C ASP E 16 -3.47 -16.95 -53.31
N HIS E 17 -4.51 -16.72 -54.13
CA HIS E 17 -5.72 -16.09 -53.60
C HIS E 17 -6.41 -16.99 -52.58
N LEU E 18 -6.10 -18.29 -52.57
CA LEU E 18 -6.63 -19.16 -51.52
C LEU E 18 -6.12 -18.74 -50.15
N MET E 19 -4.84 -18.39 -50.06
CA MET E 19 -4.33 -17.84 -48.81
C MET E 19 -5.07 -16.56 -48.42
N PHE E 20 -5.30 -15.68 -49.39
CA PHE E 20 -6.01 -14.44 -49.09
C PHE E 20 -7.42 -14.72 -48.56
N LYS E 21 -8.11 -15.67 -49.18
CA LYS E 21 -9.45 -16.03 -48.70
C LYS E 21 -9.41 -16.64 -47.31
N LYS E 22 -8.44 -17.53 -47.06
CA LYS E 22 -8.31 -18.16 -45.76
C LYS E 22 -7.75 -17.24 -44.69
N HIS E 23 -7.32 -16.03 -45.05
CA HIS E 23 -6.73 -15.09 -44.11
C HIS E 23 -7.47 -13.76 -44.13
N ARG E 24 -8.80 -13.83 -44.03
CA ARG E 24 -9.68 -12.69 -43.79
C ARG E 24 -9.81 -11.78 -45.02
N LEU E 25 -9.16 -12.10 -46.13
CA LEU E 25 -9.11 -11.25 -47.32
C LEU E 25 -8.38 -9.94 -47.03
N SER E 26 -7.45 -9.97 -46.07
CA SER E 26 -6.67 -8.80 -45.70
C SER E 26 -5.19 -9.11 -45.89
N VAL E 27 -4.46 -8.16 -46.48
CA VAL E 27 -3.03 -8.36 -46.70
C VAL E 27 -2.29 -8.45 -45.38
N VAL E 28 -2.74 -7.69 -44.37
CA VAL E 28 -2.08 -7.69 -43.06
C VAL E 28 -2.11 -9.09 -42.45
N HIS E 29 -3.27 -9.75 -42.52
CA HIS E 29 -3.38 -11.10 -41.95
C HIS E 29 -2.43 -12.06 -42.66
N THR E 30 -2.39 -12.01 -43.99
CA THR E 30 -1.52 -12.91 -44.75
C THR E 30 -0.06 -12.67 -44.40
N ASN E 31 0.34 -11.40 -44.35
CA ASN E 31 1.73 -11.07 -44.05
C ASN E 31 2.10 -11.52 -42.64
N THR E 32 1.21 -11.29 -41.67
CA THR E 32 1.50 -11.69 -40.30
C THR E 32 1.60 -13.20 -40.18
N TYR E 33 0.69 -13.92 -40.82
CA TYR E 33 0.74 -15.39 -40.77
C TYR E 33 2.02 -15.92 -41.40
N ALA E 34 2.40 -15.38 -42.56
CA ALA E 34 3.63 -15.83 -43.21
C ALA E 34 4.85 -15.50 -42.35
N LYS E 35 4.87 -14.32 -41.74
CA LYS E 35 5.99 -13.96 -40.87
C LYS E 35 6.09 -14.91 -39.69
N SER E 36 4.95 -15.23 -39.07
CA SER E 36 4.96 -16.17 -37.95
C SER E 36 5.43 -17.54 -38.39
N VAL E 37 5.00 -18.00 -39.57
CA VAL E 37 5.43 -19.30 -40.08
C VAL E 37 6.93 -19.31 -40.31
N VAL E 38 7.46 -18.25 -40.93
CA VAL E 38 8.89 -18.18 -41.19
C VAL E 38 9.68 -18.17 -39.89
N ASN E 39 9.21 -17.39 -38.90
CA ASN E 39 9.90 -17.31 -37.63
C ASN E 39 9.90 -18.67 -36.92
N MET E 40 8.76 -19.34 -36.90
CA MET E 40 8.69 -20.65 -36.24
C MET E 40 9.55 -21.67 -36.96
N ALA E 41 9.55 -21.66 -38.30
CA ALA E 41 10.37 -22.60 -39.04
C ALA E 41 11.85 -22.37 -38.76
N ASP E 42 12.27 -21.10 -38.73
CA ASP E 42 13.68 -20.81 -38.44
C ASP E 42 14.04 -21.19 -37.01
N LEU E 43 13.14 -20.95 -36.06
CA LEU E 43 13.39 -21.35 -34.68
C LEU E 43 13.52 -22.87 -34.56
N ILE E 44 12.69 -23.61 -35.29
CA ILE E 44 12.79 -25.06 -35.29
C ILE E 44 14.11 -25.50 -35.92
N TYR E 45 14.49 -24.87 -37.04
CA TYR E 45 15.71 -25.28 -37.75
C TYR E 45 16.95 -25.00 -36.92
N LYS E 46 16.97 -23.89 -36.18
CA LYS E 46 18.13 -23.53 -35.37
C LYS E 46 18.37 -24.49 -34.21
N ASP E 47 17.42 -25.37 -33.91
CA ASP E 47 17.59 -26.30 -32.80
C ASP E 47 18.78 -27.22 -33.03
N GLN E 48 18.94 -27.72 -34.26
CA GLN E 48 19.93 -28.75 -34.55
C GLN E 48 20.75 -28.53 -35.81
N LEU E 49 20.36 -27.61 -36.71
CA LEU E 49 21.06 -27.43 -37.96
C LEU E 49 21.83 -26.12 -38.06
N LYS E 50 21.47 -25.11 -37.25
CA LYS E 50 22.18 -23.83 -37.20
C LYS E 50 22.21 -23.15 -38.57
N THR E 51 21.01 -22.83 -39.07
CA THR E 51 20.86 -22.10 -40.32
C THR E 51 19.67 -21.18 -40.20
N ARG E 52 19.84 -19.94 -40.64
CA ARG E 52 18.80 -18.93 -40.52
C ARG E 52 18.13 -18.67 -41.87
N ILE E 53 16.91 -18.17 -41.81
CA ILE E 53 16.10 -17.91 -42.99
C ILE E 53 15.63 -16.47 -42.95
N VAL E 54 15.81 -15.74 -44.04
CA VAL E 54 15.45 -14.34 -44.14
C VAL E 54 14.30 -14.23 -45.14
N LEU E 55 13.12 -13.86 -44.65
CA LEU E 55 11.99 -13.59 -45.52
C LEU E 55 12.22 -12.26 -46.22
N VAL E 56 12.42 -12.31 -47.54
CA VAL E 56 12.90 -11.15 -48.27
C VAL E 56 11.77 -10.34 -48.91
N ALA E 57 10.85 -11.00 -49.60
CA ALA E 57 9.79 -10.30 -50.33
C ALA E 57 8.46 -10.99 -50.12
N MET E 58 7.39 -10.21 -50.20
CA MET E 58 6.03 -10.69 -50.00
C MET E 58 5.12 -10.19 -51.12
N GLU E 59 4.27 -11.09 -51.62
CA GLU E 59 3.21 -10.69 -52.53
C GLU E 59 2.12 -11.74 -52.49
N THR E 60 0.96 -11.37 -53.01
CA THR E 60 -0.20 -12.26 -53.03
C THR E 60 -0.94 -12.10 -54.35
N TRP E 61 -1.44 -13.22 -54.89
CA TRP E 61 -2.24 -13.21 -56.10
C TRP E 61 -3.64 -12.70 -55.76
N ALA E 62 -3.69 -11.39 -55.49
CA ALA E 62 -4.92 -10.78 -54.98
C ALA E 62 -6.05 -10.84 -56.00
N THR E 63 -5.76 -10.48 -57.25
CA THR E 63 -6.80 -10.46 -58.27
C THR E 63 -7.36 -11.86 -58.51
N ASP E 64 -6.47 -12.82 -58.77
CA ASP E 64 -6.86 -14.21 -59.00
C ASP E 64 -5.59 -15.04 -59.03
N ASN E 65 -5.75 -16.35 -58.91
CA ASN E 65 -4.62 -17.26 -59.00
C ASN E 65 -3.99 -17.16 -60.38
N LYS E 66 -2.66 -17.09 -60.42
CA LYS E 66 -1.96 -16.87 -61.69
C LYS E 66 -2.17 -18.02 -62.65
N PHE E 67 -2.04 -19.26 -62.16
CA PHE E 67 -2.19 -20.44 -62.98
C PHE E 67 -3.09 -21.45 -62.28
N ALA E 68 -3.45 -22.49 -63.02
CA ALA E 68 -4.28 -23.55 -62.46
C ALA E 68 -3.52 -24.31 -61.39
N ILE E 69 -4.20 -24.61 -60.29
CA ILE E 69 -3.61 -25.33 -59.16
C ILE E 69 -4.12 -26.77 -59.22
N SER E 70 -3.20 -27.72 -59.31
CA SER E 70 -3.54 -29.12 -59.41
C SER E 70 -3.41 -29.80 -58.06
N GLU E 71 -4.27 -30.79 -57.83
CA GLU E 71 -4.20 -31.59 -56.61
C GLU E 71 -2.93 -32.43 -56.55
N ASN E 72 -2.31 -32.70 -57.69
CA ASN E 72 -1.01 -33.37 -57.71
C ASN E 72 0.05 -32.40 -57.24
N PRO E 73 0.82 -32.71 -56.19
CA PRO E 73 1.89 -31.80 -55.77
C PRO E 73 2.94 -31.56 -56.84
N LEU E 74 3.25 -32.59 -57.64
CA LEU E 74 4.30 -32.46 -58.64
C LEU E 74 3.88 -31.51 -59.77
N ILE E 75 2.64 -31.66 -60.26
CA ILE E 75 2.18 -30.79 -61.34
C ILE E 75 2.10 -29.34 -60.89
N THR E 76 1.57 -29.11 -59.69
CA THR E 76 1.49 -27.75 -59.16
C THR E 76 2.87 -27.18 -58.92
N LEU E 77 3.80 -28.01 -58.43
CA LEU E 77 5.17 -27.55 -58.22
C LEU E 77 5.82 -27.15 -59.54
N ARG E 78 5.63 -27.95 -60.59
CA ARG E 78 6.17 -27.62 -61.90
C ARG E 78 5.54 -26.33 -62.42
N GLU E 79 4.24 -26.16 -62.21
CA GLU E 79 3.57 -24.93 -62.64
C GLU E 79 4.15 -23.72 -61.94
N PHE E 80 4.41 -23.84 -60.64
CA PHE E 80 4.96 -22.69 -59.92
C PHE E 80 6.39 -22.41 -60.34
N MET E 81 7.19 -23.45 -60.61
CA MET E 81 8.54 -23.22 -61.12
C MET E 81 8.51 -22.52 -62.47
N LYS E 82 7.64 -22.96 -63.39
CA LYS E 82 7.60 -22.33 -64.70
C LYS E 82 7.07 -20.90 -64.61
N TYR E 83 6.11 -20.66 -63.71
CA TYR E 83 5.63 -19.29 -63.50
C TYR E 83 6.72 -18.41 -62.92
N ARG E 84 7.51 -18.95 -61.99
CA ARG E 84 8.59 -18.18 -61.39
C ARG E 84 9.69 -17.87 -62.40
N ARG E 85 10.07 -18.87 -63.21
CA ARG E 85 11.09 -18.64 -64.23
C ARG E 85 10.61 -17.64 -65.28
N ASP E 86 9.35 -17.78 -65.72
CA ASP E 86 8.86 -16.93 -66.80
C ASP E 86 8.58 -15.50 -66.33
N PHE E 87 7.97 -15.35 -65.15
CA PHE E 87 7.43 -14.06 -64.75
C PHE E 87 8.10 -13.45 -63.51
N ILE E 88 8.67 -14.26 -62.63
CA ILE E 88 9.26 -13.76 -61.39
C ILE E 88 10.74 -13.49 -61.62
N LYS E 89 11.16 -12.25 -61.40
CA LYS E 89 12.54 -11.85 -61.63
C LYS E 89 13.24 -11.35 -60.36
N GLU E 90 12.56 -11.31 -59.23
CA GLU E 90 13.18 -10.85 -58.00
C GLU E 90 14.26 -11.83 -57.55
N LYS E 91 15.42 -11.29 -57.17
CA LYS E 91 16.50 -12.13 -56.71
C LYS E 91 16.16 -12.75 -55.36
N SER E 92 16.33 -14.06 -55.25
CA SER E 92 16.04 -14.79 -54.02
C SER E 92 16.61 -16.20 -54.14
N ASP E 93 17.13 -16.71 -53.03
CA ASP E 93 17.67 -18.06 -53.02
C ASP E 93 16.57 -19.10 -53.22
N ALA E 94 15.42 -18.90 -52.57
CA ALA E 94 14.31 -19.85 -52.68
C ALA E 94 13.00 -19.09 -52.79
N VAL E 95 12.06 -19.68 -53.52
CA VAL E 95 10.73 -19.11 -53.75
C VAL E 95 9.72 -20.19 -53.42
N HIS E 96 9.00 -20.04 -52.31
CA HIS E 96 8.07 -21.07 -51.85
C HIS E 96 6.63 -20.59 -51.92
N LEU E 97 5.75 -21.50 -52.32
CA LEU E 97 4.33 -21.24 -52.51
C LEU E 97 3.51 -21.83 -51.37
N PHE E 98 2.53 -21.07 -50.89
CA PHE E 98 1.51 -21.57 -50.00
C PHE E 98 0.17 -21.55 -50.72
N SER E 99 -0.48 -22.72 -50.78
CA SER E 99 -1.70 -22.88 -51.55
C SER E 99 -2.79 -23.49 -50.66
N GLY E 100 -4.03 -23.04 -50.84
CA GLY E 100 -5.13 -23.57 -50.07
C GLY E 100 -5.55 -24.96 -50.49
N SER E 101 -5.17 -25.40 -51.68
CA SER E 101 -5.56 -26.71 -52.18
C SER E 101 -4.79 -27.78 -51.42
N GLN E 102 -5.52 -28.63 -50.70
CA GLN E 102 -4.91 -29.79 -50.06
C GLN E 102 -4.39 -30.74 -51.13
N PHE E 103 -3.08 -30.93 -51.18
CA PHE E 103 -2.49 -31.79 -52.19
C PHE E 103 -2.90 -33.24 -51.93
N GLU E 104 -3.60 -33.84 -52.89
CA GLU E 104 -4.16 -35.17 -52.72
C GLU E 104 -3.09 -36.25 -52.94
N SER E 105 -2.05 -36.16 -52.11
CA SER E 105 -0.95 -37.10 -52.12
C SER E 105 -0.56 -37.35 -50.67
N SER E 106 0.60 -37.96 -50.45
CA SER E 106 1.10 -38.26 -49.12
C SER E 106 2.03 -37.19 -48.58
N ARG E 107 2.14 -36.05 -49.27
CA ARG E 107 3.03 -34.97 -48.85
C ARG E 107 2.29 -33.65 -48.86
N SER E 108 2.68 -32.76 -47.94
CA SER E 108 2.16 -31.40 -47.89
C SER E 108 3.04 -30.41 -48.64
N GLY E 109 4.35 -30.52 -48.51
CA GLY E 109 5.26 -29.62 -49.19
C GLY E 109 6.09 -30.31 -50.25
N ALA E 110 5.89 -29.92 -51.51
CA ALA E 110 6.58 -30.51 -52.64
C ALA E 110 7.68 -29.55 -53.10
N ALA E 111 8.93 -29.98 -52.95
CA ALA E 111 10.07 -29.17 -53.32
C ALA E 111 11.18 -30.05 -53.86
N TYR E 112 12.04 -29.44 -54.69
CA TYR E 112 13.15 -30.18 -55.28
C TYR E 112 14.24 -30.43 -54.25
N ILE E 113 15.19 -31.27 -54.64
CA ILE E 113 16.28 -31.68 -53.75
C ILE E 113 17.54 -30.94 -54.18
N GLY E 114 18.05 -30.10 -53.30
CA GLY E 114 19.27 -29.34 -53.58
C GLY E 114 19.13 -28.37 -54.74
N GLY E 115 18.02 -27.64 -54.80
CA GLY E 115 17.76 -26.72 -55.88
C GLY E 115 18.00 -25.25 -55.58
N ILE E 116 18.38 -24.91 -54.34
CA ILE E 116 18.56 -23.51 -53.98
C ILE E 116 19.70 -22.90 -54.79
N CYS E 117 19.70 -21.57 -54.88
CA CYS E 117 20.60 -20.77 -55.72
C CYS E 117 20.39 -21.03 -57.20
N SER E 118 19.23 -21.56 -57.58
CA SER E 118 18.89 -21.82 -58.98
C SER E 118 17.50 -21.30 -59.27
N LEU E 119 17.30 -20.80 -60.48
CA LEU E 119 16.01 -20.20 -60.85
C LEU E 119 14.94 -21.28 -61.01
N LEU E 120 15.26 -22.36 -61.72
CA LEU E 120 14.28 -23.39 -62.01
C LEU E 120 14.08 -24.39 -60.88
N LYS E 121 14.97 -24.41 -59.89
CA LYS E 121 14.91 -25.41 -58.83
C LYS E 121 14.90 -24.83 -57.42
N GLY E 122 15.09 -23.52 -57.26
CA GLY E 122 15.15 -22.92 -55.94
C GLY E 122 13.81 -22.57 -55.34
N GLY E 123 13.08 -23.57 -54.85
CA GLY E 123 11.83 -23.29 -54.17
C GLY E 123 10.96 -24.54 -54.10
N GLY E 124 9.67 -24.30 -53.87
CA GLY E 124 8.72 -25.38 -53.75
C GLY E 124 7.32 -24.84 -53.56
N VAL E 125 6.38 -25.76 -53.30
CA VAL E 125 4.99 -25.43 -53.09
C VAL E 125 4.50 -26.12 -51.83
N ASN E 126 3.46 -25.56 -51.23
CA ASN E 126 2.91 -26.06 -49.98
C ASN E 126 1.39 -25.98 -50.00
N GLU E 127 0.76 -26.85 -49.22
CA GLU E 127 -0.68 -26.84 -49.05
C GLU E 127 -1.04 -25.94 -47.87
N PHE E 128 -2.28 -26.02 -47.39
CA PHE E 128 -2.78 -25.17 -46.32
C PHE E 128 -3.06 -25.99 -45.07
N GLY E 129 -2.99 -25.32 -43.92
CA GLY E 129 -3.27 -25.93 -42.63
C GLY E 129 -3.30 -24.91 -41.51
N LYS E 130 -2.76 -25.28 -40.35
CA LYS E 130 -2.64 -24.36 -39.23
C LYS E 130 -1.21 -23.86 -39.10
N THR E 131 -0.99 -23.03 -38.09
CA THR E 131 0.34 -22.42 -37.89
C THR E 131 1.40 -23.48 -37.69
N ASP E 132 1.12 -24.45 -36.80
CA ASP E 132 2.06 -25.56 -36.63
C ASP E 132 2.14 -26.42 -37.90
N LEU E 133 1.00 -26.64 -38.55
CA LEU E 133 1.01 -27.42 -39.79
C LEU E 133 1.77 -26.70 -40.88
N MET E 134 1.61 -25.38 -40.99
CA MET E 134 2.37 -24.63 -41.98
C MET E 134 3.85 -24.60 -41.64
N ALA E 135 4.19 -24.54 -40.34
CA ALA E 135 5.59 -24.64 -39.95
C ALA E 135 6.18 -25.97 -40.38
N VAL E 136 5.43 -27.07 -40.15
CA VAL E 136 5.91 -28.39 -40.55
C VAL E 136 6.06 -28.47 -42.07
N THR E 137 5.08 -27.94 -42.81
CA THR E 137 5.12 -28.00 -44.26
C THR E 137 6.31 -27.23 -44.81
N LEU E 138 6.52 -26.00 -44.31
CA LEU E 138 7.65 -25.21 -44.76
C LEU E 138 8.97 -25.86 -44.37
N ALA E 139 9.05 -26.42 -43.16
CA ALA E 139 10.27 -27.08 -42.71
C ALA E 139 10.61 -28.26 -43.60
N GLN E 140 9.63 -29.09 -43.94
CA GLN E 140 9.91 -30.24 -44.79
C GLN E 140 10.23 -29.81 -46.21
N SER E 141 9.58 -28.75 -46.70
CA SER E 141 9.90 -28.24 -48.02
C SER E 141 11.35 -27.75 -48.08
N LEU E 142 11.78 -27.02 -47.06
CA LEU E 142 13.16 -26.54 -47.01
C LEU E 142 14.13 -27.71 -46.86
N ALA E 143 13.78 -28.69 -46.02
CA ALA E 143 14.65 -29.85 -45.84
C ALA E 143 14.84 -30.60 -47.16
N HIS E 144 13.77 -30.75 -47.94
CA HIS E 144 13.93 -31.27 -49.29
C HIS E 144 14.83 -30.36 -50.10
N ASN E 145 14.65 -29.04 -49.98
CA ASN E 145 15.44 -28.09 -50.76
C ASN E 145 16.90 -28.10 -50.35
N ILE E 146 17.21 -28.46 -49.10
CA ILE E 146 18.58 -28.45 -48.61
C ILE E 146 19.20 -29.85 -48.61
N GLY E 147 18.63 -30.77 -49.38
CA GLY E 147 19.20 -32.10 -49.52
C GLY E 147 18.83 -33.07 -48.43
N ILE E 148 18.09 -32.65 -47.41
CA ILE E 148 17.64 -33.55 -46.36
C ILE E 148 16.44 -34.32 -46.90
N ILE E 149 16.64 -35.60 -47.22
CA ILE E 149 15.61 -36.43 -47.82
C ILE E 149 15.54 -37.76 -47.09
N SER E 150 14.43 -38.46 -47.28
CA SER E 150 14.21 -39.76 -46.66
C SER E 150 15.02 -40.81 -47.42
N ASP E 151 16.15 -41.23 -46.85
CA ASP E 151 16.97 -42.27 -47.45
C ASP E 151 16.29 -43.61 -47.21
N LYS E 152 15.79 -44.22 -48.29
CA LYS E 152 15.01 -45.46 -48.15
C LYS E 152 15.86 -46.59 -47.58
N ARG E 153 17.12 -46.71 -48.04
CA ARG E 153 17.96 -47.82 -47.61
C ARG E 153 18.25 -47.77 -46.13
N LYS E 154 18.52 -46.58 -45.60
CA LYS E 154 18.87 -46.47 -44.18
C LYS E 154 17.65 -46.67 -43.28
N LEU E 155 16.46 -46.32 -43.76
CA LEU E 155 15.25 -46.60 -43.00
C LEU E 155 14.90 -48.08 -43.02
N ALA E 156 15.05 -48.72 -44.19
CA ALA E 156 14.70 -50.14 -44.29
C ALA E 156 15.70 -51.02 -43.55
N SER E 157 16.99 -50.71 -43.64
CA SER E 157 18.02 -51.51 -42.98
C SER E 157 18.20 -51.13 -41.51
N GLY E 158 17.62 -50.03 -41.06
CA GLY E 158 17.76 -49.63 -39.67
C GLY E 158 19.15 -49.17 -39.28
N GLU E 159 19.92 -48.62 -40.22
CA GLU E 159 21.24 -48.12 -39.89
C GLU E 159 21.15 -46.95 -38.93
N CYS E 160 20.19 -46.05 -39.13
CA CYS E 160 19.92 -44.97 -38.19
C CYS E 160 18.42 -44.86 -37.97
N LYS E 161 18.05 -44.36 -36.79
CA LYS E 161 16.67 -44.28 -36.36
C LYS E 161 16.35 -42.85 -35.95
N CYS E 162 15.11 -42.43 -36.22
CA CYS E 162 14.65 -41.10 -35.84
C CYS E 162 14.64 -40.99 -34.33
N GLU E 163 15.59 -40.23 -33.77
CA GLU E 163 15.71 -40.12 -32.32
C GLU E 163 14.49 -39.46 -31.70
N ASP E 164 13.74 -38.67 -32.46
CA ASP E 164 12.45 -38.16 -32.01
C ASP E 164 11.39 -39.26 -32.16
N THR E 165 11.58 -40.33 -31.38
CA THR E 165 10.79 -41.54 -31.56
C THR E 165 9.32 -41.30 -31.30
N TRP E 166 9.00 -40.59 -30.22
CA TRP E 166 7.60 -40.42 -29.85
C TRP E 166 6.86 -39.54 -30.84
N SER E 167 7.46 -38.43 -31.23
CA SER E 167 6.83 -37.48 -32.13
C SER E 167 7.11 -37.75 -33.60
N GLY E 168 7.92 -38.77 -33.91
CA GLY E 168 8.27 -39.04 -35.28
C GLY E 168 9.30 -38.04 -35.82
N CYS E 169 9.44 -38.07 -37.14
CA CYS E 169 10.32 -37.14 -37.84
C CYS E 169 9.58 -36.54 -39.03
N ILE E 170 9.92 -35.29 -39.35
CA ILE E 170 9.19 -34.56 -40.38
C ILE E 170 9.35 -35.25 -41.74
N MET E 171 10.48 -35.90 -41.98
CA MET E 171 10.63 -36.68 -43.20
C MET E 171 9.64 -37.84 -43.24
N GLY E 172 9.33 -38.42 -42.09
CA GLY E 172 8.25 -39.37 -42.01
C GLY E 172 6.90 -38.69 -42.09
N ASP E 173 5.86 -39.49 -42.21
CA ASP E 173 4.50 -38.96 -42.27
C ASP E 173 4.18 -38.23 -40.97
N THR E 174 3.71 -36.98 -41.11
CA THR E 174 3.47 -36.12 -39.95
C THR E 174 2.10 -36.43 -39.38
N GLY E 175 2.06 -37.00 -38.18
CA GLY E 175 0.82 -37.21 -37.46
C GLY E 175 0.44 -35.97 -36.67
N TYR E 176 -0.55 -36.17 -35.78
CA TYR E 176 -0.93 -35.09 -34.86
C TYR E 176 0.26 -34.67 -34.00
N TYR E 177 0.95 -35.65 -33.42
CA TYR E 177 2.09 -35.34 -32.56
C TYR E 177 3.25 -34.89 -33.44
N LEU E 178 3.37 -33.57 -33.61
CA LEU E 178 4.30 -33.02 -34.59
C LEU E 178 5.74 -33.33 -34.19
N PRO E 179 6.55 -33.84 -35.11
CA PRO E 179 7.97 -34.07 -34.79
C PRO E 179 8.67 -32.77 -34.42
N LYS E 180 9.59 -32.87 -33.46
CA LYS E 180 10.35 -31.72 -32.99
C LYS E 180 11.75 -31.66 -33.57
N LYS E 181 12.40 -32.81 -33.80
CA LYS E 181 13.75 -32.85 -34.34
C LYS E 181 13.87 -33.99 -35.33
N PHE E 182 14.79 -33.83 -36.27
CA PHE E 182 15.00 -34.79 -37.34
C PHE E 182 15.87 -35.95 -36.85
N THR E 183 16.32 -36.77 -37.78
CA THR E 183 17.28 -37.84 -37.51
C THR E 183 18.69 -37.30 -37.58
N GLN E 184 19.64 -38.04 -36.97
CA GLN E 184 21.05 -37.71 -37.15
C GLN E 184 21.47 -37.91 -38.60
N CYS E 185 20.82 -38.84 -39.31
CA CYS E 185 21.08 -39.01 -40.73
C CYS E 185 20.69 -37.76 -41.50
N ASN E 186 19.60 -37.10 -41.09
CA ASN E 186 19.22 -35.84 -41.72
C ASN E 186 20.30 -34.78 -41.49
N ILE E 187 20.85 -34.73 -40.27
CA ILE E 187 21.93 -33.78 -40.00
C ILE E 187 23.12 -34.05 -40.90
N GLU E 188 23.53 -35.32 -40.98
CA GLU E 188 24.70 -35.67 -41.79
C GLU E 188 24.45 -35.37 -43.27
N GLU E 189 23.24 -35.63 -43.75
CA GLU E 189 22.91 -35.32 -45.14
C GLU E 189 22.94 -33.83 -45.40
N TYR E 190 22.47 -33.02 -44.44
CA TYR E 190 22.55 -31.57 -44.60
C TYR E 190 24.00 -31.10 -44.64
N HIS E 191 24.84 -31.63 -43.75
CA HIS E 191 26.24 -31.25 -43.77
C HIS E 191 26.92 -31.67 -45.06
N ASP E 192 26.60 -32.86 -45.58
CA ASP E 192 27.16 -33.30 -46.84
C ASP E 192 26.69 -32.44 -48.00
N PHE E 193 25.41 -32.04 -47.99
CA PHE E 193 24.90 -31.14 -49.01
C PHE E 193 25.64 -29.81 -48.99
N LEU E 194 25.87 -29.27 -47.80
CA LEU E 194 26.64 -28.03 -47.69
C LEU E 194 28.08 -28.24 -48.16
N ASN E 195 28.66 -29.39 -47.86
CA ASN E 195 30.04 -29.66 -48.23
C ASN E 195 30.18 -29.97 -49.72
N SER E 196 29.20 -30.67 -50.29
CA SER E 196 29.29 -31.08 -51.69
C SER E 196 29.24 -29.91 -52.66
N GLY E 197 28.86 -28.73 -52.20
CA GLY E 197 28.74 -27.55 -53.06
C GLY E 197 27.36 -26.93 -53.07
N GLY E 198 26.34 -27.63 -52.60
CA GLY E 198 25.02 -27.03 -52.54
C GLY E 198 24.95 -25.91 -51.51
N GLY E 199 24.13 -24.92 -51.81
CA GLY E 199 23.98 -23.78 -50.94
C GLY E 199 25.23 -22.92 -50.84
N ALA E 200 25.93 -22.71 -51.95
CA ALA E 200 27.10 -21.85 -51.94
C ALA E 200 26.73 -20.37 -51.87
N CYS E 201 25.51 -20.01 -52.23
CA CYS E 201 25.05 -18.62 -52.21
C CYS E 201 24.39 -18.24 -50.89
N LEU E 202 24.32 -19.18 -49.92
CA LEU E 202 23.66 -18.92 -48.65
C LEU E 202 24.60 -18.37 -47.58
N PHE E 203 25.90 -18.29 -47.86
CA PHE E 203 26.84 -17.74 -46.89
C PHE E 203 26.65 -16.24 -46.69
N ASN E 204 25.91 -15.58 -47.59
CA ASN E 204 25.73 -14.14 -47.51
C ASN E 204 24.97 -13.76 -46.25
N LYS E 205 25.34 -12.60 -45.68
CA LYS E 205 24.62 -12.06 -44.54
C LYS E 205 23.75 -10.91 -45.03
N PRO E 206 22.43 -11.08 -45.10
CA PRO E 206 21.58 -10.03 -45.66
C PRO E 206 21.54 -8.79 -44.79
N SER E 207 21.30 -7.65 -45.43
CA SER E 207 21.17 -6.36 -44.76
C SER E 207 19.79 -5.74 -44.97
N LYS E 208 18.81 -6.54 -45.37
CA LYS E 208 17.46 -6.08 -45.62
C LYS E 208 16.46 -6.94 -44.86
N LEU E 209 15.46 -6.30 -44.28
CA LEU E 209 14.41 -7.01 -43.55
C LEU E 209 13.13 -6.19 -43.61
N LEU E 210 12.02 -6.85 -43.94
CA LEU E 210 10.73 -6.15 -43.98
C LEU E 210 10.35 -5.63 -42.60
N ASP E 211 10.53 -6.46 -41.58
CA ASP E 211 10.36 -5.98 -40.20
C ASP E 211 11.44 -4.95 -39.88
N PRO E 212 11.12 -3.92 -39.12
CA PRO E 212 12.16 -2.97 -38.69
C PRO E 212 13.26 -3.69 -37.94
N PRO E 213 14.53 -3.39 -38.26
CA PRO E 213 15.64 -4.09 -37.62
C PRO E 213 15.68 -3.83 -36.13
N GLU E 214 15.61 -4.90 -35.35
CA GLU E 214 15.65 -4.82 -33.90
C GLU E 214 17.07 -5.09 -33.42
N CYS E 215 17.51 -4.31 -32.43
CA CYS E 215 18.89 -4.37 -31.96
C CYS E 215 19.11 -5.70 -31.24
N GLY E 216 19.81 -6.61 -31.92
CA GLY E 216 20.05 -7.94 -31.37
C GLY E 216 19.62 -9.05 -32.30
N ASN E 217 19.43 -8.72 -33.58
CA ASN E 217 18.95 -9.69 -34.56
C ASN E 217 20.07 -10.41 -35.30
N GLY E 218 21.33 -10.05 -35.05
CA GLY E 218 22.44 -10.70 -35.70
C GLY E 218 22.69 -10.27 -37.13
N PHE E 219 21.99 -9.25 -37.61
CA PHE E 219 22.15 -8.73 -38.95
C PHE E 219 22.44 -7.25 -38.90
N ILE E 220 23.46 -6.81 -39.62
CA ILE E 220 23.75 -5.38 -39.75
C ILE E 220 22.92 -4.89 -40.93
N GLU E 221 21.66 -4.59 -40.66
CA GLU E 221 20.73 -4.17 -41.69
C GLU E 221 20.69 -2.64 -41.73
N THR E 222 19.71 -2.09 -42.46
CA THR E 222 19.53 -0.64 -42.50
C THR E 222 19.16 -0.12 -41.12
N GLY E 223 19.68 1.04 -40.77
CA GLY E 223 19.46 1.62 -39.45
C GLY E 223 20.50 1.22 -38.41
N GLU E 224 20.83 -0.07 -38.34
CA GLU E 224 21.83 -0.56 -37.41
C GLU E 224 23.20 -0.56 -38.07
N GLU E 225 24.15 0.13 -37.45
CA GLU E 225 25.53 0.11 -37.94
C GLU E 225 26.29 -1.14 -37.53
N CYS E 226 25.78 -1.87 -36.54
CA CYS E 226 26.40 -3.11 -36.10
C CYS E 226 25.39 -3.88 -35.24
N ASP E 227 25.47 -5.20 -35.28
CA ASP E 227 24.62 -6.03 -34.43
C ASP E 227 25.24 -7.42 -34.33
N CYS E 228 25.64 -7.81 -33.13
CA CYS E 228 26.19 -9.14 -32.90
C CYS E 228 25.12 -10.18 -32.65
N GLY E 229 23.87 -9.78 -32.44
CA GLY E 229 22.79 -10.72 -32.20
C GLY E 229 22.43 -10.86 -30.73
N THR E 230 22.03 -12.06 -30.34
CA THR E 230 21.68 -12.32 -28.96
C THR E 230 22.90 -12.13 -28.07
N PRO E 231 22.74 -11.52 -26.89
CA PRO E 231 23.91 -11.33 -26.00
C PRO E 231 24.54 -12.63 -25.54
N ALA E 232 23.84 -13.76 -25.65
CA ALA E 232 24.42 -15.03 -25.21
C ALA E 232 25.69 -15.37 -25.97
N GLU E 233 25.68 -15.18 -27.29
CA GLU E 233 26.87 -15.42 -28.10
C GLU E 233 27.73 -14.17 -28.28
N CYS E 234 27.26 -13.01 -27.82
CA CYS E 234 28.04 -11.78 -27.96
C CYS E 234 29.11 -11.65 -26.89
N VAL E 235 28.95 -12.31 -25.75
CA VAL E 235 29.98 -12.25 -24.70
C VAL E 235 31.25 -12.95 -25.16
N LEU E 236 31.11 -14.04 -25.92
CA LEU E 236 32.28 -14.77 -26.41
C LEU E 236 33.14 -13.88 -27.30
N GLU E 237 32.50 -13.12 -28.18
CA GLU E 237 33.21 -12.23 -29.09
C GLU E 237 32.24 -11.19 -29.61
N GLY E 238 32.63 -9.92 -29.51
CA GLY E 238 31.81 -8.83 -30.01
C GLY E 238 31.02 -8.05 -28.98
N ALA E 239 31.23 -8.31 -27.70
CA ALA E 239 30.49 -7.57 -26.68
C ALA E 239 30.82 -6.08 -26.72
N GLU E 240 32.12 -5.75 -26.70
CA GLU E 240 32.53 -4.36 -26.79
C GLU E 240 32.45 -3.83 -28.22
N CYS E 241 32.36 -4.71 -29.21
CA CYS E 241 32.33 -4.27 -30.61
C CYS E 241 31.08 -3.44 -30.89
N CYS E 242 29.93 -3.87 -30.39
CA CYS E 242 28.69 -3.13 -30.58
C CYS E 242 27.80 -3.30 -29.36
N LYS E 243 27.42 -2.18 -28.74
CA LYS E 243 26.54 -2.18 -27.59
C LYS E 243 25.40 -1.21 -27.85
N LYS E 244 24.19 -1.63 -27.49
CA LYS E 244 22.93 -0.91 -27.74
C LYS E 244 22.90 -0.30 -29.14
N CYS E 245 23.46 -1.03 -30.12
CA CYS E 245 23.59 -0.56 -31.49
C CYS E 245 24.32 0.79 -31.54
N THR E 246 25.35 0.92 -30.73
CA THR E 246 26.18 2.12 -30.68
C THR E 246 27.62 1.71 -30.45
N LEU E 247 28.55 2.41 -31.12
CA LEU E 247 29.96 2.08 -31.06
C LEU E 247 30.73 3.22 -30.43
N THR E 248 31.62 2.89 -29.48
CA THR E 248 32.52 3.84 -28.86
C THR E 248 33.89 3.21 -28.77
N GLN E 249 34.86 3.98 -28.25
CA GLN E 249 36.23 3.52 -28.06
C GLN E 249 36.83 3.01 -29.36
N ASP E 250 37.26 1.74 -29.36
CA ASP E 250 37.86 1.11 -30.54
C ASP E 250 36.94 -0.02 -30.98
N SER E 251 36.33 0.13 -32.16
CA SER E 251 35.46 -0.90 -32.70
C SER E 251 35.23 -0.61 -34.18
N GLN E 252 35.22 -1.67 -34.99
CA GLN E 252 34.91 -1.56 -36.41
C GLN E 252 33.63 -2.25 -36.81
N CYS E 253 33.16 -3.23 -36.04
CA CYS E 253 32.01 -4.03 -36.41
C CYS E 253 31.28 -4.43 -35.13
N SER E 254 30.42 -5.45 -35.24
CA SER E 254 29.92 -6.20 -34.11
C SER E 254 30.50 -7.60 -34.06
N ASP E 255 30.40 -8.34 -35.15
CA ASP E 255 31.03 -9.64 -35.32
C ASP E 255 31.32 -9.83 -36.81
N GLY E 256 31.61 -11.05 -37.21
CA GLY E 256 31.81 -11.34 -38.62
C GLY E 256 32.97 -12.24 -38.95
N LEU E 257 33.00 -12.75 -40.18
CA LEU E 257 34.08 -13.64 -40.61
C LEU E 257 35.40 -12.88 -40.73
N CYS E 258 35.40 -11.74 -41.41
CA CYS E 258 36.60 -10.95 -41.62
C CYS E 258 36.76 -9.81 -40.63
N CYS E 259 35.86 -9.70 -39.65
CA CYS E 259 35.88 -8.60 -38.68
C CYS E 259 35.73 -9.22 -37.29
N LYS E 260 36.86 -9.56 -36.69
CA LYS E 260 36.91 -10.21 -35.39
C LYS E 260 37.56 -9.30 -34.36
N LYS E 261 37.08 -9.40 -33.11
CA LYS E 261 37.60 -8.60 -32.00
C LYS E 261 37.53 -7.11 -32.30
N CYS E 262 36.40 -6.68 -32.86
CA CYS E 262 36.11 -5.27 -33.14
C CYS E 262 37.07 -4.66 -34.15
N LYS E 263 37.76 -5.50 -34.94
CA LYS E 263 38.73 -4.99 -35.89
C LYS E 263 38.75 -5.87 -37.12
N PHE E 264 39.17 -5.30 -38.24
CA PHE E 264 39.36 -6.06 -39.47
C PHE E 264 40.61 -6.92 -39.34
N GLN E 265 40.45 -8.22 -39.54
CA GLN E 265 41.60 -9.11 -39.54
C GLN E 265 42.48 -8.83 -40.76
N PRO E 266 43.78 -9.07 -40.67
CA PRO E 266 44.68 -8.72 -41.77
C PRO E 266 44.37 -9.50 -43.04
N MET E 267 44.79 -8.92 -44.17
CA MET E 267 44.59 -9.58 -45.46
C MET E 267 45.32 -10.92 -45.50
N GLY E 268 44.71 -11.89 -46.15
CA GLY E 268 45.26 -13.23 -46.23
C GLY E 268 44.64 -14.23 -45.28
N THR E 269 43.89 -13.77 -44.29
CA THR E 269 43.19 -14.70 -43.40
C THR E 269 42.13 -15.48 -44.18
N VAL E 270 42.01 -16.76 -43.86
CA VAL E 270 41.15 -17.67 -44.61
C VAL E 270 39.76 -17.58 -43.99
N CYS E 271 38.96 -16.61 -44.47
CA CYS E 271 37.57 -16.51 -44.07
C CYS E 271 36.70 -17.58 -44.71
N ARG E 272 37.19 -18.25 -45.75
CA ARG E 272 36.42 -19.28 -46.43
C ARG E 272 37.39 -20.28 -47.06
N GLU E 273 37.03 -21.56 -46.99
CA GLU E 273 37.86 -22.63 -47.51
C GLU E 273 37.14 -23.34 -48.65
N ALA E 274 37.91 -23.85 -49.60
CA ALA E 274 37.36 -24.57 -50.74
C ALA E 274 36.86 -25.93 -50.29
N VAL E 275 35.53 -26.09 -50.23
CA VAL E 275 34.96 -27.36 -49.82
C VAL E 275 35.27 -28.45 -50.83
N ASN E 276 35.32 -28.09 -52.12
CA ASN E 276 35.65 -29.03 -53.18
C ASN E 276 36.75 -28.42 -54.06
N ASP E 277 37.13 -29.17 -55.09
CA ASP E 277 38.20 -28.72 -55.98
C ASP E 277 37.78 -27.47 -56.74
N CYS E 278 36.54 -27.41 -57.21
CA CYS E 278 36.08 -26.27 -57.99
C CYS E 278 35.94 -25.00 -57.16
N ASP E 279 35.79 -25.12 -55.84
CA ASP E 279 35.61 -23.96 -55.01
C ASP E 279 36.88 -23.12 -54.98
N ILE E 280 36.70 -21.80 -54.86
CA ILE E 280 37.79 -20.84 -54.84
C ILE E 280 37.92 -20.29 -53.43
N ARG E 281 39.11 -20.37 -52.86
CA ARG E 281 39.36 -19.85 -51.53
C ARG E 281 39.19 -18.34 -51.51
N GLU E 282 38.76 -17.82 -50.36
CA GLU E 282 38.50 -16.40 -50.19
C GLU E 282 39.50 -15.79 -49.21
N THR E 283 39.96 -14.59 -49.52
CA THR E 283 40.85 -13.82 -48.66
C THR E 283 40.16 -12.53 -48.26
N CYS E 284 40.34 -12.13 -47.00
CA CYS E 284 39.70 -10.93 -46.49
C CYS E 284 40.18 -9.70 -47.26
N SER E 285 39.22 -8.86 -47.67
CA SER E 285 39.57 -7.67 -48.43
C SER E 285 40.28 -6.63 -47.56
N GLY E 286 40.06 -6.65 -46.26
CA GLY E 286 40.65 -5.70 -45.35
C GLY E 286 39.80 -4.49 -45.05
N ASN E 287 38.77 -4.23 -45.86
CA ASN E 287 37.85 -3.13 -45.64
C ASN E 287 36.38 -3.56 -45.58
N SER E 288 36.04 -4.71 -46.14
CA SER E 288 34.67 -5.21 -46.09
C SER E 288 34.38 -5.77 -44.70
N SER E 289 33.15 -5.55 -44.22
CA SER E 289 32.78 -6.03 -42.90
C SER E 289 32.83 -7.55 -42.82
N GLN E 290 32.36 -8.24 -43.86
CA GLN E 290 32.34 -9.69 -43.90
C GLN E 290 33.16 -10.18 -45.09
N CYS E 291 33.36 -11.49 -45.13
CA CYS E 291 34.16 -12.11 -46.18
C CYS E 291 33.41 -12.07 -47.51
N ALA E 292 34.16 -12.24 -48.59
CA ALA E 292 33.60 -12.16 -49.93
C ALA E 292 32.63 -13.32 -50.17
N PRO E 293 31.64 -13.14 -51.06
CA PRO E 293 30.70 -14.23 -51.34
C PRO E 293 31.41 -15.43 -51.94
N ASN E 294 30.89 -16.61 -51.62
CA ASN E 294 31.50 -17.85 -52.07
C ASN E 294 31.31 -18.01 -53.58
N ILE E 295 32.43 -18.28 -54.27
CA ILE E 295 32.42 -18.52 -55.71
C ILE E 295 33.29 -19.73 -56.01
N HIS E 296 33.05 -20.34 -57.17
CA HIS E 296 33.71 -21.59 -57.54
C HIS E 296 33.99 -21.56 -59.04
N LYS E 297 34.45 -22.69 -59.57
CA LYS E 297 34.72 -22.81 -61.00
C LYS E 297 33.41 -22.82 -61.78
N MET E 298 33.47 -22.27 -62.99
CA MET E 298 32.29 -22.21 -63.84
C MET E 298 31.89 -23.60 -64.31
N ASP E 299 30.65 -23.71 -64.78
CA ASP E 299 30.15 -24.97 -65.33
C ASP E 299 30.92 -25.31 -66.60
N GLY E 300 31.61 -26.46 -66.59
CA GLY E 300 32.41 -26.86 -67.72
C GLY E 300 33.82 -27.22 -67.31
N TYR E 301 34.30 -26.64 -66.21
CA TYR E 301 35.62 -26.98 -65.69
C TYR E 301 35.66 -28.44 -65.25
N SER E 302 36.77 -29.10 -65.56
CA SER E 302 36.91 -30.53 -65.26
C SER E 302 37.23 -30.71 -63.79
N CYS E 303 36.23 -31.13 -63.02
CA CYS E 303 36.45 -31.41 -61.60
C CYS E 303 37.29 -32.66 -61.41
N ASP E 304 38.09 -32.65 -60.35
CA ASP E 304 39.01 -33.75 -60.05
C ASP E 304 39.96 -34.00 -61.22
N GLY E 305 39.81 -35.14 -61.88
CA GLY E 305 40.65 -35.46 -63.03
C GLY E 305 39.99 -35.08 -64.35
N VAL E 306 39.95 -36.03 -65.28
CA VAL E 306 39.36 -35.78 -66.59
C VAL E 306 37.97 -36.43 -66.72
N GLN E 307 37.60 -37.32 -65.80
CA GLN E 307 36.33 -38.02 -65.86
C GLN E 307 35.19 -37.28 -65.19
N GLY E 308 35.43 -36.06 -64.71
CA GLY E 308 34.39 -35.28 -64.07
C GLY E 308 34.42 -33.84 -64.53
N ILE E 309 33.33 -33.13 -64.23
CA ILE E 309 33.18 -31.73 -64.61
C ILE E 309 32.56 -30.97 -63.44
N CYS E 310 33.01 -29.72 -63.24
CA CYS E 310 32.43 -28.88 -62.21
C CYS E 310 31.03 -28.41 -62.60
N PHE E 311 30.13 -28.42 -61.63
CA PHE E 311 28.77 -27.93 -61.84
C PHE E 311 28.25 -27.41 -60.49
N GLY E 312 28.21 -26.09 -60.35
CA GLY E 312 27.74 -25.49 -59.11
C GLY E 312 28.56 -25.89 -57.90
N GLY E 313 29.87 -26.02 -58.08
CA GLY E 313 30.73 -26.51 -57.01
C GLY E 313 30.62 -27.98 -56.75
N ARG E 314 30.00 -28.75 -57.64
CA ARG E 314 29.81 -30.18 -57.48
C ARG E 314 30.58 -30.92 -58.56
N CYS E 315 31.36 -31.92 -58.17
CA CYS E 315 32.04 -32.76 -59.14
C CYS E 315 31.05 -33.72 -59.79
N LYS E 316 31.12 -33.85 -61.11
CA LYS E 316 30.21 -34.71 -61.85
C LYS E 316 31.00 -35.77 -62.59
N THR E 317 30.90 -37.02 -62.12
CA THR E 317 31.36 -38.19 -62.85
C THR E 317 30.21 -39.18 -62.95
N ARG E 318 30.44 -40.35 -63.53
CA ARG E 318 29.42 -41.38 -63.49
C ARG E 318 29.36 -42.08 -62.14
N ASP E 319 30.52 -42.26 -61.49
CA ASP E 319 30.53 -42.87 -60.16
C ASP E 319 29.87 -41.99 -59.13
N ARG E 320 30.12 -40.67 -59.18
CA ARG E 320 29.48 -39.76 -58.23
C ARG E 320 27.97 -39.68 -58.47
N GLN E 321 27.55 -39.72 -59.74
CA GLN E 321 26.13 -39.77 -60.05
C GLN E 321 25.49 -41.04 -59.49
N CYS E 322 26.16 -42.18 -59.64
CA CYS E 322 25.65 -43.43 -59.09
C CYS E 322 25.58 -43.37 -57.57
N LYS E 323 26.59 -42.76 -56.94
CA LYS E 323 26.57 -42.61 -55.48
C LYS E 323 25.41 -41.73 -55.04
N TYR E 324 25.14 -40.65 -55.77
CA TYR E 324 24.00 -39.80 -55.45
C TYR E 324 22.69 -40.56 -55.58
N ILE E 325 22.52 -41.30 -56.68
CA ILE E 325 21.25 -41.96 -56.95
C ILE E 325 21.04 -43.14 -55.99
N TRP E 326 22.05 -43.98 -55.84
CA TRP E 326 21.91 -45.23 -55.10
C TRP E 326 22.46 -45.14 -53.68
N GLY E 327 23.73 -44.81 -53.53
CA GLY E 327 24.34 -44.72 -52.22
C GLY E 327 25.84 -44.69 -52.33
N GLN E 328 26.47 -44.38 -51.19
CA GLN E 328 27.92 -44.26 -51.15
C GLN E 328 28.61 -45.57 -51.47
N LYS E 329 28.08 -46.68 -50.96
CA LYS E 329 28.66 -47.99 -51.21
C LYS E 329 28.48 -48.46 -52.65
N VAL E 330 27.62 -47.79 -53.43
CA VAL E 330 27.36 -48.19 -54.80
C VAL E 330 28.29 -47.41 -55.72
N THR E 331 29.07 -48.11 -56.53
CA THR E 331 30.03 -47.51 -57.44
C THR E 331 29.65 -47.84 -58.87
N ALA E 332 30.22 -47.07 -59.79
CA ALA E 332 29.92 -47.25 -61.21
C ALA E 332 30.62 -48.49 -61.77
N SER E 333 30.17 -48.91 -62.95
CA SER E 333 30.73 -50.06 -63.63
C SER E 333 31.90 -49.61 -64.50
N ASP E 334 32.38 -50.50 -65.36
CA ASP E 334 33.52 -50.24 -66.22
C ASP E 334 33.05 -49.80 -67.61
N LYS E 335 33.99 -49.27 -68.38
CA LYS E 335 33.70 -48.81 -69.75
C LYS E 335 33.24 -49.95 -70.64
N TYR E 336 33.60 -51.19 -70.31
CA TYR E 336 33.16 -52.34 -71.10
C TYR E 336 31.64 -52.42 -71.14
N CYS E 337 30.99 -52.28 -69.99
CA CYS E 337 29.52 -52.35 -69.95
C CYS E 337 28.90 -51.24 -70.76
N TYR E 338 29.42 -50.01 -70.63
CA TYR E 338 28.86 -48.89 -71.37
C TYR E 338 29.02 -49.07 -72.87
N GLU E 339 30.18 -49.55 -73.31
CA GLU E 339 30.47 -49.66 -74.74
C GLU E 339 29.90 -50.93 -75.37
N LYS E 340 29.49 -51.91 -74.58
CA LYS E 340 28.90 -53.13 -75.14
C LYS E 340 27.45 -53.35 -74.75
N LEU E 341 26.84 -52.43 -74.02
CA LEU E 341 25.43 -52.55 -73.66
C LEU E 341 24.58 -51.40 -74.17
N ASN E 342 25.09 -50.16 -74.09
CA ASN E 342 24.33 -49.02 -74.60
C ASN E 342 24.14 -49.11 -76.10
N ILE E 343 25.16 -49.61 -76.81
CA ILE E 343 25.06 -49.74 -78.26
C ILE E 343 23.97 -50.74 -78.64
N GLU E 344 23.90 -51.87 -77.92
CA GLU E 344 22.90 -52.90 -78.18
C GLU E 344 22.50 -53.52 -76.86
N GLY E 345 21.23 -53.37 -76.49
CA GLY E 345 20.74 -53.98 -75.27
C GLY E 345 19.23 -53.88 -75.11
N THR E 346 18.60 -55.01 -74.79
CA THR E 346 17.16 -55.06 -74.52
C THR E 346 16.98 -55.10 -73.00
N GLU E 347 16.50 -54.00 -72.43
CA GLU E 347 16.40 -53.83 -70.98
C GLU E 347 17.74 -54.01 -70.28
N LYS E 348 18.84 -53.80 -70.99
CA LYS E 348 20.17 -53.95 -70.43
C LYS E 348 21.02 -52.72 -70.70
N GLY E 349 20.75 -52.05 -71.81
CA GLY E 349 21.45 -50.83 -72.16
C GLY E 349 20.91 -50.19 -73.43
N ASN E 350 20.65 -48.88 -73.37
CA ASN E 350 20.07 -48.15 -74.49
C ASN E 350 20.03 -46.67 -74.10
N CYS E 351 19.65 -45.84 -75.07
CA CYS E 351 19.53 -44.40 -74.87
C CYS E 351 18.11 -43.97 -74.51
N GLY E 352 17.18 -44.90 -74.39
CA GLY E 352 15.81 -44.55 -74.05
C GLY E 352 14.98 -45.80 -73.83
N LYS E 353 13.78 -45.59 -73.28
CA LYS E 353 12.86 -46.68 -72.97
C LYS E 353 11.79 -46.76 -74.05
N ASP E 354 11.85 -47.82 -74.85
CA ASP E 354 10.83 -48.11 -75.86
C ASP E 354 10.79 -49.62 -76.03
N LYS E 355 9.72 -50.23 -75.52
CA LYS E 355 9.60 -51.69 -75.47
C LYS E 355 9.77 -52.33 -76.84
N ASP E 356 9.36 -51.62 -77.90
CA ASP E 356 9.44 -52.18 -79.24
C ASP E 356 10.88 -52.23 -79.74
N THR E 357 11.54 -51.08 -79.82
CA THR E 357 12.89 -51.02 -80.40
C THR E 357 13.90 -50.26 -79.55
N TRP E 358 13.50 -49.69 -78.42
CA TRP E 358 14.38 -48.90 -77.54
C TRP E 358 14.91 -47.71 -78.36
N ILE E 359 16.13 -47.26 -78.11
CA ILE E 359 16.74 -46.15 -78.85
C ILE E 359 18.16 -46.58 -79.19
N GLN E 360 18.46 -46.70 -80.48
CA GLN E 360 19.77 -47.16 -80.92
C GLN E 360 20.77 -46.01 -80.86
N CYS E 361 21.70 -46.09 -79.91
CA CYS E 361 22.74 -45.08 -79.79
C CYS E 361 23.78 -45.25 -80.88
N ASN E 362 24.36 -44.13 -81.31
CA ASN E 362 25.35 -44.17 -82.37
C ASN E 362 26.68 -44.73 -81.86
N LYS E 363 27.50 -45.18 -82.81
CA LYS E 363 28.81 -45.74 -82.48
C LYS E 363 29.80 -44.68 -82.01
N ARG E 364 29.51 -43.39 -82.24
CA ARG E 364 30.45 -42.35 -81.85
C ARG E 364 30.68 -42.34 -80.35
N ASP E 365 29.59 -42.34 -79.57
CA ASP E 365 29.68 -42.37 -78.11
C ASP E 365 28.40 -42.99 -77.56
N VAL E 366 28.56 -43.83 -76.55
CA VAL E 366 27.43 -44.54 -75.95
C VAL E 366 27.42 -44.32 -74.44
N LEU E 367 28.26 -43.39 -73.96
CA LEU E 367 28.29 -43.10 -72.54
C LEU E 367 27.03 -42.37 -72.07
N CYS E 368 26.33 -41.70 -72.99
CA CYS E 368 25.15 -40.92 -72.62
C CYS E 368 23.87 -41.75 -72.56
N GLY E 369 23.96 -43.06 -72.81
CA GLY E 369 22.77 -43.90 -72.79
C GLY E 369 22.42 -44.41 -71.40
N TYR E 370 22.26 -45.72 -71.27
CA TYR E 370 21.87 -46.32 -70.02
C TYR E 370 23.05 -46.32 -69.03
N LEU E 371 22.76 -45.95 -67.78
CA LEU E 371 23.78 -45.96 -66.74
C LEU E 371 23.94 -47.37 -66.17
N LEU E 372 25.19 -47.81 -66.06
CA LEU E 372 25.51 -49.13 -65.53
C LEU E 372 26.47 -48.97 -64.37
N CYS E 373 26.16 -49.64 -63.26
CA CYS E 373 26.95 -49.51 -62.03
C CYS E 373 27.41 -50.86 -61.51
N THR E 374 28.00 -50.86 -60.32
CA THR E 374 28.47 -52.08 -59.66
C THR E 374 27.98 -52.08 -58.22
N ASN E 375 27.48 -53.24 -57.77
CA ASN E 375 26.99 -53.42 -56.40
C ASN E 375 25.87 -52.43 -56.08
N ILE E 376 24.77 -52.57 -56.82
CA ILE E 376 23.60 -51.73 -56.65
C ILE E 376 22.73 -52.30 -55.54
N GLY E 377 22.31 -51.44 -54.61
CA GLY E 377 21.54 -51.87 -53.47
C GLY E 377 20.10 -52.23 -53.82
N ASN E 378 19.40 -52.73 -52.80
CA ASN E 378 18.02 -53.19 -53.00
C ASN E 378 17.10 -52.03 -53.37
N ILE E 379 17.23 -50.89 -52.70
CA ILE E 379 16.35 -49.75 -52.95
C ILE E 379 17.19 -48.50 -53.16
N PRO E 380 16.73 -47.54 -53.95
CA PRO E 380 17.52 -46.34 -54.22
C PRO E 380 17.53 -45.39 -53.03
N ARG E 381 18.56 -44.53 -53.01
CA ARG E 381 18.63 -43.48 -52.01
C ARG E 381 17.47 -42.49 -52.19
N LEU E 382 17.14 -42.17 -53.44
CA LEU E 382 16.05 -41.25 -53.74
C LEU E 382 15.41 -41.67 -55.06
N GLY E 383 14.14 -41.33 -55.22
CA GLY E 383 13.40 -41.68 -56.40
C GLY E 383 12.65 -43.00 -56.26
N GLU E 384 11.81 -43.28 -57.25
CA GLU E 384 10.96 -44.46 -57.25
C GLU E 384 11.52 -45.51 -58.21
N LEU E 385 11.39 -46.78 -57.81
CA LEU E 385 11.87 -47.90 -58.63
C LEU E 385 10.94 -48.13 -59.82
N ASP E 386 11.17 -47.42 -60.92
CA ASP E 386 10.33 -47.55 -62.11
C ASP E 386 10.90 -48.64 -63.02
N GLY E 387 10.81 -49.87 -62.54
CA GLY E 387 11.26 -51.02 -63.29
C GLY E 387 11.82 -52.08 -62.36
N GLU E 388 12.68 -52.92 -62.93
CA GLU E 388 13.30 -54.01 -62.20
C GLU E 388 14.82 -53.94 -62.36
N ILE E 389 15.53 -54.61 -61.45
CA ILE E 389 16.98 -54.58 -61.46
C ILE E 389 17.50 -55.33 -62.68
N THR E 390 18.39 -54.69 -63.42
CA THR E 390 18.99 -55.27 -64.62
C THR E 390 20.36 -55.83 -64.30
N SER E 391 20.60 -57.09 -64.67
CA SER E 391 21.87 -57.75 -64.42
C SER E 391 22.45 -58.23 -65.74
N THR E 392 23.73 -57.93 -65.95
CA THR E 392 24.45 -58.35 -67.15
C THR E 392 25.85 -58.79 -66.74
N LEU E 393 26.29 -59.93 -67.27
CA LEU E 393 27.60 -60.47 -66.95
C LEU E 393 28.51 -60.47 -68.18
N GLY E 398 39.25 -61.61 -71.79
CA GLY E 398 37.95 -61.84 -71.21
C GLY E 398 37.85 -61.37 -69.77
N ARG E 399 36.96 -60.40 -69.54
CA ARG E 399 36.75 -59.82 -68.23
C ARG E 399 35.34 -60.12 -67.76
N THR E 400 35.21 -60.62 -66.53
CA THR E 400 33.92 -60.94 -65.92
C THR E 400 33.56 -59.81 -64.95
N LEU E 401 32.52 -59.06 -65.28
CA LEU E 401 32.09 -57.92 -64.48
C LEU E 401 30.66 -58.13 -64.02
N ASN E 402 30.40 -57.91 -62.73
CA ASN E 402 29.06 -57.99 -62.17
C ASN E 402 28.32 -56.71 -62.56
N CYS E 403 27.86 -56.69 -63.81
CA CYS E 403 27.25 -55.49 -64.38
C CYS E 403 25.83 -55.34 -63.85
N SER E 404 25.54 -54.18 -63.24
CA SER E 404 24.25 -53.93 -62.64
C SER E 404 23.68 -52.62 -63.14
N GLY E 405 22.35 -52.54 -63.15
CA GLY E 405 21.66 -51.34 -63.58
C GLY E 405 20.28 -51.27 -63.00
N GLY E 406 19.71 -50.06 -63.04
CA GLY E 406 18.38 -49.82 -62.52
C GLY E 406 17.67 -48.76 -63.33
N HIS E 407 16.39 -48.58 -63.02
CA HIS E 407 15.53 -47.62 -63.72
C HIS E 407 14.79 -46.73 -62.72
N VAL E 408 15.53 -46.20 -61.75
CA VAL E 408 14.93 -45.36 -60.72
C VAL E 408 14.58 -44.01 -61.32
N LYS E 409 13.37 -43.52 -61.01
CA LYS E 409 12.93 -42.21 -61.46
C LYS E 409 13.33 -41.15 -60.43
N LEU E 410 12.78 -39.95 -60.58
CA LEU E 410 13.07 -38.85 -59.67
C LEU E 410 11.81 -38.01 -59.50
N GLU E 411 11.87 -37.02 -58.61
CA GLU E 411 10.73 -36.14 -58.38
C GLU E 411 10.33 -35.38 -59.64
N GLU E 412 11.24 -35.21 -60.59
CA GLU E 412 10.97 -34.54 -61.84
C GLU E 412 10.80 -35.56 -62.96
N ASP E 413 10.59 -35.07 -64.18
CA ASP E 413 10.49 -35.95 -65.34
C ASP E 413 11.81 -36.57 -65.73
N VAL E 414 12.92 -36.10 -65.15
CA VAL E 414 14.23 -36.67 -65.45
C VAL E 414 14.33 -38.05 -64.81
N ASP E 415 14.91 -39.00 -65.56
CA ASP E 415 15.07 -40.37 -65.10
C ASP E 415 16.49 -40.58 -64.59
N LEU E 416 16.61 -41.13 -63.38
CA LEU E 416 17.91 -41.44 -62.82
C LEU E 416 18.47 -42.77 -63.29
N GLY E 417 17.64 -43.62 -63.92
CA GLY E 417 18.14 -44.90 -64.38
C GLY E 417 19.19 -44.77 -65.48
N TYR E 418 18.99 -43.83 -66.39
CA TYR E 418 19.95 -43.60 -67.47
C TYR E 418 21.06 -42.66 -66.99
N VAL E 419 21.92 -42.24 -67.90
CA VAL E 419 23.03 -41.37 -67.55
C VAL E 419 22.52 -39.93 -67.50
N GLU E 420 22.74 -39.27 -66.36
CA GLU E 420 22.30 -37.90 -66.20
C GLU E 420 23.05 -36.96 -67.13
N ASP E 421 22.34 -35.99 -67.68
CA ASP E 421 22.99 -34.98 -68.51
C ASP E 421 23.93 -34.15 -67.64
N GLY E 422 25.10 -33.85 -68.18
CA GLY E 422 26.18 -33.25 -67.44
C GLY E 422 27.29 -34.22 -67.07
N THR E 423 27.02 -35.52 -67.15
CA THR E 423 28.08 -36.50 -67.00
C THR E 423 28.99 -36.46 -68.22
N PRO E 424 30.30 -36.31 -68.06
CA PRO E 424 31.17 -36.12 -69.22
C PRO E 424 31.38 -37.39 -70.05
N CYS E 425 30.92 -37.37 -71.30
CA CYS E 425 31.19 -38.43 -72.27
C CYS E 425 32.54 -38.28 -72.95
N GLY E 426 33.29 -37.23 -72.64
CA GLY E 426 34.60 -37.02 -73.22
C GLY E 426 35.24 -35.74 -72.73
N PRO E 427 36.52 -35.53 -73.05
CA PRO E 427 37.19 -34.29 -72.67
C PRO E 427 36.60 -33.09 -73.42
N GLN E 428 35.99 -32.16 -72.67
CA GLN E 428 35.25 -31.04 -73.27
C GLN E 428 34.20 -31.55 -74.25
N MET E 429 33.53 -32.63 -73.86
CA MET E 429 32.62 -33.37 -74.74
C MET E 429 31.66 -34.09 -73.81
N MET E 430 30.45 -33.54 -73.65
CA MET E 430 29.60 -33.92 -72.54
C MET E 430 28.17 -34.17 -73.01
N CYS E 431 27.41 -34.91 -72.20
CA CYS E 431 26.10 -35.41 -72.62
C CYS E 431 25.05 -34.32 -72.66
N LEU E 432 24.10 -34.49 -73.58
CA LEU E 432 22.86 -33.70 -73.61
C LEU E 432 21.78 -34.52 -74.29
N GLU E 433 20.67 -34.75 -73.59
CA GLU E 433 19.53 -35.49 -74.12
C GLU E 433 19.95 -36.85 -74.66
N HIS E 434 20.71 -37.58 -73.82
CA HIS E 434 21.21 -38.91 -74.18
C HIS E 434 22.01 -38.87 -75.48
N ARG E 435 22.73 -37.78 -75.69
CA ARG E 435 23.59 -37.65 -76.85
C ARG E 435 24.83 -36.87 -76.44
N CYS E 436 25.99 -37.33 -76.92
CA CYS E 436 27.27 -36.75 -76.56
C CYS E 436 27.54 -35.57 -77.48
N LEU E 437 27.60 -34.36 -76.92
CA LEU E 437 27.68 -33.13 -77.69
C LEU E 437 28.86 -32.28 -77.23
N PRO E 438 29.40 -31.44 -78.10
CA PRO E 438 30.52 -30.58 -77.72
C PRO E 438 30.10 -29.48 -76.76
N VAL E 439 31.11 -28.89 -76.10
CA VAL E 439 30.86 -27.78 -75.17
C VAL E 439 30.36 -26.56 -75.92
N ALA E 440 30.88 -26.32 -77.13
CA ALA E 440 30.49 -25.14 -77.89
C ALA E 440 29.00 -25.16 -78.23
N SER E 441 28.40 -26.34 -78.34
CA SER E 441 26.97 -26.44 -78.59
C SER E 441 26.13 -25.98 -77.41
N PHE E 442 26.73 -25.82 -76.23
CA PHE E 442 26.01 -25.41 -75.04
C PHE E 442 26.05 -23.90 -74.82
N ASN E 443 26.74 -23.16 -75.69
CA ASN E 443 26.81 -21.70 -75.62
C ASN E 443 27.35 -21.23 -74.26
N PHE E 444 28.40 -21.91 -73.79
CA PHE E 444 29.01 -21.52 -72.52
C PHE E 444 29.70 -20.16 -72.65
N SER E 445 29.55 -19.34 -71.62
CA SER E 445 30.13 -18.01 -71.63
C SER E 445 31.63 -18.07 -71.36
N THR E 446 32.30 -16.94 -71.58
CA THR E 446 33.74 -16.82 -71.36
C THR E 446 34.02 -15.52 -70.61
N CYS E 447 34.96 -15.58 -69.67
CA CYS E 447 35.35 -14.42 -68.89
C CYS E 447 36.34 -13.57 -69.68
N LEU E 448 36.90 -12.56 -69.03
CA LEU E 448 37.80 -11.62 -69.70
C LEU E 448 39.17 -12.28 -69.88
N SER E 449 39.56 -12.50 -71.13
CA SER E 449 40.84 -13.10 -71.46
C SER E 449 41.51 -12.28 -72.57
N SER E 450 42.83 -12.22 -72.52
CA SER E 450 43.60 -11.46 -73.50
C SER E 450 44.24 -12.32 -74.58
N LYS E 451 44.43 -13.60 -74.33
CA LYS E 451 45.05 -14.50 -75.30
C LYS E 451 43.98 -15.15 -76.17
N GLU E 452 44.36 -16.14 -76.95
CA GLU E 452 43.45 -16.84 -77.85
C GLU E 452 43.11 -18.21 -77.25
N GLY E 453 41.82 -18.45 -77.08
CA GLY E 453 41.37 -19.73 -76.52
C GLY E 453 41.87 -20.01 -75.13
N THR E 454 41.93 -18.97 -74.29
CA THR E 454 42.40 -19.09 -72.92
C THR E 454 41.35 -18.55 -71.97
N ILE E 455 41.47 -18.95 -70.70
CA ILE E 455 40.56 -18.52 -69.64
C ILE E 455 41.29 -17.51 -68.77
N CYS E 456 40.78 -16.28 -68.74
CA CYS E 456 41.31 -15.20 -67.92
C CYS E 456 42.81 -15.00 -68.16
N SER E 457 43.13 -14.66 -69.40
CA SER E 457 44.49 -14.40 -69.84
C SER E 457 45.42 -15.58 -69.53
N GLY E 458 44.93 -16.78 -69.82
CA GLY E 458 45.71 -17.98 -69.64
C GLY E 458 45.70 -18.49 -68.21
N ASN E 459 46.38 -17.78 -67.31
CA ASN E 459 46.46 -18.16 -65.91
C ASN E 459 45.31 -17.51 -65.16
N GLY E 460 44.40 -18.32 -64.66
CA GLY E 460 43.25 -17.82 -63.93
C GLY E 460 42.07 -18.76 -64.06
N VAL E 461 41.06 -18.50 -63.24
CA VAL E 461 39.84 -19.30 -63.20
C VAL E 461 38.64 -18.37 -63.37
N CYS E 462 37.69 -18.79 -64.20
CA CYS E 462 36.48 -18.03 -64.49
C CYS E 462 35.29 -18.67 -63.80
N SER E 463 34.44 -17.84 -63.21
CA SER E 463 33.28 -18.30 -62.45
C SER E 463 32.00 -17.96 -63.19
N ASN E 464 30.88 -18.42 -62.63
CA ASN E 464 29.58 -18.25 -63.27
C ASN E 464 29.16 -16.79 -63.36
N GLU E 465 29.68 -15.92 -62.48
CA GLU E 465 29.33 -14.52 -62.49
C GLU E 465 30.14 -13.71 -63.49
N LEU E 466 30.80 -14.37 -64.45
CA LEU E 466 31.58 -13.70 -65.50
C LEU E 466 32.70 -12.85 -64.89
N LYS E 467 33.43 -13.42 -63.94
CA LYS E 467 34.53 -12.74 -63.27
C LYS E 467 35.76 -13.63 -63.27
N CYS E 468 36.93 -12.98 -63.21
CA CYS E 468 38.21 -13.68 -63.14
C CYS E 468 38.79 -13.56 -61.75
N VAL E 469 39.15 -14.69 -61.16
CA VAL E 469 39.80 -14.74 -59.85
C VAL E 469 41.30 -14.75 -60.09
N CYS E 470 41.94 -13.61 -59.88
CA CYS E 470 43.37 -13.51 -60.10
C CYS E 470 44.14 -14.29 -59.04
N ASN E 471 45.30 -14.82 -59.43
CA ASN E 471 46.14 -15.60 -58.54
C ASN E 471 46.95 -14.65 -57.65
N ARG E 472 47.94 -15.20 -56.94
CA ARG E 472 48.69 -14.44 -55.96
C ARG E 472 49.50 -13.32 -56.62
N HIS E 473 49.47 -12.14 -56.01
CA HIS E 473 50.25 -10.98 -56.43
C HIS E 473 49.88 -10.51 -57.83
N TRP E 474 48.57 -10.44 -58.09
CA TRP E 474 48.04 -9.92 -59.35
C TRP E 474 46.89 -8.96 -59.05
N ILE E 475 46.86 -7.84 -59.76
CA ILE E 475 45.89 -6.78 -59.48
C ILE E 475 44.95 -6.53 -60.65
N GLY E 476 45.29 -6.94 -61.86
CA GLY E 476 44.48 -6.58 -63.02
C GLY E 476 43.09 -7.19 -62.94
N SER E 477 42.13 -6.50 -63.57
CA SER E 477 40.77 -7.01 -63.60
C SER E 477 40.68 -8.30 -64.40
N ASP E 478 41.43 -8.40 -65.50
CA ASP E 478 41.46 -9.60 -66.32
C ASP E 478 42.69 -10.45 -66.06
N CYS E 479 43.41 -10.18 -64.98
CA CYS E 479 44.63 -10.91 -64.61
C CYS E 479 45.68 -10.81 -65.73
N ASN E 480 46.12 -9.57 -65.98
CA ASN E 480 47.12 -9.31 -67.00
C ASN E 480 48.29 -8.47 -66.51
N THR E 481 48.30 -8.05 -65.25
CA THR E 481 49.36 -7.21 -64.70
C THR E 481 49.81 -7.76 -63.36
N TYR E 482 51.07 -7.47 -63.01
CA TYR E 482 51.68 -7.92 -61.77
C TYR E 482 51.90 -6.75 -60.85
N PHE E 483 51.40 -6.84 -59.62
CA PHE E 483 51.52 -5.79 -58.62
C PHE E 483 51.96 -6.41 -57.30
N PRO E 484 53.24 -6.36 -56.96
CA PRO E 484 53.70 -6.90 -55.67
C PRO E 484 53.04 -6.19 -54.51
N HIS E 485 52.71 -6.96 -53.47
CA HIS E 485 52.08 -6.42 -52.28
C HIS E 485 52.67 -7.08 -51.04
N ASN E 486 52.58 -6.38 -49.91
CA ASN E 486 53.11 -6.87 -48.66
C ASN E 486 52.00 -7.11 -47.64
N LYS F 21 25.11 -9.38 17.91
CA LYS F 21 24.32 -10.12 18.89
C LYS F 21 22.86 -10.18 18.49
N CYS F 22 21.99 -10.28 19.48
CA CYS F 22 20.56 -10.29 19.23
C CYS F 22 20.14 -8.97 18.60
N PRO F 23 19.27 -8.99 17.58
CA PRO F 23 18.99 -7.79 16.81
C PRO F 23 18.44 -6.65 17.66
N ALA F 24 18.80 -5.42 17.27
CA ALA F 24 18.36 -4.24 18.01
C ALA F 24 16.86 -4.03 17.93
N VAL F 25 16.25 -4.33 16.78
CA VAL F 25 14.79 -4.22 16.66
C VAL F 25 14.12 -5.19 17.62
N CYS F 26 14.82 -6.27 17.99
CA CYS F 26 14.31 -7.21 18.97
C CYS F 26 14.69 -6.71 20.36
N THR F 27 13.71 -6.23 21.12
CA THR F 27 13.95 -5.87 22.51
C THR F 27 14.10 -7.16 23.32
N CYS F 28 15.31 -7.69 23.37
CA CYS F 28 15.56 -9.05 23.82
C CYS F 28 16.60 -9.07 24.92
N THR F 29 16.58 -10.14 25.70
CA THR F 29 17.55 -10.36 26.77
C THR F 29 17.75 -11.86 26.93
N LYS F 30 18.35 -12.26 28.05
CA LYS F 30 18.55 -13.67 28.33
C LYS F 30 17.21 -14.36 28.57
N ASP F 31 17.06 -15.56 28.01
CA ASP F 31 15.88 -16.40 28.20
C ASP F 31 14.58 -15.72 27.79
N ASN F 32 14.66 -14.64 27.01
CA ASN F 32 13.46 -13.93 26.57
C ASN F 32 13.82 -13.25 25.24
N ALA F 33 13.40 -13.84 24.14
CA ALA F 33 13.71 -13.34 22.81
C ALA F 33 12.47 -12.63 22.26
N LEU F 34 12.34 -11.35 22.60
CA LEU F 34 11.24 -10.51 22.12
C LEU F 34 11.69 -9.69 20.93
N CYS F 35 10.85 -9.66 19.88
CA CYS F 35 11.07 -8.83 18.72
C CYS F 35 9.81 -8.01 18.46
N GLU F 36 9.97 -6.68 18.41
CA GLU F 36 8.87 -5.76 18.19
C GLU F 36 9.10 -5.01 16.89
N ASN F 37 8.05 -4.92 16.06
CA ASN F 37 8.07 -4.14 14.83
C ASN F 37 9.24 -4.55 13.93
N ALA F 38 9.55 -5.84 13.92
CA ALA F 38 10.64 -6.33 13.09
C ALA F 38 10.26 -6.20 11.62
N ARG F 39 11.29 -5.99 10.78
CA ARG F 39 11.06 -5.96 9.34
C ARG F 39 10.90 -7.35 8.76
N SER F 40 11.60 -8.34 9.32
CA SER F 40 11.48 -9.72 8.92
C SER F 40 12.01 -10.59 10.04
N ILE F 41 11.67 -11.88 10.00
CA ILE F 41 12.08 -12.84 11.00
C ILE F 41 13.60 -12.86 11.13
N PRO F 42 14.17 -12.36 12.22
CA PRO F 42 15.62 -12.40 12.36
C PRO F 42 16.09 -13.80 12.71
N ARG F 43 17.28 -14.14 12.21
CA ARG F 43 17.85 -15.46 12.42
C ARG F 43 19.22 -15.43 13.08
N THR F 44 19.75 -14.24 13.39
CA THR F 44 21.06 -14.10 14.00
C THR F 44 21.01 -14.09 15.53
N VAL F 45 19.84 -14.30 16.11
CA VAL F 45 19.74 -14.32 17.57
C VAL F 45 20.56 -15.48 18.11
N PRO F 46 21.31 -15.31 19.19
CA PRO F 46 22.02 -16.44 19.78
C PRO F 46 21.05 -17.51 20.24
N PRO F 47 21.46 -18.77 20.22
CA PRO F 47 20.52 -19.86 20.54
C PRO F 47 20.33 -20.06 22.03
N ASP F 48 20.71 -19.07 22.83
CA ASP F 48 20.62 -19.17 24.28
C ASP F 48 19.18 -19.08 24.80
N VAL F 49 18.22 -18.73 23.95
CA VAL F 49 16.85 -18.47 24.38
C VAL F 49 15.95 -19.61 23.93
N ILE F 50 15.04 -20.00 24.82
CA ILE F 50 14.06 -21.05 24.55
C ILE F 50 12.66 -20.47 24.41
N SER F 51 12.55 -19.17 24.09
CA SER F 51 11.25 -18.53 23.97
C SER F 51 11.38 -17.34 23.03
N LEU F 52 10.79 -17.47 21.84
CA LEU F 52 10.65 -16.36 20.91
C LEU F 52 9.25 -15.76 21.04
N SER F 53 9.18 -14.46 20.83
CA SER F 53 7.92 -13.73 20.97
C SER F 53 7.97 -12.53 20.05
N PHE F 54 7.15 -12.52 19.01
CA PHE F 54 7.12 -11.45 18.03
C PHE F 54 5.83 -10.67 18.18
N VAL F 55 5.95 -9.38 18.45
CA VAL F 55 4.81 -8.51 18.68
C VAL F 55 4.87 -7.38 17.67
N ARG F 56 3.70 -7.00 17.14
CA ARG F 56 3.57 -5.91 16.18
C ARG F 56 4.47 -6.14 14.96
N SER F 57 4.59 -7.39 14.54
CA SER F 57 5.42 -7.72 13.39
C SER F 57 4.78 -7.15 12.14
N GLY F 58 5.36 -6.07 11.61
CA GLY F 58 4.80 -5.43 10.43
C GLY F 58 4.78 -6.32 9.22
N PHE F 59 5.79 -7.18 9.07
CA PHE F 59 5.83 -8.10 7.95
C PHE F 59 4.69 -9.12 8.06
N THR F 60 4.06 -9.42 6.93
CA THR F 60 2.99 -10.41 6.86
C THR F 60 3.44 -11.73 6.26
N GLU F 61 4.70 -11.82 5.84
CA GLU F 61 5.22 -13.07 5.30
C GLU F 61 5.81 -13.92 6.42
N ILE F 62 5.85 -15.22 6.18
CA ILE F 62 6.33 -16.19 7.16
C ILE F 62 7.55 -16.89 6.58
N SER F 63 8.54 -17.13 7.44
CA SER F 63 9.74 -17.83 7.00
C SER F 63 9.39 -19.25 6.55
N GLU F 64 10.07 -19.71 5.52
CA GLU F 64 9.71 -20.97 4.85
C GLU F 64 10.53 -22.11 5.44
N GLY F 65 10.02 -22.70 6.53
CA GLY F 65 10.66 -23.85 7.13
C GLY F 65 12.07 -23.61 7.60
N SER F 66 12.45 -22.36 7.85
CA SER F 66 13.78 -22.02 8.29
C SER F 66 13.91 -22.02 9.81
N PHE F 67 13.05 -22.76 10.49
CA PHE F 67 13.13 -22.89 11.95
C PHE F 67 14.14 -23.95 12.37
N LEU F 68 14.94 -24.46 11.43
CA LEU F 68 16.14 -25.20 11.80
C LEU F 68 17.12 -24.30 12.54
N PHE F 69 17.12 -23.01 12.22
CA PHE F 69 18.03 -22.08 12.88
C PHE F 69 17.73 -21.92 14.36
N THR F 70 16.51 -22.25 14.79
CA THR F 70 16.06 -22.09 16.17
C THR F 70 15.47 -23.40 16.66
N PRO F 71 16.29 -24.42 16.88
CA PRO F 71 15.76 -25.71 17.33
C PRO F 71 15.31 -25.69 18.79
N SER F 72 16.13 -25.11 19.67
CA SER F 72 15.82 -25.07 21.10
C SER F 72 14.84 -23.94 21.37
N LEU F 73 13.57 -24.28 21.58
CA LEU F 73 12.52 -23.29 21.73
C LEU F 73 11.26 -23.92 22.32
N GLN F 74 10.65 -23.26 23.29
CA GLN F 74 9.52 -23.81 24.03
C GLN F 74 8.21 -23.06 23.79
N LEU F 75 8.23 -21.73 23.86
CA LEU F 75 7.02 -20.94 23.76
C LEU F 75 7.15 -19.94 22.61
N LEU F 76 6.12 -19.87 21.77
CA LEU F 76 6.13 -19.02 20.59
C LEU F 76 4.95 -18.06 20.63
N LEU F 77 5.22 -16.77 20.47
CA LEU F 77 4.22 -15.73 20.59
C LEU F 77 4.17 -14.89 19.32
N PHE F 78 3.01 -14.86 18.68
CA PHE F 78 2.74 -13.96 17.57
C PHE F 78 1.46 -13.19 17.89
N THR F 79 1.60 -11.94 18.32
CA THR F 79 0.45 -11.13 18.72
C THR F 79 0.53 -9.76 18.06
N SER F 80 -0.63 -9.19 17.79
CA SER F 80 -0.75 -7.86 17.19
C SER F 80 0.05 -7.77 15.89
N ASN F 81 0.19 -8.88 15.19
CA ASN F 81 1.01 -8.95 14.00
C ASN F 81 0.13 -8.88 12.77
N SER F 82 0.64 -8.23 11.72
CA SER F 82 -0.09 -8.00 10.49
C SER F 82 -0.05 -9.20 9.56
N PHE F 83 0.23 -10.39 10.08
CA PHE F 83 0.24 -11.59 9.25
C PHE F 83 -1.09 -11.73 8.52
N ASP F 84 -1.00 -12.06 7.23
CA ASP F 84 -2.17 -12.38 6.43
C ASP F 84 -2.07 -13.74 5.75
N VAL F 85 -0.86 -14.25 5.52
CA VAL F 85 -0.66 -15.54 4.90
C VAL F 85 0.37 -16.32 5.70
N ILE F 86 0.08 -17.58 5.99
CA ILE F 86 1.05 -18.51 6.53
C ILE F 86 1.26 -19.61 5.52
N SER F 87 2.41 -20.29 5.64
CA SER F 87 2.86 -21.21 4.61
C SER F 87 2.99 -22.61 5.17
N ASP F 88 2.68 -23.60 4.33
CA ASP F 88 2.87 -24.99 4.69
C ASP F 88 4.34 -25.27 4.94
N ASP F 89 4.61 -26.20 5.86
CA ASP F 89 5.97 -26.66 6.15
C ASP F 89 6.87 -25.51 6.62
N ALA F 90 6.29 -24.52 7.29
CA ALA F 90 7.05 -23.39 7.78
C ALA F 90 7.69 -23.62 9.14
N PHE F 91 7.26 -24.65 9.87
CA PHE F 91 7.78 -24.94 11.22
C PHE F 91 8.38 -26.34 11.20
N ILE F 92 9.71 -26.42 11.12
CA ILE F 92 10.45 -27.67 11.16
C ILE F 92 11.74 -27.46 11.93
N GLY F 93 12.43 -28.56 12.23
CA GLY F 93 13.67 -28.52 12.96
C GLY F 93 13.53 -28.41 14.46
N LEU F 94 12.34 -28.63 15.00
CA LEU F 94 12.13 -28.45 16.43
C LEU F 94 11.00 -29.32 16.96
N PRO F 95 11.30 -30.29 17.82
CA PRO F 95 10.29 -30.93 18.65
C PRO F 95 10.15 -30.30 20.03
N HIS F 96 11.00 -29.34 20.36
CA HIS F 96 11.05 -28.70 21.66
C HIS F 96 9.85 -27.81 21.94
N LEU F 97 8.89 -27.73 21.02
CA LEU F 97 7.80 -26.77 21.11
C LEU F 97 6.57 -27.43 21.71
N GLU F 98 6.03 -26.85 22.78
CA GLU F 98 4.80 -27.31 23.39
C GLU F 98 3.81 -26.19 23.70
N TYR F 99 4.22 -24.92 23.61
CA TYR F 99 3.33 -23.78 23.73
C TYR F 99 3.41 -22.97 22.45
N LEU F 100 2.26 -22.78 21.80
CA LEU F 100 2.15 -21.90 20.64
C LEU F 100 1.09 -20.85 20.92
N PHE F 101 1.46 -19.59 20.79
CA PHE F 101 0.58 -18.49 21.15
C PHE F 101 0.45 -17.53 19.97
N ILE F 102 -0.71 -17.52 19.33
CA ILE F 102 -1.00 -16.59 18.25
C ILE F 102 -2.38 -15.98 18.50
N GLU F 103 -2.43 -14.80 19.09
CA GLU F 103 -3.69 -14.21 19.49
C GLU F 103 -3.71 -12.74 19.13
N ASN F 104 -4.93 -12.20 19.00
CA ASN F 104 -5.16 -10.83 18.59
C ASN F 104 -4.39 -10.51 17.31
N ASN F 105 -4.75 -11.22 16.25
CA ASN F 105 -4.14 -11.05 14.95
C ASN F 105 -5.24 -10.80 13.92
N ASN F 106 -4.83 -10.71 12.65
CA ASN F 106 -5.76 -10.41 11.57
C ASN F 106 -5.52 -11.29 10.35
N ILE F 107 -4.97 -12.49 10.55
CA ILE F 107 -4.66 -13.37 9.44
C ILE F 107 -5.95 -13.83 8.77
N LYS F 108 -5.87 -14.10 7.47
CA LYS F 108 -6.96 -14.69 6.72
C LYS F 108 -6.59 -16.00 6.04
N SER F 109 -5.32 -16.22 5.74
CA SER F 109 -4.86 -17.41 5.03
C SER F 109 -4.13 -18.32 6.01
N ILE F 110 -4.63 -19.54 6.17
CA ILE F 110 -4.02 -20.55 7.03
C ILE F 110 -3.70 -21.77 6.17
N SER F 111 -2.46 -22.23 6.26
CA SER F 111 -1.99 -23.36 5.47
C SER F 111 -2.12 -24.65 6.27
N ARG F 112 -2.57 -25.71 5.60
CA ARG F 112 -2.88 -26.96 6.27
C ARG F 112 -1.63 -27.66 6.80
N HIS F 113 -0.51 -27.56 6.07
CA HIS F 113 0.72 -28.26 6.44
C HIS F 113 1.78 -27.33 7.01
N THR F 114 1.36 -26.22 7.63
CA THR F 114 2.34 -25.28 8.19
C THR F 114 3.14 -25.92 9.31
N PHE F 115 2.48 -26.64 10.21
CA PHE F 115 3.12 -27.20 11.38
C PHE F 115 3.58 -28.61 11.05
N ARG F 116 4.89 -28.82 10.97
CA ARG F 116 5.47 -30.12 10.68
C ARG F 116 6.61 -30.39 11.66
N GLY F 117 6.29 -31.12 12.72
CA GLY F 117 7.21 -31.33 13.83
C GLY F 117 6.68 -30.86 15.17
N LEU F 118 5.44 -30.38 15.22
CA LEU F 118 4.81 -29.95 16.47
C LEU F 118 3.99 -31.09 17.06
N LYS F 119 4.67 -32.20 17.34
CA LYS F 119 4.03 -33.34 17.96
C LYS F 119 3.91 -33.20 19.46
N SER F 120 4.59 -32.23 20.06
CA SER F 120 4.57 -32.02 21.50
C SER F 120 3.73 -30.80 21.91
N LEU F 121 3.05 -30.17 20.97
CA LEU F 121 2.29 -28.96 21.27
C LEU F 121 1.04 -29.30 22.09
N ILE F 122 0.88 -28.63 23.23
CA ILE F 122 -0.21 -28.94 24.14
C ILE F 122 -1.11 -27.72 24.34
N HIS F 123 -0.56 -26.52 24.18
CA HIS F 123 -1.31 -25.29 24.36
C HIS F 123 -1.28 -24.49 23.06
N LEU F 124 -2.45 -24.31 22.46
CA LEU F 124 -2.57 -23.64 21.17
C LEU F 124 -3.36 -22.35 21.34
N SER F 125 -2.87 -21.26 20.75
CA SER F 125 -3.54 -19.97 20.77
C SER F 125 -3.79 -19.52 19.34
N LEU F 126 -5.06 -19.44 18.96
CA LEU F 126 -5.46 -18.87 17.68
C LEU F 126 -6.59 -17.87 17.84
N ALA F 127 -6.95 -17.53 19.08
CA ALA F 127 -8.13 -16.72 19.35
C ALA F 127 -7.94 -15.29 18.86
N ASN F 128 -9.06 -14.66 18.50
CA ASN F 128 -9.12 -13.24 18.14
C ASN F 128 -8.21 -12.92 16.96
N ASN F 129 -8.02 -13.87 16.05
CA ASN F 129 -7.18 -13.68 14.88
C ASN F 129 -7.97 -13.25 13.66
N ASN F 130 -9.27 -13.02 13.79
CA ASN F 130 -10.14 -12.57 12.70
C ASN F 130 -10.12 -13.54 11.53
N LEU F 131 -9.88 -14.81 11.81
CA LEU F 131 -9.90 -15.85 10.79
C LEU F 131 -11.34 -16.17 10.37
N GLN F 132 -11.46 -16.83 9.23
CA GLN F 132 -12.77 -17.21 8.69
C GLN F 132 -13.07 -18.69 8.87
N THR F 133 -12.15 -19.57 8.46
CA THR F 133 -12.31 -21.00 8.67
C THR F 133 -10.92 -21.61 8.74
N LEU F 134 -10.86 -22.94 8.72
CA LEU F 134 -9.61 -23.64 8.91
C LEU F 134 -9.44 -24.70 7.83
N PRO F 135 -8.28 -24.77 7.17
CA PRO F 135 -8.04 -25.86 6.22
C PRO F 135 -8.15 -27.22 6.90
N LYS F 136 -8.77 -28.16 6.20
CA LYS F 136 -8.98 -29.49 6.76
C LYS F 136 -7.65 -30.17 7.04
N ASP F 137 -7.62 -30.98 8.09
CA ASP F 137 -6.48 -31.82 8.43
C ASP F 137 -5.21 -31.00 8.70
N ILE F 138 -5.38 -29.85 9.36
CA ILE F 138 -4.22 -29.15 9.89
C ILE F 138 -3.83 -29.73 11.25
N PHE F 139 -4.76 -30.37 11.94
CA PHE F 139 -4.48 -30.97 13.24
C PHE F 139 -3.59 -32.21 13.15
N LYS F 140 -3.34 -32.70 11.94
CA LYS F 140 -2.39 -33.81 11.77
C LYS F 140 -1.03 -33.40 12.30
N GLY F 141 -0.46 -34.24 13.15
CA GLY F 141 0.79 -33.93 13.82
C GLY F 141 0.64 -33.17 15.11
N LEU F 142 -0.51 -32.56 15.36
CA LEU F 142 -0.79 -31.89 16.63
C LEU F 142 -1.62 -32.81 17.52
N ASP F 143 -0.99 -33.92 17.90
CA ASP F 143 -1.66 -34.95 18.68
C ASP F 143 -1.58 -34.71 20.18
N SER F 144 -0.68 -33.83 20.63
CA SER F 144 -0.50 -33.56 22.05
C SER F 144 -1.34 -32.41 22.55
N LEU F 145 -2.21 -31.84 21.72
CA LEU F 145 -2.97 -30.65 22.11
C LEU F 145 -3.87 -30.96 23.29
N THR F 146 -3.69 -30.22 24.37
CA THR F 146 -4.59 -30.24 25.50
C THR F 146 -5.27 -28.91 25.75
N ASN F 147 -4.69 -27.80 25.31
CA ASN F 147 -5.25 -26.48 25.53
C ASN F 147 -5.35 -25.74 24.19
N VAL F 148 -6.55 -25.24 23.87
CA VAL F 148 -6.79 -24.48 22.65
C VAL F 148 -7.74 -23.33 22.97
N ASP F 149 -7.94 -22.47 21.98
CA ASP F 149 -8.82 -21.32 22.11
C ASP F 149 -9.24 -20.88 20.71
N LEU F 150 -10.49 -20.45 20.57
CA LEU F 150 -10.98 -20.02 19.26
C LEU F 150 -11.80 -18.75 19.32
N ARG F 151 -11.72 -17.97 20.39
CA ARG F 151 -12.62 -16.84 20.57
C ARG F 151 -12.15 -15.63 19.78
N GLY F 152 -13.09 -14.96 19.11
CA GLY F 152 -12.81 -13.70 18.48
C GLY F 152 -12.89 -13.69 16.96
N ASN F 153 -12.36 -14.72 16.31
CA ASN F 153 -12.40 -14.79 14.86
C ASN F 153 -13.80 -15.09 14.36
N SER F 154 -14.01 -14.87 13.07
CA SER F 154 -15.33 -15.03 12.45
C SER F 154 -15.50 -16.47 12.00
N PHE F 155 -16.33 -17.23 12.71
CA PHE F 155 -16.72 -18.57 12.30
C PHE F 155 -17.89 -18.51 11.34
N ASN F 156 -17.60 -18.61 10.05
CA ASN F 156 -18.62 -18.74 9.02
C ASN F 156 -19.12 -20.18 9.03
N CYS F 157 -19.89 -20.51 10.06
CA CYS F 157 -20.44 -21.85 10.19
C CYS F 157 -21.28 -22.21 8.98
N ASP F 158 -21.04 -23.39 8.44
CA ASP F 158 -21.68 -23.85 7.21
C ASP F 158 -21.43 -25.36 7.10
N CYS F 159 -21.75 -25.92 5.94
CA CYS F 159 -21.51 -27.34 5.72
C CYS F 159 -20.03 -27.68 5.88
N LYS F 160 -19.15 -26.84 5.33
CA LYS F 160 -17.71 -27.10 5.39
C LYS F 160 -17.19 -27.14 6.83
N LEU F 161 -17.93 -26.57 7.78
CA LEU F 161 -17.54 -26.62 9.18
C LEU F 161 -17.62 -28.01 9.77
N LYS F 162 -18.27 -28.96 9.08
CA LYS F 162 -18.59 -30.25 9.69
C LYS F 162 -17.36 -30.90 10.33
N TRP F 163 -16.24 -30.92 9.60
CA TRP F 163 -15.03 -31.56 10.12
C TRP F 163 -14.63 -30.95 11.45
N LEU F 164 -14.60 -29.62 11.52
CA LEU F 164 -14.29 -28.95 12.79
C LEU F 164 -15.26 -29.38 13.87
N VAL F 165 -16.55 -29.40 13.54
CA VAL F 165 -17.54 -29.92 14.49
C VAL F 165 -17.17 -31.34 14.89
N GLU F 166 -16.91 -32.18 13.88
CA GLU F 166 -16.43 -33.53 14.18
C GLU F 166 -15.12 -33.47 14.94
N TRP F 167 -14.22 -32.55 14.55
CA TRP F 167 -13.01 -32.36 15.33
C TRP F 167 -13.33 -31.95 16.75
N LEU F 168 -14.31 -31.06 16.92
CA LEU F 168 -14.72 -30.68 18.26
C LEU F 168 -15.33 -31.86 19.01
N GLY F 169 -15.88 -32.82 18.28
CA GLY F 169 -16.33 -34.06 18.88
C GLY F 169 -15.28 -35.14 19.01
N HIS F 170 -14.08 -34.91 18.48
CA HIS F 170 -13.03 -35.93 18.48
C HIS F 170 -11.97 -35.65 19.53
N THR F 171 -11.36 -34.47 19.49
CA THR F 171 -10.24 -34.17 20.37
C THR F 171 -10.69 -34.08 21.83
N ASN F 172 -9.78 -34.47 22.73
CA ASN F 172 -10.03 -34.44 24.16
C ASN F 172 -9.41 -33.22 24.83
N ALA F 173 -8.87 -32.29 24.05
CA ALA F 173 -8.19 -31.13 24.59
C ALA F 173 -9.17 -30.23 25.35
N THR F 174 -8.63 -29.53 26.35
CA THR F 174 -9.42 -28.54 27.08
C THR F 174 -9.75 -27.40 26.14
N VAL F 175 -11.02 -27.33 25.70
CA VAL F 175 -11.46 -26.40 24.67
C VAL F 175 -12.50 -25.46 25.28
N GLU F 176 -12.43 -24.19 24.90
CA GLU F 176 -13.41 -23.21 25.31
C GLU F 176 -14.71 -23.42 24.55
N ASP F 177 -15.69 -22.54 24.79
CA ASP F 177 -17.02 -22.65 24.20
C ASP F 177 -17.30 -21.38 23.41
N ILE F 178 -16.91 -21.39 22.13
CA ILE F 178 -17.07 -20.26 21.22
C ILE F 178 -18.34 -20.47 20.41
N TYR F 179 -18.95 -19.36 19.98
CA TYR F 179 -20.15 -19.41 19.16
C TYR F 179 -19.81 -19.10 17.70
N CYS F 180 -20.78 -19.34 16.83
CA CYS F 180 -20.63 -18.98 15.42
C CYS F 180 -20.60 -17.46 15.23
N GLU F 181 -19.77 -17.03 14.28
CA GLU F 181 -19.59 -15.61 13.96
C GLU F 181 -19.67 -15.37 12.46
N GLY F 182 -20.48 -16.14 11.76
CA GLY F 182 -20.55 -16.06 10.31
C GLY F 182 -21.90 -15.62 9.78
N PRO F 183 -22.64 -16.55 9.19
CA PRO F 183 -23.96 -16.21 8.65
C PRO F 183 -24.86 -15.72 9.75
N PRO F 184 -25.81 -14.84 9.43
CA PRO F 184 -26.61 -14.20 10.50
C PRO F 184 -27.33 -15.17 11.42
N GLU F 185 -27.91 -16.24 10.87
CA GLU F 185 -28.55 -17.23 11.73
C GLU F 185 -27.53 -18.21 12.30
N TYR F 186 -26.39 -18.38 11.63
CA TYR F 186 -25.25 -19.11 12.18
C TYR F 186 -24.45 -18.14 13.06
N LYS F 187 -25.08 -17.72 14.16
CA LYS F 187 -24.49 -16.77 15.08
C LYS F 187 -24.92 -17.12 16.49
N LYS F 188 -24.06 -16.79 17.46
CA LYS F 188 -24.33 -16.95 18.88
C LYS F 188 -24.69 -18.40 19.24
N ARG F 189 -24.33 -19.36 18.41
CA ARG F 189 -24.64 -20.75 18.62
C ARG F 189 -23.34 -21.54 18.78
N LYS F 190 -23.27 -22.36 19.83
CA LYS F 190 -22.06 -23.13 20.09
C LYS F 190 -21.85 -24.17 18.99
N ILE F 191 -20.59 -24.28 18.55
CA ILE F 191 -20.24 -25.29 17.54
C ILE F 191 -20.47 -26.69 18.11
N ASN F 192 -20.07 -26.93 19.36
CA ASN F 192 -20.26 -28.23 19.96
C ASN F 192 -21.75 -28.55 20.11
N SER F 193 -22.54 -27.56 20.54
CA SER F 193 -23.96 -27.79 20.74
C SER F 193 -24.67 -28.10 19.42
N LEU F 194 -24.31 -27.40 18.36
CA LEU F 194 -24.94 -27.58 17.05
C LEU F 194 -24.11 -28.59 16.26
N SER F 195 -24.59 -29.82 16.19
CA SER F 195 -23.85 -30.88 15.51
C SER F 195 -23.82 -30.62 14.00
N SER F 196 -22.90 -31.32 13.33
CA SER F 196 -22.75 -31.16 11.88
C SER F 196 -24.00 -31.56 11.13
N LYS F 197 -24.85 -32.41 11.72
CA LYS F 197 -26.09 -32.81 11.07
C LYS F 197 -27.00 -31.62 10.77
N ASP F 198 -26.85 -30.52 11.51
CA ASP F 198 -27.61 -29.32 11.20
C ASP F 198 -27.26 -28.74 9.83
N PHE F 199 -26.06 -29.06 9.31
CA PHE F 199 -25.68 -28.58 7.98
C PHE F 199 -24.97 -29.64 7.16
N ASP F 200 -24.93 -30.89 7.61
CA ASP F 200 -24.25 -31.94 6.86
C ASP F 200 -24.87 -32.09 5.48
N CYS F 201 -24.07 -31.81 4.45
CA CYS F 201 -24.57 -31.77 3.08
C CYS F 201 -23.66 -32.58 2.17
N ILE F 202 -24.26 -33.11 1.10
CA ILE F 202 -23.54 -33.78 0.03
C ILE F 202 -23.95 -33.15 -1.28
N ILE F 203 -22.96 -32.69 -2.05
CA ILE F 203 -23.24 -31.96 -3.28
C ILE F 203 -22.61 -32.67 -4.47
N THR F 204 -22.48 -34.00 -4.37
CA THR F 204 -21.92 -34.82 -5.45
C THR F 204 -20.54 -34.33 -5.87
N GLU F 205 -19.73 -33.95 -4.89
CA GLU F 205 -18.41 -33.39 -5.15
C GLU F 205 -17.46 -34.46 -5.69
N PHE F 206 -16.43 -34.00 -6.40
CA PHE F 206 -15.38 -34.86 -6.94
C PHE F 206 -14.19 -34.79 -5.99
N ALA F 207 -14.18 -35.68 -5.00
CA ALA F 207 -13.09 -35.71 -4.03
C ALA F 207 -11.91 -36.48 -4.59
N LYS F 208 -10.71 -35.94 -4.39
CA LYS F 208 -9.50 -36.61 -4.84
C LYS F 208 -9.38 -37.97 -4.16
N SER F 209 -9.08 -39.01 -4.94
CA SER F 209 -9.03 -40.37 -4.43
C SER F 209 -7.64 -40.99 -4.57
N GLN F 210 -7.06 -40.96 -5.76
CA GLN F 210 -5.77 -41.62 -6.00
C GLN F 210 -5.09 -40.92 -7.16
N ASP F 211 -3.98 -40.24 -6.88
CA ASP F 211 -3.21 -39.53 -7.89
C ASP F 211 -1.99 -40.38 -8.23
N LEU F 212 -2.14 -41.24 -9.23
CA LEU F 212 -1.07 -42.15 -9.62
C LEU F 212 0.03 -41.38 -10.31
N PRO F 213 1.26 -41.42 -9.80
CA PRO F 213 2.37 -40.58 -10.33
C PRO F 213 3.03 -41.15 -11.58
N TYR F 214 2.31 -41.11 -12.69
CA TYR F 214 2.92 -41.41 -13.98
C TYR F 214 2.10 -40.77 -15.10
N GLN F 215 2.77 -40.45 -16.20
CA GLN F 215 2.12 -39.82 -17.33
C GLN F 215 1.35 -40.86 -18.15
N SER F 216 0.18 -40.47 -18.63
CA SER F 216 -0.65 -41.39 -19.40
C SER F 216 -1.58 -40.60 -20.30
N LEU F 217 -2.10 -41.28 -21.32
CA LEU F 217 -2.93 -40.64 -22.34
C LEU F 217 -4.35 -41.18 -22.35
N SER F 218 -4.54 -42.49 -22.49
CA SER F 218 -5.86 -43.07 -22.68
C SER F 218 -6.27 -43.89 -21.47
N ILE F 219 -7.52 -43.70 -21.05
CA ILE F 219 -8.13 -44.44 -19.96
C ILE F 219 -9.45 -45.02 -20.45
N ASP F 220 -9.70 -46.28 -20.13
CA ASP F 220 -10.98 -46.90 -20.46
C ASP F 220 -11.14 -48.21 -19.71
N THR F 221 -12.35 -48.49 -19.24
CA THR F 221 -12.61 -49.64 -18.38
C THR F 221 -13.41 -50.69 -19.12
N PHE F 222 -13.02 -51.96 -18.97
CA PHE F 222 -13.73 -53.08 -19.58
C PHE F 222 -14.23 -54.01 -18.49
N SER F 223 -15.46 -54.48 -18.65
CA SER F 223 -16.08 -55.36 -17.66
C SER F 223 -15.94 -56.81 -18.12
N TYR F 224 -14.74 -57.34 -17.95
CA TYR F 224 -14.46 -58.72 -18.32
C TYR F 224 -15.02 -59.66 -17.27
N LEU F 225 -15.87 -60.60 -17.70
CA LEU F 225 -16.50 -61.57 -16.81
C LEU F 225 -17.21 -60.87 -15.65
N ASN F 226 -17.91 -59.78 -15.98
CA ASN F 226 -18.63 -58.95 -15.03
C ASN F 226 -17.71 -58.33 -13.97
N ASP F 227 -16.41 -58.26 -14.26
CA ASP F 227 -15.44 -57.60 -13.40
C ASP F 227 -14.79 -56.47 -14.18
N GLU F 228 -14.82 -55.27 -13.60
CA GLU F 228 -14.32 -54.08 -14.26
C GLU F 228 -12.83 -53.93 -14.01
N TYR F 229 -12.07 -53.74 -15.09
CA TYR F 229 -10.64 -53.47 -15.04
C TYR F 229 -10.34 -52.27 -15.91
N VAL F 230 -9.49 -51.38 -15.40
CA VAL F 230 -9.20 -50.10 -16.05
C VAL F 230 -7.90 -50.23 -16.84
N VAL F 231 -7.94 -49.83 -18.11
CA VAL F 231 -6.76 -49.80 -18.95
C VAL F 231 -6.29 -48.36 -19.03
N ILE F 232 -5.01 -48.15 -18.74
CA ILE F 232 -4.39 -46.83 -18.81
C ILE F 232 -3.11 -46.96 -19.64
N ALA F 233 -2.94 -46.07 -20.61
CA ALA F 233 -1.87 -46.19 -21.59
C ALA F 233 -0.79 -45.15 -21.37
N GLN F 234 0.46 -45.59 -21.37
CA GLN F 234 1.63 -44.72 -21.26
C GLN F 234 2.35 -44.71 -22.60
N PRO F 235 2.22 -43.64 -23.38
CA PRO F 235 2.83 -43.64 -24.73
C PRO F 235 4.34 -43.57 -24.72
N PHE F 236 4.95 -42.91 -23.72
CA PHE F 236 6.40 -42.84 -23.67
C PHE F 236 7.01 -44.22 -23.51
N THR F 237 6.54 -44.99 -22.53
CA THR F 237 7.00 -46.35 -22.32
C THR F 237 6.21 -47.36 -23.14
N GLY F 238 5.13 -46.95 -23.79
CA GLY F 238 4.30 -47.88 -24.53
C GLY F 238 3.66 -48.94 -23.66
N LYS F 239 3.21 -48.56 -22.47
CA LYS F 239 2.77 -49.50 -21.45
C LYS F 239 1.25 -49.44 -21.32
N CYS F 240 0.59 -50.55 -21.65
CA CYS F 240 -0.83 -50.72 -21.34
C CYS F 240 -0.92 -51.35 -19.96
N ILE F 241 -1.41 -50.59 -18.99
CA ILE F 241 -1.48 -51.02 -17.60
C ILE F 241 -2.94 -51.36 -17.28
N PHE F 242 -3.16 -52.56 -16.77
CA PHE F 242 -4.47 -53.07 -16.39
C PHE F 242 -4.54 -53.04 -14.87
N LEU F 243 -5.48 -52.27 -14.33
CA LEU F 243 -5.69 -52.13 -12.89
C LEU F 243 -7.02 -52.76 -12.51
N GLU F 244 -7.01 -53.54 -11.42
CA GLU F 244 -8.19 -54.24 -10.95
C GLU F 244 -8.64 -53.65 -9.61
N TRP F 245 -9.94 -53.43 -9.48
CA TRP F 245 -10.48 -52.87 -8.24
C TRP F 245 -10.37 -53.89 -7.11
N ASP F 246 -9.92 -53.42 -5.95
CA ASP F 246 -9.80 -54.26 -4.76
C ASP F 246 -11.07 -54.15 -3.95
N HIS F 247 -11.82 -55.26 -3.84
CA HIS F 247 -13.03 -55.27 -3.04
C HIS F 247 -12.75 -55.20 -1.54
N VAL F 248 -11.51 -55.38 -1.12
CA VAL F 248 -11.14 -55.30 0.29
C VAL F 248 -10.42 -53.99 0.60
N GLU F 249 -9.45 -53.61 -0.22
CA GLU F 249 -8.70 -52.38 0.00
C GLU F 249 -9.41 -51.15 -0.54
N LYS F 250 -10.53 -51.32 -1.24
CA LYS F 250 -11.31 -50.20 -1.78
C LYS F 250 -10.49 -49.33 -2.73
N THR F 251 -9.54 -49.94 -3.43
CA THR F 251 -8.68 -49.22 -4.37
C THR F 251 -8.48 -50.11 -5.60
N PHE F 252 -7.52 -49.73 -6.44
CA PHE F 252 -7.16 -50.49 -7.62
C PHE F 252 -5.81 -51.16 -7.41
N ARG F 253 -5.75 -52.46 -7.65
CA ARG F 253 -4.50 -53.20 -7.69
C ARG F 253 -4.09 -53.43 -9.13
N ASN F 254 -2.78 -53.61 -9.33
CA ASN F 254 -2.27 -53.87 -10.67
C ASN F 254 -2.74 -55.25 -11.12
N TYR F 255 -3.37 -55.29 -12.30
CA TYR F 255 -3.92 -56.53 -12.85
C TYR F 255 -3.04 -57.13 -13.94
N ASP F 256 -2.48 -56.30 -14.80
CA ASP F 256 -1.68 -56.80 -15.92
C ASP F 256 -0.86 -55.65 -16.50
N ASN F 257 0.11 -56.00 -17.36
CA ASN F 257 0.92 -54.99 -18.01
C ASN F 257 1.39 -55.51 -19.36
N ILE F 258 1.33 -54.64 -20.37
CA ILE F 258 1.77 -54.95 -21.72
C ILE F 258 2.75 -53.88 -22.17
N THR F 259 3.85 -54.30 -22.78
CA THR F 259 4.90 -53.38 -23.23
C THR F 259 4.80 -53.17 -24.74
N GLY F 260 4.87 -51.92 -25.16
CA GLY F 260 4.86 -51.58 -26.57
C GLY F 260 5.94 -50.59 -26.95
N THR F 261 5.73 -49.82 -28.01
CA THR F 261 6.70 -48.85 -28.47
C THR F 261 6.20 -47.42 -28.32
N SER F 262 5.06 -47.09 -28.93
CA SER F 262 4.49 -45.75 -28.87
C SER F 262 2.98 -45.84 -28.67
N THR F 263 2.57 -46.70 -27.73
CA THR F 263 1.16 -47.04 -27.57
C THR F 263 0.38 -45.82 -27.11
N VAL F 264 -0.38 -45.23 -28.03
CA VAL F 264 -1.30 -44.15 -27.69
C VAL F 264 -2.62 -44.72 -27.18
N VAL F 265 -3.13 -45.75 -27.84
CA VAL F 265 -4.42 -46.34 -27.53
C VAL F 265 -4.21 -47.77 -27.08
N CYS F 266 -4.76 -48.12 -25.92
CA CYS F 266 -4.85 -49.49 -25.45
C CYS F 266 -6.33 -49.69 -25.14
N LYS F 267 -7.12 -50.04 -26.16
CA LYS F 267 -8.57 -50.09 -26.00
C LYS F 267 -9.04 -51.54 -25.94
N PRO F 268 -9.60 -51.99 -24.84
CA PRO F 268 -10.13 -53.36 -24.77
C PRO F 268 -11.51 -53.46 -25.40
N ILE F 269 -11.82 -54.67 -25.86
CA ILE F 269 -13.16 -54.99 -26.35
C ILE F 269 -13.36 -56.48 -26.22
N VAL F 270 -14.54 -56.88 -25.74
CA VAL F 270 -14.87 -58.28 -25.54
C VAL F 270 -15.96 -58.66 -26.53
N ILE F 271 -15.66 -59.65 -27.36
CA ILE F 271 -16.60 -60.15 -28.36
C ILE F 271 -16.99 -61.56 -27.92
N GLU F 272 -18.15 -61.67 -27.27
CA GLU F 272 -18.67 -62.93 -26.78
C GLU F 272 -17.68 -63.61 -25.83
N THR F 273 -17.41 -62.92 -24.72
CA THR F 273 -16.67 -63.44 -23.56
C THR F 273 -15.17 -63.53 -23.89
N GLN F 274 -14.81 -63.30 -25.15
CA GLN F 274 -13.42 -63.29 -25.57
C GLN F 274 -12.93 -61.85 -25.58
N LEU F 275 -12.02 -61.53 -24.68
CA LEU F 275 -11.53 -60.17 -24.52
C LEU F 275 -10.41 -59.90 -25.51
N TYR F 276 -10.52 -58.78 -26.23
CA TYR F 276 -9.50 -58.33 -27.16
C TYR F 276 -9.13 -56.89 -26.83
N VAL F 277 -7.85 -56.58 -27.02
CA VAL F 277 -7.31 -55.24 -26.74
C VAL F 277 -6.63 -54.74 -28.01
N ILE F 278 -6.98 -53.54 -28.44
CA ILE F 278 -6.37 -52.92 -29.60
C ILE F 278 -5.30 -51.96 -29.09
N VAL F 279 -4.04 -52.21 -29.47
CA VAL F 279 -2.93 -51.39 -29.05
C VAL F 279 -2.44 -50.58 -30.24
N ALA F 280 -2.96 -49.36 -30.37
CA ALA F 280 -2.52 -48.46 -31.43
C ALA F 280 -1.25 -47.75 -30.99
N GLN F 281 -0.30 -47.63 -31.92
CA GLN F 281 0.99 -47.02 -31.63
C GLN F 281 1.35 -46.03 -32.72
N LEU F 282 2.04 -44.95 -32.32
CA LEU F 282 2.58 -44.03 -33.30
C LEU F 282 3.74 -44.64 -34.07
N PHE F 283 4.52 -45.50 -33.42
CA PHE F 283 5.63 -46.20 -34.05
C PHE F 283 5.44 -47.71 -33.92
N GLY F 284 5.71 -48.44 -34.99
CA GLY F 284 5.56 -49.87 -35.01
C GLY F 284 4.17 -50.37 -35.37
N GLY F 285 3.21 -49.46 -35.55
CA GLY F 285 1.86 -49.86 -35.92
C GLY F 285 1.07 -50.38 -34.74
N SER F 286 -0.18 -50.75 -35.04
CA SER F 286 -1.11 -51.23 -34.03
C SER F 286 -1.10 -52.76 -33.98
N HIS F 287 -1.60 -53.28 -32.86
CA HIS F 287 -1.69 -54.71 -32.64
C HIS F 287 -3.05 -55.05 -32.05
N ILE F 288 -3.39 -56.33 -32.11
CA ILE F 288 -4.59 -56.87 -31.50
C ILE F 288 -4.17 -58.02 -30.61
N TYR F 289 -4.41 -57.88 -29.31
CA TYR F 289 -4.10 -58.90 -28.32
C TYR F 289 -5.39 -59.57 -27.86
N LYS F 290 -5.27 -60.84 -27.48
CA LYS F 290 -6.38 -61.58 -26.89
C LYS F 290 -6.04 -61.93 -25.46
N ARG F 291 -7.07 -61.98 -24.62
CA ARG F 291 -6.88 -62.20 -23.19
C ARG F 291 -6.32 -63.60 -22.94
N ASP F 292 -5.08 -63.66 -22.45
CA ASP F 292 -4.48 -64.92 -22.02
C ASP F 292 -4.84 -65.16 -20.55
N SER F 293 -6.12 -65.43 -20.34
CA SER F 293 -6.66 -65.61 -18.99
C SER F 293 -6.09 -66.86 -18.31
N PHE F 294 -5.55 -67.81 -19.08
CA PHE F 294 -4.97 -69.00 -18.47
C PHE F 294 -3.77 -68.64 -17.60
N ALA F 295 -2.91 -67.75 -18.08
CA ALA F 295 -1.72 -67.35 -17.35
C ALA F 295 -1.72 -65.89 -16.94
N ASN F 296 -2.87 -65.21 -17.04
CA ASN F 296 -3.01 -63.80 -16.65
C ASN F 296 -2.03 -62.92 -17.42
N LYS F 297 -2.20 -62.89 -18.73
CA LYS F 297 -1.34 -62.12 -19.61
C LYS F 297 -2.11 -61.83 -20.89
N PHE F 298 -1.39 -61.39 -21.94
CA PHE F 298 -2.00 -61.14 -23.23
C PHE F 298 -1.09 -61.68 -24.33
N ILE F 299 -1.71 -62.14 -25.42
CA ILE F 299 -0.99 -62.61 -26.59
C ILE F 299 -1.47 -61.82 -27.81
N LYS F 300 -0.52 -61.34 -28.59
CA LYS F 300 -0.83 -60.52 -29.77
C LYS F 300 -1.32 -61.44 -30.88
N ILE F 301 -2.64 -61.47 -31.07
CA ILE F 301 -3.22 -62.35 -32.09
C ILE F 301 -3.21 -61.72 -33.47
N GLN F 302 -2.92 -60.43 -33.59
CA GLN F 302 -2.88 -59.80 -34.90
C GLN F 302 -1.97 -58.59 -34.86
N ASP F 303 -1.38 -58.26 -36.01
CA ASP F 303 -0.55 -57.07 -36.15
C ASP F 303 -1.07 -56.26 -37.32
N ILE F 304 -1.26 -54.95 -37.09
CA ILE F 304 -1.78 -54.05 -38.11
C ILE F 304 -0.62 -53.35 -38.81
N GLU F 305 -0.68 -53.29 -40.13
CA GLU F 305 0.38 -52.67 -40.91
C GLU F 305 0.51 -51.19 -40.58
N ILE F 306 1.75 -50.70 -40.51
CA ILE F 306 1.98 -49.29 -40.30
C ILE F 306 1.61 -48.47 -41.53
N LEU F 307 1.49 -49.12 -42.70
CA LEU F 307 1.20 -48.38 -43.92
C LEU F 307 -0.26 -47.93 -43.98
N LYS F 308 -1.18 -48.79 -43.52
CA LYS F 308 -2.59 -48.45 -43.60
C LYS F 308 -2.94 -47.33 -42.62
N ILE F 309 -2.47 -47.44 -41.38
CA ILE F 309 -2.69 -46.43 -40.35
C ILE F 309 -1.32 -46.05 -39.80
N ARG F 310 -0.71 -45.01 -40.36
CA ARG F 310 0.61 -44.59 -39.89
C ARG F 310 0.52 -44.02 -38.48
N LYS F 311 -0.40 -43.10 -38.24
CA LYS F 311 -0.54 -42.42 -36.96
C LYS F 311 -1.99 -42.49 -36.50
N PRO F 312 -2.38 -43.56 -35.83
CA PRO F 312 -3.74 -43.63 -35.27
C PRO F 312 -3.92 -42.60 -34.17
N ASN F 313 -5.16 -42.19 -33.98
CA ASN F 313 -5.44 -41.14 -33.00
C ASN F 313 -6.50 -41.55 -31.98
N ASP F 314 -7.51 -42.31 -32.43
CA ASP F 314 -8.57 -42.75 -31.54
C ASP F 314 -9.28 -43.94 -32.14
N ILE F 315 -10.04 -44.64 -31.31
CA ILE F 315 -10.76 -45.84 -31.69
C ILE F 315 -12.22 -45.69 -31.31
N GLU F 316 -13.11 -46.09 -32.20
CA GLU F 316 -14.54 -46.15 -31.92
C GLU F 316 -15.07 -47.48 -32.40
N THR F 317 -15.71 -48.22 -31.52
CA THR F 317 -16.19 -49.57 -31.80
C THR F 317 -17.70 -49.63 -31.62
N PHE F 318 -18.40 -50.11 -32.64
CA PHE F 318 -19.85 -50.23 -32.60
C PHE F 318 -20.27 -51.48 -33.35
N LYS F 319 -21.47 -51.97 -33.01
CA LYS F 319 -21.99 -53.21 -33.57
C LYS F 319 -23.14 -52.89 -34.51
N ILE F 320 -23.00 -53.24 -35.78
CA ILE F 320 -24.04 -53.05 -36.78
C ILE F 320 -24.43 -54.41 -37.33
N GLU F 321 -25.72 -54.74 -37.23
CA GLU F 321 -26.25 -56.04 -37.68
C GLU F 321 -25.45 -57.18 -37.06
N ASN F 322 -25.22 -57.07 -35.74
CA ASN F 322 -24.48 -58.05 -34.94
C ASN F 322 -23.02 -58.15 -35.36
N ASN F 323 -22.55 -57.29 -36.25
CA ASN F 323 -21.17 -57.30 -36.72
C ASN F 323 -20.43 -56.12 -36.10
N TRP F 324 -19.28 -56.41 -35.48
CA TRP F 324 -18.50 -55.39 -34.82
C TRP F 324 -17.73 -54.59 -35.86
N TYR F 325 -18.17 -53.36 -36.10
CA TYR F 325 -17.51 -52.43 -37.01
C TYR F 325 -16.80 -51.37 -36.17
N PHE F 326 -15.49 -51.26 -36.31
CA PHE F 326 -14.76 -50.26 -35.54
C PHE F 326 -13.89 -49.42 -36.48
N VAL F 327 -13.85 -48.12 -36.21
CA VAL F 327 -13.13 -47.14 -37.01
C VAL F 327 -11.86 -46.73 -36.29
N VAL F 328 -10.87 -46.33 -37.07
CA VAL F 328 -9.67 -45.69 -36.56
C VAL F 328 -9.35 -44.51 -37.44
N ALA F 329 -8.95 -43.39 -36.83
CA ALA F 329 -8.64 -42.17 -37.54
C ALA F 329 -7.14 -41.92 -37.54
N ASP F 330 -6.65 -41.35 -38.63
CA ASP F 330 -5.24 -41.03 -38.80
C ASP F 330 -5.08 -39.54 -39.03
N SER F 331 -4.14 -38.93 -38.31
CA SER F 331 -3.88 -37.51 -38.41
C SER F 331 -2.83 -37.17 -39.46
N SER F 332 -2.38 -38.16 -40.23
CA SER F 332 -1.50 -37.94 -41.36
C SER F 332 -2.27 -38.24 -42.64
N LYS F 333 -2.03 -37.42 -43.67
CA LYS F 333 -2.79 -37.55 -44.91
C LYS F 333 -2.63 -38.93 -45.54
N ALA F 334 -1.43 -39.53 -45.42
CA ALA F 334 -1.21 -40.86 -45.95
C ALA F 334 -2.10 -41.89 -45.25
N GLY F 335 -2.24 -41.77 -43.93
CA GLY F 335 -3.12 -42.64 -43.20
C GLY F 335 -4.58 -42.33 -43.47
N PHE F 336 -5.28 -43.24 -44.14
CA PHE F 336 -6.70 -43.11 -44.38
C PHE F 336 -7.46 -43.77 -43.23
N THR F 337 -8.44 -43.05 -42.67
CA THR F 337 -9.24 -43.62 -41.61
C THR F 337 -9.96 -44.87 -42.10
N THR F 338 -10.00 -45.89 -41.25
CA THR F 338 -10.38 -47.23 -41.69
C THR F 338 -11.47 -47.80 -40.80
N ILE F 339 -12.51 -48.34 -41.44
CA ILE F 339 -13.45 -49.24 -40.80
C ILE F 339 -12.98 -50.68 -41.00
N TYR F 340 -12.95 -51.43 -39.90
CA TYR F 340 -12.71 -52.86 -39.90
C TYR F 340 -13.95 -53.58 -39.37
N LYS F 341 -14.21 -54.74 -39.93
CA LYS F 341 -15.32 -55.58 -39.52
C LYS F 341 -14.78 -56.87 -38.91
N TRP F 342 -15.32 -57.26 -37.75
CA TRP F 342 -14.89 -58.47 -37.07
C TRP F 342 -15.61 -59.65 -37.73
N ASN F 343 -14.88 -60.40 -38.56
CA ASN F 343 -15.48 -61.52 -39.27
C ASN F 343 -15.79 -62.70 -38.36
N GLY F 344 -15.14 -62.78 -37.19
CA GLY F 344 -15.37 -63.89 -36.29
C GLY F 344 -14.11 -64.37 -35.61
N ASN F 345 -12.95 -64.14 -36.22
CA ASN F 345 -11.68 -64.53 -35.64
C ASN F 345 -10.62 -63.44 -35.65
N GLY F 346 -10.73 -62.43 -36.51
CA GLY F 346 -9.75 -61.37 -36.56
C GLY F 346 -10.36 -60.08 -37.06
N PHE F 347 -9.81 -58.96 -36.60
CA PHE F 347 -10.22 -57.65 -37.09
C PHE F 347 -9.57 -57.43 -38.45
N TYR F 348 -10.39 -57.38 -39.50
CA TYR F 348 -9.89 -57.27 -40.86
C TYR F 348 -10.43 -56.01 -41.51
N SER F 349 -9.62 -55.41 -42.38
CA SER F 349 -9.99 -54.15 -43.00
C SER F 349 -11.25 -54.31 -43.84
N HIS F 350 -12.18 -53.38 -43.66
CA HIS F 350 -13.41 -53.33 -44.45
C HIS F 350 -13.41 -52.19 -45.45
N GLN F 351 -12.95 -51.01 -45.05
CA GLN F 351 -12.91 -49.89 -45.99
C GLN F 351 -12.03 -48.79 -45.44
N SER F 352 -11.49 -47.97 -46.34
CA SER F 352 -10.82 -46.73 -46.01
C SER F 352 -11.57 -45.57 -46.67
N LEU F 353 -11.44 -44.39 -46.08
CA LEU F 353 -12.30 -43.28 -46.49
C LEU F 353 -11.58 -41.95 -46.28
N HIS F 354 -12.21 -40.90 -46.80
CA HIS F 354 -11.88 -39.49 -46.62
C HIS F 354 -10.58 -39.07 -47.29
N ALA F 355 -9.90 -39.98 -47.98
CA ALA F 355 -8.72 -39.66 -48.81
C ALA F 355 -7.65 -39.04 -47.89
N TRP F 356 -6.85 -38.10 -48.40
CA TRP F 356 -5.68 -37.58 -47.69
C TRP F 356 -6.10 -36.40 -46.83
N TYR F 357 -6.52 -36.69 -45.61
CA TYR F 357 -6.82 -35.67 -44.61
C TYR F 357 -6.13 -36.05 -43.30
N ARG F 358 -6.25 -35.18 -42.30
CA ARG F 358 -5.68 -35.41 -40.98
C ARG F 358 -6.84 -35.64 -40.02
N ASP F 359 -7.29 -36.89 -39.93
CA ASP F 359 -8.44 -37.23 -39.10
C ASP F 359 -7.98 -37.25 -37.64
N THR F 360 -8.17 -36.14 -36.95
CA THR F 360 -7.73 -36.02 -35.57
C THR F 360 -8.51 -36.97 -34.66
N ASP F 361 -9.80 -37.10 -34.90
CA ASP F 361 -10.59 -38.06 -34.14
C ASP F 361 -11.83 -38.43 -34.95
N VAL F 362 -12.53 -39.46 -34.52
CA VAL F 362 -13.72 -39.94 -35.19
C VAL F 362 -14.69 -40.44 -34.14
N GLU F 363 -15.98 -40.41 -34.47
CA GLU F 363 -17.00 -40.90 -33.55
C GLU F 363 -18.16 -41.47 -34.34
N TYR F 364 -18.65 -42.62 -33.92
CA TYR F 364 -19.86 -43.19 -34.46
C TYR F 364 -21.07 -42.63 -33.73
N LEU F 365 -22.21 -42.62 -34.42
CA LEU F 365 -23.48 -42.34 -33.79
C LEU F 365 -24.57 -42.98 -34.63
N GLU F 366 -25.75 -43.12 -34.05
CA GLU F 366 -26.92 -43.57 -34.79
C GLU F 366 -28.03 -42.55 -34.60
N ILE F 367 -28.49 -41.97 -35.70
CA ILE F 367 -29.53 -40.94 -35.66
C ILE F 367 -30.54 -41.20 -36.76
N VAL F 368 -31.78 -40.84 -36.47
CA VAL F 368 -32.83 -40.78 -37.49
C VAL F 368 -32.83 -39.38 -38.10
N ARG F 369 -32.76 -39.31 -39.42
CA ARG F 369 -32.76 -38.05 -40.13
C ARG F 369 -34.14 -37.80 -40.72
N THR F 370 -34.27 -36.68 -41.42
CA THR F 370 -35.55 -36.38 -42.07
C THR F 370 -35.99 -37.43 -43.09
N PRO F 371 -35.11 -37.98 -43.97
CA PRO F 371 -35.60 -39.01 -44.89
C PRO F 371 -35.57 -40.41 -44.32
N GLN F 372 -34.69 -40.65 -43.34
CA GLN F 372 -34.49 -42.00 -42.83
C GLN F 372 -35.68 -42.45 -41.97
N THR F 373 -35.97 -43.75 -42.03
CA THR F 373 -37.12 -44.30 -41.33
C THR F 373 -36.88 -44.33 -39.83
N LEU F 374 -35.72 -44.80 -39.40
CA LEU F 374 -35.41 -44.94 -37.99
C LEU F 374 -33.94 -44.59 -37.77
N ARG F 375 -33.42 -44.92 -36.59
CA ARG F 375 -32.03 -44.63 -36.28
C ARG F 375 -31.12 -45.36 -37.27
N THR F 376 -30.28 -44.59 -37.95
CA THR F 376 -29.38 -45.10 -38.97
C THR F 376 -27.96 -44.64 -38.65
N PRO F 377 -26.95 -45.40 -39.07
CA PRO F 377 -25.58 -45.10 -38.64
C PRO F 377 -25.00 -43.89 -39.37
N HIS F 378 -24.33 -43.04 -38.60
CA HIS F 378 -23.65 -41.87 -39.10
C HIS F 378 -22.31 -41.77 -38.40
N LEU F 379 -21.41 -41.01 -39.01
CA LEU F 379 -20.05 -40.86 -38.50
C LEU F 379 -19.68 -39.38 -38.55
N ILE F 380 -18.99 -38.91 -37.52
CA ILE F 380 -18.49 -37.55 -37.48
C ILE F 380 -16.98 -37.59 -37.28
N LEU F 381 -16.24 -36.89 -38.14
CA LEU F 381 -14.79 -36.96 -38.17
C LEU F 381 -14.23 -35.57 -37.95
N SER F 382 -13.44 -35.43 -36.90
CA SER F 382 -12.75 -34.18 -36.59
C SER F 382 -11.38 -34.20 -37.24
N SER F 383 -11.13 -33.24 -38.12
CA SER F 383 -9.86 -33.09 -38.81
C SER F 383 -9.31 -31.69 -38.57
N SER F 384 -7.99 -31.60 -38.42
CA SER F 384 -7.35 -30.30 -38.26
C SER F 384 -7.51 -29.45 -39.51
N SER F 385 -7.60 -28.14 -39.31
CA SER F 385 -7.61 -27.18 -40.40
C SER F 385 -8.84 -27.33 -41.28
N GLN F 386 -9.74 -28.24 -40.92
CA GLN F 386 -10.85 -28.58 -41.79
C GLN F 386 -12.10 -28.82 -40.94
N ARG F 387 -13.25 -28.57 -41.55
CA ARG F 387 -14.50 -28.73 -40.85
C ARG F 387 -14.76 -30.19 -40.53
N PRO F 388 -15.41 -30.48 -39.41
CA PRO F 388 -15.81 -31.87 -39.13
C PRO F 388 -16.70 -32.41 -40.24
N VAL F 389 -16.30 -33.55 -40.79
CA VAL F 389 -16.96 -34.14 -41.96
C VAL F 389 -17.86 -35.29 -41.49
N ILE F 390 -19.02 -35.42 -42.13
CA ILE F 390 -20.05 -36.33 -41.68
C ILE F 390 -20.29 -37.39 -42.75
N TYR F 391 -20.19 -38.65 -42.36
CA TYR F 391 -20.51 -39.80 -43.20
C TYR F 391 -21.86 -40.37 -42.79
N GLN F 392 -22.54 -41.00 -43.75
CA GLN F 392 -23.77 -41.73 -43.48
C GLN F 392 -23.65 -43.14 -44.05
N TRP F 393 -24.14 -44.12 -43.30
CA TRP F 393 -23.93 -45.51 -43.64
C TRP F 393 -24.89 -45.97 -44.74
N ASN F 394 -24.42 -46.91 -45.55
CA ASN F 394 -25.22 -47.55 -46.59
C ASN F 394 -25.13 -49.04 -46.38
N LYS F 395 -26.29 -49.69 -46.21
CA LYS F 395 -26.34 -51.10 -45.86
C LYS F 395 -26.02 -51.99 -47.05
N ALA F 396 -26.53 -51.65 -48.23
CA ALA F 396 -26.27 -52.47 -49.41
C ALA F 396 -24.79 -52.52 -49.74
N THR F 397 -24.14 -51.35 -49.79
CA THR F 397 -22.69 -51.30 -49.95
C THR F 397 -21.95 -51.53 -48.64
N GLN F 398 -22.64 -51.36 -47.50
CA GLN F 398 -22.01 -51.44 -46.18
C GLN F 398 -20.94 -50.38 -46.00
N LEU F 399 -21.07 -49.24 -46.68
CA LEU F 399 -19.99 -48.24 -46.71
C LEU F 399 -20.59 -46.85 -46.62
N PHE F 400 -19.72 -45.85 -46.56
CA PHE F 400 -20.13 -44.46 -46.44
C PHE F 400 -19.79 -43.70 -47.71
N THR F 401 -20.79 -43.05 -48.30
CA THR F 401 -20.64 -42.39 -49.59
C THR F 401 -21.29 -41.01 -49.58
N ASN F 402 -21.06 -40.24 -48.51
CA ASN F 402 -21.53 -38.86 -48.47
C ASN F 402 -20.76 -38.12 -47.37
N GLN F 403 -20.34 -36.90 -47.69
CA GLN F 403 -19.59 -36.06 -46.75
C GLN F 403 -20.23 -34.68 -46.70
N THR F 404 -20.69 -34.29 -45.51
CA THR F 404 -21.33 -33.00 -45.30
C THR F 404 -20.54 -32.22 -44.26
N ASP F 405 -20.21 -30.98 -44.58
CA ASP F 405 -19.44 -30.15 -43.68
C ASP F 405 -20.33 -29.57 -42.58
N ILE F 406 -19.71 -28.82 -41.68
CA ILE F 406 -20.44 -28.06 -40.66
C ILE F 406 -19.95 -26.62 -40.73
N PRO F 407 -20.83 -25.64 -40.84
CA PRO F 407 -20.39 -24.25 -40.98
C PRO F 407 -19.73 -23.74 -39.70
N ASN F 408 -18.94 -22.67 -39.87
CA ASN F 408 -18.31 -21.93 -38.79
C ASN F 408 -17.30 -22.77 -38.01
N MET F 409 -16.94 -23.94 -38.51
CA MET F 409 -16.13 -24.89 -37.75
C MET F 409 -14.77 -25.06 -38.41
N GLU F 410 -13.74 -24.49 -37.78
CA GLU F 410 -12.35 -24.68 -38.18
C GLU F 410 -11.53 -24.86 -36.91
N ASP F 411 -10.43 -25.61 -37.04
CA ASP F 411 -9.59 -25.98 -35.90
C ASP F 411 -10.42 -26.73 -34.85
N VAL F 412 -10.91 -27.90 -35.26
CA VAL F 412 -11.71 -28.77 -34.41
C VAL F 412 -10.90 -30.02 -34.09
N TYR F 413 -10.78 -30.33 -32.80
CA TYR F 413 -9.99 -31.49 -32.40
C TYR F 413 -10.83 -32.74 -32.18
N ALA F 414 -11.92 -32.65 -31.40
CA ALA F 414 -12.72 -33.82 -31.07
C ALA F 414 -14.20 -33.49 -31.16
N VAL F 415 -14.99 -34.50 -31.53
CA VAL F 415 -16.41 -34.35 -31.81
C VAL F 415 -17.22 -35.27 -30.91
N LYS F 416 -16.81 -35.40 -29.66
CA LYS F 416 -17.36 -36.44 -28.79
C LYS F 416 -18.85 -36.23 -28.55
N HIS F 417 -19.63 -37.31 -28.60
CA HIS F 417 -21.08 -37.15 -28.60
C HIS F 417 -21.70 -37.80 -27.36
N PHE F 418 -23.01 -37.61 -27.25
CA PHE F 418 -23.86 -38.37 -26.33
C PHE F 418 -25.30 -38.15 -26.76
N SER F 419 -26.24 -38.80 -26.08
CA SER F 419 -27.63 -38.77 -26.48
C SER F 419 -28.52 -38.36 -25.32
N VAL F 420 -29.54 -37.54 -25.60
CA VAL F 420 -30.47 -37.05 -24.61
C VAL F 420 -31.85 -36.92 -25.25
N LYS F 421 -32.83 -37.66 -24.71
CA LYS F 421 -34.22 -37.60 -25.15
C LYS F 421 -34.37 -37.75 -26.66
N GLY F 422 -33.59 -38.66 -27.23
CA GLY F 422 -33.68 -38.95 -28.65
C GLY F 422 -32.96 -37.99 -29.56
N ASP F 423 -32.31 -36.96 -29.02
CA ASP F 423 -31.50 -36.04 -29.81
C ASP F 423 -30.05 -36.17 -29.38
N VAL F 424 -29.15 -36.22 -30.34
CA VAL F 424 -27.73 -36.40 -30.05
C VAL F 424 -27.09 -35.03 -29.85
N TYR F 425 -26.47 -34.86 -28.69
CA TYR F 425 -25.74 -33.65 -28.36
C TYR F 425 -24.26 -33.93 -28.58
N ILE F 426 -23.62 -33.12 -29.43
CA ILE F 426 -22.23 -33.32 -29.80
C ILE F 426 -21.40 -32.19 -29.20
N CYS F 427 -20.11 -32.47 -29.06
CA CYS F 427 -19.20 -31.59 -28.36
C CYS F 427 -17.94 -31.43 -29.20
N LEU F 428 -17.66 -30.18 -29.58
CA LEU F 428 -16.60 -29.82 -30.50
C LEU F 428 -15.52 -29.13 -29.68
N THR F 429 -14.34 -29.75 -29.63
CA THR F 429 -13.28 -29.36 -28.72
C THR F 429 -12.23 -28.54 -29.46
N ARG F 430 -12.25 -27.23 -29.27
CA ARG F 430 -11.18 -26.37 -29.76
C ARG F 430 -10.07 -26.34 -28.72
N PHE F 431 -9.08 -25.47 -28.94
CA PHE F 431 -7.93 -25.38 -28.05
C PHE F 431 -7.85 -24.05 -27.32
N ILE F 432 -7.81 -22.93 -28.05
CA ILE F 432 -7.54 -21.63 -27.46
C ILE F 432 -8.67 -20.65 -27.75
N GLY F 433 -9.88 -21.14 -27.84
CA GLY F 433 -10.96 -20.31 -28.30
C GLY F 433 -12.31 -20.86 -27.92
N ASP F 434 -13.32 -20.46 -28.68
CA ASP F 434 -14.68 -20.91 -28.40
C ASP F 434 -14.83 -22.38 -28.79
N SER F 435 -14.83 -23.27 -27.79
CA SER F 435 -15.21 -24.65 -28.01
C SER F 435 -16.73 -24.74 -27.95
N LYS F 436 -17.30 -25.55 -28.83
CA LYS F 436 -18.72 -25.41 -29.16
C LYS F 436 -19.49 -26.64 -28.72
N VAL F 437 -20.57 -26.42 -27.98
CA VAL F 437 -21.50 -27.47 -27.63
C VAL F 437 -22.71 -27.34 -28.54
N MET F 438 -23.06 -28.43 -29.20
CA MET F 438 -23.98 -28.44 -30.32
C MET F 438 -25.07 -29.48 -30.06
N LYS F 439 -26.24 -29.27 -30.64
CA LYS F 439 -27.36 -30.19 -30.49
C LYS F 439 -27.93 -30.54 -31.86
N TRP F 440 -28.31 -31.80 -32.03
CA TRP F 440 -28.91 -32.24 -33.29
C TRP F 440 -30.29 -31.62 -33.46
N GLY F 441 -30.53 -31.05 -34.64
CA GLY F 441 -31.80 -30.41 -34.92
C GLY F 441 -32.72 -31.29 -35.74
N GLY F 442 -32.43 -32.59 -35.78
CA GLY F 442 -33.23 -33.52 -36.56
C GLY F 442 -32.74 -33.60 -38.00
N SER F 443 -32.34 -32.46 -38.55
CA SER F 443 -31.80 -32.39 -39.90
C SER F 443 -30.40 -31.81 -39.97
N SER F 444 -30.05 -30.94 -39.01
CA SER F 444 -28.74 -30.29 -39.01
C SER F 444 -28.42 -29.90 -37.56
N PHE F 445 -27.42 -29.04 -37.40
CA PHE F 445 -26.96 -28.62 -36.09
C PHE F 445 -27.10 -27.10 -35.95
N GLN F 446 -27.18 -26.64 -34.70
CA GLN F 446 -27.28 -25.22 -34.40
C GLN F 446 -26.41 -24.91 -33.20
N ASP F 447 -25.63 -23.83 -33.28
CA ASP F 447 -24.64 -23.51 -32.26
C ASP F 447 -25.34 -23.20 -30.95
N ILE F 448 -25.13 -24.04 -29.94
CA ILE F 448 -25.84 -23.89 -28.68
C ILE F 448 -24.99 -23.09 -27.70
N GLN F 449 -23.79 -23.59 -27.36
CA GLN F 449 -22.91 -22.87 -26.45
C GLN F 449 -21.53 -22.66 -27.05
N ALA F 450 -21.08 -21.41 -27.09
CA ALA F 450 -19.71 -21.11 -27.48
C ALA F 450 -18.86 -20.86 -26.22
N MET F 451 -18.56 -21.96 -25.54
CA MET F 451 -17.90 -21.83 -24.24
C MET F 451 -16.41 -21.58 -24.44
N PRO F 452 -15.84 -20.59 -23.75
CA PRO F 452 -14.39 -20.34 -23.88
C PRO F 452 -13.58 -21.49 -23.33
N SER F 453 -12.73 -22.06 -24.18
CA SER F 453 -11.82 -23.13 -23.80
C SER F 453 -10.40 -22.62 -24.00
N ARG F 454 -9.61 -22.66 -22.93
CA ARG F 454 -8.26 -22.09 -22.92
C ARG F 454 -7.29 -23.23 -22.68
N GLY F 455 -6.81 -23.84 -23.76
CA GLY F 455 -5.86 -24.92 -23.67
C GLY F 455 -6.43 -26.28 -23.38
N SER F 456 -7.76 -26.40 -23.27
CA SER F 456 -8.38 -27.69 -23.02
C SER F 456 -8.36 -28.51 -24.29
N MET F 457 -7.45 -29.49 -24.37
CA MET F 457 -7.31 -30.28 -25.59
C MET F 457 -8.58 -31.09 -25.85
N VAL F 458 -9.14 -31.70 -24.82
CA VAL F 458 -10.30 -32.58 -24.96
C VAL F 458 -11.42 -32.08 -24.05
N PHE F 459 -12.62 -31.98 -24.60
CA PHE F 459 -13.82 -31.57 -23.90
C PHE F 459 -14.71 -32.81 -23.81
N GLN F 460 -14.57 -33.55 -22.70
CA GLN F 460 -15.10 -34.92 -22.68
C GLN F 460 -16.49 -34.96 -22.06
N PRO F 461 -17.46 -35.55 -22.74
CA PRO F 461 -18.78 -35.77 -22.13
C PRO F 461 -18.82 -37.04 -21.30
N LEU F 462 -19.84 -37.11 -20.44
CA LEU F 462 -19.97 -38.21 -19.50
C LEU F 462 -21.43 -38.30 -19.06
N GLN F 463 -21.78 -39.45 -18.46
CA GLN F 463 -23.03 -39.59 -17.72
C GLN F 463 -22.69 -40.14 -16.34
N ILE F 464 -22.74 -39.27 -15.33
CA ILE F 464 -22.36 -39.63 -13.97
C ILE F 464 -23.58 -39.49 -13.08
N ASN F 465 -23.91 -40.56 -12.35
CA ASN F 465 -25.05 -40.56 -11.43
C ASN F 465 -26.33 -40.17 -12.14
N ASN F 466 -26.49 -40.65 -13.37
CA ASN F 466 -27.66 -40.38 -14.21
C ASN F 466 -27.82 -38.90 -14.50
N TYR F 467 -26.71 -38.16 -14.52
CA TYR F 467 -26.69 -36.76 -14.92
C TYR F 467 -25.69 -36.57 -16.05
N GLN F 468 -26.08 -35.80 -17.06
CA GLN F 468 -25.18 -35.50 -18.16
C GLN F 468 -24.11 -34.53 -17.69
N TYR F 469 -22.85 -34.86 -17.99
CA TYR F 469 -21.70 -34.11 -17.54
C TYR F 469 -20.81 -33.79 -18.73
N ALA F 470 -20.02 -32.73 -18.59
CA ALA F 470 -18.95 -32.45 -19.51
C ALA F 470 -17.79 -31.86 -18.73
N ILE F 471 -16.57 -32.19 -19.16
CA ILE F 471 -15.37 -31.70 -18.51
C ILE F 471 -14.53 -31.00 -19.56
N LEU F 472 -14.35 -29.69 -19.42
CA LEU F 472 -13.48 -28.92 -20.31
C LEU F 472 -12.11 -28.75 -19.67
N GLY F 473 -11.49 -29.88 -19.36
CA GLY F 473 -10.22 -29.89 -18.64
C GLY F 473 -9.09 -29.22 -19.40
N SER F 474 -8.48 -28.21 -18.79
CA SER F 474 -7.43 -27.44 -19.44
C SER F 474 -6.09 -27.67 -18.73
N ASP F 475 -5.03 -27.76 -19.54
CA ASP F 475 -3.70 -27.97 -18.98
C ASP F 475 -3.23 -26.77 -18.17
N TYR F 476 -3.10 -25.60 -18.80
CA TYR F 476 -2.61 -24.41 -18.14
C TYR F 476 -3.73 -23.47 -17.70
N SER F 477 -4.97 -23.95 -17.69
CA SER F 477 -6.09 -23.20 -17.14
C SER F 477 -6.89 -24.12 -16.22
N PHE F 478 -7.58 -23.53 -15.25
CA PHE F 478 -8.33 -24.34 -14.30
C PHE F 478 -9.49 -25.03 -15.00
N THR F 479 -9.72 -26.29 -14.64
CA THR F 479 -10.72 -27.10 -15.31
C THR F 479 -12.11 -26.73 -14.84
N GLN F 480 -13.03 -26.56 -15.79
CA GLN F 480 -14.43 -26.33 -15.48
C GLN F 480 -15.25 -27.53 -15.95
N VAL F 481 -16.10 -28.04 -15.06
CA VAL F 481 -16.96 -29.17 -15.33
C VAL F 481 -18.39 -28.66 -15.31
N TYR F 482 -19.11 -28.90 -16.39
CA TYR F 482 -20.44 -28.35 -16.61
C TYR F 482 -21.44 -29.48 -16.55
N ASN F 483 -22.39 -29.37 -15.62
CA ASN F 483 -23.49 -30.31 -15.55
C ASN F 483 -24.55 -29.93 -16.59
N TRP F 484 -25.50 -30.83 -16.82
CA TRP F 484 -26.61 -30.49 -17.68
C TRP F 484 -27.44 -29.39 -17.05
N ASP F 485 -27.72 -28.35 -17.82
CA ASP F 485 -28.48 -27.20 -17.35
C ASP F 485 -29.84 -27.23 -18.05
N ALA F 486 -30.86 -27.69 -17.32
CA ALA F 486 -32.19 -27.85 -17.89
C ALA F 486 -32.90 -26.54 -18.14
N GLU F 487 -32.36 -25.42 -17.65
CA GLU F 487 -32.96 -24.12 -17.92
C GLU F 487 -32.95 -23.81 -19.41
N LYS F 488 -31.85 -24.13 -20.10
CA LYS F 488 -31.73 -23.91 -21.54
C LYS F 488 -31.20 -25.16 -22.24
N ALA F 489 -31.29 -26.33 -21.61
CA ALA F 489 -30.75 -27.57 -22.15
C ALA F 489 -29.26 -27.41 -22.48
N LYS F 490 -28.52 -26.79 -21.57
CA LYS F 490 -27.15 -26.42 -21.84
C LYS F 490 -26.18 -26.94 -20.78
N PHE F 491 -24.94 -26.50 -20.84
CA PHE F 491 -23.88 -26.89 -19.91
C PHE F 491 -23.37 -25.64 -19.22
N VAL F 492 -24.02 -25.25 -18.13
CA VAL F 492 -23.63 -24.07 -17.38
C VAL F 492 -22.45 -24.43 -16.47
N LYS F 493 -21.67 -23.41 -16.10
CA LYS F 493 -20.57 -23.61 -15.16
C LYS F 493 -21.11 -24.20 -13.87
N PHE F 494 -20.57 -25.35 -13.47
CA PHE F 494 -21.18 -26.11 -12.39
C PHE F 494 -20.14 -26.50 -11.34
N GLN F 495 -18.90 -26.70 -11.76
CA GLN F 495 -17.88 -27.17 -10.82
C GLN F 495 -16.51 -26.76 -11.32
N GLU F 496 -15.58 -26.57 -10.39
CA GLU F 496 -14.19 -26.30 -10.71
C GLU F 496 -13.33 -27.45 -10.23
N LEU F 497 -12.49 -27.98 -11.11
CA LEU F 497 -11.58 -29.06 -10.78
C LEU F 497 -10.21 -28.74 -11.36
N ASN F 498 -9.19 -29.35 -10.78
CA ASN F 498 -7.80 -29.08 -11.12
C ASN F 498 -7.18 -30.29 -11.79
N VAL F 499 -6.60 -30.08 -12.97
CA VAL F 499 -5.86 -31.13 -13.68
C VAL F 499 -4.96 -30.44 -14.70
N GLN F 500 -3.92 -31.16 -15.12
CA GLN F 500 -2.95 -30.62 -16.06
C GLN F 500 -2.72 -31.59 -17.21
N ALA F 501 -2.58 -31.04 -18.41
CA ALA F 501 -2.34 -31.81 -19.63
C ALA F 501 -3.31 -32.99 -19.79
N PRO F 502 -4.62 -32.75 -19.79
CA PRO F 502 -5.57 -33.86 -19.84
C PRO F 502 -5.68 -34.45 -21.23
N ARG F 503 -6.11 -35.71 -21.26
CA ARG F 503 -6.41 -36.39 -22.51
C ARG F 503 -7.73 -37.15 -22.49
N SER F 504 -8.24 -37.53 -21.32
CA SER F 504 -9.50 -38.25 -21.23
C SER F 504 -10.03 -38.18 -19.81
N PHE F 505 -11.35 -38.08 -19.69
CA PHE F 505 -12.06 -38.07 -18.41
C PHE F 505 -13.12 -39.16 -18.47
N THR F 506 -12.82 -40.31 -17.88
CA THR F 506 -13.69 -41.48 -17.98
C THR F 506 -14.40 -41.72 -16.65
N HIS F 507 -15.72 -41.88 -16.71
CA HIS F 507 -16.52 -42.15 -15.53
C HIS F 507 -16.92 -43.62 -15.50
N VAL F 508 -16.64 -44.29 -14.39
CA VAL F 508 -16.92 -45.71 -14.24
C VAL F 508 -17.59 -45.94 -12.90
N SER F 509 -18.61 -46.81 -12.88
CA SER F 509 -19.34 -47.14 -11.67
C SER F 509 -18.80 -48.45 -11.10
N ILE F 510 -18.03 -48.35 -10.01
CA ILE F 510 -17.52 -49.52 -9.30
C ILE F 510 -18.16 -49.56 -7.93
N ASN F 511 -18.76 -50.69 -7.58
CA ASN F 511 -19.47 -50.86 -6.31
C ASN F 511 -20.52 -49.76 -6.13
N LYS F 512 -21.22 -49.43 -7.22
CA LYS F 512 -22.25 -48.40 -7.25
C LYS F 512 -21.71 -47.03 -6.88
N ARG F 513 -20.39 -46.83 -7.04
CA ARG F 513 -19.73 -45.57 -6.75
C ARG F 513 -19.12 -45.04 -8.04
N ASN F 514 -19.35 -43.75 -8.32
CA ASN F 514 -18.89 -43.14 -9.55
C ASN F 514 -17.47 -42.63 -9.38
N PHE F 515 -16.58 -43.05 -10.28
CA PHE F 515 -15.19 -42.63 -10.27
C PHE F 515 -14.87 -41.92 -11.57
N LEU F 516 -14.32 -40.71 -11.45
CA LEU F 516 -13.66 -40.04 -12.55
C LEU F 516 -12.21 -40.49 -12.65
N PHE F 517 -11.75 -40.69 -13.88
CA PHE F 517 -10.36 -41.00 -14.16
C PHE F 517 -9.88 -40.01 -15.21
N ALA F 518 -8.95 -39.14 -14.83
CA ALA F 518 -8.39 -38.15 -15.73
C ALA F 518 -6.97 -38.56 -16.10
N SER F 519 -6.70 -38.64 -17.40
CA SER F 519 -5.39 -39.01 -17.89
C SER F 519 -4.60 -37.75 -18.20
N SER F 520 -3.46 -37.58 -17.54
CA SER F 520 -2.59 -36.42 -17.74
C SER F 520 -1.41 -36.83 -18.60
N PHE F 521 -1.31 -36.25 -19.79
CA PHE F 521 -0.23 -36.61 -20.71
C PHE F 521 1.11 -36.11 -20.21
N LYS F 522 1.15 -34.91 -19.63
CA LYS F 522 2.37 -34.36 -19.06
C LYS F 522 2.40 -34.44 -17.55
N GLY F 523 1.26 -34.32 -16.89
CA GLY F 523 1.16 -34.42 -15.45
C GLY F 523 0.95 -35.84 -14.98
N ASN F 524 0.25 -35.97 -13.86
CA ASN F 524 -0.05 -37.27 -13.27
C ASN F 524 -1.52 -37.59 -13.42
N THR F 525 -1.82 -38.82 -13.83
CA THR F 525 -3.19 -39.28 -13.90
C THR F 525 -3.82 -39.26 -12.52
N GLN F 526 -5.12 -38.96 -12.47
CA GLN F 526 -5.81 -38.75 -11.19
C GLN F 526 -7.15 -39.46 -11.20
N ILE F 527 -7.62 -39.75 -9.99
CA ILE F 527 -8.91 -40.42 -9.77
C ILE F 527 -9.73 -39.60 -8.79
N TYR F 528 -11.03 -39.55 -9.02
CA TYR F 528 -11.93 -38.77 -8.18
C TYR F 528 -13.18 -39.58 -7.86
N LYS F 529 -13.69 -39.39 -6.65
CA LYS F 529 -14.93 -40.01 -6.20
C LYS F 529 -16.06 -39.01 -6.29
N HIS F 530 -17.17 -39.41 -6.89
CA HIS F 530 -18.32 -38.53 -7.09
C HIS F 530 -19.28 -38.73 -5.91
N VAL F 531 -18.98 -38.04 -4.82
CA VAL F 531 -19.79 -38.14 -3.61
C VAL F 531 -20.32 -36.77 -3.21
#